data_5Y3D
#
_entry.id   5Y3D
#
_cell.length_a   109.172
_cell.length_b   159.729
_cell.length_c   121.704
_cell.angle_alpha   90.000
_cell.angle_beta   97.240
_cell.angle_gamma   90.000
#
_symmetry.space_group_name_H-M   'P 1 21 1'
#
loop_
_entity.id
_entity.type
_entity.pdbx_description
1 polymer 'RNA-dependent RNA polymerase'
2 polymer 'viral protein genome-linked (VPg)'
3 water water
#
loop_
_entity_poly.entity_id
_entity_poly.type
_entity_poly.pdbx_seq_one_letter_code
_entity_poly.pdbx_strand_id
1 'polypeptide(L)'
;MLPRPSGTYAGLPIADYGDAPPLSTKTMFWRTSPEKLPPGAWEPAYLGSKDERVDGPSLQQVMRDQLKPYSEPRGLLPPQ
EILDAVCDAIENRLENTLEPQKPWTFKKACESLDKNTSSGYPYHKQKSKDWTGSAFIGDLGDQATHANNMYEMGKSMRPI
YTAALKDELVKPDKIYGKIKKRLLWGSDLGTMIRAARAFGPFCDALKETCIFNPIRVGMSMNEDGPFIFARHANFRYHMD
ADYTRWDSTQQRAILKRAGDIMVRLSPEPDLARVVMDDLLAPSLLDVGDYKIVVEEGLPSGCPCTTQLNSLAHWILTLCA
MVEVTRVDPDIVMQESEFSFYGDDEVVSTNLELDMVKYTMALRRYGLLPTRADKEEGPLERRQTLQGISFLRRAIVGDQF
GWYGRLDRASIDRQLLWTKGPNHQNPFETLPGHAQRPSQLMALLGEAAMHGEKYYRTVASRVSKEAAQSGIEMVVPRHRS
VLRWVRFGTMDAETPQERSAVFVNEDAAALEHHHHHH
;
A,B,C,D,E,F
2 'polypeptide(L)'
;(UNK)(UNK)(UNK)(UNK)(UNK)(UNK)(UNK)(UNK)(UNK)(UNK)(UNK)(UNK)(UNK)(UNK)(UNK)(UNK)
(UNK)(UNK)(UNK)(UNK)(UNK)(UNK)(UNK)(UNK)(UNK)(UNK)(UNK)(UNK)(UNK)(UNK)(UNK)(UNK)
(UNK)(UNK)(UNK)
;
G,H
#
# COMPACT_ATOMS: atom_id res chain seq x y z
N PRO A 5 -49.85 18.87 -17.01
CA PRO A 5 -48.99 19.77 -16.23
C PRO A 5 -47.51 19.61 -16.56
N SER A 6 -46.86 20.69 -16.96
CA SER A 6 -45.46 20.71 -17.33
C SER A 6 -44.74 21.77 -16.53
N GLY A 7 -43.41 21.71 -16.55
CA GLY A 7 -42.59 22.68 -15.86
C GLY A 7 -41.28 22.05 -15.43
N THR A 8 -40.63 22.70 -14.47
CA THR A 8 -39.33 22.28 -13.98
C THR A 8 -39.28 22.49 -12.47
N TYR A 9 -39.18 21.39 -11.72
CA TYR A 9 -39.13 21.44 -10.26
C TYR A 9 -37.72 21.07 -9.81
N ALA A 10 -37.06 22.00 -9.11
CA ALA A 10 -35.72 21.78 -8.57
C ALA A 10 -34.73 21.35 -9.64
N GLY A 11 -34.91 21.85 -10.86
CA GLY A 11 -34.05 21.48 -11.96
C GLY A 11 -34.42 20.19 -12.65
N LEU A 12 -35.48 19.52 -12.18
CA LEU A 12 -35.90 18.23 -12.69
C LEU A 12 -37.26 18.36 -13.37
N PRO A 13 -37.47 17.65 -14.48
CA PRO A 13 -38.73 17.79 -15.21
C PRO A 13 -39.92 17.41 -14.35
N ILE A 14 -41.08 17.99 -14.66
CA ILE A 14 -42.33 17.70 -13.97
C ILE A 14 -43.14 16.77 -14.86
N ALA A 15 -43.70 15.73 -14.26
CA ALA A 15 -44.49 14.74 -14.98
C ALA A 15 -45.97 14.77 -14.65
N ASP A 16 -46.33 14.93 -13.38
CA ASP A 16 -47.74 14.89 -13.01
C ASP A 16 -47.92 15.66 -11.70
N TYR A 17 -49.12 15.56 -11.14
CA TYR A 17 -49.44 16.22 -9.87
C TYR A 17 -49.14 15.28 -8.71
N GLY A 18 -48.89 15.87 -7.54
CA GLY A 18 -48.41 15.10 -6.41
C GLY A 18 -49.54 14.56 -5.56
N ASP A 19 -49.48 13.26 -5.29
CA ASP A 19 -50.41 12.59 -4.40
C ASP A 19 -49.81 12.27 -3.04
N ALA A 20 -48.58 12.70 -2.79
CA ALA A 20 -47.88 12.35 -1.57
C ALA A 20 -48.46 13.11 -0.38
N PRO A 21 -48.32 12.57 0.82
CA PRO A 21 -48.83 13.26 2.00
C PRO A 21 -47.87 14.34 2.44
N PRO A 22 -48.26 15.20 3.39
CA PRO A 22 -47.33 16.22 3.88
C PRO A 22 -46.12 15.59 4.55
N LEU A 23 -45.02 16.32 4.54
CA LEU A 23 -43.80 15.84 5.17
C LEU A 23 -43.95 15.79 6.68
N SER A 24 -43.33 14.80 7.29
CA SER A 24 -43.45 14.61 8.73
C SER A 24 -42.77 15.74 9.48
N THR A 25 -43.43 16.21 10.54
CA THR A 25 -42.91 17.24 11.43
C THR A 25 -42.60 16.69 12.81
N LYS A 26 -42.47 15.38 12.92
CA LYS A 26 -42.24 14.70 14.18
C LYS A 26 -40.92 13.95 14.12
N THR A 27 -40.41 13.59 15.30
CA THR A 27 -39.19 12.81 15.43
C THR A 27 -39.44 11.66 16.40
N MET A 28 -38.66 10.59 16.22
CA MET A 28 -38.78 9.43 17.09
C MET A 28 -37.81 9.47 18.27
N PHE A 29 -36.99 10.51 18.38
CA PHE A 29 -35.92 10.56 19.36
C PHE A 29 -36.37 11.38 20.57
N TRP A 30 -36.17 10.81 21.75
CA TRP A 30 -36.54 11.42 23.01
C TRP A 30 -35.29 11.58 23.87
N ARG A 31 -35.31 12.59 24.73
CA ARG A 31 -34.22 12.77 25.67
C ARG A 31 -34.38 11.82 26.84
N THR A 32 -33.24 11.46 27.44
CA THR A 32 -33.22 10.50 28.53
C THR A 32 -33.24 11.13 29.91
N SER A 33 -32.90 12.41 30.02
CA SER A 33 -32.91 13.11 31.29
C SER A 33 -33.17 14.58 31.03
N PRO A 34 -33.87 15.27 31.94
CA PRO A 34 -34.16 16.69 31.74
C PRO A 34 -32.94 17.61 31.85
N GLU A 35 -31.75 17.06 32.06
CA GLU A 35 -30.55 17.87 32.18
C GLU A 35 -30.24 18.58 30.87
N LYS A 36 -29.41 19.62 30.99
CA LYS A 36 -28.98 20.36 29.80
C LYS A 36 -28.18 19.47 28.88
N LEU A 37 -28.39 19.63 27.59
CA LEU A 37 -27.63 18.87 26.61
C LEU A 37 -26.18 19.31 26.64
N PRO A 38 -25.24 18.38 26.44
CA PRO A 38 -23.84 18.79 26.33
C PRO A 38 -23.63 19.69 25.13
N PRO A 39 -22.68 20.61 25.22
CA PRO A 39 -22.42 21.49 24.07
C PRO A 39 -21.81 20.70 22.91
N GLY A 40 -22.27 21.01 21.71
CA GLY A 40 -21.81 20.30 20.55
C GLY A 40 -22.41 18.92 20.36
N ALA A 41 -23.41 18.56 21.16
CA ALA A 41 -24.02 17.25 21.06
C ALA A 41 -24.97 17.19 19.87
N TRP A 42 -25.32 15.97 19.49
CA TRP A 42 -26.16 15.74 18.33
C TRP A 42 -27.63 15.79 18.72
N GLU A 43 -28.45 16.24 17.78
CA GLU A 43 -29.88 16.45 18.00
C GLU A 43 -30.63 15.92 16.80
N PRO A 44 -31.92 15.61 16.95
CA PRO A 44 -32.70 15.18 15.79
C PRO A 44 -32.75 16.26 14.74
N ALA A 45 -32.87 15.82 13.48
CA ALA A 45 -32.80 16.74 12.36
C ALA A 45 -33.93 17.77 12.42
N TYR A 46 -33.82 18.78 11.57
CA TYR A 46 -34.79 19.86 11.54
C TYR A 46 -36.19 19.29 11.31
N LEU A 47 -37.18 19.86 12.00
CA LEU A 47 -38.52 19.30 12.04
C LEU A 47 -39.54 20.16 11.33
N GLY A 48 -39.13 21.23 10.67
CA GLY A 48 -40.03 22.05 9.90
C GLY A 48 -40.30 23.39 10.54
N SER A 49 -41.39 24.02 10.10
CA SER A 49 -41.76 25.32 10.63
C SER A 49 -42.20 25.24 12.09
N LYS A 50 -42.65 24.07 12.54
CA LYS A 50 -43.06 23.89 13.92
C LYS A 50 -41.89 23.67 14.86
N ASP A 51 -40.69 23.44 14.34
CA ASP A 51 -39.53 23.21 15.19
C ASP A 51 -39.20 24.49 15.96
N GLU A 52 -39.23 24.40 17.28
CA GLU A 52 -38.96 25.55 18.14
C GLU A 52 -37.48 25.81 18.33
N ARG A 53 -36.60 24.99 17.74
CA ARG A 53 -35.17 25.18 17.92
C ARG A 53 -34.65 26.33 17.07
N VAL A 54 -35.09 26.42 15.82
CA VAL A 54 -34.68 27.48 14.91
C VAL A 54 -35.87 27.92 14.08
N ASP A 55 -35.74 29.12 13.50
CA ASP A 55 -36.65 29.59 12.46
C ASP A 55 -35.94 29.32 11.13
N GLY A 56 -36.38 28.28 10.44
CA GLY A 56 -35.72 27.87 9.23
C GLY A 56 -36.65 27.83 8.04
N PRO A 57 -36.18 27.26 6.94
CA PRO A 57 -37.01 27.19 5.74
C PRO A 57 -38.12 26.16 5.86
N SER A 58 -38.95 26.05 4.82
CA SER A 58 -39.90 24.96 4.74
C SER A 58 -39.18 23.65 4.43
N LEU A 59 -39.78 22.54 4.86
CA LEU A 59 -39.21 21.24 4.53
C LEU A 59 -39.18 21.04 3.02
N GLN A 60 -40.10 21.67 2.29
CA GLN A 60 -40.05 21.63 0.84
C GLN A 60 -38.74 22.19 0.32
N GLN A 61 -38.24 23.26 0.94
CA GLN A 61 -36.99 23.88 0.46
C GLN A 61 -35.78 23.00 0.72
N VAL A 62 -35.71 22.37 1.90
CA VAL A 62 -34.59 21.46 2.15
C VAL A 62 -34.67 20.25 1.23
N MET A 63 -35.87 19.79 0.93
CA MET A 63 -36.00 18.69 -0.02
C MET A 63 -35.54 19.11 -1.41
N ARG A 64 -35.84 20.35 -1.81
CA ARG A 64 -35.30 20.86 -3.08
C ARG A 64 -33.78 20.87 -3.06
N ASP A 65 -33.20 21.29 -1.93
CA ASP A 65 -31.75 21.30 -1.79
C ASP A 65 -31.17 19.89 -1.92
N GLN A 66 -31.90 18.88 -1.43
CA GLN A 66 -31.42 17.51 -1.54
C GLN A 66 -31.67 16.91 -2.92
N LEU A 67 -32.64 17.43 -3.66
CA LEU A 67 -32.90 16.97 -5.01
C LEU A 67 -32.03 17.66 -6.04
N LYS A 68 -31.36 18.76 -5.68
CA LYS A 68 -30.52 19.44 -6.65
C LYS A 68 -29.43 18.55 -7.25
N PRO A 69 -28.75 17.68 -6.50
CA PRO A 69 -27.71 16.86 -7.13
C PRO A 69 -28.21 15.89 -8.19
N TYR A 70 -29.48 15.47 -8.12
CA TYR A 70 -29.97 14.51 -9.11
C TYR A 70 -30.15 15.12 -10.49
N SER A 71 -30.18 16.44 -10.59
CA SER A 71 -30.29 17.11 -11.88
C SER A 71 -28.94 17.49 -12.47
N GLU A 72 -27.87 17.32 -11.71
CA GLU A 72 -26.55 17.76 -12.12
C GLU A 72 -25.97 16.79 -13.15
N PRO A 73 -25.12 17.27 -14.06
CA PRO A 73 -24.51 16.37 -15.05
C PRO A 73 -23.71 15.27 -14.38
N ARG A 74 -23.81 14.07 -14.94
CA ARG A 74 -23.09 12.93 -14.39
C ARG A 74 -21.61 13.03 -14.71
N GLY A 75 -20.83 12.16 -14.08
CA GLY A 75 -19.42 12.04 -14.38
C GLY A 75 -19.22 11.16 -15.60
N LEU A 76 -17.98 10.77 -15.81
CA LEU A 76 -17.64 9.95 -16.95
C LEU A 76 -17.81 8.48 -16.61
N LEU A 77 -18.22 7.72 -17.61
CA LEU A 77 -18.32 6.29 -17.43
C LEU A 77 -16.92 5.67 -17.52
N PRO A 78 -16.65 4.64 -16.73
CA PRO A 78 -15.35 3.96 -16.83
C PRO A 78 -15.13 3.42 -18.23
N PRO A 79 -13.88 3.13 -18.60
CA PRO A 79 -13.63 2.56 -19.92
C PRO A 79 -14.42 1.27 -20.12
N GLN A 80 -14.90 1.08 -21.34
CA GLN A 80 -15.85 -0.01 -21.59
C GLN A 80 -15.19 -1.37 -21.42
N GLU A 81 -13.94 -1.50 -21.85
CA GLU A 81 -13.23 -2.75 -21.69
C GLU A 81 -13.05 -3.08 -20.21
N ILE A 82 -12.64 -2.10 -19.42
CA ILE A 82 -12.46 -2.29 -17.99
C ILE A 82 -13.79 -2.69 -17.35
N LEU A 83 -14.86 -1.99 -17.71
CA LEU A 83 -16.16 -2.25 -17.13
C LEU A 83 -16.62 -3.67 -17.45
N ASP A 84 -16.48 -4.07 -18.71
CA ASP A 84 -16.89 -5.41 -19.12
C ASP A 84 -16.08 -6.47 -18.38
N ALA A 85 -14.76 -6.28 -18.27
CA ALA A 85 -13.92 -7.27 -17.60
C ALA A 85 -14.31 -7.42 -16.14
N VAL A 86 -14.51 -6.30 -15.44
CA VAL A 86 -14.82 -6.42 -14.02
C VAL A 86 -16.22 -6.96 -13.81
N CYS A 87 -17.18 -6.62 -14.68
CA CYS A 87 -18.52 -7.19 -14.54
C CYS A 87 -18.48 -8.70 -14.77
N ASP A 88 -17.71 -9.15 -15.75
CA ASP A 88 -17.56 -10.58 -15.97
C ASP A 88 -16.93 -11.26 -14.75
N ALA A 89 -15.89 -10.64 -14.18
CA ALA A 89 -15.24 -11.22 -13.02
C ALA A 89 -16.21 -11.34 -11.84
N ILE A 90 -16.96 -10.26 -11.58
CA ILE A 90 -17.90 -10.26 -10.46
C ILE A 90 -18.99 -11.32 -10.67
N GLU A 91 -19.57 -11.35 -11.86
CA GLU A 91 -20.63 -12.33 -12.13
C GLU A 91 -20.10 -13.75 -12.03
N ASN A 92 -18.87 -13.98 -12.51
CA ASN A 92 -18.31 -15.33 -12.44
C ASN A 92 -18.05 -15.74 -10.99
N ARG A 93 -17.56 -14.80 -10.17
CA ARG A 93 -17.35 -15.12 -8.77
C ARG A 93 -18.68 -15.43 -8.09
N LEU A 94 -19.72 -14.66 -8.40
CA LEU A 94 -21.02 -14.93 -7.80
C LEU A 94 -21.59 -16.27 -8.26
N GLU A 95 -21.34 -16.63 -9.52
CA GLU A 95 -21.75 -17.95 -10.00
C GLU A 95 -21.03 -19.05 -9.25
N ASN A 96 -19.71 -18.89 -9.05
CA ASN A 96 -18.94 -19.90 -8.33
C ASN A 96 -19.29 -19.96 -6.85
N THR A 97 -19.82 -18.88 -6.28
CA THR A 97 -20.07 -18.84 -4.84
C THR A 97 -21.53 -19.07 -4.48
N LEU A 98 -22.47 -18.57 -5.27
CA LEU A 98 -23.87 -18.61 -4.88
C LEU A 98 -24.47 -19.98 -5.17
N GLU A 99 -25.23 -20.48 -4.22
CA GLU A 99 -25.98 -21.72 -4.42
C GLU A 99 -27.30 -21.40 -5.09
N PRO A 100 -27.65 -22.08 -6.18
CA PRO A 100 -28.92 -21.80 -6.84
C PRO A 100 -30.10 -21.94 -5.89
N GLN A 101 -31.07 -21.04 -6.06
CA GLN A 101 -32.21 -20.95 -5.16
C GLN A 101 -33.50 -21.23 -5.91
N LYS A 102 -34.54 -21.54 -5.16
CA LYS A 102 -35.85 -21.77 -5.71
C LYS A 102 -36.62 -20.47 -5.80
N PRO A 103 -37.50 -20.34 -6.81
CA PRO A 103 -38.23 -19.09 -6.98
C PRO A 103 -39.10 -18.77 -5.78
N TRP A 104 -39.33 -17.48 -5.55
CA TRP A 104 -40.09 -17.02 -4.41
C TRP A 104 -41.59 -16.98 -4.73
N THR A 105 -42.39 -17.38 -3.76
CA THR A 105 -43.83 -17.34 -3.87
C THR A 105 -44.36 -15.94 -3.56
N PHE A 106 -45.63 -15.71 -3.91
CA PHE A 106 -46.29 -14.47 -3.52
C PHE A 106 -46.35 -14.32 -2.01
N LYS A 107 -46.61 -15.42 -1.31
CA LYS A 107 -46.67 -15.38 0.15
C LYS A 107 -45.30 -15.06 0.75
N LYS A 108 -44.24 -15.67 0.21
CA LYS A 108 -42.90 -15.41 0.73
C LYS A 108 -42.49 -13.97 0.47
N ALA A 109 -42.83 -13.43 -0.70
CA ALA A 109 -42.51 -12.05 -0.99
C ALA A 109 -43.29 -11.09 -0.09
N CYS A 110 -44.54 -11.44 0.22
CA CYS A 110 -45.33 -10.58 1.09
C CYS A 110 -44.87 -10.65 2.54
N GLU A 111 -44.37 -11.80 2.99
CA GLU A 111 -43.90 -11.94 4.36
C GLU A 111 -42.48 -11.44 4.56
N SER A 112 -41.74 -11.17 3.49
CA SER A 112 -40.37 -10.66 3.62
C SER A 112 -40.32 -9.17 3.95
N LEU A 113 -41.42 -8.45 3.77
CA LEU A 113 -41.41 -7.00 3.89
C LEU A 113 -41.52 -6.57 5.36
N ASP A 114 -40.98 -5.39 5.64
CA ASP A 114 -41.16 -4.78 6.95
C ASP A 114 -42.54 -4.17 7.01
N LYS A 115 -43.33 -4.58 7.99
CA LYS A 115 -44.72 -4.14 8.11
C LYS A 115 -44.87 -2.84 8.89
N ASN A 116 -43.78 -2.21 9.30
CA ASN A 116 -43.84 -0.97 10.06
C ASN A 116 -43.55 0.26 9.22
N THR A 117 -43.54 0.13 7.90
CA THR A 117 -43.31 1.24 6.99
C THR A 117 -44.54 1.46 6.12
N SER A 118 -44.57 2.61 5.46
CA SER A 118 -45.71 2.98 4.64
C SER A 118 -45.78 2.13 3.38
N SER A 119 -47.01 1.88 2.92
CA SER A 119 -47.20 1.16 1.67
C SER A 119 -46.95 2.00 0.44
N GLY A 120 -46.76 3.30 0.59
CA GLY A 120 -46.57 4.15 -0.56
C GLY A 120 -47.83 4.29 -1.40
N TYR A 121 -47.61 4.71 -2.65
CA TYR A 121 -48.70 4.88 -3.61
C TYR A 121 -49.51 3.59 -3.75
N PRO A 122 -50.83 3.72 -3.76
CA PRO A 122 -51.51 5.01 -3.76
C PRO A 122 -52.20 5.32 -2.44
N TYR A 123 -52.06 4.43 -1.47
CA TYR A 123 -52.79 4.55 -0.23
C TYR A 123 -51.98 5.16 0.91
N HIS A 124 -50.66 5.04 0.87
CA HIS A 124 -49.79 5.62 1.90
C HIS A 124 -50.21 5.17 3.30
N LYS A 125 -50.52 3.88 3.40
CA LYS A 125 -50.98 3.25 4.63
C LYS A 125 -49.88 2.37 5.20
N GLN A 126 -49.77 2.34 6.52
CA GLN A 126 -48.80 1.46 7.16
C GLN A 126 -49.16 0.02 6.88
N LYS A 127 -48.22 -0.73 6.31
CA LYS A 127 -48.41 -2.12 5.90
C LYS A 127 -49.12 -2.96 6.95
N SER A 128 -48.72 -2.82 8.21
CA SER A 128 -49.32 -3.63 9.27
C SER A 128 -50.81 -3.40 9.42
N LYS A 129 -51.34 -2.30 8.86
CA LYS A 129 -52.76 -2.04 8.98
C LYS A 129 -53.59 -2.96 8.09
N ASP A 130 -52.98 -3.58 7.08
CA ASP A 130 -53.69 -4.52 6.22
C ASP A 130 -52.98 -5.87 6.19
N TRP A 131 -52.34 -6.23 7.30
CA TRP A 131 -51.59 -7.48 7.41
C TRP A 131 -52.30 -8.41 8.39
N THR A 132 -52.51 -9.65 7.98
CA THR A 132 -53.19 -10.65 8.80
C THR A 132 -52.22 -11.62 9.46
N GLY A 133 -50.94 -11.57 9.11
CA GLY A 133 -49.99 -12.59 9.50
C GLY A 133 -49.73 -13.64 8.43
N SER A 134 -50.57 -13.68 7.39
CA SER A 134 -50.37 -14.63 6.30
C SER A 134 -50.29 -13.91 4.96
N ALA A 135 -51.25 -13.04 4.67
CA ALA A 135 -51.28 -12.32 3.41
C ALA A 135 -51.90 -10.94 3.61
N PHE A 136 -51.96 -10.18 2.52
CA PHE A 136 -52.53 -8.85 2.50
C PHE A 136 -54.02 -8.91 2.17
N ILE A 137 -54.78 -7.98 2.75
CA ILE A 137 -56.21 -7.85 2.51
C ILE A 137 -56.54 -6.39 2.26
N GLY A 138 -57.79 -6.15 1.84
CA GLY A 138 -58.25 -4.80 1.64
C GLY A 138 -57.61 -4.11 0.45
N ASP A 139 -57.42 -2.79 0.60
CA ASP A 139 -56.80 -2.00 -0.45
C ASP A 139 -55.39 -2.50 -0.75
N LEU A 140 -54.57 -2.66 0.29
CA LEU A 140 -53.23 -3.20 0.11
C LEU A 140 -53.28 -4.60 -0.49
N GLY A 141 -54.32 -5.37 -0.17
CA GLY A 141 -54.45 -6.70 -0.76
C GLY A 141 -54.69 -6.65 -2.25
N ASP A 142 -55.59 -5.76 -2.69
CA ASP A 142 -55.81 -5.58 -4.12
C ASP A 142 -54.55 -5.10 -4.82
N GLN A 143 -53.84 -4.16 -4.20
CA GLN A 143 -52.58 -3.66 -4.78
C GLN A 143 -51.58 -4.80 -4.95
N ALA A 144 -51.40 -5.61 -3.91
CA ALA A 144 -50.46 -6.72 -3.96
C ALA A 144 -50.87 -7.73 -5.01
N THR A 145 -52.17 -8.07 -5.09
CA THR A 145 -52.61 -9.06 -6.06
C THR A 145 -52.42 -8.56 -7.49
N HIS A 146 -52.70 -7.27 -7.72
CA HIS A 146 -52.47 -6.71 -9.05
C HIS A 146 -51.00 -6.75 -9.42
N ALA A 147 -50.13 -6.36 -8.48
CA ALA A 147 -48.70 -6.43 -8.72
C ALA A 147 -48.26 -7.85 -9.06
N ASN A 148 -48.79 -8.84 -8.32
CA ASN A 148 -48.39 -10.22 -8.55
C ASN A 148 -48.85 -10.71 -9.93
N ASN A 149 -50.10 -10.40 -10.29
CA ASN A 149 -50.59 -10.82 -11.60
C ASN A 149 -49.82 -10.15 -12.73
N MET A 150 -49.49 -8.87 -12.58
CA MET A 150 -48.68 -8.21 -13.59
C MET A 150 -47.26 -8.79 -13.64
N TYR A 151 -46.75 -9.23 -12.50
CA TYR A 151 -45.46 -9.91 -12.48
C TYR A 151 -45.51 -11.20 -13.28
N GLU A 152 -46.49 -12.06 -12.99
CA GLU A 152 -46.58 -13.35 -13.67
C GLU A 152 -46.82 -13.18 -15.17
N MET A 153 -47.52 -12.12 -15.57
CA MET A 153 -47.82 -11.92 -16.99
C MET A 153 -46.64 -11.33 -17.75
N GLY A 154 -45.56 -10.95 -17.08
CA GLY A 154 -44.45 -10.32 -17.76
C GLY A 154 -44.77 -8.96 -18.32
N LYS A 155 -45.74 -8.27 -17.73
CA LYS A 155 -46.12 -6.94 -18.16
C LYS A 155 -45.46 -5.89 -17.26
N SER A 156 -45.15 -4.74 -17.85
CA SER A 156 -44.44 -3.70 -17.13
C SER A 156 -45.40 -2.84 -16.31
N MET A 157 -44.90 -2.37 -15.18
CA MET A 157 -45.59 -1.38 -14.36
C MET A 157 -44.59 -0.31 -13.99
N ARG A 158 -45.02 0.93 -14.01
CA ARG A 158 -44.06 1.98 -13.68
C ARG A 158 -44.12 2.27 -12.18
N PRO A 159 -43.00 2.21 -11.48
CA PRO A 159 -43.02 2.49 -10.04
C PRO A 159 -43.21 3.96 -9.78
N ILE A 160 -43.88 4.25 -8.66
CA ILE A 160 -44.08 5.61 -8.19
C ILE A 160 -43.43 5.72 -6.82
N TYR A 161 -42.33 6.46 -6.76
CA TYR A 161 -41.61 6.66 -5.51
C TYR A 161 -42.12 7.88 -4.78
N THR A 162 -42.02 7.85 -3.45
CA THR A 162 -42.45 8.92 -2.57
C THR A 162 -41.25 9.48 -1.84
N ALA A 163 -41.06 10.80 -1.92
CA ALA A 163 -39.92 11.42 -1.29
C ALA A 163 -40.22 11.71 0.17
N ALA A 164 -39.19 11.59 1.01
CA ALA A 164 -39.33 11.92 2.42
C ALA A 164 -37.97 12.36 2.95
N LEU A 165 -37.97 12.79 4.21
CA LEU A 165 -36.74 13.22 4.87
C LEU A 165 -36.47 12.31 6.06
N LYS A 166 -35.19 12.02 6.29
CA LYS A 166 -34.80 11.01 7.25
C LYS A 166 -34.69 11.61 8.66
N ASP A 167 -35.37 10.98 9.61
CA ASP A 167 -35.26 11.37 11.01
C ASP A 167 -34.04 10.68 11.62
N GLU A 168 -33.08 11.46 12.07
CA GLU A 168 -31.84 10.92 12.60
C GLU A 168 -31.14 11.99 13.42
N LEU A 169 -30.18 11.57 14.23
CA LEU A 169 -29.36 12.50 15.00
C LEU A 169 -28.29 13.11 14.11
N VAL A 170 -28.24 14.44 14.09
CA VAL A 170 -27.27 15.16 13.27
C VAL A 170 -26.51 16.14 14.16
N LYS A 171 -25.32 16.51 13.69
CA LYS A 171 -24.52 17.51 14.38
C LYS A 171 -25.23 18.87 14.33
N PRO A 172 -25.07 19.68 15.38
CA PRO A 172 -25.86 20.92 15.47
C PRO A 172 -25.71 21.86 14.29
N ASP A 173 -24.57 21.80 13.59
CA ASP A 173 -24.39 22.65 12.41
C ASP A 173 -25.45 22.39 11.36
N LYS A 174 -26.01 21.18 11.31
CA LYS A 174 -27.07 20.86 10.37
C LYS A 174 -28.43 21.31 10.86
N ILE A 175 -28.51 21.98 12.00
CA ILE A 175 -29.75 22.52 12.55
C ILE A 175 -29.65 24.01 12.81
N TYR A 176 -28.61 24.43 13.53
CA TYR A 176 -28.41 25.82 13.89
C TYR A 176 -27.56 26.57 12.88
N GLY A 177 -26.90 25.86 11.98
CA GLY A 177 -26.20 26.48 10.87
C GLY A 177 -26.93 26.21 9.57
N LYS A 178 -26.21 25.75 8.55
CA LYS A 178 -26.83 25.38 7.29
C LYS A 178 -27.68 24.12 7.50
N ILE A 179 -29.00 24.26 7.38
CA ILE A 179 -29.91 23.17 7.70
C ILE A 179 -29.90 22.17 6.53
N LYS A 180 -29.68 20.91 6.86
CA LYS A 180 -29.69 19.83 5.88
C LYS A 180 -30.40 18.62 6.48
N LYS A 181 -31.13 17.89 5.65
CA LYS A 181 -31.84 16.70 6.09
C LYS A 181 -31.82 15.70 4.94
N ARG A 182 -31.43 14.47 5.23
CA ARG A 182 -31.15 13.51 4.17
C ARG A 182 -32.43 13.05 3.48
N LEU A 183 -32.35 12.82 2.18
CA LEU A 183 -33.49 12.45 1.36
C LEU A 183 -33.68 10.94 1.36
N LEU A 184 -34.91 10.49 1.59
CA LEU A 184 -35.28 9.09 1.57
C LEU A 184 -36.24 8.82 0.43
N TRP A 185 -36.05 7.69 -0.23
CA TRP A 185 -36.96 7.22 -1.28
C TRP A 185 -37.78 6.08 -0.72
N GLY A 186 -39.10 6.27 -0.67
CA GLY A 186 -40.03 5.20 -0.36
C GLY A 186 -40.60 4.67 -1.65
N SER A 187 -40.89 3.37 -1.67
CA SER A 187 -41.43 2.72 -2.85
C SER A 187 -42.87 2.32 -2.63
N ASP A 188 -43.56 2.03 -3.71
CA ASP A 188 -44.95 1.63 -3.63
C ASP A 188 -45.04 0.11 -3.44
N LEU A 189 -46.12 -0.32 -2.78
CA LEU A 189 -46.23 -1.72 -2.37
C LEU A 189 -46.14 -2.66 -3.56
N GLY A 190 -46.72 -2.27 -4.69
CA GLY A 190 -46.69 -3.12 -5.86
C GLY A 190 -45.28 -3.39 -6.35
N THR A 191 -44.47 -2.33 -6.44
CA THR A 191 -43.09 -2.50 -6.85
C THR A 191 -42.30 -3.28 -5.82
N MET A 192 -42.60 -3.10 -4.53
CA MET A 192 -41.98 -3.91 -3.50
C MET A 192 -42.23 -5.39 -3.71
N ILE A 193 -43.50 -5.76 -3.98
CA ILE A 193 -43.81 -7.18 -4.17
C ILE A 193 -43.15 -7.72 -5.44
N ARG A 194 -43.19 -6.95 -6.53
CA ARG A 194 -42.57 -7.44 -7.75
C ARG A 194 -41.06 -7.64 -7.57
N ALA A 195 -40.39 -6.63 -7.01
CA ALA A 195 -38.95 -6.72 -6.80
C ALA A 195 -38.61 -7.84 -5.82
N ALA A 196 -39.46 -8.05 -4.82
CA ALA A 196 -39.24 -9.14 -3.88
C ALA A 196 -39.29 -10.48 -4.60
N ARG A 197 -40.42 -10.77 -5.27
CA ARG A 197 -40.52 -12.02 -6.01
C ARG A 197 -39.36 -12.19 -6.99
N ALA A 198 -38.85 -11.09 -7.54
CA ALA A 198 -37.79 -11.19 -8.54
C ALA A 198 -36.43 -11.50 -7.92
N PHE A 199 -36.04 -10.74 -6.91
CA PHE A 199 -34.66 -10.75 -6.40
C PHE A 199 -34.53 -11.29 -4.98
N GLY A 200 -35.57 -11.88 -4.41
CA GLY A 200 -35.46 -12.51 -3.12
C GLY A 200 -34.50 -13.69 -3.08
N PRO A 201 -34.61 -14.61 -4.04
CA PRO A 201 -33.63 -15.71 -4.09
C PRO A 201 -32.20 -15.23 -4.16
N PHE A 202 -31.92 -14.26 -5.03
CA PHE A 202 -30.57 -13.74 -5.17
C PHE A 202 -30.07 -13.13 -3.88
N CYS A 203 -30.90 -12.31 -3.24
CA CYS A 203 -30.49 -11.65 -2.00
C CYS A 203 -30.28 -12.67 -0.87
N ASP A 204 -31.11 -13.70 -0.83
CA ASP A 204 -30.94 -14.74 0.19
C ASP A 204 -29.65 -15.51 -0.03
N ALA A 205 -29.39 -15.89 -1.28
CA ALA A 205 -28.14 -16.58 -1.58
C ALA A 205 -26.94 -15.71 -1.28
N LEU A 206 -27.06 -14.39 -1.46
CA LEU A 206 -25.97 -13.50 -1.08
C LEU A 206 -25.81 -13.45 0.43
N LYS A 207 -26.91 -13.53 1.17
CA LYS A 207 -26.82 -13.50 2.63
C LYS A 207 -26.20 -14.78 3.18
N GLU A 208 -26.45 -15.93 2.54
CA GLU A 208 -25.87 -17.18 3.01
C GLU A 208 -24.34 -17.19 2.90
N THR A 209 -23.77 -16.40 1.98
CA THR A 209 -22.32 -16.31 1.80
C THR A 209 -21.81 -14.92 2.13
N CYS A 210 -22.35 -14.33 3.19
CA CYS A 210 -21.94 -12.98 3.59
C CYS A 210 -20.47 -12.87 3.96
N ILE A 211 -19.76 -13.98 4.15
CA ILE A 211 -18.35 -13.96 4.48
C ILE A 211 -17.47 -14.06 3.24
N PHE A 212 -17.86 -14.89 2.28
CA PHE A 212 -17.02 -15.16 1.12
C PHE A 212 -17.27 -14.20 -0.04
N ASN A 213 -18.25 -13.31 0.07
CA ASN A 213 -18.51 -12.37 -0.99
C ASN A 213 -18.54 -10.96 -0.42
N PRO A 214 -18.03 -9.97 -1.16
CA PRO A 214 -17.90 -8.62 -0.59
C PRO A 214 -19.21 -7.95 -0.26
N ILE A 215 -20.33 -8.42 -0.79
CA ILE A 215 -21.62 -7.83 -0.45
C ILE A 215 -22.03 -8.33 0.93
N ARG A 216 -21.71 -7.55 1.95
CA ARG A 216 -21.86 -7.94 3.34
C ARG A 216 -23.28 -7.75 3.86
N VAL A 217 -24.28 -7.71 2.98
CA VAL A 217 -25.63 -7.39 3.40
C VAL A 217 -26.20 -8.58 4.17
N GLY A 218 -26.58 -8.35 5.42
CA GLY A 218 -27.18 -9.37 6.26
C GLY A 218 -26.27 -9.93 7.33
N MET A 219 -25.01 -9.51 7.38
CA MET A 219 -24.08 -10.04 8.36
C MET A 219 -24.42 -9.54 9.76
N SER A 220 -23.94 -10.28 10.75
CA SER A 220 -24.07 -9.92 12.16
C SER A 220 -22.69 -9.58 12.70
N MET A 221 -22.53 -8.35 13.20
CA MET A 221 -21.22 -7.89 13.64
C MET A 221 -20.67 -8.77 14.76
N ASN A 222 -21.53 -9.22 15.67
CA ASN A 222 -21.06 -9.99 16.82
C ASN A 222 -20.72 -11.43 16.44
N GLU A 223 -21.41 -12.00 15.46
CA GLU A 223 -21.18 -13.38 15.06
C GLU A 223 -20.20 -13.50 13.91
N ASP A 224 -20.47 -12.79 12.81
CA ASP A 224 -19.70 -12.93 11.57
C ASP A 224 -18.59 -11.90 11.44
N GLY A 225 -18.56 -10.87 12.28
CA GLY A 225 -17.56 -9.84 12.22
C GLY A 225 -16.12 -10.29 12.29
N PRO A 226 -15.75 -11.01 13.35
CA PRO A 226 -14.34 -11.40 13.52
C PRO A 226 -13.72 -12.14 12.34
N PHE A 227 -14.48 -13.01 11.68
CA PHE A 227 -13.95 -13.73 10.52
C PHE A 227 -13.67 -12.76 9.37
N ILE A 228 -14.66 -11.93 9.04
CA ILE A 228 -14.52 -10.97 7.96
C ILE A 228 -13.33 -10.05 8.22
N PHE A 229 -13.18 -9.61 9.46
CA PHE A 229 -12.10 -8.68 9.75
C PHE A 229 -10.74 -9.37 9.78
N ALA A 230 -10.68 -10.64 10.16
CA ALA A 230 -9.41 -11.36 10.09
C ALA A 230 -8.97 -11.54 8.64
N ARG A 231 -9.90 -11.93 7.75
CA ARG A 231 -9.53 -12.07 6.35
C ARG A 231 -9.13 -10.72 5.76
N HIS A 232 -9.83 -9.65 6.14
CA HIS A 232 -9.40 -8.32 5.72
C HIS A 232 -7.98 -8.04 6.18
N ALA A 233 -7.69 -8.33 7.45
CA ALA A 233 -6.39 -8.06 8.04
C ALA A 233 -5.29 -8.94 7.47
N ASN A 234 -5.63 -9.97 6.69
CA ASN A 234 -4.62 -10.75 5.99
C ASN A 234 -3.84 -9.93 4.96
N PHE A 235 -4.21 -8.67 4.76
CA PHE A 235 -3.68 -7.89 3.65
C PHE A 235 -2.88 -6.69 4.15
N ARG A 236 -2.11 -6.11 3.23
CA ARG A 236 -1.11 -5.12 3.62
C ARG A 236 -1.72 -3.73 3.78
N TYR A 237 -2.48 -3.28 2.80
CA TYR A 237 -3.01 -1.92 2.80
C TYR A 237 -4.52 -1.94 2.97
N HIS A 238 -5.03 -0.91 3.63
CA HIS A 238 -6.46 -0.79 3.93
C HIS A 238 -6.89 0.65 3.70
N MET A 239 -8.10 0.82 3.17
CA MET A 239 -8.61 2.14 2.90
C MET A 239 -10.13 2.16 2.97
N ASP A 240 -10.67 3.37 3.16
CA ASP A 240 -12.10 3.65 3.11
C ASP A 240 -12.25 5.02 2.51
N ALA A 241 -12.89 5.10 1.34
CA ALA A 241 -12.97 6.36 0.63
C ALA A 241 -13.92 7.33 1.32
N ASP A 242 -14.92 6.81 2.04
CA ASP A 242 -15.90 7.62 2.76
C ASP A 242 -16.55 8.63 1.80
N TYR A 243 -17.41 8.10 0.95
CA TYR A 243 -18.02 8.91 -0.09
C TYR A 243 -19.10 9.81 0.50
N THR A 244 -19.25 10.98 -0.10
CA THR A 244 -20.29 11.93 0.25
C THR A 244 -21.32 11.97 -0.88
N ARG A 245 -22.60 11.83 -0.51
CA ARG A 245 -23.69 11.72 -1.47
C ARG A 245 -23.41 10.62 -2.49
N TRP A 246 -23.47 9.38 -1.99
CA TRP A 246 -23.22 8.23 -2.84
C TRP A 246 -24.37 8.01 -3.83
N ASP A 247 -25.61 8.13 -3.37
CA ASP A 247 -26.75 7.78 -4.21
C ASP A 247 -27.01 8.84 -5.26
N SER A 248 -26.77 10.12 -4.93
CA SER A 248 -27.00 11.19 -5.88
C SER A 248 -26.04 11.14 -7.05
N THR A 249 -24.87 10.54 -6.86
CA THR A 249 -23.80 10.57 -7.85
C THR A 249 -23.77 9.33 -8.73
N GLN A 250 -24.68 8.38 -8.53
CA GLN A 250 -24.65 7.15 -9.30
C GLN A 250 -25.14 7.37 -10.72
N GLN A 251 -24.63 6.55 -11.63
CA GLN A 251 -25.04 6.57 -13.03
C GLN A 251 -25.92 5.36 -13.33
N ARG A 252 -26.99 5.60 -14.08
CA ARG A 252 -27.93 4.53 -14.40
C ARG A 252 -27.31 3.43 -15.25
N ALA A 253 -26.23 3.72 -15.99
CA ALA A 253 -25.58 2.67 -16.77
C ALA A 253 -24.89 1.66 -15.87
N ILE A 254 -24.21 2.14 -14.83
CA ILE A 254 -23.57 1.24 -13.87
C ILE A 254 -24.63 0.41 -13.17
N LEU A 255 -25.73 1.05 -12.77
CA LEU A 255 -26.83 0.32 -12.16
C LEU A 255 -27.44 -0.68 -13.13
N LYS A 256 -27.42 -0.38 -14.43
CA LYS A 256 -27.92 -1.33 -15.40
C LYS A 256 -27.03 -2.55 -15.53
N ARG A 257 -25.71 -2.36 -15.48
CA ARG A 257 -24.81 -3.51 -15.47
C ARG A 257 -25.03 -4.35 -14.21
N ALA A 258 -25.12 -3.69 -13.06
CA ALA A 258 -25.38 -4.41 -11.82
C ALA A 258 -26.70 -5.18 -11.88
N GLY A 259 -27.75 -4.54 -12.42
CA GLY A 259 -29.02 -5.22 -12.53
C GLY A 259 -29.01 -6.36 -13.52
N ASP A 260 -28.23 -6.24 -14.59
CA ASP A 260 -28.05 -7.37 -15.49
C ASP A 260 -27.41 -8.55 -14.77
N ILE A 261 -26.41 -8.27 -13.94
CA ILE A 261 -25.82 -9.33 -13.11
C ILE A 261 -26.88 -9.95 -12.22
N MET A 262 -27.65 -9.12 -11.51
CA MET A 262 -28.65 -9.63 -10.59
C MET A 262 -29.72 -10.45 -11.30
N VAL A 263 -30.09 -10.06 -12.53
CA VAL A 263 -31.11 -10.79 -13.28
C VAL A 263 -30.57 -12.12 -13.75
N ARG A 264 -29.35 -12.13 -14.30
CA ARG A 264 -28.79 -13.34 -14.86
C ARG A 264 -28.62 -14.43 -13.80
N LEU A 265 -28.54 -14.05 -12.52
CA LEU A 265 -28.38 -14.98 -11.43
C LEU A 265 -29.70 -15.30 -10.72
N SER A 266 -30.81 -14.81 -11.23
CA SER A 266 -32.09 -15.05 -10.58
C SER A 266 -32.79 -16.25 -11.20
N PRO A 267 -33.62 -16.96 -10.43
CA PRO A 267 -34.26 -18.17 -10.95
C PRO A 267 -35.33 -17.91 -11.99
N GLU A 268 -35.89 -16.70 -12.04
CA GLU A 268 -36.90 -16.33 -13.02
C GLU A 268 -36.35 -15.14 -13.81
N PRO A 269 -35.47 -15.39 -14.78
CA PRO A 269 -34.73 -14.28 -15.40
C PRO A 269 -35.57 -13.35 -16.24
N ASP A 270 -36.61 -13.83 -16.92
CA ASP A 270 -37.39 -12.94 -17.77
C ASP A 270 -38.24 -11.98 -16.94
N LEU A 271 -38.85 -12.49 -15.87
CA LEU A 271 -39.66 -11.63 -15.02
C LEU A 271 -38.79 -10.63 -14.26
N ALA A 272 -37.63 -11.09 -13.78
CA ALA A 272 -36.72 -10.16 -13.13
C ALA A 272 -36.17 -9.15 -14.12
N ARG A 273 -36.04 -9.54 -15.39
CA ARG A 273 -35.64 -8.60 -16.43
C ARG A 273 -36.67 -7.49 -16.57
N VAL A 274 -37.95 -7.86 -16.61
CA VAL A 274 -39.00 -6.84 -16.72
C VAL A 274 -38.98 -5.94 -15.49
N VAL A 275 -38.82 -6.52 -14.30
CA VAL A 275 -38.85 -5.72 -13.08
C VAL A 275 -37.66 -4.77 -13.03
N MET A 276 -36.49 -5.23 -13.47
CA MET A 276 -35.33 -4.35 -13.49
C MET A 276 -35.47 -3.25 -14.52
N ASP A 277 -36.03 -3.58 -15.69
CA ASP A 277 -36.32 -2.54 -16.69
C ASP A 277 -37.26 -1.49 -16.13
N ASP A 278 -38.21 -1.90 -15.29
CA ASP A 278 -39.09 -0.94 -14.65
C ASP A 278 -38.36 -0.14 -13.57
N LEU A 279 -37.45 -0.77 -12.84
CA LEU A 279 -36.78 -0.09 -11.73
C LEU A 279 -35.78 0.95 -12.23
N LEU A 280 -35.01 0.62 -13.26
CA LEU A 280 -33.93 1.49 -13.70
C LEU A 280 -34.35 2.49 -14.76
N ALA A 281 -35.59 2.41 -15.24
CA ALA A 281 -36.13 3.41 -16.14
C ALA A 281 -36.24 4.74 -15.41
N PRO A 282 -36.42 5.85 -16.13
CA PRO A 282 -36.64 7.14 -15.46
C PRO A 282 -37.71 7.07 -14.39
N SER A 283 -37.34 7.44 -13.16
CA SER A 283 -38.16 7.18 -11.99
C SER A 283 -39.11 8.33 -11.72
N LEU A 284 -40.28 7.99 -11.19
CA LEU A 284 -41.31 8.97 -10.86
C LEU A 284 -41.28 9.19 -9.36
N LEU A 285 -40.71 10.31 -8.94
CA LEU A 285 -40.60 10.64 -7.52
C LEU A 285 -41.67 11.66 -7.14
N ASP A 286 -42.42 11.35 -6.09
CA ASP A 286 -43.52 12.19 -5.64
C ASP A 286 -43.03 13.05 -4.48
N VAL A 287 -42.81 14.35 -4.75
CA VAL A 287 -42.30 15.27 -3.74
C VAL A 287 -43.42 16.02 -3.03
N GLY A 288 -44.67 15.60 -3.21
CA GLY A 288 -45.78 16.23 -2.55
C GLY A 288 -46.59 17.14 -3.45
N ASP A 289 -45.94 18.14 -4.04
CA ASP A 289 -46.64 19.02 -4.97
C ASP A 289 -46.79 18.37 -6.34
N TYR A 290 -45.68 17.86 -6.89
CA TYR A 290 -45.69 17.26 -8.21
C TYR A 290 -45.05 15.88 -8.14
N LYS A 291 -45.28 15.10 -9.20
CA LYS A 291 -44.52 13.88 -9.48
C LYS A 291 -43.52 14.24 -10.56
N ILE A 292 -42.23 14.20 -10.22
CA ILE A 292 -41.16 14.61 -11.10
C ILE A 292 -40.44 13.38 -11.63
N VAL A 293 -39.64 13.60 -12.68
CA VAL A 293 -38.92 12.53 -13.37
C VAL A 293 -37.44 12.65 -13.00
N VAL A 294 -36.94 11.64 -12.31
CA VAL A 294 -35.53 11.55 -11.95
C VAL A 294 -34.90 10.56 -12.91
N GLU A 295 -34.06 11.07 -13.80
CA GLU A 295 -33.47 10.25 -14.85
C GLU A 295 -32.20 9.55 -14.41
N GLU A 296 -31.48 10.10 -13.45
CA GLU A 296 -30.22 9.56 -12.97
C GLU A 296 -30.31 9.35 -11.46
N GLY A 297 -29.21 8.88 -10.88
CA GLY A 297 -29.20 8.56 -9.47
C GLY A 297 -29.67 7.15 -9.19
N LEU A 298 -29.77 6.85 -7.90
CA LEU A 298 -30.19 5.54 -7.43
C LEU A 298 -31.57 5.62 -6.81
N PRO A 299 -32.54 4.86 -7.32
CA PRO A 299 -33.85 4.81 -6.64
C PRO A 299 -33.80 3.92 -5.41
N SER A 300 -33.59 4.54 -4.24
CA SER A 300 -33.27 3.80 -3.02
C SER A 300 -34.51 3.46 -2.21
N GLY A 301 -35.52 2.86 -2.86
CA GLY A 301 -36.74 2.54 -2.16
C GLY A 301 -37.04 1.06 -2.06
N CYS A 302 -36.58 0.28 -3.03
CA CYS A 302 -36.94 -1.12 -3.13
C CYS A 302 -36.18 -1.96 -2.11
N PRO A 303 -36.68 -3.15 -1.77
CA PRO A 303 -36.00 -3.97 -0.76
C PRO A 303 -34.65 -4.47 -1.22
N CYS A 304 -34.48 -4.74 -2.50
CA CYS A 304 -33.22 -5.21 -3.04
C CYS A 304 -32.28 -4.07 -3.41
N THR A 305 -32.67 -2.82 -3.17
CA THR A 305 -31.87 -1.68 -3.61
C THR A 305 -30.50 -1.68 -2.92
N THR A 306 -30.40 -2.25 -1.73
CA THR A 306 -29.11 -2.28 -1.03
C THR A 306 -28.12 -3.19 -1.76
N GLN A 307 -28.57 -4.37 -2.17
CA GLN A 307 -27.71 -5.27 -2.94
C GLN A 307 -27.29 -4.63 -4.25
N LEU A 308 -28.24 -4.02 -4.96
CA LEU A 308 -27.93 -3.35 -6.22
C LEU A 308 -26.87 -2.26 -6.01
N ASN A 309 -27.10 -1.39 -5.03
CA ASN A 309 -26.13 -0.34 -4.71
C ASN A 309 -24.76 -0.92 -4.40
N SER A 310 -24.73 -2.00 -3.59
CA SER A 310 -23.46 -2.61 -3.23
C SER A 310 -22.75 -3.18 -4.45
N LEU A 311 -23.51 -3.79 -5.37
CA LEU A 311 -22.93 -4.31 -6.60
C LEU A 311 -22.35 -3.17 -7.44
N ALA A 312 -23.05 -2.05 -7.54
CA ALA A 312 -22.52 -0.89 -8.24
C ALA A 312 -21.24 -0.39 -7.58
N HIS A 313 -21.23 -0.34 -6.26
CA HIS A 313 -20.03 0.05 -5.51
C HIS A 313 -18.86 -0.86 -5.85
N TRP A 314 -19.11 -2.17 -5.85
CA TRP A 314 -18.11 -3.15 -6.21
C TRP A 314 -17.57 -2.89 -7.61
N ILE A 315 -18.48 -2.72 -8.58
CA ILE A 315 -18.10 -2.46 -9.96
C ILE A 315 -17.18 -1.25 -10.04
N LEU A 316 -17.62 -0.13 -9.47
CA LEU A 316 -16.84 1.10 -9.56
C LEU A 316 -15.47 0.95 -8.92
N THR A 317 -15.41 0.38 -7.72
CA THR A 317 -14.14 0.18 -7.04
C THR A 317 -13.19 -0.67 -7.88
N LEU A 318 -13.67 -1.82 -8.35
CA LEU A 318 -12.83 -2.69 -9.17
C LEU A 318 -12.38 -1.97 -10.44
N CYS A 319 -13.27 -1.21 -11.07
CA CYS A 319 -12.91 -0.47 -12.26
C CYS A 319 -11.77 0.49 -11.99
N ALA A 320 -11.87 1.25 -10.90
CA ALA A 320 -10.81 2.20 -10.56
C ALA A 320 -9.49 1.48 -10.31
N MET A 321 -9.54 0.38 -9.54
CA MET A 321 -8.31 -0.33 -9.22
C MET A 321 -7.67 -0.93 -10.47
N VAL A 322 -8.49 -1.45 -11.39
CA VAL A 322 -7.98 -2.03 -12.62
C VAL A 322 -7.47 -0.95 -13.56
N GLU A 323 -8.07 0.25 -13.51
CA GLU A 323 -7.61 1.34 -14.37
C GLU A 323 -6.29 1.90 -13.87
N VAL A 324 -6.03 1.80 -12.56
CA VAL A 324 -4.77 2.28 -12.02
C VAL A 324 -3.68 1.23 -12.15
N THR A 325 -3.96 -0.01 -11.77
CA THR A 325 -2.95 -1.06 -11.78
C THR A 325 -2.80 -1.75 -13.13
N ARG A 326 -3.83 -1.71 -13.97
CA ARG A 326 -3.84 -2.36 -15.30
C ARG A 326 -3.66 -3.86 -15.21
N VAL A 327 -3.90 -4.46 -14.05
CA VAL A 327 -3.90 -5.90 -13.91
C VAL A 327 -5.35 -6.39 -13.93
N ASP A 328 -5.52 -7.68 -14.22
CA ASP A 328 -6.86 -8.23 -14.41
C ASP A 328 -7.67 -8.13 -13.13
N PRO A 329 -9.00 -7.96 -13.24
CA PRO A 329 -9.81 -7.78 -12.02
C PRO A 329 -9.81 -8.99 -11.11
N ASP A 330 -9.79 -10.20 -11.67
CA ASP A 330 -9.70 -11.39 -10.83
C ASP A 330 -8.39 -11.44 -10.07
N ILE A 331 -7.31 -10.96 -10.67
CA ILE A 331 -6.03 -10.87 -9.96
C ILE A 331 -6.14 -9.91 -8.79
N VAL A 332 -6.79 -8.77 -9.00
CA VAL A 332 -7.05 -7.85 -7.91
C VAL A 332 -7.84 -8.55 -6.82
N MET A 333 -8.88 -9.29 -7.19
CA MET A 333 -9.79 -9.86 -6.21
C MET A 333 -9.17 -11.01 -5.44
N GLN A 334 -8.18 -11.69 -6.01
CA GLN A 334 -7.44 -12.67 -5.23
C GLN A 334 -6.31 -12.03 -4.43
N GLU A 335 -5.90 -10.81 -4.79
CA GLU A 335 -4.95 -10.04 -4.01
C GLU A 335 -5.62 -8.97 -3.16
N SER A 336 -6.94 -9.03 -3.01
CA SER A 336 -7.65 -8.04 -2.22
C SER A 336 -8.88 -8.67 -1.58
N GLU A 337 -9.41 -7.98 -0.58
CA GLU A 337 -10.64 -8.33 0.11
C GLU A 337 -11.49 -7.08 0.23
N PHE A 338 -12.71 -7.16 -0.29
CA PHE A 338 -13.63 -6.04 -0.28
C PHE A 338 -14.76 -6.29 0.70
N SER A 339 -15.30 -5.21 1.25
CA SER A 339 -16.50 -5.27 2.07
C SER A 339 -17.38 -4.10 1.66
N PHE A 340 -18.59 -4.40 1.20
CA PHE A 340 -19.50 -3.38 0.69
C PHE A 340 -20.85 -3.54 1.35
N TYR A 341 -21.36 -2.43 1.90
CA TYR A 341 -22.71 -2.36 2.44
C TYR A 341 -23.28 -1.03 1.95
N GLY A 342 -23.81 -1.06 0.72
CA GLY A 342 -24.33 0.15 0.11
C GLY A 342 -23.23 1.15 -0.18
N ASP A 343 -23.32 2.31 0.46
CA ASP A 343 -22.31 3.34 0.34
C ASP A 343 -21.10 3.09 1.21
N ASP A 344 -21.17 2.12 2.12
CA ASP A 344 -20.08 1.86 3.05
C ASP A 344 -19.12 0.83 2.46
N GLU A 345 -17.82 1.06 2.64
CA GLU A 345 -16.82 0.19 2.06
C GLU A 345 -15.64 0.00 3.02
N VAL A 346 -14.98 -1.14 2.87
CA VAL A 346 -13.66 -1.41 3.41
C VAL A 346 -12.87 -2.11 2.32
N VAL A 347 -11.73 -1.54 1.94
CA VAL A 347 -10.92 -2.10 0.85
C VAL A 347 -9.57 -2.49 1.41
N SER A 348 -9.25 -3.78 1.36
CA SER A 348 -7.94 -4.27 1.77
C SER A 348 -7.26 -4.90 0.55
N THR A 349 -6.00 -4.56 0.33
CA THR A 349 -5.31 -5.05 -0.86
C THR A 349 -3.82 -5.13 -0.62
N ASN A 350 -3.18 -6.02 -1.36
CA ASN A 350 -1.72 -6.13 -1.39
C ASN A 350 -1.09 -5.33 -2.52
N LEU A 351 -1.89 -4.84 -3.46
CA LEU A 351 -1.36 -4.09 -4.59
C LEU A 351 -0.86 -2.72 -4.14
N GLU A 352 0.29 -2.31 -4.67
CA GLU A 352 0.78 -0.96 -4.46
C GLU A 352 -0.08 0.00 -5.29
N LEU A 353 -0.98 0.70 -4.64
CA LEU A 353 -1.97 1.52 -5.31
C LEU A 353 -1.55 2.99 -5.28
N ASP A 354 -1.44 3.60 -6.45
CA ASP A 354 -1.19 5.03 -6.55
C ASP A 354 -2.47 5.76 -6.16
N MET A 355 -2.52 6.22 -4.91
CA MET A 355 -3.75 6.83 -4.40
C MET A 355 -4.12 8.09 -5.15
N VAL A 356 -3.14 8.79 -5.74
CA VAL A 356 -3.45 9.96 -6.56
C VAL A 356 -4.33 9.57 -7.73
N LYS A 357 -3.86 8.64 -8.55
CA LYS A 357 -4.63 8.22 -9.72
C LYS A 357 -5.89 7.47 -9.32
N TYR A 358 -5.86 6.76 -8.19
CA TYR A 358 -7.06 6.08 -7.71
C TYR A 358 -8.17 7.08 -7.41
N THR A 359 -7.84 8.11 -6.63
CA THR A 359 -8.82 9.16 -6.34
C THR A 359 -9.23 9.90 -7.60
N MET A 360 -8.29 10.10 -8.52
CA MET A 360 -8.63 10.76 -9.78
C MET A 360 -9.64 9.97 -10.57
N ALA A 361 -9.45 8.65 -10.67
CA ALA A 361 -10.39 7.80 -11.39
C ALA A 361 -11.73 7.75 -10.67
N LEU A 362 -11.73 7.78 -9.34
CA LEU A 362 -12.99 7.81 -8.61
C LEU A 362 -13.76 9.08 -8.91
N ARG A 363 -13.09 10.23 -8.85
CA ARG A 363 -13.77 11.49 -9.13
C ARG A 363 -14.19 11.60 -10.59
N ARG A 364 -13.45 10.97 -11.51
CA ARG A 364 -13.89 10.95 -12.89
C ARG A 364 -15.21 10.21 -13.06
N TYR A 365 -15.46 9.22 -12.21
CA TYR A 365 -16.69 8.44 -12.29
C TYR A 365 -17.88 9.16 -11.67
N GLY A 366 -17.69 10.36 -11.15
CA GLY A 366 -18.75 11.10 -10.50
C GLY A 366 -18.79 10.94 -9.00
N LEU A 367 -17.96 10.06 -8.43
CA LEU A 367 -17.97 9.82 -7.00
C LEU A 367 -17.26 10.96 -6.27
N LEU A 368 -17.47 11.01 -4.95
CA LEU A 368 -16.98 12.09 -4.11
C LEU A 368 -16.26 11.52 -2.90
N PRO A 369 -15.08 10.94 -3.09
CA PRO A 369 -14.33 10.40 -1.96
C PRO A 369 -13.78 11.53 -1.10
N THR A 370 -13.79 11.32 0.21
CA THR A 370 -13.41 12.35 1.15
C THR A 370 -12.32 11.85 2.08
N ARG A 371 -11.34 12.69 2.35
CA ARG A 371 -10.32 12.41 3.35
C ARG A 371 -10.90 12.57 4.75
N ALA A 372 -10.19 11.99 5.73
CA ALA A 372 -10.62 12.14 7.12
C ALA A 372 -10.44 13.57 7.62
N ASP A 373 -9.41 14.26 7.15
CA ASP A 373 -9.18 15.65 7.51
C ASP A 373 -10.01 16.63 6.71
N LYS A 374 -10.88 16.15 5.82
CA LYS A 374 -11.78 16.99 5.03
C LYS A 374 -11.04 17.96 4.13
N GLU A 375 -9.78 17.67 3.81
CA GLU A 375 -9.00 18.48 2.89
C GLU A 375 -8.96 17.83 1.52
N GLU A 376 -8.77 18.66 0.51
CA GLU A 376 -8.68 18.14 -0.85
C GLU A 376 -7.34 17.44 -1.05
N GLY A 377 -7.31 16.50 -1.99
CA GLY A 377 -6.11 15.74 -2.26
C GLY A 377 -6.40 14.26 -2.41
N PRO A 378 -5.35 13.46 -2.50
CA PRO A 378 -5.53 12.02 -2.70
C PRO A 378 -5.97 11.34 -1.41
N LEU A 379 -6.47 10.12 -1.59
CA LEU A 379 -6.93 9.33 -0.45
C LEU A 379 -5.76 8.80 0.36
N GLU A 380 -6.01 8.58 1.64
CA GLU A 380 -5.02 8.02 2.56
C GLU A 380 -5.21 6.51 2.64
N ARG A 381 -4.10 5.78 2.66
CA ARG A 381 -4.09 4.35 2.84
C ARG A 381 -3.25 3.98 4.06
N ARG A 382 -3.78 3.10 4.90
CA ARG A 382 -3.11 2.71 6.12
C ARG A 382 -2.69 1.24 6.05
N GLN A 383 -1.71 0.89 6.87
CA GLN A 383 -1.14 -0.45 6.88
C GLN A 383 -1.77 -1.36 7.94
N THR A 384 -2.82 -0.91 8.62
CA THR A 384 -3.52 -1.73 9.59
C THR A 384 -5.02 -1.54 9.41
N LEU A 385 -5.76 -2.59 9.69
CA LEU A 385 -7.22 -2.53 9.61
C LEU A 385 -7.83 -1.78 10.79
N GLN A 386 -7.05 -1.52 11.84
CA GLN A 386 -7.59 -0.88 13.02
C GLN A 386 -7.94 0.57 12.73
N GLY A 387 -9.12 0.99 13.16
CA GLY A 387 -9.61 2.33 12.97
C GLY A 387 -10.60 2.47 11.83
N ILE A 388 -10.61 1.52 10.89
CA ILE A 388 -11.53 1.59 9.77
C ILE A 388 -12.96 1.44 10.29
N SER A 389 -13.90 2.08 9.61
CA SER A 389 -15.29 2.09 10.04
C SER A 389 -16.13 1.28 9.06
N PHE A 390 -17.01 0.44 9.61
CA PHE A 390 -17.92 -0.36 8.79
C PHE A 390 -19.17 -0.62 9.63
N LEU A 391 -20.33 -0.32 9.07
CA LEU A 391 -21.60 -0.45 9.76
C LEU A 391 -21.59 0.31 11.09
N ARG A 392 -21.17 1.57 11.02
CA ARG A 392 -21.11 2.49 12.15
C ARG A 392 -20.28 1.96 13.32
N ARG A 393 -19.46 0.94 13.09
CA ARG A 393 -18.55 0.39 14.08
C ARG A 393 -17.12 0.69 13.66
N ALA A 394 -16.23 0.73 14.64
CA ALA A 394 -14.80 0.83 14.39
C ALA A 394 -14.20 -0.55 14.49
N ILE A 395 -13.28 -0.86 13.59
CA ILE A 395 -12.65 -2.17 13.55
C ILE A 395 -11.46 -2.17 14.50
N VAL A 396 -11.51 -3.03 15.51
CA VAL A 396 -10.47 -3.12 16.52
C VAL A 396 -10.01 -4.58 16.59
N GLY A 397 -8.80 -4.78 17.07
CA GLY A 397 -8.25 -6.11 17.19
C GLY A 397 -7.40 -6.25 18.43
N ASP A 398 -7.39 -7.45 18.98
CA ASP A 398 -6.59 -7.75 20.16
C ASP A 398 -6.10 -9.19 20.07
N GLN A 399 -5.55 -9.69 21.18
CA GLN A 399 -4.98 -11.03 21.20
C GLN A 399 -6.05 -12.10 20.98
N PHE A 400 -7.33 -11.76 21.16
CA PHE A 400 -8.40 -12.70 20.96
C PHE A 400 -8.96 -12.67 19.55
N GLY A 401 -8.62 -11.63 18.77
CA GLY A 401 -9.10 -11.51 17.41
C GLY A 401 -9.63 -10.12 17.14
N TRP A 402 -10.25 -9.97 15.97
CA TRP A 402 -10.83 -8.71 15.56
C TRP A 402 -12.31 -8.66 15.93
N TYR A 403 -12.84 -7.43 16.00
CA TYR A 403 -14.23 -7.20 16.34
C TYR A 403 -14.59 -5.77 15.94
N GLY A 404 -15.89 -5.51 15.92
CA GLY A 404 -16.42 -4.18 15.69
C GLY A 404 -16.92 -3.59 17.00
N ARG A 405 -16.43 -2.39 17.31
CA ARG A 405 -16.71 -1.72 18.57
C ARG A 405 -17.37 -0.39 18.29
N LEU A 406 -18.46 -0.10 19.00
CA LEU A 406 -19.12 1.18 18.86
C LEU A 406 -18.23 2.30 19.41
N ASP A 407 -18.19 3.41 18.69
CA ASP A 407 -17.34 4.52 19.08
C ASP A 407 -17.78 5.12 20.41
N ARG A 408 -16.90 5.92 21.02
CA ARG A 408 -17.22 6.50 22.32
C ARG A 408 -18.27 7.59 22.18
N ALA A 409 -18.15 8.39 21.12
CA ALA A 409 -19.15 9.43 20.86
C ALA A 409 -20.52 8.82 20.64
N SER A 410 -20.58 7.70 19.91
CA SER A 410 -21.84 7.02 19.69
C SER A 410 -22.42 6.49 20.99
N ILE A 411 -21.56 6.05 21.91
CA ILE A 411 -22.04 5.58 23.21
C ILE A 411 -22.67 6.73 23.99
N ASP A 412 -21.97 7.86 24.09
CA ASP A 412 -22.56 9.02 24.75
C ASP A 412 -23.86 9.44 24.08
N ARG A 413 -23.90 9.33 22.74
CA ARG A 413 -25.08 9.74 21.99
C ARG A 413 -26.28 8.86 22.32
N GLN A 414 -26.07 7.54 22.32
CA GLN A 414 -27.16 6.64 22.70
C GLN A 414 -27.50 6.77 24.16
N LEU A 415 -26.57 7.28 24.98
CA LEU A 415 -26.90 7.59 26.36
C LEU A 415 -27.79 8.82 26.46
N LEU A 416 -27.70 9.73 25.49
CA LEU A 416 -28.51 10.94 25.51
C LEU A 416 -29.88 10.79 24.86
N TRP A 417 -30.01 9.91 23.88
CA TRP A 417 -31.23 9.81 23.08
C TRP A 417 -31.74 8.38 23.05
N THR A 418 -33.06 8.23 23.19
CA THR A 418 -33.70 6.93 23.07
C THR A 418 -34.86 7.02 22.09
N LYS A 419 -35.14 5.91 21.41
CA LYS A 419 -36.21 5.89 20.42
C LYS A 419 -37.56 5.64 21.07
N GLY A 420 -38.58 6.30 20.56
CA GLY A 420 -39.94 6.13 21.03
C GLY A 420 -40.93 6.57 19.98
N PRO A 421 -42.18 6.79 20.39
CA PRO A 421 -43.19 7.29 19.46
C PRO A 421 -42.88 8.70 19.01
N ASN A 422 -43.49 9.08 17.89
CA ASN A 422 -43.21 10.37 17.26
C ASN A 422 -43.88 11.50 18.02
N HIS A 423 -43.10 12.55 18.31
CA HIS A 423 -43.60 13.72 19.01
C HIS A 423 -42.97 14.95 18.38
N GLN A 424 -43.30 16.13 18.93
CA GLN A 424 -42.91 17.39 18.32
C GLN A 424 -41.70 18.06 18.97
N ASN A 425 -41.51 17.90 20.28
CA ASN A 425 -40.42 18.58 20.97
C ASN A 425 -39.31 17.59 21.30
N PRO A 426 -38.17 17.63 20.59
CA PRO A 426 -37.15 16.59 20.80
C PRO A 426 -36.58 16.54 22.20
N PHE A 427 -36.81 17.54 23.04
CA PHE A 427 -36.25 17.58 24.38
C PHE A 427 -37.20 17.04 25.44
N GLU A 428 -38.34 16.49 25.03
CA GLU A 428 -39.22 15.79 25.96
C GLU A 428 -38.56 14.51 26.46
N THR A 429 -38.70 14.26 27.75
CA THR A 429 -38.15 13.04 28.35
C THR A 429 -39.15 11.89 28.22
N LEU A 430 -38.64 10.74 27.81
CA LEU A 430 -39.48 9.56 27.61
C LEU A 430 -39.73 8.85 28.94
N PRO A 431 -40.98 8.71 29.37
CA PRO A 431 -41.29 8.03 30.64
C PRO A 431 -41.16 6.52 30.54
N ALA A 434 -39.13 1.09 31.71
CA ALA A 434 -39.89 1.72 30.65
C ALA A 434 -39.72 0.96 29.34
N GLN A 435 -39.09 1.61 28.35
CA GLN A 435 -38.96 1.04 27.02
C GLN A 435 -37.50 0.82 26.60
N ARG A 436 -36.55 0.96 27.51
CA ARG A 436 -35.14 0.74 27.21
C ARG A 436 -34.50 -0.27 28.15
N PRO A 437 -34.89 -1.55 28.05
CA PRO A 437 -34.19 -2.58 28.82
C PRO A 437 -33.08 -3.24 28.03
N SER A 438 -33.36 -3.55 26.77
CA SER A 438 -32.40 -4.16 25.86
C SER A 438 -31.39 -3.17 25.31
N GLN A 439 -31.52 -1.89 25.63
CA GLN A 439 -30.59 -0.86 25.17
C GLN A 439 -29.43 -0.65 26.13
N LEU A 440 -29.71 -0.52 27.42
CA LEU A 440 -28.67 -0.20 28.39
C LEU A 440 -27.67 -1.34 28.55
N MET A 441 -28.12 -2.59 28.48
CA MET A 441 -27.20 -3.71 28.58
C MET A 441 -26.28 -3.80 27.37
N ALA A 442 -26.82 -3.55 26.16
CA ALA A 442 -25.97 -3.53 24.98
C ALA A 442 -24.95 -2.41 25.07
N LEU A 443 -25.35 -1.25 25.58
CA LEU A 443 -24.42 -0.15 25.79
C LEU A 443 -23.36 -0.55 26.82
N LEU A 444 -23.77 -1.27 27.86
CA LEU A 444 -22.82 -1.75 28.86
C LEU A 444 -21.76 -2.66 28.22
N GLY A 445 -22.18 -3.56 27.35
CA GLY A 445 -21.22 -4.40 26.65
C GLY A 445 -20.29 -3.60 25.75
N GLU A 446 -20.86 -2.69 24.96
CA GLU A 446 -20.05 -1.88 24.04
C GLU A 446 -19.06 -1.01 24.81
N ALA A 447 -19.42 -0.59 26.02
CA ALA A 447 -18.48 0.17 26.83
C ALA A 447 -17.47 -0.74 27.50
N ALA A 448 -17.86 -1.99 27.80
CA ALA A 448 -16.93 -2.96 28.34
C ALA A 448 -15.80 -3.21 27.37
N MET A 449 -16.11 -3.14 26.07
CA MET A 449 -15.04 -3.35 25.10
C MET A 449 -14.05 -2.19 25.05
N HIS A 450 -14.22 -1.15 25.88
CA HIS A 450 -13.31 -0.02 25.93
C HIS A 450 -12.40 -0.03 27.16
N GLY A 451 -12.56 -0.99 28.06
CA GLY A 451 -11.75 -1.07 29.26
C GLY A 451 -12.58 -0.81 30.51
N GLU A 452 -11.95 -1.12 31.65
CA GLU A 452 -12.68 -1.03 32.92
C GLU A 452 -12.93 0.41 33.33
N LYS A 453 -12.10 1.36 32.89
CA LYS A 453 -12.32 2.76 33.22
C LYS A 453 -13.59 3.28 32.55
N TYR A 454 -13.64 3.18 31.22
CA TYR A 454 -14.82 3.62 30.48
C TYR A 454 -16.05 2.82 30.91
N TYR A 455 -15.86 1.54 31.20
CA TYR A 455 -16.97 0.72 31.68
C TYR A 455 -17.48 1.20 33.02
N ARG A 456 -16.57 1.62 33.91
CA ARG A 456 -16.98 2.14 35.21
C ARG A 456 -17.74 3.44 35.06
N THR A 457 -17.27 4.34 34.21
CA THR A 457 -17.99 5.59 33.97
C THR A 457 -19.39 5.31 33.41
N VAL A 458 -19.47 4.49 32.36
CA VAL A 458 -20.76 4.19 31.76
C VAL A 458 -21.66 3.47 32.75
N ALA A 459 -21.11 2.63 33.62
CA ALA A 459 -21.91 1.93 34.61
C ALA A 459 -22.47 2.91 35.64
N SER A 460 -21.67 3.89 36.04
CA SER A 460 -22.17 4.94 36.92
C SER A 460 -23.33 5.68 36.26
N ARG A 461 -23.17 6.05 34.99
CA ARG A 461 -24.25 6.76 34.31
C ARG A 461 -25.49 5.89 34.18
N VAL A 462 -25.30 4.60 33.90
CA VAL A 462 -26.43 3.68 33.76
C VAL A 462 -27.16 3.54 35.07
N SER A 463 -26.43 3.42 36.18
CA SER A 463 -27.09 3.31 37.48
C SER A 463 -27.85 4.60 37.82
N LYS A 464 -27.20 5.74 37.60
CA LYS A 464 -27.84 7.02 37.91
C LYS A 464 -29.05 7.30 37.04
N GLU A 465 -29.15 6.68 35.86
CA GLU A 465 -30.36 6.86 35.07
C GLU A 465 -31.39 5.78 35.37
N ALA A 466 -30.96 4.52 35.48
CA ALA A 466 -31.82 3.42 35.88
C ALA A 466 -32.41 3.61 37.26
N ALA A 467 -31.96 4.62 38.01
CA ALA A 467 -32.61 4.90 39.27
C ALA A 467 -33.93 5.63 39.07
N GLN A 468 -34.30 5.89 37.82
CA GLN A 468 -35.62 6.37 37.47
C GLN A 468 -36.53 5.25 36.98
N SER A 469 -36.00 4.03 36.86
CA SER A 469 -36.76 2.89 36.36
C SER A 469 -36.55 1.60 37.14
N GLY A 470 -35.37 1.36 37.70
CA GLY A 470 -35.13 0.15 38.46
C GLY A 470 -34.99 -1.09 37.61
N VAL A 474 -29.07 -5.30 37.19
CA VAL A 474 -27.97 -6.25 37.14
C VAL A 474 -26.81 -5.69 36.35
N VAL A 475 -25.80 -5.18 37.05
CA VAL A 475 -24.61 -4.63 36.40
C VAL A 475 -23.47 -5.63 36.59
N PRO A 476 -23.17 -6.46 35.58
CA PRO A 476 -22.20 -7.54 35.77
C PRO A 476 -20.80 -6.99 35.96
N ARG A 477 -19.89 -7.89 36.29
CA ARG A 477 -18.48 -7.54 36.25
C ARG A 477 -18.07 -7.25 34.81
N HIS A 478 -17.07 -6.38 34.67
CA HIS A 478 -16.56 -6.04 33.34
C HIS A 478 -16.18 -7.29 32.57
N ARG A 479 -15.47 -8.21 33.23
CA ARG A 479 -14.95 -9.39 32.54
C ARG A 479 -16.06 -10.29 32.05
N SER A 480 -17.14 -10.42 32.82
CA SER A 480 -18.23 -11.32 32.43
C SER A 480 -18.96 -10.80 31.21
N VAL A 481 -19.37 -9.52 31.23
CA VAL A 481 -20.08 -8.96 30.09
C VAL A 481 -19.14 -8.88 28.88
N LEU A 482 -17.84 -8.66 29.12
CA LEU A 482 -16.88 -8.67 28.03
C LEU A 482 -16.82 -10.04 27.36
N ARG A 483 -16.76 -11.10 28.15
CA ARG A 483 -16.80 -12.46 27.60
C ARG A 483 -18.09 -12.69 26.85
N TRP A 484 -19.20 -12.14 27.36
CA TRP A 484 -20.49 -12.35 26.72
C TRP A 484 -20.58 -11.66 25.37
N VAL A 485 -20.03 -10.45 25.25
CA VAL A 485 -20.13 -9.77 23.96
C VAL A 485 -19.08 -10.28 22.99
N ARG A 486 -17.91 -10.69 23.47
CA ARG A 486 -16.87 -11.17 22.58
C ARG A 486 -17.07 -12.64 22.22
N PHE A 487 -17.23 -13.50 23.24
CA PHE A 487 -17.28 -14.93 23.04
C PHE A 487 -18.61 -15.57 23.43
N GLY A 488 -19.61 -14.77 23.81
CA GLY A 488 -20.90 -15.27 24.25
C GLY A 488 -20.94 -16.60 24.99
N PRO B 5 5.09 -60.95 42.29
CA PRO B 5 5.86 -61.02 41.05
C PRO B 5 6.70 -59.76 40.81
N SER B 6 8.01 -59.95 40.64
CA SER B 6 8.94 -58.86 40.40
C SER B 6 9.73 -59.14 39.13
N GLY B 7 10.40 -58.11 38.64
CA GLY B 7 11.22 -58.24 37.46
C GLY B 7 11.25 -56.94 36.69
N THR B 8 11.64 -57.05 35.42
CA THR B 8 11.76 -55.89 34.54
C THR B 8 11.27 -56.29 33.16
N TYR B 9 10.18 -55.67 32.72
CA TYR B 9 9.59 -55.94 31.42
C TYR B 9 9.82 -54.73 30.53
N ALA B 10 10.51 -54.94 29.41
CA ALA B 10 10.80 -53.89 28.44
C ALA B 10 11.50 -52.70 29.07
N GLY B 11 12.32 -52.96 30.09
CA GLY B 11 12.99 -51.89 30.79
C GLY B 11 12.15 -51.20 31.84
N LEU B 12 10.91 -51.63 32.02
CA LEU B 12 9.98 -51.02 32.94
C LEU B 12 9.63 -51.98 34.07
N PRO B 13 9.51 -51.47 35.30
CA PRO B 13 9.24 -52.35 36.43
C PRO B 13 7.94 -53.10 36.26
N ILE B 14 7.87 -54.27 36.90
CA ILE B 14 6.68 -55.12 36.88
C ILE B 14 5.96 -54.95 38.21
N ALA B 15 4.64 -54.80 38.15
CA ALA B 15 3.82 -54.62 39.34
C ALA B 15 2.93 -55.80 39.66
N ASP B 16 2.31 -56.42 38.66
CA ASP B 16 1.38 -57.51 38.94
C ASP B 16 1.27 -58.38 37.69
N TYR B 17 0.31 -59.31 37.71
CA TYR B 17 0.06 -60.18 36.58
C TYR B 17 -0.99 -59.55 35.66
N GLY B 18 -0.94 -59.93 34.39
CA GLY B 18 -1.75 -59.28 33.38
C GLY B 18 -3.10 -59.95 33.20
N ASP B 19 -4.15 -59.13 33.25
CA ASP B 19 -5.52 -59.59 32.99
C ASP B 19 -6.01 -59.21 31.60
N ALA B 20 -5.15 -58.62 30.77
CA ALA B 20 -5.58 -58.17 29.47
C ALA B 20 -5.78 -59.35 28.52
N PRO B 21 -6.63 -59.20 27.51
CA PRO B 21 -6.84 -60.29 26.57
C PRO B 21 -5.72 -60.34 25.56
N PRO B 22 -5.65 -61.38 24.73
CA PRO B 22 -4.63 -61.42 23.69
C PRO B 22 -4.82 -60.29 22.70
N LEU B 23 -3.72 -59.91 22.06
CA LEU B 23 -3.76 -58.84 21.07
C LEU B 23 -4.52 -59.31 19.83
N SER B 24 -5.22 -58.37 19.21
CA SER B 24 -6.03 -58.70 18.06
C SER B 24 -5.14 -59.06 16.88
N THR B 25 -5.54 -60.11 16.15
CA THR B 25 -4.82 -60.54 14.95
C THR B 25 -5.65 -60.31 13.70
N LYS B 26 -6.68 -59.48 13.79
CA LYS B 26 -7.56 -59.19 12.69
C LYS B 26 -7.56 -57.69 12.42
N THR B 27 -8.04 -57.32 11.24
CA THR B 27 -8.12 -55.92 10.84
C THR B 27 -9.52 -55.62 10.32
N MET B 28 -9.88 -54.35 10.39
CA MET B 28 -11.17 -53.85 9.94
C MET B 28 -11.15 -53.42 8.48
N PHE B 29 -10.02 -53.53 7.81
CA PHE B 29 -9.85 -52.96 6.48
C PHE B 29 -10.04 -54.03 5.42
N TRP B 30 -10.88 -53.74 4.43
CA TRP B 30 -11.20 -54.61 3.32
C TRP B 30 -10.82 -53.91 2.03
N ARG B 31 -10.50 -54.71 1.01
CA ARG B 31 -10.22 -54.16 -0.31
C ARG B 31 -11.52 -53.84 -1.03
N THR B 32 -11.43 -52.88 -1.95
CA THR B 32 -12.59 -52.42 -2.70
C THR B 32 -12.75 -53.13 -4.04
N SER B 33 -11.70 -53.76 -4.54
CA SER B 33 -11.75 -54.51 -5.79
C SER B 33 -10.71 -55.62 -5.71
N PRO B 34 -10.98 -56.78 -6.32
CA PRO B 34 -10.03 -57.90 -6.24
C PRO B 34 -8.75 -57.67 -7.02
N GLU B 35 -8.58 -56.53 -7.67
CA GLU B 35 -7.37 -56.27 -8.44
C GLU B 35 -6.17 -56.12 -7.52
N LYS B 36 -4.98 -56.32 -8.09
CA LYS B 36 -3.75 -56.14 -7.35
C LYS B 36 -3.56 -54.69 -6.97
N LEU B 37 -3.02 -54.46 -5.77
CA LEU B 37 -2.76 -53.10 -5.31
C LEU B 37 -1.70 -52.44 -6.18
N PRO B 38 -1.79 -51.12 -6.36
CA PRO B 38 -0.71 -50.42 -7.05
C PRO B 38 0.58 -50.56 -6.27
N PRO B 39 1.72 -50.50 -6.96
CA PRO B 39 3.00 -50.63 -6.26
C PRO B 39 3.25 -49.45 -5.34
N GLY B 40 3.80 -49.74 -4.17
CA GLY B 40 4.03 -48.71 -3.17
C GLY B 40 2.82 -48.31 -2.37
N ALA B 41 1.71 -49.01 -2.52
CA ALA B 41 0.50 -48.66 -1.80
C ALA B 41 0.57 -49.09 -0.35
N TRP B 42 -0.30 -48.51 0.47
CA TRP B 42 -0.35 -48.78 1.89
C TRP B 42 -1.25 -49.97 2.19
N GLU B 43 -0.93 -50.67 3.27
CA GLU B 43 -1.62 -51.89 3.66
C GLU B 43 -1.88 -51.84 5.15
N PRO B 44 -2.85 -52.63 5.64
CA PRO B 44 -3.11 -52.67 7.08
C PRO B 44 -1.89 -53.16 7.84
N ALA B 45 -1.77 -52.71 9.08
CA ALA B 45 -0.59 -52.99 9.88
C ALA B 45 -0.44 -54.50 10.12
N TYR B 46 0.74 -54.86 10.63
CA TYR B 46 1.07 -56.26 10.87
C TYR B 46 0.05 -56.88 11.81
N LEU B 47 -0.33 -58.13 11.51
CA LEU B 47 -1.43 -58.79 12.21
C LEU B 47 -0.98 -59.98 13.05
N GLY B 48 0.30 -60.24 13.15
CA GLY B 48 0.79 -61.29 14.02
C GLY B 48 1.31 -62.49 13.24
N SER B 49 1.42 -63.62 13.95
CA SER B 49 1.88 -64.86 13.33
C SER B 49 0.89 -65.40 12.33
N LYS B 50 -0.40 -65.05 12.46
CA LYS B 50 -1.40 -65.50 11.51
C LYS B 50 -1.40 -64.66 10.22
N ASP B 51 -0.67 -63.56 10.19
CA ASP B 51 -0.63 -62.73 8.98
C ASP B 51 0.09 -63.50 7.88
N GLU B 52 -0.62 -63.74 6.78
CA GLU B 52 -0.06 -64.50 5.66
C GLU B 52 0.81 -63.66 4.75
N ARG B 53 0.94 -62.37 5.01
CA ARG B 53 1.75 -61.51 4.15
C ARG B 53 3.24 -61.67 4.42
N VAL B 54 3.64 -61.73 5.68
CA VAL B 54 5.05 -61.85 6.05
C VAL B 54 5.18 -62.79 7.24
N ASP B 55 6.41 -63.28 7.43
CA ASP B 55 6.80 -64.00 8.64
C ASP B 55 7.50 -63.02 9.56
N GLY B 56 6.81 -62.59 10.61
CA GLY B 56 7.34 -61.59 11.51
C GLY B 56 7.38 -62.05 12.95
N PRO B 57 7.69 -61.13 13.85
CA PRO B 57 7.77 -61.46 15.28
C PRO B 57 6.37 -61.63 15.87
N SER B 58 6.35 -61.93 17.16
CA SER B 58 5.11 -61.91 17.91
C SER B 58 4.67 -60.47 18.14
N LEU B 59 3.35 -60.28 18.27
CA LEU B 59 2.83 -58.96 18.59
C LEU B 59 3.35 -58.45 19.92
N GLN B 60 3.63 -59.37 20.86
CA GLN B 60 4.26 -58.98 22.12
C GLN B 60 5.58 -58.30 21.88
N GLN B 61 6.36 -58.78 20.91
CA GLN B 61 7.66 -58.19 20.64
C GLN B 61 7.52 -56.79 20.05
N VAL B 62 6.54 -56.59 19.17
CA VAL B 62 6.30 -55.26 18.62
C VAL B 62 5.85 -54.30 19.71
N MET B 63 5.02 -54.78 20.64
CA MET B 63 4.60 -53.92 21.74
C MET B 63 5.78 -53.60 22.66
N ARG B 64 6.68 -54.55 22.87
CA ARG B 64 7.89 -54.28 23.64
C ARG B 64 8.74 -53.21 22.95
N ASP B 65 8.88 -53.31 21.63
CA ASP B 65 9.62 -52.30 20.88
C ASP B 65 8.97 -50.93 20.99
N GLN B 66 7.64 -50.89 21.06
CA GLN B 66 6.94 -49.62 21.21
C GLN B 66 6.98 -49.10 22.64
N LEU B 67 7.19 -49.98 23.61
CA LEU B 67 7.30 -49.60 25.01
C LEU B 67 8.71 -49.20 25.39
N LYS B 68 9.69 -49.47 24.53
CA LYS B 68 11.06 -49.07 24.85
C LYS B 68 11.22 -47.57 25.11
N PRO B 69 10.59 -46.65 24.36
CA PRO B 69 10.82 -45.22 24.62
C PRO B 69 10.38 -44.74 25.99
N TYR B 70 9.42 -45.41 26.63
CA TYR B 70 8.96 -44.94 27.94
C TYR B 70 9.99 -45.16 29.04
N SER B 71 11.00 -45.98 28.79
CA SER B 71 12.08 -46.20 29.75
C SER B 71 13.25 -45.26 29.54
N GLU B 72 13.22 -44.45 28.48
CA GLU B 72 14.37 -43.64 28.12
C GLU B 72 14.52 -42.47 29.09
N PRO B 73 15.74 -42.00 29.31
CA PRO B 73 15.94 -40.85 30.21
C PRO B 73 15.21 -39.62 29.69
N ARG B 74 14.61 -38.87 30.63
CA ARG B 74 13.88 -37.67 30.29
C ARG B 74 14.83 -36.53 29.97
N GLY B 75 14.27 -35.45 29.41
CA GLY B 75 15.02 -34.23 29.17
C GLY B 75 15.06 -33.35 30.41
N LEU B 76 15.49 -32.11 30.19
CA LEU B 76 15.59 -31.14 31.27
C LEU B 76 14.30 -30.36 31.43
N LEU B 77 14.02 -30.00 32.66
CA LEU B 77 12.86 -29.15 32.93
C LEU B 77 13.19 -27.70 32.58
N PRO B 78 12.23 -26.97 32.03
CA PRO B 78 12.47 -25.54 31.76
C PRO B 78 12.79 -24.80 33.04
N PRO B 79 13.37 -23.60 32.95
CA PRO B 79 13.63 -22.83 34.16
C PRO B 79 12.36 -22.58 34.94
N GLN B 80 12.48 -22.59 36.27
CA GLN B 80 11.30 -22.59 37.11
C GLN B 80 10.54 -21.27 37.01
N GLU B 81 11.27 -20.16 36.90
CA GLU B 81 10.63 -18.85 36.76
C GLU B 81 9.86 -18.77 35.44
N ILE B 82 10.51 -19.19 34.34
CA ILE B 82 9.86 -19.18 33.04
C ILE B 82 8.62 -20.08 33.05
N LEU B 83 8.76 -21.27 33.62
CA LEU B 83 7.66 -22.22 33.65
C LEU B 83 6.48 -21.67 34.45
N ASP B 84 6.77 -21.10 35.62
CA ASP B 84 5.71 -20.51 36.44
C ASP B 84 5.03 -19.37 35.71
N ALA B 85 5.81 -18.50 35.07
CA ALA B 85 5.23 -17.37 34.35
C ALA B 85 4.34 -17.84 33.21
N VAL B 86 4.78 -18.87 32.48
CA VAL B 86 4.01 -19.33 31.33
C VAL B 86 2.72 -20.02 31.79
N CYS B 87 2.80 -20.80 32.87
CA CYS B 87 1.59 -21.44 33.39
C CYS B 87 0.61 -20.40 33.90
N ASP B 88 1.10 -19.37 34.60
CA ASP B 88 0.23 -18.30 35.06
C ASP B 88 -0.42 -17.56 33.89
N ALA B 89 0.36 -17.26 32.85
CA ALA B 89 -0.19 -16.57 31.69
C ALA B 89 -1.27 -17.39 31.02
N ILE B 90 -1.02 -18.68 30.82
CA ILE B 90 -2.00 -19.55 30.19
C ILE B 90 -3.27 -19.63 31.04
N GLU B 91 -3.10 -19.82 32.35
CA GLU B 91 -4.26 -19.91 33.22
C GLU B 91 -5.06 -18.61 33.20
N ASN B 92 -4.38 -17.47 33.17
CA ASN B 92 -5.09 -16.19 33.16
C ASN B 92 -5.83 -15.98 31.85
N ARG B 93 -5.23 -16.36 30.73
CA ARG B 93 -5.95 -16.23 29.46
C ARG B 93 -7.16 -17.13 29.44
N LEU B 94 -7.02 -18.36 29.95
CA LEU B 94 -8.18 -19.25 30.00
C LEU B 94 -9.25 -18.73 30.95
N GLU B 95 -8.85 -18.08 32.03
CA GLU B 95 -9.82 -17.44 32.93
C GLU B 95 -10.60 -16.36 32.19
N ASN B 96 -9.88 -15.53 31.42
CA ASN B 96 -10.53 -14.47 30.66
C ASN B 96 -11.37 -15.01 29.51
N THR B 97 -11.09 -16.23 29.04
CA THR B 97 -11.73 -16.77 27.85
C THR B 97 -12.83 -17.77 28.16
N LEU B 98 -12.67 -18.60 29.19
CA LEU B 98 -13.57 -19.71 29.42
C LEU B 98 -14.85 -19.25 30.12
N GLU B 99 -15.97 -19.78 29.66
CA GLU B 99 -17.26 -19.55 30.30
C GLU B 99 -17.44 -20.52 31.46
N PRO B 100 -17.76 -20.04 32.65
CA PRO B 100 -17.96 -20.95 33.78
C PRO B 100 -19.06 -21.97 33.49
N GLN B 101 -18.83 -23.21 33.92
CA GLN B 101 -19.73 -24.31 33.64
C GLN B 101 -20.24 -24.91 34.94
N LYS B 102 -21.34 -25.62 34.82
CA LYS B 102 -21.94 -26.37 35.92
C LYS B 102 -21.38 -27.78 35.96
N PRO B 103 -21.27 -28.37 37.15
CA PRO B 103 -20.68 -29.70 37.27
C PRO B 103 -21.46 -30.74 36.48
N TRP B 104 -20.76 -31.80 36.07
CA TRP B 104 -21.34 -32.86 35.29
C TRP B 104 -21.96 -33.90 36.20
N THR B 105 -23.13 -34.41 35.79
CA THR B 105 -23.80 -35.45 36.54
C THR B 105 -23.22 -36.82 36.17
N PHE B 106 -23.57 -37.82 37.00
CA PHE B 106 -23.21 -39.20 36.68
C PHE B 106 -23.85 -39.62 35.37
N LYS B 107 -25.10 -39.19 35.12
CA LYS B 107 -25.79 -39.57 33.90
C LYS B 107 -25.09 -38.97 32.68
N LYS B 108 -24.72 -37.70 32.74
CA LYS B 108 -24.05 -37.08 31.60
C LYS B 108 -22.68 -37.69 31.37
N ALA B 109 -21.95 -37.98 32.44
CA ALA B 109 -20.64 -38.62 32.30
C ALA B 109 -20.78 -39.99 31.67
N CYS B 110 -21.83 -40.72 32.01
CA CYS B 110 -22.05 -42.02 31.39
C CYS B 110 -22.49 -41.89 29.95
N GLU B 111 -23.22 -40.83 29.61
CA GLU B 111 -23.70 -40.63 28.24
C GLU B 111 -22.64 -40.00 27.34
N SER B 112 -21.54 -39.49 27.89
CA SER B 112 -20.48 -38.93 27.08
C SER B 112 -19.58 -39.98 26.46
N LEU B 113 -19.61 -41.21 26.96
CA LEU B 113 -18.66 -42.23 26.55
C LEU B 113 -19.09 -42.87 25.24
N ASP B 114 -18.10 -43.33 24.48
CA ASP B 114 -18.37 -44.13 23.29
C ASP B 114 -18.67 -45.56 23.69
N LYS B 115 -19.82 -46.07 23.27
CA LYS B 115 -20.23 -47.42 23.61
C LYS B 115 -19.67 -48.45 22.64
N ASN B 116 -18.85 -48.04 21.68
CA ASN B 116 -18.27 -48.94 20.71
C ASN B 116 -16.83 -49.29 21.03
N THR B 117 -16.37 -48.96 22.24
CA THR B 117 -15.03 -49.27 22.70
C THR B 117 -15.09 -50.21 23.90
N SER B 118 -13.94 -50.78 24.22
CA SER B 118 -13.85 -51.75 25.30
C SER B 118 -14.01 -51.06 26.65
N SER B 119 -14.58 -51.79 27.61
CA SER B 119 -14.73 -51.28 28.96
C SER B 119 -13.42 -51.29 29.73
N GLY B 120 -12.37 -51.88 29.17
CA GLY B 120 -11.12 -51.98 29.88
C GLY B 120 -11.19 -52.91 31.07
N TYR B 121 -10.23 -52.74 31.97
CA TYR B 121 -10.16 -53.55 33.17
C TYR B 121 -11.47 -53.45 33.96
N PRO B 122 -11.97 -54.55 34.51
CA PRO B 122 -11.39 -55.90 34.36
C PRO B 122 -12.16 -56.79 33.40
N TYR B 123 -13.29 -56.31 32.89
CA TYR B 123 -14.20 -57.17 32.13
C TYR B 123 -13.88 -57.20 30.65
N HIS B 124 -13.28 -56.14 30.11
CA HIS B 124 -12.88 -56.07 28.70
C HIS B 124 -14.03 -56.39 27.75
N LYS B 125 -15.22 -55.89 28.07
CA LYS B 125 -16.40 -56.10 27.25
C LYS B 125 -16.80 -54.78 26.59
N GLN B 126 -17.33 -54.86 25.38
CA GLN B 126 -17.77 -53.68 24.66
C GLN B 126 -18.88 -52.98 25.42
N LYS B 127 -18.67 -51.69 25.71
CA LYS B 127 -19.58 -50.90 26.51
C LYS B 127 -21.04 -51.08 26.10
N SER B 128 -21.31 -51.09 24.79
CA SER B 128 -22.69 -51.21 24.32
C SER B 128 -23.35 -52.49 24.78
N LYS B 129 -22.58 -53.47 25.24
CA LYS B 129 -23.16 -54.73 25.68
C LYS B 129 -23.85 -54.60 27.03
N ASP B 130 -23.55 -53.55 27.79
CA ASP B 130 -24.20 -53.33 29.08
C ASP B 130 -24.86 -51.94 29.14
N TRP B 131 -25.34 -51.45 28.01
CA TRP B 131 -25.94 -50.14 27.92
C TRP B 131 -27.43 -50.29 27.62
N THR B 132 -28.25 -49.57 28.38
CA THR B 132 -29.70 -49.65 28.24
C THR B 132 -30.29 -48.49 27.45
N GLY B 133 -29.49 -47.49 27.11
CA GLY B 133 -29.99 -46.25 26.57
C GLY B 133 -30.13 -45.14 27.58
N SER B 134 -30.04 -45.47 28.88
CA SER B 134 -30.10 -44.46 29.92
C SER B 134 -28.89 -44.53 30.84
N ALA B 135 -28.55 -45.72 31.32
CA ALA B 135 -27.42 -45.89 32.23
C ALA B 135 -26.79 -47.25 32.01
N PHE B 136 -25.75 -47.52 32.80
CA PHE B 136 -25.03 -48.78 32.76
C PHE B 136 -25.66 -49.78 33.74
N ILE B 137 -25.62 -51.06 33.37
CA ILE B 137 -26.13 -52.14 34.21
C ILE B 137 -25.12 -53.28 34.22
N GLY B 138 -25.38 -54.26 35.08
CA GLY B 138 -24.55 -55.44 35.16
C GLY B 138 -23.18 -55.17 35.75
N ASP B 139 -22.19 -55.90 35.25
CA ASP B 139 -20.82 -55.74 35.72
C ASP B 139 -20.34 -54.31 35.52
N LEU B 140 -20.49 -53.80 34.31
CA LEU B 140 -20.14 -52.41 34.03
C LEU B 140 -20.96 -51.46 34.89
N GLY B 141 -22.19 -51.84 35.24
CA GLY B 141 -22.99 -50.99 36.11
C GLY B 141 -22.39 -50.89 37.50
N ASP B 142 -21.98 -52.02 38.07
CA ASP B 142 -21.31 -52.00 39.36
C ASP B 142 -20.01 -51.21 39.30
N GLN B 143 -19.25 -51.40 38.23
CA GLN B 143 -18.01 -50.65 38.06
C GLN B 143 -18.27 -49.14 38.05
N ALA B 144 -19.28 -48.73 37.27
CA ALA B 144 -19.62 -47.32 37.17
C ALA B 144 -20.08 -46.75 38.50
N THR B 145 -20.93 -47.51 39.21
CA THR B 145 -21.46 -46.99 40.47
C THR B 145 -20.36 -46.88 41.52
N HIS B 146 -19.46 -47.86 41.58
CA HIS B 146 -18.35 -47.77 42.53
C HIS B 146 -17.44 -46.59 42.19
N ALA B 147 -17.12 -46.41 40.91
CA ALA B 147 -16.31 -45.27 40.50
C ALA B 147 -16.99 -43.96 40.86
N ASN B 148 -18.30 -43.87 40.66
CA ASN B 148 -19.01 -42.62 40.96
C ASN B 148 -19.01 -42.33 42.46
N ASN B 149 -19.28 -43.35 43.27
CA ASN B 149 -19.27 -43.16 44.71
C ASN B 149 -17.88 -42.77 45.22
N MET B 150 -16.83 -43.38 44.65
CA MET B 150 -15.48 -42.99 45.02
C MET B 150 -15.15 -41.59 44.55
N TYR B 151 -15.71 -41.16 43.42
CA TYR B 151 -15.53 -39.79 42.98
C TYR B 151 -16.15 -38.81 43.97
N GLU B 152 -17.42 -39.02 44.30
CA GLU B 152 -18.11 -38.12 45.22
C GLU B 152 -17.47 -38.08 46.60
N MET B 153 -16.90 -39.20 47.05
CA MET B 153 -16.28 -39.25 48.37
C MET B 153 -14.88 -38.65 48.40
N GLY B 154 -14.33 -38.27 47.25
CA GLY B 154 -12.98 -37.75 47.24
C GLY B 154 -11.93 -38.77 47.60
N LYS B 155 -12.20 -40.05 47.36
CA LYS B 155 -11.27 -41.13 47.64
C LYS B 155 -10.52 -41.51 46.38
N SER B 156 -9.27 -41.93 46.56
CA SER B 156 -8.42 -42.25 45.43
C SER B 156 -8.67 -43.66 44.92
N MET B 157 -8.55 -43.82 43.60
CA MET B 157 -8.55 -45.11 42.95
C MET B 157 -7.39 -45.14 41.97
N ARG B 158 -6.73 -46.27 41.88
CA ARG B 158 -5.60 -46.26 40.96
C ARG B 158 -6.05 -46.75 39.59
N PRO B 159 -5.79 -46.01 38.52
CA PRO B 159 -6.25 -46.45 37.20
C PRO B 159 -5.43 -47.62 36.69
N ILE B 160 -6.09 -48.47 35.93
CA ILE B 160 -5.45 -49.62 35.28
C ILE B 160 -5.63 -49.45 33.78
N TYR B 161 -4.54 -49.15 33.08
CA TYR B 161 -4.58 -49.01 31.63
C TYR B 161 -4.28 -50.34 30.96
N THR B 162 -4.84 -50.50 29.76
CA THR B 162 -4.68 -51.71 28.98
C THR B 162 -3.96 -51.38 27.67
N ALA B 163 -2.87 -52.09 27.42
CA ALA B 163 -2.09 -51.81 26.22
C ALA B 163 -2.68 -52.54 25.03
N ALA B 164 -2.58 -51.92 23.86
CA ALA B 164 -3.04 -52.54 22.63
C ALA B 164 -2.24 -51.98 21.47
N LEU B 165 -2.47 -52.52 20.28
CA LEU B 165 -1.80 -52.05 19.08
C LEU B 165 -2.85 -51.52 18.12
N LYS B 166 -2.50 -50.46 17.40
CA LYS B 166 -3.48 -49.72 16.61
C LYS B 166 -3.63 -50.35 15.22
N ASP B 167 -4.87 -50.67 14.87
CA ASP B 167 -5.17 -51.16 13.54
C ASP B 167 -5.38 -49.97 12.62
N GLU B 168 -4.52 -49.83 11.62
CA GLU B 168 -4.57 -48.70 10.71
C GLU B 168 -3.73 -49.03 9.49
N LEU B 169 -3.90 -48.23 8.44
CA LEU B 169 -3.08 -48.38 7.25
C LEU B 169 -1.71 -47.78 7.51
N VAL B 170 -0.66 -48.56 7.23
CA VAL B 170 0.71 -48.15 7.47
C VAL B 170 1.50 -48.25 6.18
N LYS B 171 2.62 -47.54 6.16
CA LYS B 171 3.51 -47.58 5.01
C LYS B 171 4.02 -49.02 4.83
N PRO B 172 4.17 -49.48 3.58
CA PRO B 172 4.52 -50.90 3.39
C PRO B 172 5.82 -51.31 4.05
N ASP B 173 6.76 -50.37 4.22
CA ASP B 173 8.01 -50.68 4.91
C ASP B 173 7.75 -51.15 6.33
N LYS B 174 6.63 -50.75 6.92
CA LYS B 174 6.27 -51.14 8.28
C LYS B 174 5.67 -52.54 8.35
N ILE B 175 5.65 -53.28 7.24
CA ILE B 175 5.15 -54.65 7.20
C ILE B 175 6.21 -55.60 6.67
N TYR B 176 6.79 -55.29 5.51
CA TYR B 176 7.76 -56.16 4.88
C TYR B 176 9.20 -55.82 5.27
N GLY B 177 9.42 -54.68 5.91
CA GLY B 177 10.72 -54.37 6.49
C GLY B 177 10.70 -54.47 7.99
N LYS B 178 11.19 -53.44 8.67
CA LYS B 178 11.13 -53.41 10.13
C LYS B 178 9.68 -53.23 10.57
N ILE B 179 9.12 -54.25 11.20
CA ILE B 179 7.70 -54.26 11.55
C ILE B 179 7.47 -53.37 12.75
N LYS B 180 6.51 -52.45 12.63
CA LYS B 180 6.14 -51.54 13.71
C LYS B 180 4.63 -51.39 13.73
N LYS B 181 4.08 -51.26 14.93
CA LYS B 181 2.64 -51.09 15.12
C LYS B 181 2.41 -50.16 16.30
N ARG B 182 1.57 -49.15 16.11
CA ARG B 182 1.46 -48.08 17.10
C ARG B 182 0.80 -48.58 18.37
N LEU B 183 1.28 -48.07 19.51
CA LEU B 183 0.79 -48.48 20.82
C LEU B 183 -0.39 -47.61 21.23
N LEU B 184 -1.47 -48.25 21.67
CA LEU B 184 -2.67 -47.57 22.14
C LEU B 184 -2.87 -47.86 23.62
N TRP B 185 -3.31 -46.84 24.35
CA TRP B 185 -3.66 -46.95 25.75
C TRP B 185 -5.17 -46.93 25.86
N GLY B 186 -5.75 -48.02 26.38
CA GLY B 186 -7.15 -48.05 26.71
C GLY B 186 -7.31 -47.84 28.20
N SER B 187 -8.42 -47.22 28.59
CA SER B 187 -8.67 -46.92 29.98
C SER B 187 -9.84 -47.75 30.48
N ASP B 188 -9.94 -47.85 31.80
CA ASP B 188 -11.00 -48.61 32.43
C ASP B 188 -12.22 -47.73 32.67
N LEU B 189 -13.40 -48.36 32.67
CA LEU B 189 -14.64 -47.60 32.72
C LEU B 189 -14.71 -46.71 33.95
N GLY B 190 -14.19 -47.18 35.09
CA GLY B 190 -14.21 -46.37 36.29
C GLY B 190 -13.42 -45.09 36.14
N THR B 191 -12.21 -45.20 35.62
CA THR B 191 -11.38 -44.01 35.42
C THR B 191 -11.96 -43.12 34.33
N MET B 192 -12.55 -43.72 33.29
CA MET B 192 -13.22 -42.93 32.27
C MET B 192 -14.34 -42.09 32.88
N ILE B 193 -15.17 -42.69 33.72
CA ILE B 193 -16.29 -41.97 34.32
C ILE B 193 -15.79 -40.91 35.28
N ARG B 194 -14.77 -41.23 36.09
CA ARG B 194 -14.24 -40.23 37.00
C ARG B 194 -13.70 -39.02 36.24
N ALA B 195 -12.90 -39.28 35.21
CA ALA B 195 -12.33 -38.20 34.42
C ALA B 195 -13.42 -37.42 33.70
N ALA B 196 -14.48 -38.11 33.26
CA ALA B 196 -15.60 -37.42 32.64
C ALA B 196 -16.26 -36.46 33.62
N ARG B 197 -16.74 -36.98 34.75
CA ARG B 197 -17.36 -36.12 35.76
C ARG B 197 -16.45 -34.96 36.16
N ALA B 198 -15.13 -35.19 36.18
CA ALA B 198 -14.23 -34.15 36.64
C ALA B 198 -14.02 -33.06 35.59
N PHE B 199 -13.67 -33.45 34.36
CA PHE B 199 -13.18 -32.50 33.36
C PHE B 199 -14.08 -32.35 32.15
N GLY B 200 -15.30 -32.87 32.17
CA GLY B 200 -16.25 -32.64 31.10
C GLY B 200 -16.62 -31.18 30.93
N PRO B 201 -16.94 -30.49 32.04
CA PRO B 201 -17.18 -29.05 31.94
C PRO B 201 -16.02 -28.30 31.30
N PHE B 202 -14.79 -28.60 31.74
CA PHE B 202 -13.62 -27.92 31.20
C PHE B 202 -13.47 -28.17 29.70
N CYS B 203 -13.61 -29.43 29.28
CA CYS B 203 -13.44 -29.76 27.87
C CYS B 203 -14.54 -29.14 27.02
N ASP B 204 -15.77 -29.12 27.53
CA ASP B 204 -16.85 -28.52 26.76
C ASP B 204 -16.68 -27.01 26.64
N ALA B 205 -16.36 -26.34 27.75
CA ALA B 205 -16.11 -24.91 27.70
C ALA B 205 -14.93 -24.56 26.81
N LEU B 206 -13.91 -25.42 26.78
CA LEU B 206 -12.79 -25.21 25.88
C LEU B 206 -13.19 -25.42 24.42
N LYS B 207 -14.12 -26.35 24.17
CA LYS B 207 -14.59 -26.56 22.82
C LYS B 207 -15.43 -25.38 22.34
N GLU B 208 -16.16 -24.74 23.26
CA GLU B 208 -16.95 -23.57 22.88
C GLU B 208 -16.05 -22.43 22.39
N THR B 209 -14.79 -22.41 22.83
CA THR B 209 -13.84 -21.39 22.41
C THR B 209 -12.70 -21.99 21.60
N CYS B 210 -13.01 -22.98 20.77
CA CYS B 210 -11.97 -23.62 19.96
C CYS B 210 -11.35 -22.66 18.94
N ILE B 211 -11.98 -21.52 18.69
CA ILE B 211 -11.47 -20.53 17.74
C ILE B 211 -10.64 -19.46 18.42
N PHE B 212 -11.03 -19.04 19.63
CA PHE B 212 -10.35 -17.96 20.33
C PHE B 212 -9.18 -18.45 21.15
N ASN B 213 -8.99 -19.76 21.28
CA ASN B 213 -7.92 -20.34 22.05
C ASN B 213 -7.18 -21.37 21.23
N PRO B 214 -5.87 -21.49 21.42
CA PRO B 214 -5.06 -22.37 20.55
C PRO B 214 -5.41 -23.84 20.64
N ILE B 215 -6.13 -24.26 21.68
CA ILE B 215 -6.51 -25.66 21.79
C ILE B 215 -7.71 -25.94 20.89
N ARG B 216 -7.44 -26.41 19.66
CA ARG B 216 -8.46 -26.58 18.64
C ARG B 216 -9.20 -27.90 18.73
N VAL B 217 -9.25 -28.56 19.88
CA VAL B 217 -9.88 -29.87 19.95
C VAL B 217 -11.39 -29.69 19.86
N GLY B 218 -12.00 -30.31 18.84
CA GLY B 218 -13.43 -30.21 18.62
C GLY B 218 -13.82 -29.33 17.46
N MET B 219 -12.87 -28.72 16.78
CA MET B 219 -13.16 -27.82 15.67
C MET B 219 -13.69 -28.59 14.47
N SER B 220 -14.36 -27.86 13.59
CA SER B 220 -14.83 -28.39 12.32
C SER B 220 -14.00 -27.76 11.21
N MET B 221 -13.27 -28.60 10.47
CA MET B 221 -12.33 -28.10 9.48
C MET B 221 -13.03 -27.31 8.38
N ASN B 222 -14.21 -27.77 7.95
CA ASN B 222 -14.87 -27.13 6.81
C ASN B 222 -15.52 -25.81 7.19
N GLU B 223 -16.02 -25.68 8.41
CA GLU B 223 -16.67 -24.46 8.87
C GLU B 223 -15.71 -23.54 9.61
N ASP B 224 -15.03 -24.05 10.63
CA ASP B 224 -14.22 -23.22 11.50
C ASP B 224 -12.76 -23.16 11.06
N GLY B 225 -12.34 -24.03 10.15
CA GLY B 225 -10.99 -24.04 9.64
C GLY B 225 -10.56 -22.71 9.03
N PRO B 226 -11.32 -22.23 8.03
CA PRO B 226 -10.93 -20.97 7.36
C PRO B 226 -10.73 -19.81 8.32
N PHE B 227 -11.53 -19.71 9.37
CA PHE B 227 -11.36 -18.64 10.34
C PHE B 227 -10.04 -18.80 11.09
N ILE B 228 -9.76 -20.02 11.56
CA ILE B 228 -8.50 -20.29 12.26
C ILE B 228 -7.31 -19.95 11.37
N PHE B 229 -7.41 -20.29 10.09
CA PHE B 229 -6.28 -20.08 9.19
C PHE B 229 -6.12 -18.61 8.82
N ALA B 230 -7.21 -17.85 8.75
CA ALA B 230 -7.09 -16.41 8.58
C ALA B 230 -6.42 -15.78 9.80
N ARG B 231 -6.82 -16.25 10.99
CA ARG B 231 -6.22 -15.76 12.23
C ARG B 231 -4.71 -16.02 12.23
N HIS B 232 -4.32 -17.22 11.81
CA HIS B 232 -2.91 -17.54 11.69
C HIS B 232 -2.22 -16.64 10.66
N ALA B 233 -2.84 -16.47 9.49
CA ALA B 233 -2.24 -15.71 8.40
C ALA B 233 -2.14 -14.23 8.69
N ASN B 234 -2.78 -13.75 9.76
CA ASN B 234 -2.56 -12.36 10.18
C ASN B 234 -1.11 -12.10 10.62
N PHE B 235 -0.27 -13.13 10.65
CA PHE B 235 1.05 -13.05 11.26
C PHE B 235 2.15 -13.27 10.23
N ARG B 236 3.37 -12.90 10.63
CA ARG B 236 4.49 -12.82 9.69
C ARG B 236 5.14 -14.17 9.43
N TYR B 237 5.51 -14.89 10.48
CA TYR B 237 6.28 -16.12 10.35
C TYR B 237 5.45 -17.32 10.78
N HIS B 238 5.70 -18.47 10.16
CA HIS B 238 4.91 -19.66 10.40
C HIS B 238 5.82 -20.88 10.46
N MET B 239 5.48 -21.82 11.34
CA MET B 239 6.28 -23.02 11.51
C MET B 239 5.41 -24.18 11.99
N ASP B 240 5.94 -25.40 11.78
CA ASP B 240 5.36 -26.63 12.28
C ASP B 240 6.52 -27.55 12.63
N ALA B 241 6.67 -27.88 13.91
CA ALA B 241 7.83 -28.65 14.34
C ALA B 241 7.76 -30.12 13.92
N ASP B 242 6.55 -30.67 13.84
CA ASP B 242 6.34 -32.08 13.45
C ASP B 242 7.18 -33.02 14.31
N TYR B 243 6.73 -33.18 15.55
CA TYR B 243 7.46 -33.97 16.53
C TYR B 243 7.30 -35.46 16.26
N THR B 244 8.35 -36.21 16.58
CA THR B 244 8.36 -37.67 16.51
C THR B 244 8.37 -38.23 17.92
N ARG B 245 7.46 -39.18 18.18
CA ARG B 245 7.24 -39.73 19.51
C ARG B 245 6.99 -38.60 20.53
N TRP B 246 5.85 -37.95 20.35
CA TRP B 246 5.48 -36.85 21.24
C TRP B 246 5.07 -37.37 22.61
N ASP B 247 4.26 -38.42 22.64
CA ASP B 247 3.68 -38.89 23.90
C ASP B 247 4.69 -39.66 24.74
N SER B 248 5.60 -40.40 24.10
CA SER B 248 6.60 -41.16 24.85
C SER B 248 7.63 -40.25 25.50
N THR B 249 7.85 -39.07 24.94
CA THR B 249 8.93 -38.18 25.36
C THR B 249 8.49 -37.13 26.37
N GLN B 250 7.24 -37.14 26.78
CA GLN B 250 6.74 -36.13 27.69
C GLN B 250 7.25 -36.35 29.11
N GLN B 251 7.32 -35.27 29.86
CA GLN B 251 7.71 -35.28 31.26
C GLN B 251 6.47 -35.07 32.11
N ARG B 252 6.33 -35.87 33.18
CA ARG B 252 5.14 -35.79 34.00
C ARG B 252 4.97 -34.45 34.68
N ALA B 253 6.04 -33.67 34.82
CA ALA B 253 5.92 -32.35 35.46
C ALA B 253 5.10 -31.39 34.61
N ILE B 254 5.32 -31.38 33.29
CA ILE B 254 4.54 -30.51 32.42
C ILE B 254 3.07 -30.89 32.45
N LEU B 255 2.79 -32.20 32.40
CA LEU B 255 1.42 -32.66 32.52
C LEU B 255 0.84 -32.32 33.89
N LYS B 256 1.67 -32.28 34.92
CA LYS B 256 1.16 -31.90 36.24
C LYS B 256 0.77 -30.43 36.27
N ARG B 257 1.56 -29.57 35.63
CA ARG B 257 1.18 -28.16 35.52
C ARG B 257 -0.12 -28.01 34.73
N ALA B 258 -0.22 -28.71 33.59
CA ALA B 258 -1.43 -28.64 32.78
C ALA B 258 -2.65 -29.13 33.57
N GLY B 259 -2.50 -30.23 34.30
CA GLY B 259 -3.60 -30.74 35.10
C GLY B 259 -3.95 -29.83 36.26
N ASP B 260 -2.97 -29.16 36.84
CA ASP B 260 -3.26 -28.15 37.85
C ASP B 260 -4.11 -27.03 37.27
N ILE B 261 -3.78 -26.59 36.05
CA ILE B 261 -4.60 -25.59 35.38
C ILE B 261 -6.02 -26.12 35.20
N MET B 262 -6.14 -27.34 34.68
CA MET B 262 -7.46 -27.94 34.42
C MET B 262 -8.27 -28.07 35.70
N VAL B 263 -7.61 -28.37 36.82
CA VAL B 263 -8.31 -28.51 38.09
C VAL B 263 -8.75 -27.15 38.60
N ARG B 264 -7.84 -26.17 38.54
CA ARG B 264 -8.16 -24.83 39.04
C ARG B 264 -9.28 -24.20 38.23
N LEU B 265 -9.47 -24.65 36.99
CA LEU B 265 -10.52 -24.13 36.13
C LEU B 265 -11.78 -24.99 36.13
N SER B 266 -11.81 -26.02 36.97
CA SER B 266 -12.95 -26.93 37.02
C SER B 266 -13.92 -26.53 38.12
N PRO B 267 -15.22 -26.83 37.95
CA PRO B 267 -16.20 -26.38 38.94
C PRO B 267 -16.13 -27.13 40.26
N GLU B 268 -15.56 -28.33 40.29
CA GLU B 268 -15.38 -29.11 41.51
C GLU B 268 -13.89 -29.40 41.67
N PRO B 269 -13.12 -28.42 42.16
CA PRO B 269 -11.66 -28.55 42.10
C PRO B 269 -11.07 -29.64 42.98
N ASP B 270 -11.67 -29.93 44.14
CA ASP B 270 -11.07 -30.95 45.01
C ASP B 270 -11.24 -32.34 44.43
N LEU B 271 -12.41 -32.64 43.87
CA LEU B 271 -12.63 -33.95 43.28
C LEU B 271 -11.79 -34.13 42.03
N ALA B 272 -11.70 -33.09 41.20
CA ALA B 272 -10.84 -33.15 40.03
C ALA B 272 -9.38 -33.24 40.43
N ARG B 273 -9.02 -32.64 41.57
CA ARG B 273 -7.67 -32.77 42.09
C ARG B 273 -7.35 -34.23 42.40
N VAL B 274 -8.28 -34.91 43.08
CA VAL B 274 -8.07 -36.32 43.40
C VAL B 274 -7.96 -37.14 42.12
N VAL B 275 -8.84 -36.89 41.16
CA VAL B 275 -8.83 -37.68 39.93
C VAL B 275 -7.57 -37.43 39.12
N MET B 276 -7.11 -36.18 39.08
CA MET B 276 -5.88 -35.87 38.34
C MET B 276 -4.66 -36.47 39.03
N ASP B 277 -4.61 -36.40 40.36
CA ASP B 277 -3.52 -37.06 41.08
C ASP B 277 -3.49 -38.56 40.80
N ASP B 278 -4.67 -39.17 40.65
CA ASP B 278 -4.70 -40.59 40.29
C ASP B 278 -4.25 -40.81 38.84
N LEU B 279 -4.59 -39.87 37.95
CA LEU B 279 -4.26 -40.03 36.54
C LEU B 279 -2.77 -39.88 36.30
N LEU B 280 -2.13 -38.93 36.96
CA LEU B 280 -0.75 -38.59 36.70
C LEU B 280 0.24 -39.37 37.56
N ALA B 281 -0.24 -40.19 38.49
CA ALA B 281 0.62 -41.06 39.25
C ALA B 281 1.24 -42.10 38.31
N PRO B 282 2.30 -42.79 38.75
CA PRO B 282 2.86 -43.89 37.95
C PRO B 282 1.79 -44.87 37.50
N SER B 283 1.66 -45.04 36.19
CA SER B 283 0.52 -45.72 35.60
C SER B 283 0.77 -47.22 35.47
N LEU B 284 -0.29 -48.00 35.60
CA LEU B 284 -0.23 -49.45 35.50
C LEU B 284 -0.74 -49.86 34.13
N LEU B 285 0.17 -50.23 33.24
CA LEU B 285 -0.16 -50.64 31.88
C LEU B 285 -0.15 -52.15 31.81
N ASP B 286 -1.23 -52.72 31.27
CA ASP B 286 -1.41 -54.17 31.17
C ASP B 286 -0.99 -54.61 29.78
N VAL B 287 0.17 -55.27 29.70
CA VAL B 287 0.74 -55.68 28.42
C VAL B 287 0.32 -57.11 28.11
N GLY B 288 -0.63 -57.64 28.89
CA GLY B 288 -1.13 -58.97 28.65
C GLY B 288 -0.57 -59.99 29.63
N ASP B 289 0.75 -60.09 29.69
CA ASP B 289 1.38 -61.00 30.65
C ASP B 289 1.46 -60.37 32.03
N TYR B 290 1.96 -59.14 32.12
CA TYR B 290 2.13 -58.47 33.38
C TYR B 290 1.47 -57.10 33.34
N LYS B 291 1.28 -56.54 34.54
CA LYS B 291 0.94 -55.14 34.71
C LYS B 291 2.20 -54.41 35.16
N ILE B 292 2.70 -53.51 34.31
CA ILE B 292 3.96 -52.81 34.53
C ILE B 292 3.69 -51.38 34.95
N VAL B 293 4.72 -50.74 35.51
CA VAL B 293 4.63 -49.39 36.05
C VAL B 293 5.40 -48.45 35.13
N VAL B 294 4.67 -47.54 34.49
CA VAL B 294 5.24 -46.51 33.63
C VAL B 294 5.22 -45.20 34.40
N GLU B 295 6.39 -44.69 34.74
CA GLU B 295 6.49 -43.49 35.56
C GLU B 295 6.42 -42.20 34.75
N GLU B 296 6.83 -42.23 33.49
CA GLU B 296 6.87 -41.04 32.64
C GLU B 296 6.05 -41.28 31.38
N GLY B 297 6.03 -40.28 30.51
CA GLY B 297 5.22 -40.35 29.30
C GLY B 297 3.81 -39.87 29.54
N LEU B 298 3.00 -40.00 28.49
CA LEU B 298 1.60 -39.59 28.53
C LEU B 298 0.70 -40.81 28.52
N PRO B 299 -0.14 -40.99 29.53
CA PRO B 299 -1.14 -42.08 29.47
C PRO B 299 -2.31 -41.67 28.59
N SER B 300 -2.27 -42.06 27.32
CA SER B 300 -3.20 -41.54 26.32
C SER B 300 -4.45 -42.42 26.21
N GLY B 301 -5.07 -42.70 27.35
CA GLY B 301 -6.23 -43.55 27.36
C GLY B 301 -7.51 -42.84 27.79
N CYS B 302 -7.36 -41.80 28.59
CA CYS B 302 -8.51 -41.13 29.17
C CYS B 302 -9.21 -40.26 28.14
N PRO B 303 -10.49 -39.95 28.36
CA PRO B 303 -11.23 -39.15 27.37
C PRO B 303 -10.72 -37.73 27.26
N CYS B 304 -10.26 -37.14 28.35
CA CYS B 304 -9.75 -35.78 28.37
C CYS B 304 -8.28 -35.68 28.00
N THR B 305 -7.64 -36.81 27.65
CA THR B 305 -6.20 -36.80 27.42
C THR B 305 -5.80 -35.88 26.27
N THR B 306 -6.70 -35.66 25.30
CA THR B 306 -6.35 -34.80 24.17
C THR B 306 -6.21 -33.34 24.62
N GLN B 307 -7.15 -32.85 25.42
CA GLN B 307 -7.05 -31.49 25.94
C GLN B 307 -5.80 -31.32 26.80
N LEU B 308 -5.55 -32.28 27.69
CA LEU B 308 -4.37 -32.22 28.54
C LEU B 308 -3.09 -32.19 27.71
N ASN B 309 -2.97 -33.09 26.75
CA ASN B 309 -1.81 -33.11 25.87
C ASN B 309 -1.65 -31.79 25.13
N SER B 310 -2.75 -31.23 24.63
CA SER B 310 -2.67 -29.95 23.91
C SER B 310 -2.19 -28.84 24.83
N LEU B 311 -2.67 -28.82 26.07
CA LEU B 311 -2.22 -27.84 27.04
C LEU B 311 -0.73 -28.00 27.33
N ALA B 312 -0.27 -29.24 27.46
CA ALA B 312 1.16 -29.49 27.67
C ALA B 312 1.98 -28.98 26.49
N HIS B 313 1.52 -29.23 25.27
CA HIS B 313 2.18 -28.72 24.09
C HIS B 313 2.25 -27.20 24.12
N TRP B 314 1.14 -26.55 24.49
CA TRP B 314 1.11 -25.10 24.63
C TRP B 314 2.17 -24.63 25.61
N ILE B 315 2.20 -25.25 26.79
CA ILE B 315 3.18 -24.88 27.81
C ILE B 315 4.58 -24.98 27.26
N LEU B 316 4.92 -26.12 26.65
CA LEU B 316 6.28 -26.33 26.15
C LEU B 316 6.65 -25.29 25.09
N THR B 317 5.76 -25.07 24.12
CA THR B 317 6.04 -24.10 23.06
C THR B 317 6.29 -22.71 23.64
N LEU B 318 5.38 -22.25 24.50
CA LEU B 318 5.55 -20.94 25.10
C LEU B 318 6.84 -20.85 25.89
N CYS B 319 7.17 -21.92 26.63
CA CYS B 319 8.41 -21.95 27.39
C CYS B 319 9.62 -21.76 26.48
N ALA B 320 9.64 -22.50 25.37
CA ALA B 320 10.75 -22.38 24.43
C ALA B 320 10.85 -20.95 23.89
N MET B 321 9.71 -20.35 23.53
CA MET B 321 9.76 -18.99 23.01
C MET B 321 10.20 -17.98 24.06
N VAL B 322 9.82 -18.18 25.32
CA VAL B 322 10.30 -17.26 26.36
C VAL B 322 11.78 -17.49 26.61
N GLU B 323 12.26 -18.71 26.39
CA GLU B 323 13.69 -18.98 26.55
C GLU B 323 14.51 -18.39 25.41
N VAL B 324 13.92 -18.26 24.22
CA VAL B 324 14.64 -17.70 23.08
C VAL B 324 14.55 -16.18 23.05
N THR B 325 13.34 -15.63 23.22
CA THR B 325 13.13 -14.19 23.12
C THR B 325 13.43 -13.47 24.43
N ARG B 326 13.37 -14.19 25.55
CA ARG B 326 13.62 -13.65 26.89
C ARG B 326 12.61 -12.58 27.26
N VAL B 327 11.50 -12.50 26.54
CA VAL B 327 10.41 -11.61 26.90
C VAL B 327 9.30 -12.43 27.57
N ASP B 328 8.45 -11.73 28.31
CA ASP B 328 7.42 -12.39 29.09
C ASP B 328 6.43 -13.11 28.16
N PRO B 329 5.81 -14.20 28.63
CA PRO B 329 4.96 -15.00 27.75
C PRO B 329 3.78 -14.25 27.17
N ASP B 330 3.20 -13.29 27.91
CA ASP B 330 2.10 -12.51 27.36
C ASP B 330 2.51 -11.71 26.14
N ILE B 331 3.76 -11.24 26.09
CA ILE B 331 4.25 -10.52 24.91
C ILE B 331 4.25 -11.44 23.70
N VAL B 332 4.77 -12.66 23.88
CA VAL B 332 4.75 -13.64 22.80
C VAL B 332 3.31 -13.95 22.38
N MET B 333 2.44 -14.15 23.36
CA MET B 333 1.10 -14.65 23.10
C MET B 333 0.19 -13.60 22.48
N GLN B 334 0.48 -12.32 22.68
CA GLN B 334 -0.25 -11.28 21.98
C GLN B 334 0.33 -11.03 20.59
N GLU B 335 1.58 -11.44 20.36
CA GLU B 335 2.21 -11.36 19.05
C GLU B 335 2.23 -12.70 18.33
N SER B 336 1.41 -13.66 18.74
CA SER B 336 1.43 -14.97 18.13
C SER B 336 0.05 -15.58 18.12
N GLU B 337 -0.10 -16.60 17.27
CA GLU B 337 -1.30 -17.40 17.14
C GLU B 337 -0.87 -18.86 17.09
N PHE B 338 -1.36 -19.65 18.04
CA PHE B 338 -1.00 -21.05 18.14
C PHE B 338 -2.20 -21.91 17.76
N SER B 339 -1.91 -23.11 17.25
CA SER B 339 -2.92 -24.12 17.01
C SER B 339 -2.34 -25.44 17.48
N PHE B 340 -3.01 -26.07 18.45
CA PHE B 340 -2.52 -27.29 19.07
C PHE B 340 -3.61 -28.34 19.07
N TYR B 341 -3.27 -29.53 18.58
CA TYR B 341 -4.13 -30.71 18.63
C TYR B 341 -3.23 -31.88 19.03
N GLY B 342 -2.98 -32.01 20.33
CA GLY B 342 -2.09 -33.04 20.80
C GLY B 342 -0.67 -32.81 20.36
N ASP B 343 -0.14 -33.75 19.57
CA ASP B 343 1.19 -33.62 19.01
C ASP B 343 1.25 -32.71 17.80
N ASP B 344 0.10 -32.33 17.24
CA ASP B 344 0.09 -31.52 16.03
C ASP B 344 0.04 -30.05 16.39
N GLU B 345 0.82 -29.24 15.68
CA GLU B 345 0.90 -27.82 15.97
C GLU B 345 1.05 -27.02 14.69
N VAL B 346 0.59 -25.78 14.76
CA VAL B 346 0.91 -24.72 13.81
C VAL B 346 1.18 -23.47 14.62
N VAL B 347 2.37 -22.88 14.44
CA VAL B 347 2.76 -21.71 15.22
C VAL B 347 3.01 -20.55 14.28
N SER B 348 2.26 -19.47 14.45
CA SER B 348 2.46 -18.24 13.70
C SER B 348 2.86 -17.15 14.67
N THR B 349 3.87 -16.37 14.32
CA THR B 349 4.38 -15.37 15.24
C THR B 349 5.02 -14.22 14.46
N ASN B 350 5.01 -13.04 15.07
CA ASN B 350 5.67 -11.87 14.52
C ASN B 350 7.08 -11.66 15.08
N LEU B 351 7.44 -12.35 16.16
CA LEU B 351 8.76 -12.18 16.74
C LEU B 351 9.82 -12.84 15.87
N GLU B 352 10.95 -12.17 15.73
CA GLU B 352 12.11 -12.76 15.05
C GLU B 352 12.70 -13.84 15.94
N LEU B 353 12.44 -15.09 15.60
CA LEU B 353 12.80 -16.23 16.43
C LEU B 353 14.07 -16.86 15.89
N ASP B 354 15.09 -16.96 16.75
CA ASP B 354 16.32 -17.66 16.41
C ASP B 354 16.02 -19.16 16.40
N MET B 355 15.78 -19.70 15.20
CA MET B 355 15.36 -21.10 15.10
C MET B 355 16.44 -22.06 15.57
N VAL B 356 17.71 -21.65 15.53
CA VAL B 356 18.78 -22.48 16.08
C VAL B 356 18.56 -22.71 17.56
N LYS B 357 18.47 -21.62 18.33
CA LYS B 357 18.26 -21.75 19.77
C LYS B 357 16.89 -22.31 20.09
N TYR B 358 15.89 -22.04 19.26
CA TYR B 358 14.57 -22.61 19.48
C TYR B 358 14.61 -24.12 19.39
N THR B 359 15.21 -24.65 18.32
CA THR B 359 15.34 -26.11 18.18
C THR B 359 16.22 -26.67 19.28
N MET B 360 17.26 -25.94 19.69
CA MET B 360 18.12 -26.41 20.77
C MET B 360 17.34 -26.55 22.07
N ALA B 361 16.51 -25.55 22.40
CA ALA B 361 15.71 -25.62 23.61
C ALA B 361 14.66 -26.71 23.52
N LEU B 362 14.08 -26.92 22.35
CA LEU B 362 13.10 -27.98 22.18
C LEU B 362 13.73 -29.35 22.40
N ARG B 363 14.89 -29.59 21.77
CA ARG B 363 15.58 -30.86 21.94
C ARG B 363 16.10 -31.04 23.36
N ARG B 364 16.44 -29.93 24.02
CA ARG B 364 16.86 -29.98 25.41
C ARG B 364 15.75 -30.47 26.34
N TYR B 365 14.50 -30.20 25.99
CA TYR B 365 13.36 -30.61 26.81
C TYR B 365 13.01 -32.08 26.65
N GLY B 366 13.74 -32.82 25.82
CA GLY B 366 13.43 -34.20 25.55
C GLY B 366 12.60 -34.43 24.32
N LEU B 367 12.13 -33.36 23.68
CA LEU B 367 11.31 -33.47 22.49
C LEU B 367 12.18 -33.81 21.28
N LEU B 368 11.52 -34.20 20.19
CA LEU B 368 12.20 -34.69 18.99
C LEU B 368 11.66 -33.97 17.77
N PRO B 369 11.96 -32.67 17.63
CA PRO B 369 11.50 -31.96 16.44
C PRO B 369 12.29 -32.38 15.21
N THR B 370 11.59 -32.50 14.09
CA THR B 370 12.19 -33.00 12.87
C THR B 370 11.92 -32.03 11.72
N ARG B 371 12.94 -31.82 10.89
CA ARG B 371 12.73 -31.08 9.66
C ARG B 371 11.95 -31.94 8.67
N ALA B 372 11.42 -31.29 7.63
CA ALA B 372 10.67 -32.04 6.62
C ALA B 372 11.59 -32.97 5.83
N ASP B 373 12.84 -32.56 5.61
CA ASP B 373 13.82 -33.40 4.93
C ASP B 373 14.47 -34.44 5.83
N LYS B 374 14.06 -34.52 7.10
CA LYS B 374 14.55 -35.53 8.05
C LYS B 374 16.06 -35.46 8.25
N GLU B 375 16.67 -34.32 7.94
CA GLU B 375 18.08 -34.10 8.16
C GLU B 375 18.30 -33.26 9.42
N GLU B 376 19.49 -33.38 9.98
CA GLU B 376 19.81 -32.63 11.20
C GLU B 376 19.96 -31.14 10.87
N GLY B 377 19.72 -30.32 11.88
CA GLY B 377 19.81 -28.89 11.76
C GLY B 377 18.63 -28.19 12.41
N PRO B 378 18.58 -26.88 12.28
CA PRO B 378 17.52 -26.11 12.93
C PRO B 378 16.19 -26.22 12.19
N LEU B 379 15.13 -25.85 12.89
CA LEU B 379 13.80 -25.85 12.29
C LEU B 379 13.67 -24.71 11.30
N GLU B 380 12.81 -24.90 10.30
CA GLU B 380 12.57 -23.90 9.27
C GLU B 380 11.38 -23.04 9.65
N ARG B 381 11.49 -21.74 9.37
CA ARG B 381 10.39 -20.80 9.52
C ARG B 381 10.14 -20.12 8.18
N ARG B 382 8.87 -20.06 7.80
CA ARG B 382 8.46 -19.50 6.52
C ARG B 382 7.64 -18.24 6.74
N GLN B 383 7.57 -17.41 5.70
CA GLN B 383 6.85 -16.15 5.77
C GLN B 383 5.41 -16.26 5.27
N THR B 384 4.96 -17.46 4.93
CA THR B 384 3.59 -17.69 4.52
C THR B 384 3.09 -19.00 5.12
N LEU B 385 1.80 -19.03 5.44
CA LEU B 385 1.17 -20.22 6.01
C LEU B 385 0.88 -21.30 4.97
N GLN B 386 0.96 -20.98 3.68
CA GLN B 386 0.58 -21.94 2.66
C GLN B 386 1.57 -23.09 2.62
N GLY B 387 1.03 -24.32 2.57
CA GLY B 387 1.82 -25.53 2.54
C GLY B 387 1.90 -26.25 3.86
N ILE B 388 1.67 -25.55 4.97
CA ILE B 388 1.74 -26.17 6.29
C ILE B 388 0.63 -27.20 6.43
N SER B 389 0.90 -28.24 7.22
CA SER B 389 -0.02 -29.36 7.40
C SER B 389 -0.62 -29.33 8.80
N PHE B 390 -1.91 -29.59 8.88
CA PHE B 390 -2.61 -29.66 10.16
C PHE B 390 -3.78 -30.62 10.02
N LEU B 391 -3.85 -31.59 10.93
CA LEU B 391 -4.88 -32.64 10.89
C LEU B 391 -4.88 -33.35 9.54
N ARG B 392 -3.68 -33.76 9.10
CA ARG B 392 -3.42 -34.45 7.85
C ARG B 392 -3.88 -33.65 6.63
N ARG B 393 -4.20 -32.38 6.80
CA ARG B 393 -4.60 -31.53 5.69
C ARG B 393 -3.57 -30.43 5.48
N ALA B 394 -3.50 -29.94 4.25
CA ALA B 394 -2.63 -28.84 3.88
C ALA B 394 -3.41 -27.54 3.86
N ILE B 395 -2.76 -26.48 4.35
CA ILE B 395 -3.36 -25.16 4.42
C ILE B 395 -3.13 -24.44 3.09
N VAL B 396 -4.22 -24.10 2.40
CA VAL B 396 -4.17 -23.45 1.11
C VAL B 396 -5.04 -22.21 1.19
N GLY B 397 -4.77 -21.26 0.31
CA GLY B 397 -5.55 -20.03 0.27
C GLY B 397 -5.76 -19.57 -1.16
N ASP B 398 -6.92 -18.97 -1.39
CA ASP B 398 -7.26 -18.46 -2.71
C ASP B 398 -8.13 -17.22 -2.55
N GLN B 399 -8.73 -16.78 -3.66
CA GLN B 399 -9.55 -15.58 -3.65
C GLN B 399 -10.76 -15.71 -2.75
N PHE B 400 -11.15 -16.92 -2.40
CA PHE B 400 -12.30 -17.12 -1.53
C PHE B 400 -11.90 -17.21 -0.07
N GLY B 401 -10.62 -17.38 0.24
CA GLY B 401 -10.17 -17.49 1.60
C GLY B 401 -9.26 -18.69 1.78
N TRP B 402 -8.97 -19.00 3.03
CA TRP B 402 -8.14 -20.13 3.38
C TRP B 402 -8.99 -21.37 3.60
N TYR B 403 -8.35 -22.53 3.49
CA TYR B 403 -9.02 -23.80 3.72
C TYR B 403 -7.96 -24.87 3.94
N GLY B 404 -8.40 -25.97 4.55
CA GLY B 404 -7.58 -27.16 4.71
C GLY B 404 -8.08 -28.27 3.80
N ARG B 405 -7.16 -28.82 3.00
CA ARG B 405 -7.53 -29.86 2.04
C ARG B 405 -6.76 -31.12 2.35
N LEU B 406 -7.47 -32.25 2.37
CA LEU B 406 -6.83 -33.54 2.61
C LEU B 406 -5.87 -33.87 1.48
N ASP B 407 -4.73 -34.43 1.84
CA ASP B 407 -3.72 -34.75 0.84
C ASP B 407 -4.25 -35.80 -0.13
N ARG B 408 -3.55 -35.93 -1.25
CA ARG B 408 -4.01 -36.80 -2.33
C ARG B 408 -3.85 -38.28 -1.95
N ALA B 409 -2.77 -38.60 -1.24
CA ALA B 409 -2.52 -39.97 -0.84
C ALA B 409 -3.65 -40.52 0.00
N SER B 410 -4.16 -39.73 0.95
CA SER B 410 -5.25 -40.20 1.79
C SER B 410 -6.51 -40.46 0.99
N ILE B 411 -6.77 -39.63 -0.03
CA ILE B 411 -7.95 -39.83 -0.86
C ILE B 411 -7.83 -41.13 -1.65
N ASP B 412 -6.71 -41.33 -2.33
CA ASP B 412 -6.50 -42.58 -3.06
C ASP B 412 -6.56 -43.77 -2.11
N ARG B 413 -6.05 -43.60 -0.89
CA ARG B 413 -6.02 -44.68 0.09
C ARG B 413 -7.43 -45.07 0.50
N GLN B 414 -8.27 -44.09 0.82
CA GLN B 414 -9.65 -44.40 1.17
C GLN B 414 -10.45 -44.89 -0.02
N LEU B 415 -9.99 -44.61 -1.24
CA LEU B 415 -10.59 -45.23 -2.41
C LEU B 415 -10.18 -46.69 -2.53
N LEU B 416 -9.02 -47.05 -2.03
CA LEU B 416 -8.55 -48.44 -2.11
C LEU B 416 -9.05 -49.32 -0.99
N TRP B 417 -9.31 -48.76 0.19
CA TRP B 417 -9.64 -49.52 1.38
C TRP B 417 -10.93 -49.02 1.98
N THR B 418 -11.77 -49.95 2.44
CA THR B 418 -12.99 -49.60 3.15
C THR B 418 -13.03 -50.30 4.49
N LYS B 419 -13.67 -49.66 5.47
CA LYS B 419 -13.74 -50.23 6.80
C LYS B 419 -14.92 -51.20 6.91
N GLY B 420 -14.70 -52.28 7.64
CA GLY B 420 -15.73 -53.27 7.85
C GLY B 420 -15.49 -54.13 9.08
N PRO B 421 -16.17 -55.27 9.13
CA PRO B 421 -15.96 -56.21 10.24
C PRO B 421 -14.56 -56.79 10.21
N ASN B 422 -14.14 -57.33 11.34
CA ASN B 422 -12.78 -57.81 11.51
C ASN B 422 -12.59 -59.14 10.78
N HIS B 423 -11.53 -59.23 9.99
CA HIS B 423 -11.20 -60.43 9.25
C HIS B 423 -9.69 -60.63 9.28
N GLN B 424 -9.23 -61.72 8.67
CA GLN B 424 -7.82 -62.12 8.78
C GLN B 424 -7.00 -61.78 7.54
N ASN B 425 -7.60 -61.83 6.35
CA ASN B 425 -6.85 -61.57 5.13
C ASN B 425 -7.22 -60.18 4.61
N PRO B 426 -6.35 -59.19 4.76
CA PRO B 426 -6.73 -57.82 4.39
C PRO B 426 -7.10 -57.63 2.93
N PHE B 427 -6.78 -58.59 2.07
CA PHE B 427 -7.06 -58.45 0.65
C PHE B 427 -8.37 -59.10 0.24
N GLU B 428 -9.17 -59.55 1.20
CA GLU B 428 -10.51 -60.00 0.90
C GLU B 428 -11.39 -58.81 0.51
N THR B 429 -12.19 -58.99 -0.54
CA THR B 429 -13.11 -57.96 -1.00
C THR B 429 -14.40 -58.05 -0.20
N LEU B 430 -14.89 -56.90 0.26
CA LEU B 430 -16.11 -56.87 1.07
C LEU B 430 -17.33 -56.89 0.16
N PRO B 431 -18.18 -57.91 0.24
CA PRO B 431 -19.38 -57.97 -0.60
C PRO B 431 -20.52 -57.07 -0.16
N GLY B 432 -20.30 -56.19 0.81
CA GLY B 432 -21.33 -55.30 1.28
C GLY B 432 -21.65 -54.17 0.32
N SER B 438 -21.87 -42.65 0.95
CA SER B 438 -21.55 -41.94 2.18
C SER B 438 -20.11 -41.45 2.16
N GLN B 439 -19.18 -42.35 2.51
CA GLN B 439 -17.77 -42.00 2.50
C GLN B 439 -17.30 -41.62 1.10
N LEU B 440 -17.94 -42.18 0.07
CA LEU B 440 -17.55 -41.86 -1.30
C LEU B 440 -17.85 -40.40 -1.62
N MET B 441 -18.97 -39.88 -1.13
CA MET B 441 -19.27 -38.47 -1.35
C MET B 441 -18.30 -37.56 -0.62
N ALA B 442 -17.90 -37.95 0.60
CA ALA B 442 -16.90 -37.18 1.32
C ALA B 442 -15.57 -37.18 0.57
N LEU B 443 -15.21 -38.34 -0.01
CA LEU B 443 -13.99 -38.40 -0.82
C LEU B 443 -14.11 -37.51 -2.05
N LEU B 444 -15.28 -37.49 -2.68
CA LEU B 444 -15.50 -36.61 -3.82
C LEU B 444 -15.33 -35.15 -3.43
N GLY B 445 -15.87 -34.78 -2.26
CA GLY B 445 -15.70 -33.41 -1.79
C GLY B 445 -14.25 -33.07 -1.53
N GLU B 446 -13.53 -33.95 -0.82
CA GLU B 446 -12.12 -33.69 -0.52
C GLU B 446 -11.27 -33.63 -1.79
N ALA B 447 -11.66 -34.37 -2.82
CA ALA B 447 -10.94 -34.32 -4.09
C ALA B 447 -11.28 -33.10 -4.92
N ALA B 448 -12.49 -32.55 -4.73
CA ALA B 448 -12.86 -31.35 -5.46
C ALA B 448 -11.90 -30.19 -5.21
N MET B 449 -11.36 -30.10 -4.00
CA MET B 449 -10.44 -29.03 -3.65
C MET B 449 -9.07 -29.17 -4.31
N HIS B 450 -8.86 -30.19 -5.15
CA HIS B 450 -7.59 -30.40 -5.82
C HIS B 450 -7.62 -30.01 -7.29
N GLY B 451 -8.76 -29.60 -7.81
CA GLY B 451 -8.90 -29.22 -9.19
C GLY B 451 -9.77 -30.20 -9.97
N GLU B 452 -10.13 -29.77 -11.18
CA GLU B 452 -11.04 -30.56 -12.01
C GLU B 452 -10.39 -31.85 -12.52
N LYS B 453 -9.08 -31.86 -12.67
CA LYS B 453 -8.39 -33.07 -13.13
C LYS B 453 -8.52 -34.20 -12.12
N TYR B 454 -8.05 -33.94 -10.89
CA TYR B 454 -8.17 -34.95 -9.84
C TYR B 454 -9.62 -35.27 -9.56
N TYR B 455 -10.51 -34.28 -9.66
CA TYR B 455 -11.93 -34.56 -9.47
C TYR B 455 -12.45 -35.50 -10.53
N ARG B 456 -12.01 -35.33 -11.78
CA ARG B 456 -12.42 -36.24 -12.84
C ARG B 456 -11.89 -37.64 -12.61
N THR B 457 -10.63 -37.75 -12.18
CA THR B 457 -10.08 -39.06 -11.87
C THR B 457 -10.87 -39.76 -10.77
N VAL B 458 -11.08 -39.07 -9.65
CA VAL B 458 -11.80 -39.65 -8.53
C VAL B 458 -13.24 -39.97 -8.93
N ALA B 459 -13.84 -39.13 -9.77
CA ALA B 459 -15.21 -39.36 -10.20
C ALA B 459 -15.31 -40.61 -11.06
N SER B 460 -14.34 -40.80 -11.96
CA SER B 460 -14.30 -42.04 -12.73
C SER B 460 -14.16 -43.24 -11.80
N ARG B 461 -13.27 -43.16 -10.81
CA ARG B 461 -13.07 -44.29 -9.91
C ARG B 461 -14.32 -44.61 -9.11
N VAL B 462 -15.00 -43.59 -8.58
CA VAL B 462 -16.19 -43.84 -7.78
C VAL B 462 -17.32 -44.37 -8.66
N SER B 463 -17.46 -43.82 -9.87
CA SER B 463 -18.51 -44.29 -10.77
C SER B 463 -18.30 -45.77 -11.12
N LYS B 464 -17.06 -46.14 -11.43
CA LYS B 464 -16.79 -47.54 -11.73
C LYS B 464 -17.00 -48.43 -10.50
N GLU B 465 -16.70 -47.91 -9.32
CA GLU B 465 -16.82 -48.71 -8.10
C GLU B 465 -18.29 -48.95 -7.75
N ALA B 466 -19.04 -47.87 -7.57
CA ALA B 466 -20.42 -47.97 -7.11
C ALA B 466 -21.33 -48.69 -8.10
N ALA B 467 -20.89 -48.91 -9.33
CA ALA B 467 -21.64 -49.71 -10.28
C ALA B 467 -21.29 -51.19 -10.19
N GLN B 468 -20.32 -51.54 -9.35
CA GLN B 468 -20.01 -52.92 -9.03
C GLN B 468 -20.57 -53.34 -7.68
N SER B 469 -21.20 -52.43 -6.95
CA SER B 469 -21.73 -52.71 -5.62
C SER B 469 -23.11 -52.09 -5.52
N GLY B 470 -23.59 -52.00 -4.27
CA GLY B 470 -24.89 -51.46 -3.89
C GLY B 470 -25.77 -50.79 -4.92
N ILE B 471 -25.94 -49.48 -4.82
CA ILE B 471 -26.86 -48.74 -5.67
C ILE B 471 -26.11 -47.61 -6.37
N GLU B 472 -26.73 -47.10 -7.42
CA GLU B 472 -26.14 -46.03 -8.21
C GLU B 472 -26.04 -44.75 -7.39
N MET B 473 -25.11 -43.88 -7.79
CA MET B 473 -24.88 -42.62 -7.09
C MET B 473 -24.59 -41.53 -8.10
N VAL B 474 -25.25 -40.39 -7.93
CA VAL B 474 -25.03 -39.25 -8.81
C VAL B 474 -23.63 -38.71 -8.59
N VAL B 475 -22.94 -38.43 -9.69
CA VAL B 475 -21.58 -37.88 -9.63
C VAL B 475 -21.64 -36.41 -10.00
N PRO B 476 -21.61 -35.50 -9.03
CA PRO B 476 -21.86 -34.09 -9.35
C PRO B 476 -20.75 -33.49 -10.18
N ARG B 477 -21.05 -32.30 -10.71
CA ARG B 477 -20.03 -31.48 -11.35
C ARG B 477 -19.05 -30.94 -10.31
N HIS B 478 -17.82 -30.69 -10.78
CA HIS B 478 -16.78 -30.16 -9.89
C HIS B 478 -17.24 -28.90 -9.19
N ARG B 479 -17.84 -27.98 -9.94
CA ARG B 479 -18.19 -26.67 -9.38
C ARG B 479 -19.24 -26.79 -8.28
N SER B 480 -20.22 -27.69 -8.46
CA SER B 480 -21.29 -27.82 -7.47
C SER B 480 -20.76 -28.38 -6.16
N VAL B 481 -20.04 -29.50 -6.21
CA VAL B 481 -19.53 -30.10 -4.99
C VAL B 481 -18.46 -29.22 -4.35
N LEU B 482 -17.68 -28.52 -5.16
CA LEU B 482 -16.71 -27.58 -4.62
C LEU B 482 -17.42 -26.48 -3.84
N ARG B 483 -18.50 -25.94 -4.41
CA ARG B 483 -19.29 -24.93 -3.71
C ARG B 483 -19.86 -25.49 -2.41
N TRP B 484 -20.31 -26.74 -2.44
CA TRP B 484 -20.92 -27.33 -1.24
C TRP B 484 -19.91 -27.54 -0.13
N VAL B 485 -18.69 -27.98 -0.46
CA VAL B 485 -17.72 -28.23 0.60
C VAL B 485 -17.03 -26.94 1.05
N ARG B 486 -16.91 -25.94 0.17
CA ARG B 486 -16.24 -24.71 0.57
C ARG B 486 -17.18 -23.78 1.33
N PHE B 487 -18.36 -23.51 0.79
CA PHE B 487 -19.24 -22.52 1.37
C PHE B 487 -20.55 -23.08 1.91
N GLY B 488 -20.73 -24.40 1.91
CA GLY B 488 -21.93 -25.06 2.39
C GLY B 488 -23.27 -24.34 2.23
N PRO C 5 -12.04 29.46 -64.00
CA PRO C 5 -12.86 29.50 -62.78
C PRO C 5 -12.02 29.85 -61.55
N SER C 6 -12.40 30.92 -60.85
CA SER C 6 -11.69 31.35 -59.66
C SER C 6 -12.65 31.44 -58.48
N GLY C 7 -12.09 31.48 -57.28
CA GLY C 7 -12.86 31.63 -56.08
C GLY C 7 -12.20 30.88 -54.94
N THR C 8 -12.97 30.63 -53.89
CA THR C 8 -12.51 29.92 -52.70
C THR C 8 -13.63 29.02 -52.22
N TYR C 9 -13.41 27.71 -52.27
CA TYR C 9 -14.38 26.73 -51.84
C TYR C 9 -13.92 26.11 -50.52
N ALA C 10 -14.74 26.27 -49.48
CA ALA C 10 -14.45 25.73 -48.15
C ALA C 10 -13.11 26.21 -47.62
N GLY C 11 -12.72 27.44 -47.98
CA GLY C 11 -11.45 27.99 -47.56
C GLY C 11 -10.27 27.60 -48.42
N LEU C 12 -10.48 26.80 -49.46
CA LEU C 12 -9.41 26.33 -50.30
C LEU C 12 -9.55 26.87 -51.71
N PRO C 13 -8.46 27.24 -52.36
CA PRO C 13 -8.55 27.83 -53.70
C PRO C 13 -9.24 26.90 -54.68
N ILE C 14 -9.85 27.49 -55.71
CA ILE C 14 -10.54 26.74 -56.76
C ILE C 14 -9.65 26.70 -57.99
N ALA C 15 -9.53 25.53 -58.59
CA ALA C 15 -8.69 25.33 -59.77
C ALA C 15 -9.46 25.05 -61.04
N ASP C 16 -10.50 24.23 -60.99
CA ASP C 16 -11.24 23.89 -62.20
C ASP C 16 -12.64 23.42 -61.81
N TYR C 17 -13.37 22.88 -62.78
CA TYR C 17 -14.71 22.37 -62.56
C TYR C 17 -14.67 20.89 -62.19
N GLY C 18 -15.68 20.45 -61.47
CA GLY C 18 -15.69 19.11 -60.90
C GLY C 18 -16.36 18.10 -61.82
N ASP C 19 -15.66 16.99 -62.05
CA ASP C 19 -16.19 15.87 -62.81
C ASP C 19 -16.61 14.71 -61.93
N ALA C 20 -16.56 14.88 -60.60
CA ALA C 20 -16.86 13.79 -59.70
C ALA C 20 -18.36 13.51 -59.67
N PRO C 21 -18.75 12.28 -59.33
CA PRO C 21 -20.18 11.95 -59.29
C PRO C 21 -20.80 12.45 -58.00
N PRO C 22 -22.12 12.40 -57.87
CA PRO C 22 -22.76 12.80 -56.61
C PRO C 22 -22.34 11.89 -55.48
N LEU C 23 -22.41 12.43 -54.26
CA LEU C 23 -22.05 11.64 -53.10
C LEU C 23 -23.07 10.54 -52.86
N SER C 24 -22.60 9.40 -52.38
CA SER C 24 -23.46 8.26 -52.17
C SER C 24 -24.47 8.53 -51.05
N THR C 25 -25.71 8.13 -51.29
CA THR C 25 -26.77 8.27 -50.30
C THR C 25 -27.24 6.92 -49.76
N LYS C 26 -26.48 5.87 -49.99
CA LYS C 26 -26.84 4.52 -49.55
C LYS C 26 -25.73 3.97 -48.67
N THR C 27 -26.05 2.92 -47.93
CA THR C 27 -25.09 2.28 -47.05
C THR C 27 -25.09 0.77 -47.29
N MET C 28 -23.96 0.16 -46.96
CA MET C 28 -23.78 -1.28 -47.12
C MET C 28 -24.17 -2.08 -45.89
N PHE C 29 -24.63 -1.40 -44.83
CA PHE C 29 -24.86 -2.06 -43.55
C PHE C 29 -26.34 -2.37 -43.37
N TRP C 30 -26.64 -3.61 -43.00
CA TRP C 30 -27.98 -4.11 -42.79
C TRP C 30 -28.09 -4.63 -41.37
N ARG C 31 -29.31 -4.59 -40.83
CA ARG C 31 -29.56 -5.18 -39.53
C ARG C 31 -29.70 -6.70 -39.66
N THR C 32 -29.37 -7.39 -38.57
CA THR C 32 -29.41 -8.85 -38.56
C THR C 32 -30.72 -9.38 -38.00
N SER C 33 -31.48 -8.57 -37.27
CA SER C 33 -32.75 -8.98 -36.71
C SER C 33 -33.64 -7.75 -36.63
N PRO C 34 -34.95 -7.90 -36.81
CA PRO C 34 -35.85 -6.75 -36.78
C PRO C 34 -36.03 -6.12 -35.40
N GLU C 35 -35.29 -6.61 -34.39
CA GLU C 35 -35.45 -6.08 -33.05
C GLU C 35 -35.02 -4.62 -32.99
N LYS C 36 -35.54 -3.92 -31.98
CA LYS C 36 -35.16 -2.54 -31.74
C LYS C 36 -33.71 -2.47 -31.32
N LEU C 37 -33.01 -1.44 -31.79
CA LEU C 37 -31.63 -1.27 -31.40
C LEU C 37 -31.54 -0.96 -29.90
N PRO C 38 -30.49 -1.44 -29.23
CA PRO C 38 -30.28 -1.03 -27.85
C PRO C 38 -30.02 0.47 -27.78
N PRO C 39 -30.38 1.10 -26.66
CA PRO C 39 -30.13 2.54 -26.55
C PRO C 39 -28.63 2.82 -26.49
N GLY C 40 -28.23 3.88 -27.18
CA GLY C 40 -26.82 4.22 -27.26
C GLY C 40 -26.02 3.40 -28.24
N ALA C 41 -26.67 2.57 -29.05
CA ALA C 41 -25.97 1.73 -30.01
C ALA C 41 -25.57 2.55 -31.23
N TRP C 42 -24.65 2.00 -32.01
CA TRP C 42 -24.11 2.67 -33.18
C TRP C 42 -24.94 2.38 -34.42
N GLU C 43 -24.98 3.34 -35.33
CA GLU C 43 -25.79 3.28 -36.53
C GLU C 43 -24.96 3.76 -37.71
N PRO C 44 -25.34 3.39 -38.94
CA PRO C 44 -24.61 3.88 -40.11
C PRO C 44 -24.67 5.40 -40.22
N ALA C 45 -23.63 5.96 -40.82
CA ALA C 45 -23.47 7.40 -40.90
C ALA C 45 -24.62 8.04 -41.70
N TYR C 46 -24.67 9.37 -41.62
CA TYR C 46 -25.72 10.13 -42.28
C TYR C 46 -25.73 9.86 -43.78
N LEU C 47 -26.93 9.74 -44.36
CA LEU C 47 -27.09 9.29 -45.73
C LEU C 47 -27.64 10.36 -46.66
N GLY C 48 -27.80 11.59 -46.20
CA GLY C 48 -28.22 12.68 -47.04
C GLY C 48 -29.64 13.15 -46.76
N SER C 49 -30.20 13.87 -47.72
CA SER C 49 -31.54 14.40 -47.59
C SER C 49 -32.61 13.31 -47.61
N LYS C 50 -32.31 12.16 -48.20
CA LYS C 50 -33.26 11.06 -48.24
C LYS C 50 -33.27 10.24 -46.96
N ASP C 51 -32.35 10.49 -46.04
CA ASP C 51 -32.29 9.73 -44.80
C ASP C 51 -33.52 10.01 -43.94
N GLU C 52 -34.28 8.96 -43.64
CA GLU C 52 -35.48 9.09 -42.83
C GLU C 52 -35.19 9.14 -41.35
N ARG C 53 -33.93 9.01 -40.95
CA ARG C 53 -33.60 9.03 -39.52
C ARG C 53 -33.59 10.45 -38.97
N VAL C 54 -33.01 11.39 -39.72
CA VAL C 54 -32.95 12.79 -39.31
C VAL C 54 -33.15 13.67 -40.53
N ASP C 55 -33.53 14.92 -40.28
CA ASP C 55 -33.51 15.97 -41.28
C ASP C 55 -32.23 16.76 -41.04
N GLY C 56 -31.24 16.54 -41.89
CA GLY C 56 -29.95 17.15 -41.70
C GLY C 56 -29.50 17.97 -42.89
N PRO C 57 -28.24 18.39 -42.88
CA PRO C 57 -27.73 19.20 -43.98
C PRO C 57 -27.51 18.39 -45.24
N SER C 58 -27.07 19.05 -46.31
CA SER C 58 -26.63 18.34 -47.49
C SER C 58 -25.29 17.67 -47.25
N LEU C 59 -25.05 16.58 -47.98
CA LEU C 59 -23.75 15.93 -47.91
C LEU C 59 -22.65 16.87 -48.38
N GLN C 60 -22.98 17.77 -49.30
CA GLN C 60 -22.03 18.81 -49.72
C GLN C 60 -21.60 19.65 -48.53
N GLN C 61 -22.52 19.98 -47.63
CA GLN C 61 -22.18 20.79 -46.47
C GLN C 61 -21.30 20.02 -45.49
N VAL C 62 -21.57 18.73 -45.31
CA VAL C 62 -20.71 17.92 -44.45
C VAL C 62 -19.31 17.81 -45.03
N MET C 63 -19.22 17.69 -46.36
CA MET C 63 -17.90 17.65 -46.99
C MET C 63 -17.17 18.98 -46.82
N ARG C 64 -17.90 20.10 -46.92
CA ARG C 64 -17.28 21.38 -46.63
C ARG C 64 -16.77 21.44 -45.20
N ASP C 65 -17.55 20.91 -44.26
CA ASP C 65 -17.12 20.86 -42.87
C ASP C 65 -15.85 20.03 -42.72
N GLN C 66 -15.72 18.97 -43.50
CA GLN C 66 -14.53 18.12 -43.43
C GLN C 66 -13.33 18.72 -44.16
N LEU C 67 -13.57 19.59 -45.15
CA LEU C 67 -12.48 20.26 -45.86
C LEU C 67 -12.03 21.54 -45.17
N LYS C 68 -12.80 22.06 -44.24
CA LYS C 68 -12.36 23.26 -43.53
C LYS C 68 -11.04 23.11 -42.80
N PRO C 69 -10.73 21.98 -42.13
CA PRO C 69 -9.44 21.91 -41.43
C PRO C 69 -8.23 21.98 -42.34
N TYR C 70 -8.34 21.59 -43.60
CA TYR C 70 -7.18 21.62 -44.48
C TYR C 70 -6.74 23.02 -44.86
N SER C 71 -7.59 24.03 -44.63
CA SER C 71 -7.25 25.41 -44.89
C SER C 71 -6.63 26.10 -43.69
N GLU C 72 -6.58 25.43 -42.54
CA GLU C 72 -6.15 26.05 -41.32
C GLU C 72 -4.63 26.24 -41.35
N PRO C 73 -4.11 27.27 -40.67
CA PRO C 73 -2.67 27.47 -40.64
C PRO C 73 -1.95 26.29 -40.02
N ARG C 74 -0.81 25.94 -40.59
CA ARG C 74 -0.02 24.82 -40.10
C ARG C 74 0.71 25.19 -38.83
N GLY C 75 1.27 24.17 -38.18
CA GLY C 75 2.10 24.35 -37.02
C GLY C 75 3.53 24.67 -37.40
N LEU C 76 4.40 24.58 -36.41
CA LEU C 76 5.81 24.88 -36.60
C LEU C 76 6.57 23.63 -37.05
N LEU C 77 7.58 23.84 -37.87
CA LEU C 77 8.44 22.76 -38.30
C LEU C 77 9.41 22.42 -37.17
N PRO C 78 9.75 21.15 -37.01
CA PRO C 78 10.73 20.77 -35.99
C PRO C 78 12.05 21.49 -36.23
N PRO C 79 12.90 21.57 -35.20
CA PRO C 79 14.21 22.20 -35.39
C PRO C 79 15.00 21.51 -36.48
N GLN C 80 15.77 22.30 -37.24
CA GLN C 80 16.41 21.78 -38.44
C GLN C 80 17.47 20.74 -38.11
N GLU C 81 18.23 20.97 -37.05
CA GLU C 81 19.25 20.00 -36.65
C GLU C 81 18.60 18.69 -36.23
N ILE C 82 17.58 18.78 -35.39
CA ILE C 82 16.84 17.60 -34.94
C ILE C 82 16.22 16.89 -36.13
N LEU C 83 15.58 17.63 -37.03
CA LEU C 83 14.92 17.01 -38.18
C LEU C 83 15.92 16.28 -39.06
N ASP C 84 17.04 16.93 -39.36
CA ASP C 84 18.07 16.29 -40.18
C ASP C 84 18.60 15.04 -39.51
N ALA C 85 18.89 15.13 -38.20
CA ALA C 85 19.42 13.97 -37.48
C ALA C 85 18.45 12.81 -37.49
N VAL C 86 17.16 13.10 -37.28
CA VAL C 86 16.17 12.03 -37.21
C VAL C 86 15.96 11.39 -38.57
N CYS C 87 15.93 12.20 -39.63
CA CYS C 87 15.78 11.62 -40.96
C CYS C 87 16.99 10.77 -41.33
N ASP C 88 18.20 11.24 -41.01
CA ASP C 88 19.39 10.45 -41.29
C ASP C 88 19.37 9.14 -40.51
N ALA C 89 19.00 9.19 -39.23
CA ALA C 89 18.96 7.98 -38.41
C ALA C 89 17.96 6.98 -38.96
N ILE C 90 16.75 7.45 -39.30
CA ILE C 90 15.71 6.56 -39.80
C ILE C 90 16.15 5.92 -41.11
N GLU C 91 16.68 6.74 -42.03
CA GLU C 91 17.12 6.20 -43.31
C GLU C 91 18.25 5.20 -43.13
N ASN C 92 19.18 5.47 -42.22
CA ASN C 92 20.29 4.54 -42.02
C ASN C 92 19.83 3.22 -41.43
N ARG C 93 18.91 3.28 -40.46
CA ARG C 93 18.39 2.02 -39.91
C ARG C 93 17.63 1.23 -40.97
N LEU C 94 16.86 1.92 -41.80
CA LEU C 94 16.12 1.23 -42.85
C LEU C 94 17.08 0.63 -43.88
N GLU C 95 18.18 1.32 -44.16
CA GLU C 95 19.19 0.75 -45.05
C GLU C 95 19.79 -0.51 -44.45
N ASN C 96 20.11 -0.48 -43.15
CA ASN C 96 20.69 -1.65 -42.51
C ASN C 96 19.70 -2.80 -42.36
N THR C 97 18.40 -2.53 -42.36
CA THR C 97 17.41 -3.58 -42.08
C THR C 97 16.72 -4.11 -43.33
N LEU C 98 16.42 -3.27 -44.31
CA LEU C 98 15.59 -3.68 -45.43
C LEU C 98 16.38 -4.48 -46.45
N GLU C 99 15.74 -5.52 -46.97
CA GLU C 99 16.32 -6.32 -48.04
C GLU C 99 16.01 -5.67 -49.38
N PRO C 100 17.01 -5.40 -50.21
CA PRO C 100 16.73 -4.80 -51.53
C PRO C 100 15.81 -5.67 -52.34
N GLN C 101 14.93 -5.02 -53.09
CA GLN C 101 13.91 -5.69 -53.88
C GLN C 101 14.12 -5.38 -55.36
N LYS C 102 13.57 -6.23 -56.20
CA LYS C 102 13.70 -5.91 -57.61
C LYS C 102 12.51 -5.06 -58.05
N PRO C 103 12.71 -4.19 -59.05
CA PRO C 103 11.64 -3.29 -59.46
C PRO C 103 10.37 -4.04 -59.86
N TRP C 104 9.24 -3.37 -59.70
CA TRP C 104 7.94 -3.97 -59.96
C TRP C 104 7.57 -3.86 -61.42
N THR C 105 6.95 -4.93 -61.94
CA THR C 105 6.50 -4.94 -63.32
C THR C 105 5.14 -4.26 -63.43
N PHE C 106 4.77 -3.94 -64.67
CA PHE C 106 3.44 -3.39 -64.94
C PHE C 106 2.36 -4.37 -64.54
N LYS C 107 2.58 -5.66 -64.81
CA LYS C 107 1.60 -6.67 -64.43
C LYS C 107 1.46 -6.78 -62.92
N LYS C 108 2.58 -6.73 -62.19
CA LYS C 108 2.52 -6.79 -60.74
C LYS C 108 1.83 -5.57 -60.17
N ALA C 109 2.12 -4.39 -60.72
CA ALA C 109 1.46 -3.17 -60.26
C ALA C 109 -0.03 -3.20 -60.52
N CYS C 110 -0.44 -3.76 -61.67
CA CYS C 110 -1.87 -3.86 -61.97
C CYS C 110 -2.56 -4.91 -61.11
N GLU C 111 -1.85 -5.99 -60.77
CA GLU C 111 -2.41 -7.05 -59.95
C GLU C 111 -2.37 -6.74 -58.46
N SER C 112 -1.65 -5.70 -58.05
CA SER C 112 -1.60 -5.33 -56.64
C SER C 112 -2.84 -4.56 -56.19
N LEU C 113 -3.60 -4.02 -57.14
CA LEU C 113 -4.71 -3.13 -56.80
C LEU C 113 -5.95 -3.93 -56.41
N ASP C 114 -6.79 -3.32 -55.58
CA ASP C 114 -8.09 -3.88 -55.27
C ASP C 114 -9.04 -3.57 -56.42
N LYS C 115 -9.64 -4.61 -56.99
CA LYS C 115 -10.54 -4.44 -58.12
C LYS C 115 -11.97 -4.14 -57.70
N ASN C 116 -12.22 -3.99 -56.40
CA ASN C 116 -13.56 -3.71 -55.89
C ASN C 116 -13.74 -2.24 -55.53
N THR C 117 -12.82 -1.38 -55.94
CA THR C 117 -12.90 0.05 -55.68
C THR C 117 -13.01 0.81 -56.99
N SER C 118 -13.37 2.09 -56.86
CA SER C 118 -13.58 2.92 -58.03
C SER C 118 -12.25 3.24 -58.73
N SER C 119 -12.32 3.39 -60.05
CA SER C 119 -11.14 3.75 -60.81
C SER C 119 -10.78 5.23 -60.67
N GLY C 120 -11.63 6.02 -60.04
CA GLY C 120 -11.37 7.43 -59.92
C GLY C 120 -11.46 8.15 -61.25
N TYR C 121 -10.86 9.33 -61.28
CA TYR C 121 -10.83 10.14 -62.49
C TYR C 121 -10.22 9.35 -63.64
N PRO C 122 -10.76 9.46 -64.86
CA PRO C 122 -11.95 10.26 -65.17
C PRO C 122 -13.21 9.43 -65.41
N TYR C 123 -13.18 8.14 -65.07
CA TYR C 123 -14.29 7.25 -65.40
C TYR C 123 -15.14 6.85 -64.21
N HIS C 124 -14.56 6.83 -63.01
CA HIS C 124 -15.29 6.51 -61.78
C HIS C 124 -16.06 5.20 -61.89
N LYS C 125 -15.44 4.20 -62.51
CA LYS C 125 -16.03 2.88 -62.67
C LYS C 125 -15.27 1.88 -61.81
N GLN C 126 -15.99 0.90 -61.30
CA GLN C 126 -15.35 -0.14 -60.49
C GLN C 126 -14.35 -0.90 -61.34
N LYS C 127 -13.09 -0.94 -60.87
CA LYS C 127 -12.00 -1.56 -61.62
C LYS C 127 -12.39 -2.92 -62.19
N SER C 128 -13.07 -3.76 -61.40
CA SER C 128 -13.44 -5.09 -61.86
C SER C 128 -14.30 -5.07 -63.10
N LYS C 129 -14.89 -3.92 -63.44
CA LYS C 129 -15.75 -3.84 -64.61
C LYS C 129 -14.94 -3.86 -65.90
N ASP C 130 -13.65 -3.56 -65.84
CA ASP C 130 -12.78 -3.60 -67.02
C ASP C 130 -11.56 -4.48 -66.77
N TRP C 131 -11.73 -5.53 -65.98
CA TRP C 131 -10.62 -6.41 -65.60
C TRP C 131 -10.81 -7.77 -66.25
N THR C 132 -9.73 -8.29 -66.85
CA THR C 132 -9.75 -9.57 -67.53
C THR C 132 -9.17 -10.72 -66.72
N GLY C 133 -8.57 -10.44 -65.57
CA GLY C 133 -7.82 -11.43 -64.84
C GLY C 133 -6.32 -11.39 -65.07
N SER C 134 -5.87 -10.67 -66.09
CA SER C 134 -4.46 -10.51 -66.37
C SER C 134 -4.04 -9.04 -66.42
N ALA C 135 -4.76 -8.22 -67.17
CA ALA C 135 -4.45 -6.81 -67.27
C ALA C 135 -5.74 -6.03 -67.49
N PHE C 136 -5.60 -4.71 -67.59
CA PHE C 136 -6.73 -3.82 -67.81
C PHE C 136 -6.97 -3.65 -69.30
N ILE C 137 -8.25 -3.47 -69.67
CA ILE C 137 -8.66 -3.24 -71.04
C ILE C 137 -9.64 -2.07 -71.07
N GLY C 138 -9.97 -1.64 -72.27
CA GLY C 138 -10.94 -0.58 -72.44
C GLY C 138 -10.41 0.77 -71.98
N ASP C 139 -11.32 1.57 -71.43
CA ASP C 139 -10.96 2.89 -70.93
C ASP C 139 -9.88 2.80 -69.86
N LEU C 140 -10.13 1.96 -68.84
CA LEU C 140 -9.13 1.74 -67.80
C LEU C 140 -7.84 1.16 -68.38
N GLY C 141 -7.94 0.38 -69.45
CA GLY C 141 -6.74 -0.15 -70.07
C GLY C 141 -5.87 0.93 -70.69
N ASP C 142 -6.50 1.85 -71.43
CA ASP C 142 -5.76 2.98 -71.99
C ASP C 142 -5.17 3.84 -70.87
N GLN C 143 -5.95 4.08 -69.83
CA GLN C 143 -5.46 4.86 -68.69
C GLN C 143 -4.22 4.21 -68.09
N ALA C 144 -4.28 2.89 -67.87
CA ALA C 144 -3.16 2.16 -67.29
C ALA C 144 -1.94 2.20 -68.20
N THR C 145 -2.14 2.01 -69.50
CA THR C 145 -1.00 1.98 -70.42
C THR C 145 -0.33 3.34 -70.52
N HIS C 146 -1.14 4.40 -70.57
CA HIS C 146 -0.58 5.75 -70.60
C HIS C 146 0.18 6.06 -69.32
N ALA C 147 -0.40 5.72 -68.17
CA ALA C 147 0.30 5.92 -66.91
C ALA C 147 1.62 5.16 -66.87
N ASN C 148 1.63 3.93 -67.36
CA ASN C 148 2.85 3.13 -67.34
C ASN C 148 3.92 3.75 -68.24
N ASN C 149 3.53 4.16 -69.45
CA ASN C 149 4.49 4.77 -70.35
C ASN C 149 5.03 6.08 -69.79
N MET C 150 4.17 6.88 -69.15
CA MET C 150 4.66 8.10 -68.53
C MET C 150 5.56 7.82 -67.34
N TYR C 151 5.32 6.74 -66.61
CA TYR C 151 6.22 6.35 -65.53
C TYR C 151 7.59 5.97 -66.09
N GLU C 152 7.60 5.08 -67.09
CA GLU C 152 8.86 4.63 -67.66
C GLU C 152 9.66 5.77 -68.29
N MET C 153 8.96 6.77 -68.85
CA MET C 153 9.64 7.89 -69.47
C MET C 153 10.13 8.93 -68.48
N GLY C 154 9.79 8.79 -67.20
CA GLY C 154 10.17 9.79 -66.22
C GLY C 154 9.49 11.13 -66.40
N LYS C 155 8.31 11.14 -67.00
CA LYS C 155 7.53 12.35 -67.20
C LYS C 155 6.47 12.49 -66.12
N SER C 156 6.18 13.73 -65.75
CA SER C 156 5.26 14.01 -64.66
C SER C 156 3.82 13.98 -65.15
N MET C 157 2.94 13.52 -64.27
CA MET C 157 1.50 13.61 -64.46
C MET C 157 0.88 14.15 -63.17
N ARG C 158 -0.10 15.00 -63.31
CA ARG C 158 -0.63 15.50 -62.04
C ARG C 158 -1.80 14.63 -61.59
N PRO C 159 -1.77 14.11 -60.37
CA PRO C 159 -2.89 13.27 -59.91
C PRO C 159 -4.11 14.13 -59.62
N ILE C 160 -5.27 13.52 -59.86
CA ILE C 160 -6.56 14.14 -59.58
C ILE C 160 -7.28 13.27 -58.56
N TYR C 161 -7.41 13.76 -57.34
CA TYR C 161 -8.07 13.02 -56.28
C TYR C 161 -9.56 13.34 -56.27
N THR C 162 -10.34 12.37 -55.82
CA THR C 162 -11.80 12.48 -55.74
C THR C 162 -12.21 12.38 -54.28
N ALA C 163 -12.97 13.36 -53.82
CA ALA C 163 -13.38 13.39 -52.43
C ALA C 163 -14.63 12.54 -52.24
N ALA C 164 -14.72 11.90 -51.07
CA ALA C 164 -15.89 11.10 -50.75
C ALA C 164 -16.07 11.07 -49.24
N LEU C 165 -17.17 10.47 -48.81
CA LEU C 165 -17.49 10.34 -47.40
C LEU C 165 -17.52 8.86 -47.02
N LYS C 166 -17.10 8.58 -45.80
CA LYS C 166 -16.87 7.22 -45.35
C LYS C 166 -18.16 6.58 -44.86
N ASP C 167 -18.51 5.44 -45.44
CA ASP C 167 -19.64 4.64 -44.98
C ASP C 167 -19.14 3.71 -43.88
N GLU C 168 -19.62 3.92 -42.67
CA GLU C 168 -19.15 3.15 -41.51
C GLU C 168 -20.14 3.37 -40.38
N LEU C 169 -20.02 2.52 -39.35
CA LEU C 169 -20.81 2.70 -38.15
C LEU C 169 -20.20 3.81 -37.31
N VAL C 170 -21.01 4.78 -36.91
CA VAL C 170 -20.57 5.90 -36.11
C VAL C 170 -21.42 5.97 -34.87
N LYS C 171 -20.89 6.62 -33.84
CA LYS C 171 -21.63 6.79 -32.61
C LYS C 171 -22.87 7.64 -32.89
N PRO C 172 -24.00 7.36 -32.22
CA PRO C 172 -25.25 8.04 -32.58
C PRO C 172 -25.18 9.55 -32.46
N ASP C 173 -24.31 10.09 -31.60
CA ASP C 173 -24.17 11.54 -31.50
C ASP C 173 -23.74 12.15 -32.82
N LYS C 174 -23.06 11.39 -33.67
CA LYS C 174 -22.62 11.86 -34.97
C LYS C 174 -23.72 11.80 -36.02
N ILE C 175 -24.95 11.45 -35.62
CA ILE C 175 -26.09 11.39 -36.53
C ILE C 175 -27.22 12.28 -36.06
N TYR C 176 -27.62 12.14 -34.80
CA TYR C 176 -28.73 12.91 -34.25
C TYR C 176 -28.27 14.20 -33.58
N GLY C 177 -26.98 14.35 -33.33
CA GLY C 177 -26.42 15.59 -32.84
C GLY C 177 -25.63 16.30 -33.92
N LYS C 178 -24.40 16.69 -33.59
CA LYS C 178 -23.51 17.31 -34.57
C LYS C 178 -23.13 16.27 -35.62
N ILE C 179 -23.63 16.43 -36.83
CA ILE C 179 -23.46 15.41 -37.87
C ILE C 179 -22.06 15.52 -38.44
N LYS C 180 -21.36 14.39 -38.48
CA LYS C 180 -20.01 14.31 -39.03
C LYS C 180 -19.89 13.02 -39.82
N LYS C 181 -19.14 13.08 -40.93
CA LYS C 181 -18.90 11.92 -41.77
C LYS C 181 -17.48 12.02 -42.29
N ARG C 182 -16.72 10.93 -42.14
CA ARG C 182 -15.28 10.98 -42.34
C ARG C 182 -14.94 11.17 -43.82
N LEU C 183 -13.87 11.93 -44.06
CA LEU C 183 -13.45 12.29 -45.41
C LEU C 183 -12.53 11.23 -46.00
N LEU C 184 -12.83 10.80 -47.22
CA LEU C 184 -12.03 9.82 -47.95
C LEU C 184 -11.44 10.47 -49.19
N TRP C 185 -10.19 10.12 -49.47
CA TRP C 185 -9.49 10.52 -50.70
C TRP C 185 -9.39 9.30 -51.61
N GLY C 186 -10.01 9.37 -52.78
CA GLY C 186 -9.83 8.36 -53.80
C GLY C 186 -8.84 8.86 -54.83
N SER C 187 -8.06 7.94 -55.39
CA SER C 187 -7.04 8.29 -56.36
C SER C 187 -7.42 7.76 -57.73
N ASP C 188 -6.77 8.31 -58.75
CA ASP C 188 -7.02 7.90 -60.13
C ASP C 188 -6.12 6.73 -60.49
N LEU C 189 -6.61 5.90 -61.42
CA LEU C 189 -5.94 4.65 -61.74
C LEU C 189 -4.49 4.89 -62.18
N GLY C 190 -4.26 5.98 -62.90
CA GLY C 190 -2.91 6.28 -63.35
C GLY C 190 -1.96 6.51 -62.19
N THR C 191 -2.39 7.32 -61.22
CA THR C 191 -1.56 7.57 -60.05
C THR C 191 -1.42 6.31 -59.20
N MET C 192 -2.48 5.50 -59.12
CA MET C 192 -2.38 4.23 -58.42
C MET C 192 -1.28 3.36 -59.01
N ILE C 193 -1.28 3.21 -60.33
CA ILE C 193 -0.31 2.35 -60.98
C ILE C 193 1.09 2.92 -60.88
N ARG C 194 1.25 4.23 -61.06
CA ARG C 194 2.58 4.82 -60.94
C ARG C 194 3.12 4.63 -59.53
N ALA C 195 2.31 4.91 -58.51
CA ALA C 195 2.76 4.76 -57.14
C ALA C 195 3.06 3.30 -56.83
N ALA C 196 2.29 2.37 -57.40
CA ALA C 196 2.56 0.96 -57.21
C ALA C 196 3.92 0.59 -57.77
N ARG C 197 4.13 0.84 -59.07
CA ARG C 197 5.41 0.56 -59.70
C ARG C 197 6.57 1.22 -58.95
N ALA C 198 6.34 2.40 -58.38
CA ALA C 198 7.44 3.11 -57.74
C ALA C 198 7.77 2.53 -56.36
N PHE C 199 6.76 2.38 -55.50
CA PHE C 199 6.99 2.13 -54.09
C PHE C 199 6.49 0.77 -53.60
N GLY C 200 6.14 -0.14 -54.50
CA GLY C 200 5.81 -1.48 -54.12
C GLY C 200 6.97 -2.22 -53.50
N PRO C 201 8.16 -2.13 -54.12
CA PRO C 201 9.34 -2.73 -53.48
C PRO C 201 9.61 -2.23 -52.08
N PHE C 202 9.54 -0.92 -51.86
CA PHE C 202 9.80 -0.37 -50.52
C PHE C 202 8.78 -0.89 -49.51
N CYS C 203 7.50 -0.86 -49.88
CA CYS C 203 6.46 -1.31 -48.96
C CYS C 203 6.58 -2.80 -48.67
N ASP C 204 6.94 -3.59 -49.69
CA ASP C 204 7.11 -5.02 -49.49
C ASP C 204 8.31 -5.31 -48.60
N ALA C 205 9.43 -4.62 -48.83
CA ALA C 205 10.59 -4.79 -47.97
C ALA C 205 10.28 -4.38 -46.53
N LEU C 206 9.45 -3.35 -46.35
CA LEU C 206 9.02 -3.00 -44.99
C LEU C 206 8.13 -4.08 -44.41
N LYS C 207 7.32 -4.72 -45.24
CA LYS C 207 6.42 -5.77 -44.76
C LYS C 207 7.19 -7.01 -44.35
N GLU C 208 8.28 -7.33 -45.04
CA GLU C 208 9.09 -8.48 -44.66
C GLU C 208 9.72 -8.32 -43.28
N THR C 209 9.92 -7.08 -42.84
CA THR C 209 10.49 -6.79 -41.53
C THR C 209 9.47 -6.08 -40.65
N CYS C 210 8.21 -6.51 -40.74
CA CYS C 210 7.14 -5.88 -39.96
C CYS C 210 7.34 -6.01 -38.46
N ILE C 211 8.25 -6.87 -38.01
CA ILE C 211 8.51 -7.02 -36.58
C ILE C 211 9.67 -6.15 -36.14
N PHE C 212 10.71 -6.04 -36.96
CA PHE C 212 11.93 -5.37 -36.58
C PHE C 212 11.92 -3.87 -36.88
N ASN C 213 10.89 -3.38 -37.55
CA ASN C 213 10.81 -1.96 -37.86
C ASN C 213 9.47 -1.42 -37.39
N PRO C 214 9.44 -0.17 -36.89
CA PRO C 214 8.19 0.35 -36.32
C PRO C 214 7.08 0.52 -37.33
N ILE C 215 7.39 0.56 -38.62
CA ILE C 215 6.33 0.67 -39.62
C ILE C 215 5.72 -0.71 -39.77
N ARG C 216 4.70 -0.98 -38.95
CA ARG C 216 4.14 -2.33 -38.82
C ARG C 216 3.04 -2.61 -39.85
N VAL C 217 3.04 -1.92 -40.98
CA VAL C 217 1.99 -2.09 -41.97
C VAL C 217 2.18 -3.42 -42.67
N GLY C 218 1.17 -4.28 -42.60
CA GLY C 218 1.21 -5.60 -43.20
C GLY C 218 1.32 -6.73 -42.22
N MET C 219 1.41 -6.45 -40.93
CA MET C 219 1.53 -7.50 -39.94
C MET C 219 0.21 -8.25 -39.82
N SER C 220 0.28 -9.44 -39.23
CA SER C 220 -0.89 -10.24 -38.93
C SER C 220 -1.10 -10.19 -37.42
N MET C 221 -2.25 -9.67 -37.01
CA MET C 221 -2.48 -9.41 -35.58
C MET C 221 -2.42 -10.70 -34.77
N ASN C 222 -2.98 -11.78 -35.31
CA ASN C 222 -3.03 -13.04 -34.57
C ASN C 222 -1.69 -13.77 -34.60
N GLU C 223 -0.91 -13.59 -35.67
CA GLU C 223 0.36 -14.29 -35.82
C GLU C 223 1.53 -13.47 -35.29
N ASP C 224 1.67 -12.24 -35.77
CA ASP C 224 2.83 -11.41 -35.48
C ASP C 224 2.64 -10.46 -34.31
N GLY C 225 1.41 -10.28 -33.85
CA GLY C 225 1.12 -9.41 -32.73
C GLY C 225 1.88 -9.74 -31.46
N PRO C 226 1.76 -10.99 -30.98
CA PRO C 226 2.43 -11.37 -29.73
C PRO C 226 3.92 -11.08 -29.69
N PHE C 227 4.63 -11.25 -30.81
CA PHE C 227 6.05 -10.95 -30.84
C PHE C 227 6.29 -9.46 -30.65
N ILE C 228 5.55 -8.64 -31.40
CA ILE C 228 5.67 -7.19 -31.29
C ILE C 228 5.40 -6.73 -29.86
N PHE C 229 4.37 -7.30 -29.23
CA PHE C 229 4.02 -6.84 -27.89
C PHE C 229 4.98 -7.36 -26.84
N ALA C 230 5.55 -8.56 -27.05
CA ALA C 230 6.57 -9.04 -26.13
C ALA C 230 7.81 -8.16 -26.21
N ARG C 231 8.21 -7.76 -27.41
CA ARG C 231 9.35 -6.86 -27.54
C ARG C 231 9.04 -5.51 -26.90
N HIS C 232 7.82 -5.01 -27.10
CA HIS C 232 7.42 -3.76 -26.45
C HIS C 232 7.55 -3.86 -24.93
N ALA C 233 7.08 -4.97 -24.36
CA ALA C 233 7.05 -5.13 -22.91
C ALA C 233 8.43 -5.20 -22.29
N ASN C 234 9.49 -5.30 -23.08
CA ASN C 234 10.85 -5.21 -22.54
C ASN C 234 11.18 -3.85 -21.94
N PHE C 235 10.28 -2.88 -22.03
CA PHE C 235 10.61 -1.50 -21.68
C PHE C 235 9.76 -1.03 -20.50
N ARG C 236 10.19 0.09 -19.92
CA ARG C 236 9.62 0.53 -18.65
C ARG C 236 8.31 1.27 -18.84
N TYR C 237 8.28 2.27 -19.73
CA TYR C 237 7.14 3.16 -19.87
C TYR C 237 6.47 2.94 -21.22
N HIS C 238 5.15 3.15 -21.25
CA HIS C 238 4.34 2.93 -22.45
C HIS C 238 3.32 4.05 -22.58
N MET C 239 3.05 4.46 -23.81
CA MET C 239 2.10 5.53 -24.05
C MET C 239 1.47 5.40 -25.43
N ASP C 240 0.33 6.07 -25.58
CA ASP C 240 -0.38 6.19 -26.86
C ASP C 240 -0.97 7.59 -26.92
N ALA C 241 -0.51 8.39 -27.88
CA ALA C 241 -0.92 9.79 -27.94
C ALA C 241 -2.37 9.95 -28.41
N ASP C 242 -2.84 9.06 -29.26
CA ASP C 242 -4.21 9.10 -29.79
C ASP C 242 -4.54 10.46 -30.40
N TYR C 243 -3.95 10.68 -31.57
CA TYR C 243 -4.08 11.97 -32.25
C TYR C 243 -5.45 12.14 -32.87
N THR C 244 -5.92 13.39 -32.90
CA THR C 244 -7.18 13.76 -33.54
C THR C 244 -6.89 14.55 -34.81
N ARG C 245 -7.52 14.16 -35.92
CA ARG C 245 -7.27 14.72 -37.23
C ARG C 245 -5.77 14.69 -37.55
N TRP C 246 -5.28 13.47 -37.75
CA TRP C 246 -3.87 13.29 -38.05
C TRP C 246 -3.53 13.76 -39.46
N ASP C 247 -4.38 13.41 -40.44
CA ASP C 247 -4.02 13.66 -41.83
C ASP C 247 -4.18 15.13 -42.20
N SER C 248 -5.19 15.81 -41.65
CA SER C 248 -5.38 17.22 -41.96
C SER C 248 -4.31 18.10 -41.37
N THR C 249 -3.64 17.66 -40.30
CA THR C 249 -2.70 18.48 -39.56
C THR C 249 -1.26 18.27 -40.00
N GLN C 250 -1.03 17.41 -40.98
CA GLN C 250 0.34 17.13 -41.42
C GLN C 250 0.89 18.28 -42.23
N GLN C 251 2.21 18.41 -42.20
CA GLN C 251 2.93 19.41 -42.97
C GLN C 251 3.60 18.75 -44.16
N ARG C 252 3.51 19.39 -45.33
CA ARG C 252 4.09 18.81 -46.52
C ARG C 252 5.60 18.68 -46.45
N ALA C 253 6.27 19.47 -45.61
CA ALA C 253 7.72 19.33 -45.50
C ALA C 253 8.12 18.01 -44.85
N ILE C 254 7.40 17.63 -43.79
CA ILE C 254 7.68 16.34 -43.14
C ILE C 254 7.40 15.20 -44.10
N LEU C 255 6.29 15.29 -44.83
CA LEU C 255 5.99 14.28 -45.85
C LEU C 255 7.03 14.28 -46.96
N LYS C 256 7.64 15.43 -47.25
CA LYS C 256 8.70 15.46 -48.25
C LYS C 256 9.94 14.75 -47.75
N ARG C 257 10.28 14.91 -46.47
CA ARG C 257 11.38 14.15 -45.91
C ARG C 257 11.10 12.66 -45.97
N ALA C 258 9.90 12.26 -45.56
CA ALA C 258 9.51 10.85 -45.63
C ALA C 258 9.59 10.32 -47.06
N GLY C 259 9.11 11.11 -48.02
CA GLY C 259 9.17 10.69 -49.41
C GLY C 259 10.57 10.61 -49.96
N ASP C 260 11.46 11.51 -49.52
CA ASP C 260 12.87 11.40 -49.90
C ASP C 260 13.45 10.09 -49.38
N ILE C 261 13.12 9.73 -48.14
CA ILE C 261 13.55 8.44 -47.60
C ILE C 261 13.01 7.30 -48.45
N MET C 262 11.71 7.33 -48.75
CA MET C 262 11.10 6.24 -49.50
C MET C 262 11.67 6.12 -50.91
N VAL C 263 12.00 7.24 -51.53
CA VAL C 263 12.55 7.22 -52.89
C VAL C 263 13.98 6.70 -52.86
N ARG C 264 14.80 7.20 -51.94
CA ARG C 264 16.20 6.82 -51.91
C ARG C 264 16.38 5.32 -51.65
N LEU C 265 15.38 4.67 -51.06
CA LEU C 265 15.42 3.25 -50.77
C LEU C 265 14.70 2.41 -51.82
N SER C 266 14.26 3.01 -52.90
CA SER C 266 13.55 2.28 -53.94
C SER C 266 14.51 1.81 -55.02
N PRO C 267 14.21 0.71 -55.72
CA PRO C 267 15.18 0.17 -56.69
C PRO C 267 15.34 1.04 -57.92
N GLU C 268 14.35 1.86 -58.25
CA GLU C 268 14.42 2.79 -59.38
C GLU C 268 14.18 4.20 -58.83
N PRO C 269 15.20 4.80 -58.22
CA PRO C 269 14.96 6.06 -57.49
C PRO C 269 14.64 7.23 -58.41
N ASP C 270 15.20 7.26 -59.62
CA ASP C 270 14.95 8.39 -60.51
C ASP C 270 13.52 8.41 -61.00
N LEU C 271 12.96 7.24 -61.30
CA LEU C 271 11.57 7.16 -61.73
C LEU C 271 10.63 7.45 -60.57
N ALA C 272 10.95 6.94 -59.38
CA ALA C 272 10.13 7.20 -58.20
C ALA C 272 10.17 8.66 -57.77
N ARG C 273 11.25 9.38 -58.06
CA ARG C 273 11.35 10.79 -57.68
C ARG C 273 10.23 11.62 -58.31
N VAL C 274 10.00 11.45 -59.61
CA VAL C 274 8.95 12.23 -60.27
C VAL C 274 7.58 11.88 -59.68
N VAL C 275 7.35 10.59 -59.41
CA VAL C 275 6.05 10.18 -58.89
C VAL C 275 5.82 10.75 -57.50
N MET C 276 6.86 10.78 -56.66
CA MET C 276 6.71 11.36 -55.33
C MET C 276 6.52 12.86 -55.42
N ASP C 277 7.25 13.54 -56.30
CA ASP C 277 7.05 14.97 -56.51
C ASP C 277 5.63 15.26 -56.95
N ASP C 278 5.03 14.37 -57.76
CA ASP C 278 3.64 14.54 -58.15
C ASP C 278 2.70 14.28 -56.99
N LEU C 279 3.04 13.32 -56.13
CA LEU C 279 2.16 12.97 -55.03
C LEU C 279 2.12 14.07 -53.97
N LEU C 280 3.26 14.66 -53.66
CA LEU C 280 3.37 15.63 -52.58
C LEU C 280 3.19 17.07 -53.04
N ALA C 281 3.05 17.31 -54.34
CA ALA C 281 2.75 18.64 -54.85
C ALA C 281 1.35 19.05 -54.40
N PRO C 282 1.01 20.34 -54.50
CA PRO C 282 -0.36 20.77 -54.21
C PRO C 282 -1.39 19.92 -54.96
N SER C 283 -2.28 19.30 -54.21
CA SER C 283 -3.14 18.24 -54.73
C SER C 283 -4.43 18.80 -55.28
N LEU C 284 -4.95 18.14 -56.31
CA LEU C 284 -6.19 18.54 -56.97
C LEU C 284 -7.29 17.60 -56.47
N LEU C 285 -8.13 18.10 -55.57
CA LEU C 285 -9.20 17.31 -55.00
C LEU C 285 -10.52 17.66 -55.67
N ASP C 286 -11.24 16.64 -56.12
CA ASP C 286 -12.49 16.81 -56.86
C ASP C 286 -13.65 16.62 -55.89
N VAL C 287 -14.29 17.73 -55.51
CA VAL C 287 -15.38 17.70 -54.54
C VAL C 287 -16.74 17.65 -55.22
N GLY C 288 -16.77 17.41 -56.53
CA GLY C 288 -18.02 17.30 -57.25
C GLY C 288 -18.35 18.53 -58.06
N ASP C 289 -18.43 19.69 -57.40
CA ASP C 289 -18.69 20.93 -58.11
C ASP C 289 -17.41 21.48 -58.73
N TYR C 290 -16.34 21.58 -57.95
CA TYR C 290 -15.08 22.11 -58.42
C TYR C 290 -13.95 21.14 -58.13
N LYS C 291 -12.83 21.38 -58.79
CA LYS C 291 -11.54 20.78 -58.44
C LYS C 291 -10.76 21.85 -57.71
N ILE C 292 -10.50 21.63 -56.43
CA ILE C 292 -9.85 22.60 -55.56
C ILE C 292 -8.41 22.17 -55.31
N VAL C 293 -7.63 23.11 -54.80
CA VAL C 293 -6.20 22.92 -54.57
C VAL C 293 -5.98 22.79 -53.08
N VAL C 294 -5.53 21.62 -52.65
CA VAL C 294 -5.18 21.36 -51.26
C VAL C 294 -3.66 21.41 -51.18
N GLU C 295 -3.13 22.45 -50.55
CA GLU C 295 -1.69 22.64 -50.51
C GLU C 295 -1.02 21.88 -49.37
N GLU C 296 -1.74 21.64 -48.30
CA GLU C 296 -1.20 20.96 -47.12
C GLU C 296 -2.06 19.75 -46.80
N GLY C 297 -1.71 19.04 -45.72
CA GLY C 297 -2.38 17.83 -45.36
C GLY C 297 -1.81 16.61 -46.04
N LEU C 298 -2.44 15.47 -45.81
CA LEU C 298 -2.01 14.21 -46.39
C LEU C 298 -3.01 13.74 -47.43
N PRO C 299 -2.60 13.54 -48.68
CA PRO C 299 -3.51 12.92 -49.66
C PRO C 299 -3.60 11.42 -49.50
N SER C 300 -4.61 10.95 -48.78
CA SER C 300 -4.68 9.56 -48.33
C SER C 300 -5.42 8.67 -49.33
N GLY C 301 -5.02 8.74 -50.60
CA GLY C 301 -5.69 7.97 -51.63
C GLY C 301 -4.80 6.92 -52.26
N CYS C 302 -3.50 7.16 -52.24
CA CYS C 302 -2.55 6.30 -52.94
C CYS C 302 -2.34 5.00 -52.18
N PRO C 303 -1.86 3.96 -52.85
CA PRO C 303 -1.72 2.67 -52.14
C PRO C 303 -0.66 2.70 -51.06
N CYS C 304 0.40 3.46 -51.24
CA CYS C 304 1.48 3.55 -50.26
C CYS C 304 1.23 4.63 -49.22
N THR C 305 0.07 5.30 -49.28
CA THR C 305 -0.16 6.46 -48.42
C THR C 305 -0.09 6.09 -46.95
N THR C 306 -0.36 4.83 -46.61
CA THR C 306 -0.26 4.44 -45.21
C THR C 306 1.20 4.41 -44.76
N GLN C 307 2.06 3.75 -45.55
CA GLN C 307 3.47 3.66 -45.19
C GLN C 307 4.07 5.06 -45.09
N LEU C 308 3.80 5.89 -46.09
CA LEU C 308 4.30 7.25 -46.06
C LEU C 308 3.83 7.94 -44.78
N ASN C 309 2.52 7.88 -44.52
CA ASN C 309 2.00 8.49 -43.29
C ASN C 309 2.72 7.95 -42.08
N SER C 310 2.90 6.63 -42.02
CA SER C 310 3.54 6.03 -40.86
C SER C 310 4.95 6.55 -40.71
N LEU C 311 5.67 6.67 -41.83
CA LEU C 311 7.03 7.19 -41.75
C LEU C 311 7.02 8.61 -41.19
N ALA C 312 6.08 9.44 -41.68
CA ALA C 312 5.98 10.79 -41.13
C ALA C 312 5.73 10.74 -39.64
N HIS C 313 4.83 9.86 -39.21
CA HIS C 313 4.55 9.70 -37.79
C HIS C 313 5.84 9.42 -37.05
N TRP C 314 6.61 8.46 -37.57
CA TRP C 314 7.87 8.11 -36.95
C TRP C 314 8.73 9.34 -36.75
N ILE C 315 8.94 10.09 -37.83
CA ILE C 315 9.79 11.27 -37.76
C ILE C 315 9.31 12.17 -36.63
N LEU C 316 8.02 12.52 -36.67
CA LEU C 316 7.51 13.48 -35.71
C LEU C 316 7.76 12.98 -34.30
N THR C 317 7.41 11.72 -34.04
CA THR C 317 7.58 11.19 -32.69
C THR C 317 9.04 11.32 -32.27
N LEU C 318 9.94 10.84 -33.12
CA LEU C 318 11.35 10.88 -32.74
C LEU C 318 11.80 12.30 -32.47
N CYS C 319 11.36 13.24 -33.32
CA CYS C 319 11.78 14.62 -33.13
C CYS C 319 11.41 15.10 -31.74
N ALA C 320 10.16 14.87 -31.34
CA ALA C 320 9.72 15.36 -30.05
C ALA C 320 10.62 14.81 -28.95
N MET C 321 10.91 13.51 -29.01
CA MET C 321 11.68 12.90 -27.94
C MET C 321 13.09 13.49 -27.88
N VAL C 322 13.71 13.68 -29.04
CA VAL C 322 15.07 14.22 -28.98
C VAL C 322 15.02 15.68 -28.59
N GLU C 323 13.92 16.37 -28.89
CA GLU C 323 13.81 17.75 -28.44
C GLU C 323 13.56 17.81 -26.94
N VAL C 324 12.93 16.78 -26.39
CA VAL C 324 12.67 16.75 -24.94
C VAL C 324 13.83 16.19 -24.16
N THR C 325 14.38 15.06 -24.63
CA THR C 325 15.41 14.34 -23.87
C THR C 325 16.82 14.89 -24.11
N ARG C 326 17.06 15.57 -25.22
CA ARG C 326 18.38 16.08 -25.58
C ARG C 326 19.40 14.98 -25.78
N VAL C 327 18.94 13.73 -25.94
CA VAL C 327 19.81 12.63 -26.30
C VAL C 327 19.62 12.34 -27.79
N ASP C 328 20.64 11.71 -28.38
CA ASP C 328 20.67 11.50 -29.81
C ASP C 328 19.55 10.55 -30.25
N PRO C 329 19.03 10.73 -31.48
CA PRO C 329 17.87 9.92 -31.91
C PRO C 329 18.16 8.43 -32.00
N ASP C 330 19.36 8.03 -32.43
CA ASP C 330 19.68 6.60 -32.48
C ASP C 330 19.70 5.99 -31.08
N ILE C 331 20.18 6.74 -30.09
CA ILE C 331 20.11 6.26 -28.72
C ILE C 331 18.66 6.13 -28.26
N VAL C 332 17.82 7.10 -28.63
CA VAL C 332 16.39 6.98 -28.35
C VAL C 332 15.85 5.70 -28.96
N MET C 333 16.23 5.40 -30.19
CA MET C 333 15.65 4.31 -30.94
C MET C 333 16.16 2.95 -30.48
N GLN C 334 17.35 2.88 -29.90
CA GLN C 334 17.83 1.65 -29.30
C GLN C 334 17.37 1.46 -27.87
N GLU C 335 16.91 2.54 -27.21
CA GLU C 335 16.32 2.45 -25.88
C GLU C 335 14.80 2.50 -25.92
N SER C 336 14.21 2.30 -27.09
CA SER C 336 12.76 2.40 -27.24
C SER C 336 12.29 1.42 -28.31
N GLU C 337 10.98 1.17 -28.30
CA GLU C 337 10.30 0.35 -29.29
C GLU C 337 9.04 1.08 -29.73
N PHE C 338 8.93 1.34 -31.02
CA PHE C 338 7.81 2.06 -31.58
C PHE C 338 6.92 1.12 -32.38
N SER C 339 5.64 1.47 -32.46
CA SER C 339 4.69 0.77 -33.31
C SER C 339 3.83 1.82 -33.98
N PHE C 340 3.87 1.86 -35.31
CA PHE C 340 3.18 2.88 -36.09
C PHE C 340 2.34 2.22 -37.18
N TYR C 341 1.06 2.59 -37.23
CA TYR C 341 0.15 2.20 -38.30
C TYR C 341 -0.64 3.46 -38.64
N GLY C 342 -0.05 4.31 -39.48
CA GLY C 342 -0.66 5.56 -39.82
C GLY C 342 -0.75 6.50 -38.63
N ASP C 343 -1.98 6.85 -38.25
CA ASP C 343 -2.21 7.68 -37.09
C ASP C 343 -2.17 6.89 -35.79
N ASP C 344 -2.17 5.56 -35.85
CA ASP C 344 -2.20 4.75 -34.64
C ASP C 344 -0.78 4.44 -34.20
N GLU C 345 -0.53 4.55 -32.89
CA GLU C 345 0.82 4.34 -32.38
C GLU C 345 0.78 3.68 -31.01
N VAL C 346 1.87 2.99 -30.70
CA VAL C 346 2.21 2.54 -29.35
C VAL C 346 3.69 2.81 -29.16
N VAL C 347 4.05 3.60 -28.14
CA VAL C 347 5.42 3.99 -27.92
C VAL C 347 5.86 3.46 -26.56
N SER C 348 6.88 2.61 -26.55
CA SER C 348 7.46 2.09 -25.33
C SER C 348 8.90 2.58 -25.23
N THR C 349 9.29 3.06 -24.05
CA THR C 349 10.63 3.61 -23.89
C THR C 349 11.06 3.49 -22.43
N ASN C 350 12.37 3.43 -22.23
CA ASN C 350 12.98 3.43 -20.91
C ASN C 350 13.42 4.82 -20.46
N LEU C 351 13.42 5.79 -21.36
CA LEU C 351 13.84 7.13 -21.01
C LEU C 351 12.83 7.81 -20.08
N GLU C 352 13.34 8.54 -19.10
CA GLU C 352 12.50 9.35 -18.22
C GLU C 352 11.98 10.52 -19.04
N LEU C 353 10.72 10.43 -19.48
CA LEU C 353 10.15 11.40 -20.40
C LEU C 353 9.26 12.39 -19.66
N ASP C 354 9.58 13.68 -19.81
CA ASP C 354 8.75 14.76 -19.32
C ASP C 354 7.54 14.88 -20.24
N MET C 355 6.41 14.32 -19.82
CA MET C 355 5.24 14.29 -20.69
C MET C 355 4.72 15.69 -20.99
N VAL C 356 4.97 16.65 -20.09
CA VAL C 356 4.59 18.04 -20.35
C VAL C 356 5.28 18.55 -21.62
N LYS C 357 6.61 18.49 -21.63
CA LYS C 357 7.35 18.99 -22.79
C LYS C 357 7.10 18.14 -24.04
N TYR C 358 6.86 16.84 -23.87
CA TYR C 358 6.54 15.99 -25.00
C TYR C 358 5.25 16.43 -25.67
N THR C 359 4.19 16.60 -24.88
CA THR C 359 2.92 17.07 -25.44
C THR C 359 3.04 18.49 -25.98
N MET C 360 3.85 19.33 -25.33
CA MET C 360 4.06 20.69 -25.82
C MET C 360 4.69 20.68 -27.20
N ALA C 361 5.73 19.85 -27.39
CA ALA C 361 6.39 19.76 -28.68
C ALA C 361 5.46 19.15 -29.73
N LEU C 362 4.62 18.19 -29.34
CA LEU C 362 3.66 17.62 -30.29
C LEU C 362 2.66 18.67 -30.75
N ARG C 363 2.09 19.43 -29.81
CA ARG C 363 1.12 20.46 -30.19
C ARG C 363 1.78 21.59 -30.96
N ARG C 364 3.06 21.87 -30.69
CA ARG C 364 3.79 22.86 -31.44
C ARG C 364 3.94 22.47 -32.91
N TYR C 365 4.02 21.17 -33.19
CA TYR C 365 4.17 20.69 -34.56
C TYR C 365 2.86 20.70 -35.34
N GLY C 366 1.76 21.14 -34.73
CA GLY C 366 0.47 21.13 -35.38
C GLY C 366 -0.39 19.93 -35.04
N LEU C 367 0.15 18.96 -34.31
CA LEU C 367 -0.59 17.76 -33.97
C LEU C 367 -1.59 18.06 -32.87
N LEU C 368 -2.52 17.14 -32.67
CA LEU C 368 -3.64 17.31 -31.74
C LEU C 368 -3.75 16.09 -30.83
N PRO C 369 -2.79 15.92 -29.91
CA PRO C 369 -2.86 14.76 -29.01
C PRO C 369 -3.97 14.95 -27.98
N THR C 370 -4.66 13.86 -27.69
CA THR C 370 -5.80 13.88 -26.79
C THR C 370 -5.65 12.83 -25.71
N ARG C 371 -6.00 13.18 -24.48
CA ARG C 371 -6.07 12.21 -23.41
C ARG C 371 -7.27 11.28 -23.62
N ALA C 372 -7.24 10.14 -22.94
CA ALA C 372 -8.36 9.21 -23.02
C ALA C 372 -9.60 9.77 -22.34
N ASP C 373 -9.43 10.52 -21.25
CA ASP C 373 -10.53 11.14 -20.54
C ASP C 373 -11.00 12.45 -21.18
N LYS C 374 -10.44 12.83 -22.33
CA LYS C 374 -10.86 14.02 -23.07
C LYS C 374 -10.67 15.30 -22.26
N GLU C 375 -9.80 15.28 -21.26
CA GLU C 375 -9.48 16.46 -20.48
C GLU C 375 -8.18 17.09 -20.96
N GLU C 376 -8.04 18.39 -20.75
CA GLU C 376 -6.83 19.07 -21.15
C GLU C 376 -5.69 18.75 -20.19
N GLY C 377 -4.47 18.86 -20.69
CA GLY C 377 -3.30 18.57 -19.90
C GLY C 377 -2.29 17.72 -20.66
N PRO C 378 -1.25 17.29 -19.98
CA PRO C 378 -0.20 16.50 -20.62
C PRO C 378 -0.67 15.07 -20.85
N LEU C 379 0.07 14.37 -21.71
CA LEU C 379 -0.24 12.98 -22.01
C LEU C 379 0.12 12.09 -20.83
N GLU C 380 -0.57 10.95 -20.75
CA GLU C 380 -0.35 10.00 -19.68
C GLU C 380 0.66 8.94 -20.11
N ARG C 381 1.55 8.57 -19.19
CA ARG C 381 2.47 7.46 -19.39
C ARG C 381 2.28 6.45 -18.26
N ARG C 382 2.18 5.17 -18.63
CA ARG C 382 1.96 4.10 -17.67
C ARG C 382 3.17 3.17 -17.68
N GLN C 383 3.32 2.43 -16.58
CA GLN C 383 4.46 1.53 -16.41
C GLN C 383 4.18 0.11 -16.87
N THR C 384 3.04 -0.14 -17.50
CA THR C 384 2.72 -1.46 -18.02
C THR C 384 2.11 -1.33 -19.41
N LEU C 385 2.40 -2.30 -20.26
CA LEU C 385 1.85 -2.32 -21.61
C LEU C 385 0.40 -2.77 -21.67
N GLN C 386 -0.12 -3.35 -20.59
CA GLN C 386 -1.47 -3.87 -20.62
C GLN C 386 -2.50 -2.74 -20.66
N GLY C 387 -3.47 -2.86 -21.57
CA GLY C 387 -4.54 -1.90 -21.71
C GLY C 387 -4.39 -0.94 -22.88
N ILE C 388 -3.17 -0.71 -23.36
CA ILE C 388 -2.99 0.22 -24.47
C ILE C 388 -3.61 -0.37 -25.74
N SER C 389 -4.09 0.50 -26.60
CA SER C 389 -4.84 0.11 -27.79
C SER C 389 -4.01 0.35 -29.06
N PHE C 390 -4.10 -0.62 -29.97
CA PHE C 390 -3.41 -0.54 -31.26
C PHE C 390 -4.25 -1.29 -32.28
N LEU C 391 -4.54 -0.63 -33.40
CA LEU C 391 -5.41 -1.18 -34.44
C LEU C 391 -6.76 -1.60 -33.86
N ARG C 392 -7.35 -0.69 -33.09
CA ARG C 392 -8.67 -0.82 -32.44
C ARG C 392 -8.75 -2.07 -31.57
N ARG C 393 -7.61 -2.68 -31.25
CA ARG C 393 -7.54 -3.82 -30.35
C ARG C 393 -6.80 -3.43 -29.09
N ALA C 394 -7.08 -4.14 -28.00
CA ALA C 394 -6.41 -3.95 -26.73
C ALA C 394 -5.30 -4.97 -26.53
N ILE C 395 -4.18 -4.50 -25.98
CA ILE C 395 -3.01 -5.33 -25.71
C ILE C 395 -3.20 -5.97 -24.34
N VAL C 396 -3.25 -7.30 -24.31
CA VAL C 396 -3.43 -8.06 -23.08
C VAL C 396 -2.32 -9.07 -22.98
N GLY C 397 -2.05 -9.53 -21.77
CA GLY C 397 -1.01 -10.52 -21.54
C GLY C 397 -1.43 -11.50 -20.48
N ASP C 398 -0.99 -12.74 -20.63
CA ASP C 398 -1.33 -13.78 -19.69
C ASP C 398 -0.15 -14.76 -19.59
N GLN C 399 -0.40 -15.89 -18.94
CA GLN C 399 0.64 -16.89 -18.71
C GLN C 399 1.17 -17.48 -20.00
N PHE C 400 0.43 -17.36 -21.09
CA PHE C 400 0.88 -17.87 -22.37
C PHE C 400 1.60 -16.82 -23.21
N GLY C 401 1.51 -15.54 -22.82
CA GLY C 401 2.16 -14.50 -23.58
C GLY C 401 1.21 -13.35 -23.84
N TRP C 402 1.65 -12.44 -24.69
CA TRP C 402 0.86 -11.27 -25.04
C TRP C 402 0.02 -11.54 -26.29
N TYR C 403 -1.03 -10.74 -26.45
CA TYR C 403 -1.93 -10.86 -27.58
C TYR C 403 -2.74 -9.57 -27.70
N GLY C 404 -3.31 -9.37 -28.88
CA GLY C 404 -4.23 -8.27 -29.13
C GLY C 404 -5.64 -8.81 -29.32
N ARG C 405 -6.57 -8.26 -28.55
CA ARG C 405 -7.94 -8.72 -28.56
C ARG C 405 -8.87 -7.57 -28.95
N LEU C 406 -9.79 -7.87 -29.88
CA LEU C 406 -10.78 -6.88 -30.29
C LEU C 406 -11.72 -6.55 -29.15
N ASP C 407 -12.07 -5.27 -29.03
CA ASP C 407 -12.93 -4.85 -27.95
C ASP C 407 -14.32 -5.48 -28.09
N ARG C 408 -15.08 -5.42 -27.00
CA ARG C 408 -16.38 -6.09 -26.96
C ARG C 408 -17.42 -5.36 -27.79
N ALA C 409 -17.40 -4.02 -27.77
CA ALA C 409 -18.38 -3.24 -28.51
C ALA C 409 -18.36 -3.57 -30.00
N SER C 410 -17.16 -3.68 -30.59
CA SER C 410 -17.08 -4.00 -32.01
C SER C 410 -17.64 -5.37 -32.31
N ILE C 411 -17.45 -6.32 -31.40
CA ILE C 411 -18.00 -7.67 -31.61
C ILE C 411 -19.53 -7.62 -31.60
N ASP C 412 -20.11 -7.00 -30.57
CA ASP C 412 -21.56 -6.87 -30.54
C ASP C 412 -22.09 -6.13 -31.77
N ARG C 413 -21.36 -5.11 -32.23
CA ARG C 413 -21.80 -4.36 -33.40
C ARG C 413 -21.80 -5.22 -34.65
N GLN C 414 -20.72 -5.98 -34.87
CA GLN C 414 -20.70 -6.87 -36.02
C GLN C 414 -21.72 -7.99 -35.90
N LEU C 415 -22.15 -8.31 -34.68
CA LEU C 415 -23.29 -9.21 -34.52
C LEU C 415 -24.60 -8.53 -34.87
N LEU C 416 -24.67 -7.21 -34.68
CA LEU C 416 -25.89 -6.46 -34.98
C LEU C 416 -25.98 -6.01 -36.43
N TRP C 417 -24.84 -5.79 -37.08
CA TRP C 417 -24.79 -5.21 -38.41
C TRP C 417 -23.98 -6.13 -39.32
N THR C 418 -24.47 -6.34 -40.53
CA THR C 418 -23.76 -7.12 -41.53
C THR C 418 -23.64 -6.33 -42.82
N LYS C 419 -22.59 -6.60 -43.58
CA LYS C 419 -22.36 -5.88 -44.82
C LYS C 419 -23.14 -6.52 -45.95
N GLY C 420 -23.66 -5.68 -46.84
CA GLY C 420 -24.40 -6.14 -47.99
C GLY C 420 -24.47 -5.10 -49.08
N PRO C 421 -25.39 -5.28 -50.02
CA PRO C 421 -25.57 -4.29 -51.08
C PRO C 421 -26.11 -2.98 -50.52
N ASN C 422 -25.91 -1.92 -51.30
CA ASN C 422 -26.27 -0.58 -50.85
C ASN C 422 -27.77 -0.35 -50.92
N HIS C 423 -28.34 0.15 -49.82
CA HIS C 423 -29.76 0.45 -49.75
C HIS C 423 -29.92 1.74 -48.94
N GLN C 424 -31.18 2.15 -48.76
CA GLN C 424 -31.47 3.44 -48.16
C GLN C 424 -31.88 3.37 -46.70
N ASN C 425 -32.54 2.31 -46.26
CA ASN C 425 -33.04 2.23 -44.89
C ASN C 425 -32.15 1.31 -44.08
N PRO C 426 -31.29 1.85 -43.20
CA PRO C 426 -30.34 0.99 -42.48
C PRO C 426 -30.99 -0.04 -41.58
N PHE C 427 -32.28 0.09 -41.27
CA PHE C 427 -32.96 -0.84 -40.37
C PHE C 427 -33.69 -1.94 -41.10
N GLU C 428 -33.54 -2.03 -42.42
CA GLU C 428 -34.06 -3.17 -43.15
C GLU C 428 -33.26 -4.42 -42.79
N THR C 429 -33.98 -5.53 -42.59
CA THR C 429 -33.33 -6.79 -42.28
C THR C 429 -32.90 -7.46 -43.58
N LEU C 430 -31.68 -7.99 -43.57
CA LEU C 430 -31.14 -8.62 -44.76
C LEU C 430 -31.68 -10.04 -44.88
N PRO C 431 -32.43 -10.36 -45.93
CA PRO C 431 -32.99 -11.72 -46.06
C PRO C 431 -31.99 -12.76 -46.50
N GLY C 432 -30.77 -12.37 -46.86
CA GLY C 432 -29.78 -13.34 -47.26
C GLY C 432 -29.40 -14.26 -46.12
N HIS C 433 -28.98 -15.46 -46.50
CA HIS C 433 -28.59 -16.47 -45.51
C HIS C 433 -27.08 -16.52 -45.37
N ARG C 436 -23.69 -15.86 -43.04
CA ARG C 436 -22.25 -15.63 -43.04
C ARG C 436 -21.53 -16.70 -42.24
N PRO C 437 -20.84 -17.60 -42.93
CA PRO C 437 -20.09 -18.65 -42.22
C PRO C 437 -18.79 -18.13 -41.62
N SER C 438 -17.87 -17.71 -42.49
CA SER C 438 -16.54 -17.33 -42.04
C SER C 438 -16.57 -16.09 -41.16
N GLN C 439 -17.47 -15.14 -41.45
CA GLN C 439 -17.59 -13.96 -40.62
C GLN C 439 -17.97 -14.34 -39.19
N LEU C 440 -18.99 -15.18 -39.04
CA LEU C 440 -19.40 -15.60 -37.71
C LEU C 440 -18.33 -16.44 -37.02
N MET C 441 -17.61 -17.27 -37.76
CA MET C 441 -16.55 -18.06 -37.13
C MET C 441 -15.41 -17.17 -36.64
N ALA C 442 -15.03 -16.17 -37.43
CA ALA C 442 -14.01 -15.22 -36.99
C ALA C 442 -14.48 -14.43 -35.78
N LEU C 443 -15.77 -14.04 -35.77
CA LEU C 443 -16.32 -13.34 -34.61
C LEU C 443 -16.29 -14.24 -33.38
N LEU C 444 -16.60 -15.52 -33.56
CA LEU C 444 -16.52 -16.47 -32.45
C LEU C 444 -15.10 -16.55 -31.91
N GLY C 445 -14.11 -16.59 -32.81
CA GLY C 445 -12.73 -16.61 -32.38
C GLY C 445 -12.35 -15.36 -31.60
N GLU C 446 -12.72 -14.18 -32.14
CA GLU C 446 -12.40 -12.93 -31.45
C GLU C 446 -13.10 -12.83 -30.10
N ALA C 447 -14.26 -13.45 -29.95
CA ALA C 447 -14.94 -13.46 -28.67
C ALA C 447 -14.33 -14.46 -27.71
N ALA C 448 -13.72 -15.53 -28.22
CA ALA C 448 -13.10 -16.53 -27.37
C ALA C 448 -12.01 -15.94 -26.49
N MET C 449 -11.28 -14.93 -26.98
CA MET C 449 -10.20 -14.33 -26.21
C MET C 449 -10.70 -13.48 -25.04
N HIS C 450 -12.00 -13.39 -24.80
CA HIS C 450 -12.55 -12.61 -23.71
C HIS C 450 -12.99 -13.46 -22.52
N GLY C 451 -12.90 -14.77 -22.63
CA GLY C 451 -13.31 -15.67 -21.56
C GLY C 451 -14.53 -16.48 -21.94
N GLU C 452 -14.78 -17.50 -21.12
CA GLU C 452 -15.85 -18.45 -21.41
C GLU C 452 -17.24 -17.83 -21.23
N LYS C 453 -17.34 -16.80 -20.38
CA LYS C 453 -18.63 -16.14 -20.18
C LYS C 453 -19.07 -15.43 -21.46
N TYR C 454 -18.24 -14.49 -21.94
CA TYR C 454 -18.55 -13.81 -23.18
C TYR C 454 -18.59 -14.77 -24.36
N TYR C 455 -17.76 -15.81 -24.35
CA TYR C 455 -17.82 -16.77 -25.44
C TYR C 455 -19.15 -17.51 -25.46
N ARG C 456 -19.68 -17.85 -24.28
CA ARG C 456 -20.99 -18.49 -24.25
C ARG C 456 -22.08 -17.55 -24.73
N THR C 457 -22.04 -16.30 -24.31
CA THR C 457 -23.04 -15.34 -24.79
C THR C 457 -23.00 -15.21 -26.31
N VAL C 458 -21.80 -14.98 -26.86
CA VAL C 458 -21.66 -14.83 -28.30
C VAL C 458 -22.06 -16.10 -29.02
N ALA C 459 -21.77 -17.26 -28.43
CA ALA C 459 -22.14 -18.51 -29.09
C ALA C 459 -23.65 -18.69 -29.12
N SER C 460 -24.33 -18.33 -28.03
CA SER C 460 -25.78 -18.34 -28.02
C SER C 460 -26.34 -17.41 -29.09
N ARG C 461 -25.79 -16.20 -29.19
CA ARG C 461 -26.28 -15.25 -30.19
C ARG C 461 -26.05 -15.77 -31.60
N VAL C 462 -24.89 -16.39 -31.84
CA VAL C 462 -24.59 -16.92 -33.17
C VAL C 462 -25.52 -18.07 -33.51
N SER C 463 -25.77 -18.96 -32.56
CA SER C 463 -26.68 -20.06 -32.81
C SER C 463 -28.09 -19.54 -33.08
N LYS C 464 -28.55 -18.55 -32.31
CA LYS C 464 -29.88 -17.99 -32.52
C LYS C 464 -29.97 -17.30 -33.88
N GLU C 465 -28.91 -16.62 -34.31
CA GLU C 465 -28.86 -16.05 -35.65
C GLU C 465 -28.70 -17.10 -36.73
N ALA C 466 -28.29 -18.31 -36.36
CA ALA C 466 -28.21 -19.42 -37.30
C ALA C 466 -29.48 -20.25 -37.34
N ALA C 467 -30.40 -20.04 -36.41
CA ALA C 467 -31.70 -20.69 -36.43
C ALA C 467 -32.72 -19.91 -37.26
N GLN C 468 -32.33 -18.75 -37.77
CA GLN C 468 -33.11 -18.00 -38.74
C GLN C 468 -32.61 -18.23 -40.16
N SER C 469 -31.55 -18.99 -40.33
CA SER C 469 -30.95 -19.24 -41.64
C SER C 469 -30.63 -20.74 -41.72
N GLY C 470 -29.82 -21.11 -42.70
CA GLY C 470 -29.43 -22.50 -42.88
C GLY C 470 -27.95 -22.74 -42.73
N MET C 473 -23.71 -23.91 -38.02
CA MET C 473 -22.41 -24.58 -38.03
C MET C 473 -22.12 -25.19 -36.66
N VAL C 474 -20.99 -25.89 -36.55
CA VAL C 474 -20.58 -26.48 -35.28
C VAL C 474 -20.01 -25.38 -34.40
N VAL C 475 -20.59 -25.21 -33.21
CA VAL C 475 -20.12 -24.22 -32.24
C VAL C 475 -19.19 -24.94 -31.26
N PRO C 476 -17.87 -24.79 -31.37
CA PRO C 476 -16.95 -25.59 -30.56
C PRO C 476 -16.98 -25.17 -29.09
N ARG C 477 -16.31 -25.97 -28.28
CA ARG C 477 -16.03 -25.58 -26.91
C ARG C 477 -15.07 -24.39 -26.89
N HIS C 478 -15.17 -23.61 -25.82
CA HIS C 478 -14.32 -22.43 -25.66
C HIS C 478 -12.84 -22.75 -25.81
N ARG C 479 -12.38 -23.81 -25.14
CA ARG C 479 -10.94 -24.07 -25.08
C ARG C 479 -10.36 -24.40 -26.45
N SER C 480 -11.10 -25.12 -27.29
CA SER C 480 -10.57 -25.51 -28.60
C SER C 480 -10.35 -24.28 -29.48
N VAL C 481 -11.38 -23.43 -29.60
CA VAL C 481 -11.24 -22.25 -30.43
C VAL C 481 -10.26 -21.26 -29.81
N LEU C 482 -10.19 -21.21 -28.48
CA LEU C 482 -9.20 -20.34 -27.83
C LEU C 482 -7.78 -20.75 -28.19
N ARG C 483 -7.48 -22.05 -28.08
CA ARG C 483 -6.16 -22.52 -28.48
C ARG C 483 -5.92 -22.29 -29.96
N TRP C 484 -6.96 -22.41 -30.79
CA TRP C 484 -6.78 -22.23 -32.23
C TRP C 484 -6.44 -20.79 -32.58
N VAL C 485 -7.10 -19.82 -31.93
CA VAL C 485 -6.83 -18.43 -32.27
C VAL C 485 -5.59 -17.91 -31.56
N ARG C 486 -5.24 -18.45 -30.39
CA ARG C 486 -4.06 -17.97 -29.70
C ARG C 486 -2.80 -18.58 -30.31
N PHE C 487 -2.79 -19.89 -30.49
CA PHE C 487 -1.61 -20.61 -30.99
C PHE C 487 -1.88 -21.24 -32.34
N GLY C 488 -2.82 -22.18 -32.42
CA GLY C 488 -3.20 -22.87 -33.65
C GLY C 488 -2.12 -23.10 -34.70
N PRO D 5 43.52 -11.59 34.47
CA PRO D 5 42.41 -11.87 35.39
C PRO D 5 41.10 -12.10 34.65
N SER D 6 40.47 -13.25 34.90
CA SER D 6 39.21 -13.61 34.28
C SER D 6 38.18 -13.93 35.37
N GLY D 7 36.92 -13.97 34.97
CA GLY D 7 35.86 -14.29 35.89
C GLY D 7 34.59 -13.57 35.49
N THR D 8 33.69 -13.45 36.47
CA THR D 8 32.38 -12.82 36.26
C THR D 8 32.05 -12.00 37.49
N TYR D 9 31.95 -10.68 37.31
CA TYR D 9 31.64 -9.76 38.38
C TYR D 9 30.22 -9.25 38.18
N ALA D 10 29.36 -9.50 39.17
CA ALA D 10 27.96 -9.06 39.12
C ALA D 10 27.26 -9.55 37.87
N GLY D 11 27.64 -10.74 37.40
CA GLY D 11 27.10 -11.30 36.18
C GLY D 11 27.75 -10.80 34.92
N LEU D 12 28.75 -9.93 35.02
CA LEU D 12 29.41 -9.32 33.90
C LEU D 12 30.86 -9.77 33.83
N PRO D 13 31.38 -10.02 32.63
CA PRO D 13 32.75 -10.55 32.52
C PRO D 13 33.77 -9.58 33.11
N ILE D 14 34.89 -10.14 33.55
CA ILE D 14 35.98 -9.37 34.13
C ILE D 14 37.08 -9.25 33.09
N ALA D 15 37.63 -8.05 32.93
CA ALA D 15 38.66 -7.79 31.95
C ALA D 15 40.03 -7.50 32.57
N ASP D 16 40.07 -6.72 33.64
CA ASP D 16 41.37 -6.37 34.22
C ASP D 16 41.15 -6.00 35.69
N TYR D 17 42.20 -5.47 36.32
CA TYR D 17 42.15 -5.04 37.70
C TYR D 17 41.77 -3.57 37.79
N GLY D 18 41.19 -3.19 38.93
CA GLY D 18 40.61 -1.87 39.07
C GLY D 18 41.59 -0.85 39.59
N ASP D 19 41.68 0.28 38.89
CA ASP D 19 42.48 1.42 39.31
C ASP D 19 41.64 2.55 39.89
N ALA D 20 40.34 2.32 40.05
CA ALA D 20 39.43 3.35 40.52
C ALA D 20 39.62 3.62 42.00
N PRO D 21 39.27 4.81 42.47
CA PRO D 21 39.40 5.10 43.89
C PRO D 21 38.24 4.52 44.67
N PRO D 22 38.31 4.53 45.99
CA PRO D 22 37.17 4.04 46.78
C PRO D 22 35.94 4.90 46.58
N LEU D 23 34.78 4.29 46.81
CA LEU D 23 33.53 5.02 46.67
C LEU D 23 33.41 6.08 47.76
N SER D 24 32.78 7.20 47.41
CA SER D 24 32.67 8.31 48.33
C SER D 24 31.77 7.94 49.50
N THR D 25 32.18 8.32 50.71
CA THR D 25 31.40 8.10 51.91
C THR D 25 30.88 9.40 52.50
N LYS D 26 30.92 10.48 51.74
CA LYS D 26 30.46 11.79 52.19
C LYS D 26 29.36 12.29 51.27
N THR D 27 28.62 13.29 51.74
CA THR D 27 27.55 13.90 50.97
C THR D 27 27.71 15.41 50.99
N MET D 28 27.15 16.05 49.96
CA MET D 28 27.20 17.50 49.82
C MET D 28 26.01 18.19 50.48
N PHE D 29 25.11 17.43 51.08
CA PHE D 29 23.85 17.98 51.59
C PHE D 29 23.97 18.25 53.09
N TRP D 30 23.59 19.45 53.49
CA TRP D 30 23.61 19.90 54.87
C TRP D 30 22.20 20.29 55.27
N ARG D 31 21.91 20.17 56.55
CA ARG D 31 20.62 20.62 57.07
C ARG D 31 20.63 22.14 57.22
N THR D 32 19.44 22.72 57.15
CA THR D 32 19.31 24.17 57.20
C THR D 32 19.04 24.69 58.61
N SER D 33 18.56 23.84 59.52
CA SER D 33 18.30 24.23 60.88
C SER D 33 18.46 23.02 61.78
N PRO D 34 18.94 23.19 63.01
CA PRO D 34 19.14 22.05 63.91
C PRO D 34 17.85 21.41 64.39
N GLU D 35 16.72 21.89 63.89
CA GLU D 35 15.42 21.36 64.31
C GLU D 35 15.26 19.91 63.90
N LYS D 36 14.34 19.23 64.58
CA LYS D 36 14.04 17.85 64.26
C LYS D 36 13.45 17.74 62.86
N LEU D 37 13.87 16.72 62.13
CA LEU D 37 13.32 16.52 60.79
C LEU D 37 11.87 16.10 60.89
N PRO D 38 11.02 16.52 59.94
CA PRO D 38 9.66 16.00 59.91
C PRO D 38 9.67 14.51 59.63
N PRO D 39 8.68 13.79 60.14
CA PRO D 39 8.62 12.34 59.88
C PRO D 39 8.32 12.07 58.42
N GLY D 40 8.99 11.05 57.87
CA GLY D 40 8.83 10.73 56.47
C GLY D 40 9.59 11.62 55.52
N ALA D 41 10.44 12.50 56.03
CA ALA D 41 11.19 13.41 55.18
C ALA D 41 12.35 12.68 54.49
N TRP D 42 12.88 13.32 53.46
CA TRP D 42 13.93 12.72 52.67
C TRP D 42 15.29 13.04 53.26
N GLU D 43 16.22 12.12 53.06
CA GLU D 43 17.56 12.21 53.62
C GLU D 43 18.56 11.79 52.55
N PRO D 44 19.82 12.19 52.69
CA PRO D 44 20.83 11.76 51.72
C PRO D 44 20.98 10.24 51.73
N ALA D 45 21.38 9.72 50.57
CA ALA D 45 21.45 8.27 50.38
C ALA D 45 22.46 7.64 51.33
N TYR D 46 22.43 6.31 51.38
CA TYR D 46 23.30 5.54 52.25
C TYR D 46 24.76 5.88 51.98
N LEU D 47 25.54 5.98 53.06
CA LEU D 47 26.91 6.47 52.97
C LEU D 47 27.96 5.43 53.30
N GLY D 48 27.58 4.18 53.53
CA GLY D 48 28.54 3.13 53.76
C GLY D 48 28.57 2.67 55.21
N SER D 49 29.66 1.99 55.55
CA SER D 49 29.84 1.50 56.91
C SER D 49 30.02 2.63 57.91
N LYS D 50 30.49 3.80 57.47
CA LYS D 50 30.66 4.94 58.36
C LYS D 50 29.36 5.69 58.62
N ASP D 51 28.28 5.37 57.91
CA ASP D 51 27.01 6.05 58.11
C ASP D 51 26.47 5.71 59.49
N GLU D 52 26.28 6.74 60.32
CA GLU D 52 25.78 6.54 61.67
C GLU D 52 24.26 6.41 61.73
N ARG D 53 23.57 6.54 60.60
CA ARG D 53 22.11 6.44 60.62
C ARG D 53 21.64 5.00 60.70
N VAL D 54 22.24 4.12 59.89
CA VAL D 54 21.87 2.70 59.86
C VAL D 54 23.12 1.86 59.65
N ASP D 55 23.02 0.59 59.99
CA ASP D 55 24.01 -0.42 59.64
C ASP D 55 23.51 -1.18 58.42
N GLY D 56 24.11 -0.91 57.27
CA GLY D 56 23.69 -1.51 56.03
C GLY D 56 24.80 -2.27 55.36
N PRO D 57 24.60 -2.65 54.10
CA PRO D 57 25.63 -3.40 53.39
C PRO D 57 26.81 -2.52 53.02
N SER D 58 27.82 -3.11 52.37
CA SER D 58 28.89 -2.31 51.78
C SER D 58 28.40 -1.59 50.54
N LEU D 59 29.02 -0.44 50.26
CA LEU D 59 28.71 0.28 49.03
C LEU D 59 29.03 -0.55 47.80
N GLN D 60 30.04 -1.41 47.89
CA GLN D 60 30.35 -2.32 46.80
C GLN D 60 29.15 -3.20 46.48
N GLN D 61 28.44 -3.65 47.51
CA GLN D 61 27.27 -4.51 47.28
C GLN D 61 26.14 -3.73 46.62
N VAL D 62 25.96 -2.47 47.01
CA VAL D 62 24.94 -1.65 46.37
C VAL D 62 25.27 -1.43 44.90
N MET D 63 26.56 -1.24 44.60
CA MET D 63 26.97 -1.10 43.21
C MET D 63 26.75 -2.39 42.44
N ARG D 64 27.00 -3.54 43.06
CA ARG D 64 26.68 -4.81 42.41
C ARG D 64 25.20 -4.93 42.11
N ASP D 65 24.36 -4.52 43.07
CA ASP D 65 22.92 -4.55 42.86
C ASP D 65 22.50 -3.64 41.71
N GLN D 66 23.17 -2.50 41.56
CA GLN D 66 22.82 -1.60 40.47
C GLN D 66 23.40 -2.05 39.14
N LEU D 67 24.47 -2.85 39.15
CA LEU D 67 25.07 -3.37 37.94
C LEU D 67 24.42 -4.66 37.47
N LYS D 68 23.64 -5.32 38.32
CA LYS D 68 22.97 -6.55 37.92
C LYS D 68 22.05 -6.38 36.72
N PRO D 69 21.27 -5.30 36.57
CA PRO D 69 20.40 -5.20 35.39
C PRO D 69 21.17 -5.17 34.07
N TYR D 70 22.43 -4.75 34.06
CA TYR D 70 23.19 -4.70 32.83
C TYR D 70 23.54 -6.09 32.32
N SER D 71 23.41 -7.12 33.15
CA SER D 71 23.65 -8.49 32.73
C SER D 71 22.38 -9.17 32.24
N GLU D 72 21.23 -8.51 32.35
CA GLU D 72 19.95 -9.09 32.02
C GLU D 72 19.78 -9.16 30.51
N PRO D 73 19.06 -10.16 30.02
CA PRO D 73 18.83 -10.26 28.57
C PRO D 73 18.10 -9.04 28.03
N ARG D 74 18.50 -8.61 26.84
CA ARG D 74 17.87 -7.46 26.21
C ARG D 74 16.50 -7.87 25.65
N GLY D 75 15.74 -6.86 25.24
CA GLY D 75 14.48 -7.13 24.58
C GLY D 75 14.69 -7.40 23.10
N LEU D 76 13.59 -7.42 22.37
CA LEU D 76 13.61 -7.69 20.95
C LEU D 76 13.79 -6.40 20.16
N LEU D 77 14.46 -6.53 19.02
CA LEU D 77 14.63 -5.39 18.14
C LEU D 77 13.34 -5.14 17.36
N PRO D 78 12.98 -3.87 17.12
CA PRO D 78 11.80 -3.57 16.31
C PRO D 78 11.93 -4.16 14.92
N PRO D 79 10.83 -4.30 14.19
CA PRO D 79 10.91 -4.78 12.81
C PRO D 79 11.82 -3.90 11.97
N GLN D 80 12.52 -4.54 11.04
CA GLN D 80 13.59 -3.85 10.33
C GLN D 80 13.05 -2.73 9.45
N GLU D 81 11.90 -2.97 8.79
CA GLU D 81 11.30 -1.94 7.96
C GLU D 81 10.89 -0.74 8.79
N ILE D 82 10.22 -0.98 9.92
CA ILE D 82 9.78 0.11 10.79
C ILE D 82 10.98 0.90 11.30
N LEU D 83 12.02 0.20 11.76
CA LEU D 83 13.18 0.88 12.32
C LEU D 83 13.87 1.72 11.26
N ASP D 84 14.07 1.16 10.06
CA ASP D 84 14.70 1.90 8.98
C ASP D 84 13.87 3.12 8.60
N ALA D 85 12.54 2.96 8.49
CA ALA D 85 11.69 4.07 8.09
C ALA D 85 11.74 5.20 9.11
N VAL D 86 11.69 4.87 10.40
CA VAL D 86 11.68 5.94 11.40
C VAL D 86 13.05 6.59 11.49
N CYS D 87 14.14 5.82 11.33
CA CYS D 87 15.46 6.44 11.34
C CYS D 87 15.62 7.39 10.16
N ASP D 88 15.13 6.99 8.98
CA ASP D 88 15.17 7.87 7.82
C ASP D 88 14.35 9.13 8.05
N ALA D 89 13.15 8.99 8.63
CA ALA D 89 12.32 10.15 8.88
C ALA D 89 12.99 11.11 9.85
N ILE D 90 13.55 10.59 10.94
CA ILE D 90 14.22 11.42 11.93
C ILE D 90 15.40 12.13 11.31
N GLU D 91 16.23 11.40 10.55
CA GLU D 91 17.39 12.00 9.92
C GLU D 91 16.98 13.09 8.94
N ASN D 92 15.90 12.86 8.18
CA ASN D 92 15.45 13.87 7.21
C ASN D 92 14.92 15.10 7.92
N ARG D 93 14.18 14.93 9.01
CA ARG D 93 13.68 16.08 9.75
C ARG D 93 14.83 16.89 10.32
N LEU D 94 15.84 16.21 10.86
CA LEU D 94 17.00 16.93 11.38
C LEU D 94 17.79 17.61 10.27
N GLU D 95 17.85 17.00 9.08
CA GLU D 95 18.48 17.65 7.95
C GLU D 95 17.77 18.93 7.58
N ASN D 96 16.43 18.88 7.52
CA ASN D 96 15.65 20.07 7.18
C ASN D 96 15.67 21.13 8.28
N THR D 97 15.90 20.75 9.53
CA THR D 97 15.79 21.70 10.64
C THR D 97 17.13 22.22 11.16
N LEU D 98 18.15 21.38 11.20
CA LEU D 98 19.41 21.76 11.86
C LEU D 98 20.26 22.64 10.95
N GLU D 99 20.86 23.66 11.55
CA GLU D 99 21.79 24.52 10.83
C GLU D 99 23.18 23.90 10.82
N PRO D 100 23.79 23.74 9.65
CA PRO D 100 25.14 23.19 9.60
C PRO D 100 26.11 24.04 10.40
N GLN D 101 27.03 23.37 11.09
CA GLN D 101 27.98 24.03 11.97
C GLN D 101 29.40 23.79 11.49
N LYS D 102 30.29 24.62 11.93
CA LYS D 102 31.68 24.41 11.59
C LYS D 102 32.35 23.51 12.63
N PRO D 103 33.37 22.75 12.23
CA PRO D 103 33.99 21.82 13.18
C PRO D 103 34.56 22.53 14.39
N TRP D 104 34.62 21.80 15.49
CA TRP D 104 35.09 22.33 16.76
C TRP D 104 36.59 22.23 16.90
N THR D 105 37.19 23.26 17.49
CA THR D 105 38.62 23.26 17.77
C THR D 105 38.90 22.51 19.06
N PHE D 106 40.18 22.19 19.27
CA PHE D 106 40.60 21.57 20.53
C PHE D 106 40.32 22.47 21.72
N LYS D 107 40.55 23.78 21.56
CA LYS D 107 40.32 24.70 22.67
C LYS D 107 38.83 24.78 23.03
N LYS D 108 37.96 24.82 22.03
CA LYS D 108 36.53 24.90 22.30
C LYS D 108 36.04 23.63 23.00
N ALA D 109 36.53 22.47 22.59
CA ALA D 109 36.16 21.22 23.24
C ALA D 109 36.68 21.18 24.67
N CYS D 110 37.88 21.73 24.91
CA CYS D 110 38.41 21.73 26.27
C CYS D 110 37.67 22.72 27.16
N GLU D 111 37.18 23.82 26.59
CA GLU D 111 36.45 24.80 27.38
C GLU D 111 34.98 24.44 27.57
N SER D 112 34.48 23.43 26.86
CA SER D 112 33.09 23.01 27.02
C SER D 112 32.87 22.16 28.26
N LEU D 113 33.93 21.61 28.85
CA LEU D 113 33.80 20.66 29.94
C LEU D 113 33.57 21.37 31.26
N ASP D 114 32.89 20.69 32.18
CA ASP D 114 32.76 21.18 33.54
C ASP D 114 34.05 20.86 34.29
N LYS D 115 34.68 21.89 34.84
CA LYS D 115 35.95 21.74 35.54
C LYS D 115 35.78 21.35 37.00
N ASN D 116 34.55 21.12 37.45
CA ASN D 116 34.29 20.75 38.84
C ASN D 116 34.05 19.25 39.00
N THR D 117 34.34 18.46 37.97
CA THR D 117 34.17 17.01 38.01
C THR D 117 35.52 16.32 37.83
N SER D 118 35.53 15.03 38.11
CA SER D 118 36.75 14.24 38.06
C SER D 118 37.20 14.03 36.61
N SER D 119 38.52 13.95 36.43
CA SER D 119 39.09 13.68 35.12
C SER D 119 38.96 12.22 34.69
N GLY D 120 38.51 11.35 35.59
CA GLY D 120 38.43 9.95 35.25
C GLY D 120 39.81 9.31 35.09
N TYR D 121 39.80 8.17 34.41
CA TYR D 121 41.03 7.42 34.17
C TYR D 121 42.07 8.30 33.49
N PRO D 122 43.36 8.18 33.85
CA PRO D 122 43.84 7.33 34.93
C PRO D 122 44.10 8.07 36.24
N TYR D 123 43.94 9.38 36.24
CA TYR D 123 44.36 10.20 37.38
C TYR D 123 43.24 10.48 38.37
N HIS D 124 41.97 10.47 37.93
CA HIS D 124 40.83 10.69 38.82
C HIS D 124 41.02 12.00 39.59
N LYS D 125 41.46 13.02 38.88
CA LYS D 125 41.77 14.33 39.44
C LYS D 125 40.72 15.33 39.01
N GLN D 126 40.43 16.28 39.90
CA GLN D 126 39.49 17.35 39.57
C GLN D 126 40.06 18.17 38.42
N LYS D 127 39.30 18.24 37.32
CA LYS D 127 39.76 18.95 36.12
C LYS D 127 40.33 20.32 36.44
N SER D 128 39.66 21.08 37.30
CA SER D 128 40.11 22.44 37.62
C SER D 128 41.51 22.47 38.20
N LYS D 129 42.03 21.34 38.66
CA LYS D 129 43.37 21.33 39.24
C LYS D 129 44.45 21.47 38.18
N ASP D 130 44.14 21.20 36.91
CA ASP D 130 45.09 21.36 35.83
C ASP D 130 44.57 22.29 34.74
N TRP D 131 43.76 23.27 35.12
CA TRP D 131 43.14 24.19 34.17
C TRP D 131 43.73 25.58 34.35
N THR D 132 44.14 26.19 33.23
CA THR D 132 44.75 27.50 33.23
C THR D 132 43.80 28.62 32.84
N GLY D 133 42.59 28.27 32.40
CA GLY D 133 41.69 29.23 31.79
C GLY D 133 41.71 29.20 30.28
N SER D 134 42.70 28.55 29.68
CA SER D 134 42.79 28.42 28.23
C SER D 134 42.86 26.97 27.78
N ALA D 135 43.76 26.18 28.37
CA ALA D 135 43.90 24.78 27.99
C ALA D 135 44.34 23.98 29.21
N PHE D 136 44.51 22.68 29.02
CA PHE D 136 44.95 21.77 30.06
C PHE D 136 46.47 21.65 30.05
N ILE D 137 47.04 21.46 31.24
CA ILE D 137 48.48 21.29 31.40
C ILE D 137 48.74 20.12 32.33
N GLY D 138 50.01 19.75 32.42
CA GLY D 138 50.42 18.68 33.32
C GLY D 138 49.97 17.31 32.82
N ASP D 139 49.65 16.45 33.77
CA ASP D 139 49.18 15.10 33.45
C ASP D 139 47.91 15.16 32.61
N LEU D 140 46.92 15.90 33.09
CA LEU D 140 45.69 16.07 32.34
C LEU D 140 45.96 16.72 30.98
N GLY D 141 46.96 17.59 30.90
CA GLY D 141 47.31 18.19 29.63
C GLY D 141 47.84 17.17 28.63
N ASP D 142 48.73 16.29 29.09
CA ASP D 142 49.23 15.23 28.22
C ASP D 142 48.09 14.31 27.79
N GLN D 143 47.20 13.97 28.72
CA GLN D 143 46.05 13.14 28.38
C GLN D 143 45.21 13.79 27.29
N ALA D 144 44.93 15.09 27.46
CA ALA D 144 44.14 15.82 26.48
C ALA D 144 44.83 15.88 25.13
N THR D 145 46.13 16.12 25.12
CA THR D 145 46.85 16.24 23.86
C THR D 145 46.90 14.91 23.13
N HIS D 146 47.10 13.81 23.85
CA HIS D 146 47.07 12.50 23.22
C HIS D 146 45.70 12.20 22.65
N ALA D 147 44.65 12.50 23.41
CA ALA D 147 43.29 12.30 22.90
C ALA D 147 43.06 13.10 21.63
N ASN D 148 43.52 14.35 21.60
CA ASN D 148 43.30 15.20 20.43
C ASN D 148 44.05 14.65 19.23
N ASN D 149 45.30 14.23 19.42
CA ASN D 149 46.08 13.67 18.32
C ASN D 149 45.43 12.40 17.79
N MET D 150 44.90 11.55 18.68
CA MET D 150 44.20 10.37 18.22
C MET D 150 42.90 10.72 17.50
N TYR D 151 42.23 11.79 17.91
CA TYR D 151 41.04 12.25 17.21
C TYR D 151 41.39 12.68 15.79
N GLU D 152 42.37 13.57 15.65
CA GLU D 152 42.72 14.08 14.33
C GLU D 152 43.25 12.96 13.42
N MET D 153 43.91 11.96 13.99
CA MET D 153 44.44 10.87 13.18
C MET D 153 43.39 9.84 12.79
N GLY D 154 42.18 9.95 13.32
CA GLY D 154 41.16 8.96 13.04
C GLY D 154 41.48 7.59 13.60
N LYS D 155 42.27 7.54 14.66
CA LYS D 155 42.64 6.28 15.31
C LYS D 155 41.78 6.05 16.54
N SER D 156 41.51 4.78 16.81
CA SER D 156 40.62 4.41 17.89
C SER D 156 41.33 4.39 19.23
N MET D 157 40.58 4.76 20.27
CA MET D 157 40.99 4.61 21.66
C MET D 157 39.84 3.98 22.42
N ARG D 158 40.15 3.10 23.33
CA ARG D 158 39.04 2.48 24.06
C ARG D 158 38.75 3.29 25.31
N PRO D 159 37.51 3.72 25.52
CA PRO D 159 37.19 4.50 26.71
C PRO D 159 37.21 3.65 27.96
N ILE D 160 37.60 4.26 29.07
CA ILE D 160 37.62 3.61 30.38
C ILE D 160 36.66 4.39 31.26
N TYR D 161 35.53 3.77 31.58
CA TYR D 161 34.54 4.38 32.44
C TYR D 161 34.78 4.03 33.90
N THR D 162 34.39 4.93 34.78
CA THR D 162 34.54 4.79 36.21
C THR D 162 33.17 4.77 36.85
N ALA D 163 32.90 3.74 37.66
CA ALA D 163 31.61 3.60 38.28
C ALA D 163 31.56 4.41 39.57
N ALA D 164 30.40 4.96 39.86
CA ALA D 164 30.21 5.69 41.10
C ALA D 164 28.74 5.62 41.50
N LEU D 165 28.43 6.15 42.67
CA LEU D 165 27.06 6.19 43.16
C LEU D 165 26.64 7.64 43.34
N LYS D 166 25.38 7.92 43.05
CA LYS D 166 24.90 9.29 42.98
C LYS D 166 24.50 9.79 44.36
N ASP D 167 25.07 10.93 44.75
CA ASP D 167 24.68 11.59 45.99
C ASP D 167 23.46 12.45 45.73
N GLU D 168 22.35 12.11 46.38
CA GLU D 168 21.09 12.81 46.16
C GLU D 168 20.16 12.50 47.32
N LEU D 169 19.10 13.29 47.41
CA LEU D 169 18.05 13.06 48.39
C LEU D 169 17.13 11.95 47.90
N VAL D 170 16.92 10.94 48.73
CA VAL D 170 16.06 9.81 48.38
C VAL D 170 15.01 9.65 49.46
N LYS D 171 13.90 8.99 49.08
CA LYS D 171 12.85 8.73 50.04
C LYS D 171 13.38 7.81 51.14
N PRO D 172 12.92 8.00 52.38
CA PRO D 172 13.53 7.27 53.51
C PRO D 172 13.48 5.76 53.36
N ASP D 173 12.53 5.22 52.61
CA ASP D 173 12.47 3.79 52.38
C ASP D 173 13.75 3.27 51.73
N LYS D 174 14.44 4.12 50.97
CA LYS D 174 15.69 3.72 50.31
C LYS D 174 16.89 3.80 51.24
N ILE D 175 16.67 4.07 52.52
CA ILE D 175 17.73 4.11 53.53
C ILE D 175 17.45 3.14 54.66
N TYR D 176 16.25 3.20 55.23
CA TYR D 176 15.86 2.35 56.34
C TYR D 176 15.19 1.06 55.91
N GLY D 177 14.79 0.96 54.64
CA GLY D 177 14.31 -0.29 54.08
C GLY D 177 15.32 -0.88 53.12
N LYS D 178 14.86 -1.26 51.93
CA LYS D 178 15.77 -1.78 50.91
C LYS D 178 16.64 -0.65 50.39
N ILE D 179 17.93 -0.71 50.69
CA ILE D 179 18.84 0.38 50.36
C ILE D 179 19.20 0.32 48.89
N LYS D 180 19.04 1.44 48.20
CA LYS D 180 19.39 1.57 46.79
C LYS D 180 20.05 2.92 46.56
N LYS D 181 21.02 2.94 45.65
CA LYS D 181 21.75 4.16 45.31
C LYS D 181 22.06 4.12 43.83
N ARG D 182 21.76 5.21 43.13
CA ARG D 182 21.79 5.16 41.67
C ARG D 182 23.22 5.08 41.14
N LEU D 183 23.38 4.35 40.05
CA LEU D 183 24.69 4.13 39.44
C LEU D 183 25.01 5.25 38.47
N LEU D 184 26.21 5.81 38.60
CA LEU D 184 26.70 6.85 37.71
C LEU D 184 27.90 6.35 36.94
N TRP D 185 27.95 6.70 35.66
CA TRP D 185 29.07 6.40 34.78
C TRP D 185 29.85 7.69 34.54
N GLY D 186 31.12 7.71 34.97
CA GLY D 186 32.02 8.77 34.65
C GLY D 186 32.92 8.36 33.50
N SER D 187 33.31 9.32 32.67
CA SER D 187 34.16 9.03 31.53
C SER D 187 35.54 9.63 31.75
N ASP D 188 36.50 9.16 30.96
CA ASP D 188 37.87 9.63 31.06
C ASP D 188 38.06 10.85 30.18
N LEU D 189 38.98 11.71 30.60
CA LEU D 189 39.15 13.03 29.98
C LEU D 189 39.42 12.90 28.49
N GLY D 190 40.19 11.89 28.08
CA GLY D 190 40.47 11.73 26.66
C GLY D 190 39.22 11.45 25.85
N THR D 191 38.39 10.54 26.33
CA THR D 191 37.14 10.23 25.62
C THR D 191 36.18 11.42 25.68
N MET D 192 36.17 12.14 26.81
CA MET D 192 35.35 13.34 26.91
C MET D 192 35.73 14.34 25.82
N ILE D 193 37.02 14.59 25.66
CA ILE D 193 37.48 15.58 24.68
C ILE D 193 37.20 15.10 23.26
N ARG D 194 37.44 13.82 22.98
CA ARG D 194 37.18 13.30 21.64
C ARG D 194 35.69 13.45 21.30
N ALA D 195 34.82 13.03 22.21
CA ALA D 195 33.38 13.14 21.97
C ALA D 195 32.96 14.59 21.84
N ALA D 196 33.58 15.48 22.61
CA ALA D 196 33.27 16.90 22.49
C ALA D 196 33.61 17.41 21.09
N ARG D 197 34.87 17.26 20.67
CA ARG D 197 35.24 17.70 19.33
C ARG D 197 34.36 17.08 18.27
N ALA D 198 33.91 15.84 18.48
CA ALA D 198 33.14 15.17 17.44
C ALA D 198 31.71 15.70 17.36
N PHE D 199 31.00 15.76 18.48
CA PHE D 199 29.57 15.98 18.48
C PHE D 199 29.14 17.30 19.13
N GLY D 200 30.07 18.21 19.40
CA GLY D 200 29.72 19.52 19.88
C GLY D 200 28.91 20.35 18.90
N PRO D 201 29.34 20.40 17.63
CA PRO D 201 28.52 21.08 16.63
C PRO D 201 27.10 20.55 16.55
N PHE D 202 26.94 19.23 16.52
CA PHE D 202 25.61 18.63 16.44
C PHE D 202 24.78 19.00 17.66
N CYS D 203 25.37 18.89 18.85
CA CYS D 203 24.61 19.18 20.07
C CYS D 203 24.22 20.64 20.15
N ASP D 204 25.10 21.55 19.71
CA ASP D 204 24.75 22.97 19.74
C ASP D 204 23.66 23.30 18.73
N ALA D 205 23.80 22.78 17.49
CA ALA D 205 22.78 23.01 16.48
C ALA D 205 21.45 22.41 16.89
N LEU D 206 21.47 21.29 17.61
CA LEU D 206 20.25 20.73 18.16
C LEU D 206 19.71 21.59 19.29
N LYS D 207 20.59 22.22 20.07
CA LYS D 207 20.16 23.04 21.19
C LYS D 207 19.49 24.33 20.73
N GLU D 208 19.97 24.94 19.65
CA GLU D 208 19.32 26.15 19.15
C GLU D 208 17.90 25.88 18.66
N THR D 209 17.59 24.62 18.33
CA THR D 209 16.27 24.25 17.86
C THR D 209 15.55 23.38 18.88
N CYS D 210 15.75 23.70 20.17
CA CYS D 210 15.11 22.96 21.25
C CYS D 210 13.60 23.12 21.26
N ILE D 211 13.05 24.06 20.51
CA ILE D 211 11.61 24.28 20.47
C ILE D 211 10.97 23.52 19.33
N PHE D 212 11.62 23.45 18.17
CA PHE D 212 11.03 22.81 17.00
C PHE D 212 11.31 21.31 16.92
N ASN D 213 12.17 20.78 17.78
CA ASN D 213 12.51 19.37 17.73
C ASN D 213 12.34 18.73 19.10
N PRO D 214 11.93 17.47 19.16
CA PRO D 214 11.58 16.85 20.44
C PRO D 214 12.75 16.70 21.40
N ILE D 215 13.98 16.79 20.93
CA ILE D 215 15.12 16.68 21.83
C ILE D 215 15.27 18.00 22.56
N ARG D 216 14.66 18.08 23.75
CA ARG D 216 14.52 19.31 24.50
C ARG D 216 15.76 19.66 25.32
N VAL D 217 16.93 19.14 24.95
CA VAL D 217 18.13 19.34 25.75
C VAL D 217 18.62 20.78 25.59
N GLY D 218 18.68 21.51 26.70
CA GLY D 218 19.15 22.88 26.70
C GLY D 218 18.07 23.93 26.87
N MET D 219 16.81 23.53 26.93
CA MET D 219 15.72 24.49 27.04
C MET D 219 15.70 25.13 28.43
N SER D 220 15.05 26.29 28.51
CA SER D 220 14.84 27.01 29.75
C SER D 220 13.35 26.95 30.10
N MET D 221 13.04 26.39 31.27
CA MET D 221 11.63 26.18 31.63
C MET D 221 10.87 27.48 31.66
N ASN D 222 11.50 28.55 32.16
CA ASN D 222 10.82 29.83 32.31
C ASN D 222 10.70 30.56 30.97
N GLU D 223 11.66 30.35 30.06
CA GLU D 223 11.65 31.04 28.78
C GLU D 223 10.98 30.21 27.69
N ASP D 224 11.45 29.00 27.48
CA ASP D 224 10.98 28.16 26.37
C ASP D 224 9.87 27.21 26.77
N GLY D 225 9.63 27.02 28.05
CA GLY D 225 8.61 26.12 28.53
C GLY D 225 7.21 26.38 27.99
N PRO D 226 6.68 27.58 28.21
CA PRO D 226 5.30 27.87 27.76
C PRO D 226 5.05 27.61 26.29
N PHE D 227 6.02 27.90 25.42
CA PHE D 227 5.84 27.64 23.99
C PHE D 227 5.75 26.15 23.73
N ILE D 228 6.69 25.37 24.27
CA ILE D 228 6.69 23.93 24.07
C ILE D 228 5.38 23.33 24.59
N PHE D 229 4.91 23.80 25.73
CA PHE D 229 3.71 23.21 26.31
C PHE D 229 2.46 23.63 25.56
N ALA D 230 2.43 24.85 24.99
CA ALA D 230 1.31 25.22 24.13
C ALA D 230 1.29 24.36 22.87
N ARG D 231 2.46 24.13 22.28
CA ARG D 231 2.54 23.28 21.10
C ARG D 231 2.05 21.87 21.44
N HIS D 232 2.44 21.37 22.60
CA HIS D 232 1.91 20.08 23.07
C HIS D 232 0.39 20.14 23.19
N ALA D 233 -0.12 21.20 23.81
CA ALA D 233 -1.55 21.33 24.06
C ALA D 233 -2.38 21.51 22.81
N ASN D 234 -1.73 21.74 21.65
CA ASN D 234 -2.47 21.73 20.40
C ASN D 234 -3.08 20.36 20.08
N PHE D 235 -2.81 19.36 20.91
CA PHE D 235 -3.14 17.98 20.57
C PHE D 235 -4.16 17.38 21.53
N ARG D 236 -4.74 16.26 21.12
CA ARG D 236 -5.90 15.69 21.80
C ARG D 236 -5.51 14.87 23.03
N TYR D 237 -4.59 13.93 22.86
CA TYR D 237 -4.23 12.98 23.92
C TYR D 237 -2.80 13.22 24.37
N HIS D 238 -2.55 12.97 25.66
CA HIS D 238 -1.25 13.21 26.27
C HIS D 238 -0.89 12.05 27.17
N MET D 239 0.40 11.70 27.20
CA MET D 239 0.86 10.60 28.01
C MET D 239 2.31 10.80 28.43
N ASP D 240 2.68 10.09 29.50
CA ASP D 240 4.04 10.01 30.00
C ASP D 240 4.26 8.60 30.52
N ALA D 241 5.17 7.86 29.89
CA ALA D 241 5.35 6.46 30.24
C ALA D 241 6.02 6.28 31.59
N ASP D 242 6.89 7.21 32.00
CA ASP D 242 7.59 7.14 33.28
C ASP D 242 8.33 5.80 33.41
N TYR D 243 9.42 5.68 32.66
CA TYR D 243 10.14 4.42 32.58
C TYR D 243 10.95 4.18 33.85
N THR D 244 11.09 2.91 34.22
CA THR D 244 11.93 2.48 35.32
C THR D 244 13.15 1.77 34.76
N ARG D 245 14.33 2.18 35.24
CA ARG D 245 15.61 1.72 34.71
C ARG D 245 15.67 1.89 33.18
N TRP D 246 15.72 3.16 32.79
CA TRP D 246 15.76 3.49 31.37
C TRP D 246 17.12 3.13 30.76
N ASP D 247 18.21 3.47 31.47
CA ASP D 247 19.53 3.31 30.90
C ASP D 247 19.97 1.85 30.87
N SER D 248 19.57 1.06 31.86
CA SER D 248 19.93 -0.35 31.90
C SER D 248 19.24 -1.15 30.81
N THR D 249 18.09 -0.69 30.32
CA THR D 249 17.27 -1.46 29.40
C THR D 249 17.52 -1.14 27.95
N GLN D 250 18.43 -0.23 27.64
CA GLN D 250 18.66 0.15 26.26
C GLN D 250 19.43 -0.93 25.52
N GLN D 251 19.21 -0.97 24.20
CA GLN D 251 19.89 -1.90 23.32
C GLN D 251 20.91 -1.14 22.50
N ARG D 252 22.11 -1.72 22.35
CA ARG D 252 23.17 -1.05 21.62
C ARG D 252 22.83 -0.84 20.15
N ALA D 253 21.90 -1.61 19.59
CA ALA D 253 21.53 -1.40 18.18
C ALA D 253 20.81 -0.07 17.98
N ILE D 254 19.87 0.26 18.87
CA ILE D 254 19.18 1.53 18.79
C ILE D 254 20.17 2.68 18.97
N LEU D 255 21.08 2.54 19.94
CA LEU D 255 22.10 3.56 20.14
C LEU D 255 23.02 3.65 18.93
N LYS D 256 23.24 2.54 18.23
CA LYS D 256 24.07 2.58 17.03
C LYS D 256 23.36 3.33 15.90
N ARG D 257 22.06 3.13 15.76
CA ARG D 257 21.31 3.89 14.76
C ARG D 257 21.32 5.37 15.09
N ALA D 258 21.08 5.71 16.36
CA ALA D 258 21.13 7.10 16.78
C ALA D 258 22.49 7.71 16.53
N GLY D 259 23.56 6.98 16.86
CA GLY D 259 24.89 7.49 16.61
C GLY D 259 25.24 7.62 15.15
N ASP D 260 24.73 6.72 14.32
CA ASP D 260 24.90 6.87 12.88
C ASP D 260 24.24 8.15 12.39
N ILE D 261 23.04 8.44 12.90
CA ILE D 261 22.38 9.71 12.58
C ILE D 261 23.26 10.88 13.00
N MET D 262 23.75 10.84 14.25
CA MET D 262 24.56 11.93 14.78
C MET D 262 25.85 12.12 13.98
N VAL D 263 26.44 11.03 13.50
CA VAL D 263 27.68 11.12 12.74
C VAL D 263 27.41 11.70 11.36
N ARG D 264 26.36 11.20 10.69
CA ARG D 264 26.06 11.64 9.33
C ARG D 264 25.73 13.11 9.26
N LEU D 265 25.32 13.71 10.38
CA LEU D 265 24.98 15.12 10.45
C LEU D 265 26.10 15.98 11.00
N SER D 266 27.26 15.41 11.22
CA SER D 266 28.37 16.15 11.79
C SER D 266 29.28 16.69 10.69
N PRO D 267 29.98 17.80 10.94
CA PRO D 267 30.80 18.39 9.88
C PRO D 267 32.03 17.56 9.53
N GLU D 268 32.49 16.70 10.43
CA GLU D 268 33.62 15.79 10.18
C GLU D 268 33.12 14.38 10.41
N PRO D 269 32.40 13.79 9.45
CA PRO D 269 31.73 12.51 9.72
C PRO D 269 32.69 11.35 9.88
N ASP D 270 33.85 11.37 9.21
CA ASP D 270 34.76 10.24 9.31
C ASP D 270 35.38 10.15 10.70
N LEU D 271 35.72 11.28 11.31
CA LEU D 271 36.26 11.27 12.66
C LEU D 271 35.19 10.91 13.68
N ALA D 272 33.98 11.45 13.50
CA ALA D 272 32.88 11.12 14.40
C ALA D 272 32.51 9.66 14.31
N ARG D 273 32.70 9.03 13.15
CA ARG D 273 32.45 7.60 13.03
C ARG D 273 33.36 6.81 13.96
N VAL D 274 34.66 7.15 13.96
CA VAL D 274 35.60 6.47 14.85
C VAL D 274 35.24 6.71 16.30
N VAL D 275 34.89 7.97 16.63
CA VAL D 275 34.59 8.27 18.02
C VAL D 275 33.34 7.55 18.48
N MET D 276 32.32 7.46 17.63
CA MET D 276 31.10 6.76 18.00
C MET D 276 31.33 5.26 18.11
N ASP D 277 32.10 4.70 17.19
CA ASP D 277 32.45 3.28 17.29
C ASP D 277 33.19 2.99 18.58
N ASP D 278 34.03 3.92 19.03
CA ASP D 278 34.69 3.74 20.33
C ASP D 278 33.71 3.86 21.48
N LEU D 279 32.72 4.75 21.35
CA LEU D 279 31.79 4.98 22.45
C LEU D 279 30.84 3.79 22.63
N LEU D 280 30.35 3.24 21.53
CA LEU D 280 29.32 2.22 21.58
C LEU D 280 29.86 0.80 21.62
N ALA D 281 31.18 0.61 21.54
CA ALA D 281 31.75 -0.70 21.70
C ALA D 281 31.52 -1.18 23.13
N PRO D 282 31.68 -2.49 23.39
CA PRO D 282 31.58 -2.99 24.76
C PRO D 282 32.43 -2.17 25.73
N SER D 283 31.79 -1.62 26.76
CA SER D 283 32.42 -0.60 27.59
C SER D 283 33.19 -1.24 28.74
N LEU D 284 34.28 -0.60 29.12
CA LEU D 284 35.12 -1.08 30.21
C LEU D 284 34.82 -0.20 31.42
N LEU D 285 34.06 -0.74 32.36
CA LEU D 285 33.67 -0.02 33.56
C LEU D 285 34.52 -0.45 34.74
N ASP D 286 35.09 0.53 35.44
CA ASP D 286 36.00 0.28 36.56
C ASP D 286 35.18 0.38 37.84
N VAL D 287 34.92 -0.77 38.47
CA VAL D 287 34.09 -0.83 39.66
C VAL D 287 34.94 -0.78 40.91
N GLY D 288 36.23 -0.47 40.75
CA GLY D 288 37.12 -0.35 41.88
C GLY D 288 38.02 -1.55 42.04
N ASP D 289 37.43 -2.73 42.17
CA ASP D 289 38.21 -3.96 42.26
C ASP D 289 38.66 -4.43 40.88
N TYR D 290 37.73 -4.49 39.93
CA TYR D 290 38.04 -4.95 38.58
C TYR D 290 37.58 -3.92 37.56
N LYS D 291 38.09 -4.06 36.36
CA LYS D 291 37.53 -3.42 35.18
C LYS D 291 36.78 -4.50 34.41
N ILE D 292 35.46 -4.34 34.35
CA ILE D 292 34.56 -5.33 33.77
C ILE D 292 34.06 -4.83 32.42
N VAL D 293 33.49 -5.75 31.65
CA VAL D 293 33.02 -5.48 30.30
C VAL D 293 31.50 -5.47 30.32
N VAL D 294 30.93 -4.30 30.08
CA VAL D 294 29.49 -4.12 29.97
C VAL D 294 29.17 -4.01 28.49
N GLU D 295 28.51 -5.03 27.95
CA GLU D 295 28.26 -5.09 26.51
C GLU D 295 27.01 -4.35 26.09
N GLU D 296 26.04 -4.21 26.98
CA GLU D 296 24.77 -3.57 26.67
C GLU D 296 24.53 -2.43 27.65
N GLY D 297 23.38 -1.79 27.53
CA GLY D 297 23.08 -0.63 28.33
C GLY D 297 23.59 0.65 27.69
N LEU D 298 23.44 1.74 28.45
CA LEU D 298 23.87 3.05 27.98
C LEU D 298 25.09 3.51 28.74
N PRO D 299 26.21 3.79 28.06
CA PRO D 299 27.36 4.38 28.74
C PRO D 299 27.18 5.87 28.96
N SER D 300 26.69 6.24 30.15
CA SER D 300 26.22 7.60 30.42
C SER D 300 27.32 8.49 30.98
N GLY D 301 28.48 8.53 30.34
CA GLY D 301 29.57 9.32 30.86
C GLY D 301 29.97 10.49 29.99
N CYS D 302 29.74 10.39 28.69
CA CYS D 302 30.21 11.39 27.76
C CYS D 302 29.32 12.64 27.80
N PRO D 303 29.83 13.79 27.37
CA PRO D 303 29.02 15.01 27.44
C PRO D 303 27.82 15.03 26.53
N CYS D 304 27.91 14.41 25.35
CA CYS D 304 26.80 14.39 24.41
C CYS D 304 25.83 13.24 24.65
N THR D 305 26.06 12.41 25.65
CA THR D 305 25.25 11.21 25.83
C THR D 305 23.78 11.58 26.06
N THR D 306 23.52 12.76 26.62
CA THR D 306 22.15 13.16 26.88
C THR D 306 21.39 13.28 25.57
N GLN D 307 22.01 13.87 24.55
CA GLN D 307 21.38 13.88 23.24
C GLN D 307 21.21 12.46 22.72
N LEU D 308 22.29 11.66 22.81
CA LEU D 308 22.24 10.31 22.25
C LEU D 308 21.10 9.50 22.86
N ASN D 309 21.08 9.43 24.20
CA ASN D 309 19.99 8.72 24.87
C ASN D 309 18.65 9.28 24.43
N SER D 310 18.53 10.61 24.39
CA SER D 310 17.27 11.21 23.99
C SER D 310 16.92 10.81 22.58
N LEU D 311 17.92 10.81 21.68
CA LEU D 311 17.67 10.38 20.31
C LEU D 311 17.19 8.95 20.28
N ALA D 312 17.83 8.08 21.08
CA ALA D 312 17.37 6.70 21.16
C ALA D 312 15.93 6.65 21.62
N HIS D 313 15.61 7.45 22.65
CA HIS D 313 14.23 7.51 23.13
C HIS D 313 13.30 7.86 21.99
N TRP D 314 13.67 8.87 21.22
CA TRP D 314 12.86 9.29 20.09
C TRP D 314 12.58 8.10 19.19
N ILE D 315 13.64 7.40 18.79
CA ILE D 315 13.48 6.28 17.88
C ILE D 315 12.47 5.31 18.45
N LEU D 316 12.67 4.90 19.71
CA LEU D 316 11.81 3.88 20.29
C LEU D 316 10.36 4.33 20.24
N THR D 317 10.11 5.58 20.66
CA THR D 317 8.74 6.06 20.69
C THR D 317 8.12 5.96 19.30
N LEU D 318 8.82 6.50 18.30
CA LEU D 318 8.26 6.46 16.95
C LEU D 318 8.00 5.04 16.52
N CYS D 319 8.95 4.13 16.80
CA CYS D 319 8.77 2.75 16.40
C CYS D 319 7.48 2.20 16.97
N ALA D 320 7.27 2.39 18.27
CA ALA D 320 6.07 1.87 18.89
C ALA D 320 4.84 2.43 18.21
N MET D 321 4.82 3.75 18.00
CA MET D 321 3.64 4.34 17.39
C MET D 321 3.46 3.83 15.97
N VAL D 322 4.56 3.68 15.24
CA VAL D 322 4.42 3.19 13.87
C VAL D 322 4.03 1.73 13.90
N GLU D 323 4.43 1.02 14.95
CA GLU D 323 3.99 -0.38 15.07
C GLU D 323 2.53 -0.46 15.47
N VAL D 324 2.02 0.56 16.18
CA VAL D 324 0.62 0.54 16.59
C VAL D 324 -0.29 1.11 15.51
N THR D 325 0.07 2.28 14.98
CA THR D 325 -0.78 2.95 14.00
C THR D 325 -0.55 2.49 12.58
N ARG D 326 0.64 1.98 12.27
CA ARG D 326 1.01 1.50 10.95
C ARG D 326 0.89 2.58 9.88
N VAL D 327 0.89 3.84 10.28
CA VAL D 327 0.94 4.93 9.34
C VAL D 327 2.39 5.39 9.26
N ASP D 328 2.71 6.11 8.18
CA ASP D 328 4.10 6.46 7.93
C ASP D 328 4.61 7.35 9.06
N PRO D 329 5.91 7.27 9.38
CA PRO D 329 6.42 8.01 10.54
C PRO D 329 6.24 9.51 10.43
N ASP D 330 6.34 10.08 9.22
CA ASP D 330 6.08 11.50 9.06
C ASP D 330 4.63 11.84 9.39
N ILE D 331 3.70 10.93 9.08
CA ILE D 331 2.31 11.15 9.43
C ILE D 331 2.15 11.19 10.95
N VAL D 332 2.80 10.26 11.65
CA VAL D 332 2.79 10.30 13.11
C VAL D 332 3.35 11.62 13.61
N MET D 333 4.46 12.07 13.02
CA MET D 333 5.16 13.23 13.56
C MET D 333 4.45 14.54 13.27
N GLN D 334 3.64 14.60 12.21
CA GLN D 334 2.82 15.79 11.99
C GLN D 334 1.51 15.74 12.75
N GLU D 335 1.10 14.56 13.21
CA GLU D 335 -0.06 14.41 14.08
C GLU D 335 0.33 14.25 15.54
N SER D 336 1.59 14.53 15.89
CA SER D 336 2.05 14.33 17.25
C SER D 336 3.10 15.38 17.59
N GLU D 337 3.33 15.54 18.89
CA GLU D 337 4.35 16.42 19.44
C GLU D 337 5.07 15.67 20.54
N PHE D 338 6.39 15.54 20.41
CA PHE D 338 7.20 14.81 21.37
C PHE D 338 8.07 15.79 22.16
N SER D 339 8.38 15.40 23.39
CA SER D 339 9.35 16.12 24.21
C SER D 339 10.20 15.09 24.92
N PHE D 340 11.51 15.11 24.68
CA PHE D 340 12.42 14.11 25.22
C PHE D 340 13.60 14.80 25.88
N TYR D 341 13.89 14.40 27.13
CA TYR D 341 15.07 14.80 27.87
C TYR D 341 15.59 13.53 28.55
N GLY D 342 16.37 12.75 27.79
CA GLY D 342 16.87 11.49 28.30
C GLY D 342 15.77 10.49 28.55
N ASP D 343 15.60 10.09 29.81
CA ASP D 343 14.53 9.18 30.19
C ASP D 343 13.20 9.88 30.33
N ASP D 344 13.17 11.21 30.35
CA ASP D 344 11.94 11.94 30.57
C ASP D 344 11.27 12.25 29.24
N GLU D 345 9.95 12.07 29.19
CA GLU D 345 9.22 12.25 27.95
C GLU D 345 7.85 12.84 28.22
N VAL D 346 7.33 13.53 27.22
CA VAL D 346 5.93 13.92 27.11
C VAL D 346 5.49 13.65 25.68
N VAL D 347 4.45 12.84 25.50
CA VAL D 347 3.98 12.46 24.17
C VAL D 347 2.55 12.95 24.01
N SER D 348 2.33 13.84 23.05
CA SER D 348 1.01 14.35 22.72
C SER D 348 0.68 13.94 21.30
N THR D 349 -0.54 13.45 21.08
CA THR D 349 -0.89 12.97 19.75
C THR D 349 -2.39 13.07 19.54
N ASN D 350 -2.76 13.21 18.26
CA ASN D 350 -4.15 13.18 17.82
C ASN D 350 -4.58 11.80 17.37
N LEU D 351 -3.64 10.88 17.19
CA LEU D 351 -3.96 9.54 16.73
C LEU D 351 -4.67 8.76 17.81
N GLU D 352 -5.67 7.98 17.41
CA GLU D 352 -6.31 7.04 18.34
C GLU D 352 -5.32 5.91 18.59
N LEU D 353 -4.65 5.96 19.74
CA LEU D 353 -3.57 5.04 20.05
C LEU D 353 -4.08 3.93 20.96
N ASP D 354 -3.93 2.69 20.51
CA ASP D 354 -4.26 1.54 21.33
C ASP D 354 -3.17 1.40 22.40
N MET D 355 -3.45 1.89 23.61
CA MET D 355 -2.44 1.88 24.65
C MET D 355 -2.03 0.47 25.03
N VAL D 356 -2.90 -0.51 24.82
CA VAL D 356 -2.53 -1.91 25.04
C VAL D 356 -1.35 -2.27 24.17
N LYS D 357 -1.50 -2.10 22.85
CA LYS D 357 -0.44 -2.45 21.92
C LYS D 357 0.77 -1.54 22.09
N TYR D 358 0.56 -0.27 22.45
CA TYR D 358 1.68 0.63 22.67
C TYR D 358 2.55 0.14 23.83
N THR D 359 1.92 -0.13 24.98
CA THR D 359 2.67 -0.62 26.12
C THR D 359 3.28 -2.00 25.85
N MET D 360 2.56 -2.84 25.09
CA MET D 360 3.09 -4.15 24.75
C MET D 360 4.36 -4.04 23.92
N ALA D 361 4.34 -3.17 22.91
CA ALA D 361 5.53 -2.97 22.08
C ALA D 361 6.66 -2.35 22.87
N LEU D 362 6.34 -1.44 23.79
CA LEU D 362 7.38 -0.85 24.62
C LEU D 362 8.05 -1.91 25.50
N ARG D 363 7.26 -2.75 26.15
CA ARG D 363 7.82 -3.80 26.99
C ARG D 363 8.55 -4.86 26.17
N ARG D 364 8.12 -5.09 24.94
CA ARG D 364 8.83 -6.02 24.07
C ARG D 364 10.25 -5.55 23.77
N TYR D 365 10.47 -4.24 23.73
CA TYR D 365 11.77 -3.70 23.42
C TYR D 365 12.73 -3.75 24.60
N GLY D 366 12.29 -4.29 25.73
CA GLY D 366 13.09 -4.34 26.93
C GLY D 366 12.83 -3.20 27.90
N LEU D 367 12.03 -2.22 27.51
CA LEU D 367 11.76 -1.08 28.35
C LEU D 367 10.78 -1.45 29.46
N LEU D 368 10.67 -0.59 30.45
CA LEU D 368 9.87 -0.84 31.66
C LEU D 368 8.98 0.36 31.94
N PRO D 369 7.96 0.58 31.11
CA PRO D 369 7.04 1.69 31.37
C PRO D 369 6.15 1.37 32.57
N THR D 370 5.90 2.40 33.38
CA THR D 370 5.18 2.24 34.64
C THR D 370 3.99 3.19 34.68
N ARG D 371 2.87 2.69 35.19
CA ARG D 371 1.71 3.54 35.42
C ARG D 371 1.95 4.47 36.61
N ALA D 372 1.13 5.51 36.69
CA ALA D 372 1.22 6.44 37.80
C ALA D 372 0.75 5.80 39.10
N ASP D 373 -0.22 4.88 39.03
CA ASP D 373 -0.70 4.17 40.20
C ASP D 373 0.20 3.00 40.60
N LYS D 374 1.34 2.82 39.92
CA LYS D 374 2.32 1.80 40.24
C LYS D 374 1.75 0.38 40.15
N GLU D 375 0.65 0.21 39.44
CA GLU D 375 0.07 -1.10 39.21
C GLU D 375 0.41 -1.58 37.80
N GLU D 376 0.44 -2.89 37.62
CA GLU D 376 0.74 -3.44 36.32
C GLU D 376 -0.47 -3.26 35.39
N GLY D 377 -0.19 -3.22 34.09
CA GLY D 377 -1.23 -3.03 33.11
C GLY D 377 -0.82 -2.02 32.06
N PRO D 378 -1.75 -1.67 31.17
CA PRO D 378 -1.43 -0.75 30.08
C PRO D 378 -1.35 0.69 30.56
N LEU D 379 -0.70 1.51 29.74
CA LEU D 379 -0.55 2.92 30.07
C LEU D 379 -1.85 3.68 29.91
N GLU D 380 -1.98 4.76 30.67
CA GLU D 380 -3.15 5.62 30.62
C GLU D 380 -2.88 6.80 29.69
N ARG D 381 -3.91 7.19 28.94
CA ARG D 381 -3.86 8.39 28.11
C ARG D 381 -4.98 9.32 28.55
N ARG D 382 -4.63 10.59 28.74
CA ARG D 382 -5.53 11.60 29.25
C ARG D 382 -5.83 12.65 28.19
N GLN D 383 -6.94 13.36 28.40
CA GLN D 383 -7.41 14.38 27.48
C GLN D 383 -6.90 15.77 27.85
N THR D 384 -6.04 15.88 28.86
CA THR D 384 -5.46 17.15 29.25
C THR D 384 -3.98 16.98 29.53
N LEU D 385 -3.22 18.02 29.22
CA LEU D 385 -1.79 18.04 29.51
C LEU D 385 -1.52 18.30 30.98
N GLN D 386 -2.55 18.66 31.75
CA GLN D 386 -2.38 19.02 33.15
C GLN D 386 -1.99 17.79 33.95
N GLY D 387 -0.95 17.94 34.79
CA GLY D 387 -0.47 16.87 35.62
C GLY D 387 0.77 16.16 35.09
N ILE D 388 1.03 16.25 33.79
CA ILE D 388 2.17 15.57 33.21
C ILE D 388 3.45 16.18 33.78
N SER D 389 4.48 15.35 33.90
CA SER D 389 5.74 15.75 34.49
C SER D 389 6.83 15.82 33.43
N PHE D 390 7.63 16.89 33.48
CA PHE D 390 8.77 17.05 32.59
C PHE D 390 9.81 17.90 33.30
N LEU D 391 11.03 17.38 33.37
CA LEU D 391 12.14 18.04 34.08
C LEU D 391 11.75 18.36 35.53
N ARG D 392 11.22 17.35 36.21
CA ARG D 392 10.81 17.43 37.61
C ARG D 392 9.77 18.52 37.87
N ARG D 393 9.13 19.04 36.83
CA ARG D 393 8.09 20.04 36.95
C ARG D 393 6.75 19.43 36.56
N ALA D 394 5.68 20.00 37.09
CA ALA D 394 4.32 19.64 36.71
C ALA D 394 3.82 20.67 35.71
N ILE D 395 3.14 20.19 34.67
CA ILE D 395 2.63 21.06 33.63
C ILE D 395 1.28 21.61 34.06
N VAL D 396 1.20 22.94 34.18
CA VAL D 396 0.00 23.62 34.61
C VAL D 396 -0.34 24.67 33.57
N GLY D 397 -1.60 25.06 33.54
CA GLY D 397 -2.05 26.05 32.58
C GLY D 397 -3.10 26.95 33.20
N ASP D 398 -3.09 28.21 32.77
CA ASP D 398 -4.05 29.18 33.27
C ASP D 398 -4.36 30.17 32.14
N GLN D 399 -5.04 31.25 32.50
CA GLN D 399 -5.43 32.25 31.51
C GLN D 399 -4.22 32.92 30.87
N PHE D 400 -3.05 32.82 31.49
CA PHE D 400 -1.85 33.41 30.94
C PHE D 400 -1.08 32.45 30.06
N GLY D 401 -1.38 31.15 30.11
CA GLY D 401 -0.68 30.18 29.31
C GLY D 401 -0.24 29.01 30.13
N TRP D 402 0.59 28.17 29.53
CA TRP D 402 1.13 27.00 30.20
C TRP D 402 2.47 27.32 30.85
N TYR D 403 2.83 26.50 31.84
CA TYR D 403 4.10 26.67 32.54
C TYR D 403 4.42 25.39 33.30
N GLY D 404 5.67 25.27 33.73
CA GLY D 404 6.12 24.18 34.57
C GLY D 404 6.34 24.68 35.98
N ARG D 405 5.71 24.00 36.94
CA ARG D 405 5.73 24.40 38.34
C ARG D 405 6.31 23.29 39.19
N LEU D 406 7.27 23.63 40.03
CA LEU D 406 7.83 22.66 40.96
C LEU D 406 6.79 22.33 42.03
N ASP D 407 6.66 21.04 42.36
CA ASP D 407 5.68 20.65 43.35
C ASP D 407 6.05 21.19 44.73
N ARG D 408 5.09 21.13 45.65
CA ARG D 408 5.30 21.69 46.98
C ARG D 408 6.31 20.87 47.79
N ALA D 409 6.28 19.55 47.63
CA ALA D 409 7.20 18.69 48.37
C ALA D 409 8.65 19.03 48.06
N SER D 410 8.98 19.24 46.78
CA SER D 410 10.35 19.60 46.42
C SER D 410 10.74 20.95 46.98
N ILE D 411 9.78 21.88 47.07
CA ILE D 411 10.08 23.19 47.66
C ILE D 411 10.42 23.04 49.13
N ASP D 412 9.58 22.31 49.88
CA ASP D 412 9.89 22.05 51.29
C ASP D 412 11.23 21.34 51.43
N ARG D 413 11.53 20.44 50.50
CA ARG D 413 12.77 19.67 50.55
C ARG D 413 13.98 20.58 50.38
N GLN D 414 13.94 21.46 49.38
CA GLN D 414 15.03 22.40 49.18
C GLN D 414 15.09 23.44 50.29
N LEU D 415 13.98 23.66 51.00
CA LEU D 415 14.02 24.50 52.19
C LEU D 415 14.70 23.78 53.35
N LEU D 416 14.64 22.45 53.36
CA LEU D 416 15.27 21.69 54.44
C LEU D 416 16.74 21.37 54.20
N TRP D 417 17.16 21.27 52.94
CA TRP D 417 18.50 20.81 52.59
C TRP D 417 19.19 21.83 51.70
N THR D 418 20.47 22.07 51.98
CA THR D 418 21.29 22.95 51.17
C THR D 418 22.57 22.24 50.73
N LYS D 419 23.09 22.64 49.57
CA LYS D 419 24.29 22.04 49.04
C LYS D 419 25.52 22.72 49.62
N GLY D 420 26.55 21.92 49.90
CA GLY D 420 27.80 22.44 50.41
C GLY D 420 28.93 21.46 50.21
N PRO D 421 30.04 21.68 50.92
CA PRO D 421 31.17 20.74 50.84
C PRO D 421 30.80 19.40 51.45
N ASN D 422 31.58 18.39 51.08
CA ASN D 422 31.28 17.02 51.45
C ASN D 422 31.60 16.75 52.92
N HIS D 423 30.64 16.16 53.63
CA HIS D 423 30.82 15.81 55.03
C HIS D 423 30.17 14.46 55.30
N GLN D 424 30.27 13.99 56.53
CA GLN D 424 29.85 12.64 56.88
C GLN D 424 28.49 12.57 57.56
N ASN D 425 28.13 13.56 58.36
CA ASN D 425 26.87 13.53 59.08
C ASN D 425 25.90 14.49 58.42
N PRO D 426 24.91 13.99 57.66
CA PRO D 426 24.04 14.88 56.89
C PRO D 426 23.25 15.87 57.72
N PHE D 427 23.19 15.69 59.04
CA PHE D 427 22.39 16.56 59.91
C PHE D 427 23.20 17.70 60.50
N GLU D 428 24.44 17.88 60.06
CA GLU D 428 25.21 19.05 60.45
C GLU D 428 24.63 20.30 59.78
N THR D 429 24.52 21.37 60.57
CA THR D 429 24.04 22.64 60.05
C THR D 429 25.19 23.41 59.43
N LEU D 430 24.96 23.95 58.24
CA LEU D 430 26.00 24.69 57.54
C LEU D 430 26.06 26.13 58.05
N PRO D 431 27.16 26.55 58.67
CA PRO D 431 27.26 27.93 59.16
C PRO D 431 27.57 28.97 58.09
N GLY D 432 27.82 28.55 56.85
CA GLY D 432 28.32 29.43 55.82
C GLY D 432 27.36 30.47 55.28
N HIS D 433 26.24 30.73 55.95
CA HIS D 433 25.26 31.71 55.51
C HIS D 433 24.80 31.47 54.08
N ARG D 436 22.86 31.59 51.36
CA ARG D 436 22.37 31.10 50.08
C ARG D 436 21.19 31.93 49.59
N PRO D 437 21.48 33.10 49.02
CA PRO D 437 20.39 33.99 48.59
C PRO D 437 19.78 33.57 47.25
N SER D 438 20.60 33.04 46.35
CA SER D 438 20.09 32.68 45.03
C SER D 438 19.12 31.51 45.10
N GLN D 439 19.50 30.47 45.86
CA GLN D 439 18.60 29.35 46.05
C GLN D 439 17.31 29.78 46.72
N LEU D 440 17.41 30.71 47.69
CA LEU D 440 16.23 31.16 48.41
C LEU D 440 15.30 31.95 47.50
N MET D 441 15.87 32.79 46.63
CA MET D 441 15.03 33.54 45.69
C MET D 441 14.39 32.61 44.67
N ALA D 442 15.13 31.59 44.21
CA ALA D 442 14.53 30.62 43.30
C ALA D 442 13.39 29.87 43.96
N LEU D 443 13.56 29.52 45.23
CA LEU D 443 12.47 28.88 45.98
C LEU D 443 11.28 29.82 46.13
N LEU D 444 11.54 31.11 46.36
CA LEU D 444 10.47 32.08 46.46
C LEU D 444 9.69 32.16 45.15
N GLY D 445 10.39 32.18 44.03
CA GLY D 445 9.72 32.19 42.74
C GLY D 445 8.89 30.94 42.51
N GLU D 446 9.48 29.78 42.76
CA GLU D 446 8.77 28.52 42.53
C GLU D 446 7.56 28.39 43.47
N ALA D 447 7.63 28.98 44.66
CA ALA D 447 6.50 28.95 45.58
C ALA D 447 5.42 29.96 45.20
N ALA D 448 5.81 31.05 44.54
CA ALA D 448 4.81 32.04 44.12
C ALA D 448 3.76 31.43 43.21
N MET D 449 4.13 30.43 42.39
CA MET D 449 3.21 29.82 41.44
C MET D 449 2.15 28.95 42.09
N HIS D 450 2.10 28.85 43.42
CA HIS D 450 1.12 28.03 44.11
C HIS D 450 0.01 28.84 44.78
N GLY D 451 0.08 30.16 44.71
CA GLY D 451 -0.91 31.02 45.33
C GLY D 451 -0.33 31.81 46.48
N GLU D 452 -1.12 32.80 46.92
CA GLU D 452 -0.64 33.72 47.95
C GLU D 452 -0.55 33.05 49.31
N LYS D 453 -1.36 32.02 49.55
CA LYS D 453 -1.31 31.31 50.83
C LYS D 453 0.01 30.57 50.99
N TYR D 454 0.32 29.68 50.05
CA TYR D 454 1.59 28.97 50.11
C TYR D 454 2.77 29.92 50.00
N TYR D 455 2.62 31.01 49.25
CA TYR D 455 3.72 31.98 49.17
C TYR D 455 3.94 32.63 50.53
N ARG D 456 2.87 32.93 51.26
CA ARG D 456 3.03 33.49 52.59
C ARG D 456 3.68 32.48 53.54
N THR D 457 3.27 31.21 53.46
CA THR D 457 3.91 30.18 54.28
C THR D 457 5.40 30.10 54.00
N VAL D 458 5.77 29.99 52.72
CA VAL D 458 7.18 29.90 52.35
C VAL D 458 7.91 31.18 52.75
N ALA D 459 7.24 32.33 52.69
CA ALA D 459 7.88 33.57 53.08
C ALA D 459 8.16 33.58 54.58
N SER D 460 7.22 33.07 55.38
CA SER D 460 7.46 32.92 56.81
C SER D 460 8.66 32.02 57.06
N ARG D 461 8.71 30.88 56.36
CA ARG D 461 9.80 29.94 56.58
C ARG D 461 11.15 30.55 56.17
N VAL D 462 11.20 31.24 55.03
CA VAL D 462 12.46 31.82 54.57
C VAL D 462 12.89 32.95 55.49
N SER D 463 11.95 33.78 55.95
CA SER D 463 12.30 34.85 56.87
C SER D 463 12.81 34.29 58.19
N LYS D 464 12.16 33.24 58.70
CA LYS D 464 12.60 32.63 59.95
C LYS D 464 14.00 32.02 59.81
N GLU D 465 14.29 31.42 58.65
CA GLU D 465 15.61 30.87 58.40
C GLU D 465 16.59 31.90 57.86
N ALA D 466 16.17 33.16 57.73
CA ALA D 466 17.02 34.23 57.21
C ALA D 466 17.53 35.17 58.30
N ALA D 467 17.01 35.05 59.52
CA ALA D 467 17.50 35.83 60.65
C ALA D 467 18.67 35.15 61.34
N GLN D 468 19.07 33.97 60.86
CA GLN D 468 20.29 33.31 61.29
C GLN D 468 21.43 33.53 60.31
N SER D 469 21.18 34.20 59.19
CA SER D 469 22.17 34.45 58.16
C SER D 469 22.05 35.89 57.71
N GLY D 470 22.69 36.20 56.57
CA GLY D 470 22.70 37.51 55.94
C GLY D 470 21.81 38.62 56.48
N VAL D 474 14.03 41.88 49.65
CA VAL D 474 13.63 41.15 50.84
C VAL D 474 12.64 40.05 50.45
N VAL D 475 11.40 40.20 50.89
CA VAL D 475 10.32 39.32 50.47
C VAL D 475 9.34 40.16 49.66
N PRO D 476 9.39 40.10 48.33
CA PRO D 476 8.59 41.01 47.52
C PRO D 476 7.11 40.74 47.67
N ARG D 477 6.31 41.63 47.08
CA ARG D 477 4.89 41.36 46.96
C ARG D 477 4.67 40.14 46.08
N HIS D 478 3.61 39.39 46.38
CA HIS D 478 3.32 38.17 45.62
C HIS D 478 3.20 38.48 44.14
N ARG D 479 2.45 39.53 43.79
CA ARG D 479 2.17 39.80 42.39
C ARG D 479 3.44 40.15 41.63
N SER D 480 4.35 40.88 42.27
CA SER D 480 5.58 41.29 41.59
C SER D 480 6.46 40.09 41.26
N VAL D 481 6.72 39.22 42.23
CA VAL D 481 7.56 38.05 41.96
C VAL D 481 6.84 37.10 41.02
N LEU D 482 5.52 37.02 41.10
CA LEU D 482 4.78 36.19 40.16
C LEU D 482 4.97 36.68 38.74
N ARG D 483 4.85 38.00 38.53
CA ARG D 483 5.11 38.57 37.21
C ARG D 483 6.54 38.32 36.78
N TRP D 484 7.49 38.37 37.71
CA TRP D 484 8.89 38.20 37.35
C TRP D 484 9.17 36.77 36.89
N VAL D 485 8.58 35.79 37.56
CA VAL D 485 8.85 34.41 37.16
C VAL D 485 8.00 33.98 35.97
N ARG D 486 6.81 34.53 35.80
CA ARG D 486 5.98 34.12 34.67
C ARG D 486 6.36 34.84 33.38
N PHE D 487 6.43 36.17 33.43
CA PHE D 487 6.63 36.97 32.22
C PHE D 487 7.94 37.74 32.20
N GLY D 488 8.81 37.55 33.19
CA GLY D 488 10.08 38.23 33.29
C GLY D 488 10.19 39.65 32.75
N PRO E 5 24.45 -65.68 -14.97
CA PRO E 5 25.61 -64.84 -14.65
C PRO E 5 25.29 -63.83 -13.54
N SER E 6 26.07 -63.85 -12.46
CA SER E 6 25.87 -62.94 -11.35
C SER E 6 27.16 -62.18 -11.08
N GLY E 7 27.03 -61.09 -10.33
CA GLY E 7 28.17 -60.30 -9.96
C GLY E 7 27.77 -58.84 -9.85
N THR E 8 28.79 -57.98 -9.90
CA THR E 8 28.61 -56.54 -9.79
C THR E 8 29.60 -55.86 -10.73
N TYR E 9 29.08 -55.18 -11.75
CA TYR E 9 29.90 -54.48 -12.72
C TYR E 9 29.75 -52.98 -12.50
N ALA E 10 30.88 -52.32 -12.20
CA ALA E 10 30.90 -50.87 -11.96
C ALA E 10 29.93 -50.46 -10.86
N GLY E 11 29.73 -51.32 -9.87
CA GLY E 11 28.78 -51.04 -8.81
C GLY E 11 27.35 -51.36 -9.16
N LEU E 12 27.09 -51.85 -10.36
CA LEU E 12 25.75 -52.11 -10.84
C LEU E 12 25.53 -53.60 -11.06
N PRO E 13 24.34 -54.11 -10.72
CA PRO E 13 24.09 -55.55 -10.83
C PRO E 13 24.28 -56.04 -12.26
N ILE E 14 24.62 -57.32 -12.39
CA ILE E 14 24.79 -57.98 -13.67
C ILE E 14 23.57 -58.83 -13.94
N ALA E 15 23.05 -58.76 -15.16
CA ALA E 15 21.86 -59.52 -15.54
C ALA E 15 22.13 -60.63 -16.54
N ASP E 16 22.96 -60.37 -17.55
CA ASP E 16 23.19 -61.41 -18.58
C ASP E 16 24.52 -61.11 -19.27
N TYR E 17 24.78 -61.83 -20.36
CA TYR E 17 26.00 -61.65 -21.12
C TYR E 17 25.79 -60.64 -22.23
N GLY E 18 26.88 -59.99 -22.65
CA GLY E 18 26.81 -58.88 -23.57
C GLY E 18 26.92 -59.31 -25.02
N ASP E 19 25.98 -58.85 -25.83
CA ASP E 19 26.00 -59.06 -27.28
C ASP E 19 26.44 -57.82 -28.04
N ALA E 20 26.85 -56.78 -27.33
CA ALA E 20 27.20 -55.51 -27.95
C ALA E 20 28.55 -55.60 -28.65
N PRO E 21 28.79 -54.75 -29.65
CA PRO E 21 30.06 -54.77 -30.37
C PRO E 21 31.12 -54.03 -29.57
N PRO E 22 32.38 -54.08 -30.00
CA PRO E 22 33.42 -53.31 -29.32
C PRO E 22 33.17 -51.82 -29.44
N LEU E 23 33.72 -51.08 -28.49
CA LEU E 23 33.59 -49.63 -28.50
C LEU E 23 34.37 -49.04 -29.68
N SER E 24 33.83 -47.96 -30.24
CA SER E 24 34.44 -47.36 -31.41
C SER E 24 35.80 -46.75 -31.07
N THR E 25 36.77 -46.99 -31.96
CA THR E 25 38.11 -46.45 -31.83
C THR E 25 38.41 -45.43 -32.93
N LYS E 26 37.37 -44.92 -33.59
CA LYS E 26 37.51 -44.00 -34.70
C LYS E 26 36.77 -42.70 -34.37
N THR E 27 37.10 -41.65 -35.11
CA THR E 27 36.44 -40.37 -34.96
C THR E 27 35.99 -39.85 -36.30
N MET E 28 34.95 -39.01 -36.27
CA MET E 28 34.39 -38.41 -37.48
C MET E 28 35.02 -37.06 -37.79
N PHE E 29 35.95 -36.59 -36.97
CA PHE E 29 36.50 -35.25 -37.10
C PHE E 29 37.83 -35.29 -37.83
N TRP E 30 37.96 -34.44 -38.84
CA TRP E 30 39.15 -34.31 -39.66
C TRP E 30 39.65 -32.88 -39.56
N ARG E 31 40.96 -32.72 -39.73
CA ARG E 31 41.51 -31.37 -39.78
C ARG E 31 41.33 -30.76 -41.15
N THR E 32 41.25 -29.44 -41.19
CA THR E 32 41.05 -28.70 -42.42
C THR E 32 42.34 -28.22 -43.06
N SER E 33 43.43 -28.16 -42.30
CA SER E 33 44.70 -27.71 -42.81
C SER E 33 45.81 -28.42 -42.04
N PRO E 34 46.93 -28.74 -42.69
CA PRO E 34 48.03 -29.43 -42.01
C PRO E 34 48.77 -28.59 -40.98
N GLU E 35 48.36 -27.35 -40.75
CA GLU E 35 49.07 -26.50 -39.81
C GLU E 35 48.97 -27.03 -38.39
N LYS E 36 49.92 -26.60 -37.56
CA LYS E 36 49.95 -27.00 -36.16
C LYS E 36 48.77 -26.40 -35.41
N LEU E 37 48.20 -27.18 -34.48
CA LEU E 37 47.12 -26.68 -33.67
C LEU E 37 47.61 -25.56 -32.74
N PRO E 38 46.76 -24.56 -32.49
CA PRO E 38 47.10 -23.59 -31.46
C PRO E 38 47.19 -24.25 -30.11
N PRO E 39 48.02 -23.75 -29.21
CA PRO E 39 48.11 -24.35 -27.88
C PRO E 39 46.82 -24.15 -27.10
N GLY E 40 46.41 -25.20 -26.38
CA GLY E 40 45.16 -25.16 -25.65
C GLY E 40 43.92 -25.40 -26.49
N ALA E 41 44.08 -25.78 -27.75
CA ALA E 41 42.93 -26.00 -28.62
C ALA E 41 42.28 -27.34 -28.32
N TRP E 42 41.04 -27.49 -28.81
CA TRP E 42 40.26 -28.67 -28.56
C TRP E 42 40.54 -29.74 -29.61
N GLU E 43 40.44 -30.99 -29.19
CA GLU E 43 40.74 -32.15 -30.02
C GLU E 43 39.67 -33.20 -29.79
N PRO E 44 39.50 -34.13 -30.73
CA PRO E 44 38.53 -35.21 -30.52
C PRO E 44 38.89 -36.06 -29.31
N ALA E 45 37.86 -36.63 -28.70
CA ALA E 45 38.02 -37.37 -27.45
C ALA E 45 38.94 -38.57 -27.64
N TYR E 46 39.31 -39.17 -26.52
CA TYR E 46 40.22 -40.30 -26.51
C TYR E 46 39.64 -41.43 -27.37
N LEU E 47 40.52 -42.10 -28.13
CA LEU E 47 40.10 -43.06 -29.13
C LEU E 47 40.48 -44.49 -28.81
N GLY E 48 41.01 -44.75 -27.63
CA GLY E 48 41.31 -46.10 -27.21
C GLY E 48 42.80 -46.39 -27.15
N SER E 49 43.10 -47.70 -27.13
CA SER E 49 44.50 -48.12 -27.08
C SER E 49 45.24 -47.81 -28.37
N LYS E 50 44.53 -47.69 -29.48
CA LYS E 50 45.17 -47.34 -30.74
C LYS E 50 45.41 -45.84 -30.89
N ASP E 51 44.89 -45.02 -29.99
CA ASP E 51 45.12 -43.58 -30.07
C ASP E 51 46.59 -43.28 -29.85
N GLU E 52 47.24 -42.71 -30.85
CA GLU E 52 48.66 -42.39 -30.78
C GLU E 52 48.94 -41.08 -30.06
N ARG E 53 47.91 -40.36 -29.63
CA ARG E 53 48.14 -39.08 -28.95
C ARG E 53 48.59 -39.28 -27.51
N VAL E 54 47.96 -40.21 -26.79
CA VAL E 54 48.31 -40.48 -25.40
C VAL E 54 48.23 -41.98 -25.15
N ASP E 55 48.90 -42.40 -24.06
CA ASP E 55 48.75 -43.74 -23.52
C ASP E 55 47.77 -43.64 -22.35
N GLY E 56 46.54 -44.10 -22.57
CA GLY E 56 45.50 -43.99 -21.58
C GLY E 56 44.90 -45.33 -21.23
N PRO E 57 43.82 -45.32 -20.48
CA PRO E 57 43.17 -46.58 -20.09
C PRO E 57 42.44 -47.22 -21.25
N SER E 58 41.85 -48.38 -21.01
CA SER E 58 40.94 -48.97 -21.99
C SER E 58 39.64 -48.21 -22.02
N LEU E 59 38.97 -48.23 -23.18
CA LEU E 59 37.66 -47.60 -23.29
C LEU E 59 36.67 -48.24 -22.34
N GLN E 60 36.82 -49.53 -22.03
CA GLN E 60 36.00 -50.17 -21.02
C GLN E 60 36.13 -49.47 -19.68
N GLN E 61 37.36 -49.05 -19.33
CA GLN E 61 37.57 -48.38 -18.06
C GLN E 61 36.93 -47.00 -18.05
N VAL E 62 36.99 -46.29 -19.17
CA VAL E 62 36.35 -44.98 -19.26
C VAL E 62 34.84 -45.12 -19.14
N MET E 63 34.27 -46.15 -19.78
CA MET E 63 32.83 -46.38 -19.64
C MET E 63 32.47 -46.74 -18.21
N ARG E 64 33.33 -47.52 -17.54
CA ARG E 64 33.11 -47.81 -16.13
C ARG E 64 33.13 -46.53 -15.29
N ASP E 65 34.06 -45.63 -15.60
CA ASP E 65 34.12 -44.35 -14.89
C ASP E 65 32.85 -43.54 -15.13
N GLN E 66 32.28 -43.63 -16.33
CA GLN E 66 31.05 -42.91 -16.62
C GLN E 66 29.81 -43.59 -16.04
N LEU E 67 29.88 -44.89 -15.81
CA LEU E 67 28.77 -45.64 -15.24
C LEU E 67 28.77 -45.61 -13.72
N LYS E 68 29.87 -45.19 -13.10
CA LYS E 68 29.89 -45.12 -11.64
C LYS E 68 28.80 -44.22 -11.05
N PRO E 69 28.49 -43.05 -11.62
CA PRO E 69 27.44 -42.21 -11.00
C PRO E 69 26.06 -42.84 -10.95
N TYR E 70 25.74 -43.77 -11.85
CA TYR E 70 24.41 -44.37 -11.85
C TYR E 70 24.18 -45.29 -10.65
N SER E 71 25.23 -45.68 -9.93
CA SER E 71 25.11 -46.50 -8.75
C SER E 71 24.99 -45.69 -7.47
N GLU E 72 25.13 -44.37 -7.55
CA GLU E 72 25.19 -43.51 -6.40
C GLU E 72 23.80 -43.36 -5.78
N PRO E 73 23.72 -43.15 -4.47
CA PRO E 73 22.41 -42.95 -3.84
C PRO E 73 21.69 -41.74 -4.40
N ARG E 74 20.37 -41.89 -4.56
CA ARG E 74 19.56 -40.81 -5.10
C ARG E 74 19.34 -39.73 -4.06
N GLY E 75 18.82 -38.60 -4.52
CA GLY E 75 18.45 -37.51 -3.63
C GLY E 75 17.08 -37.73 -3.03
N LEU E 76 16.57 -36.66 -2.40
CA LEU E 76 15.28 -36.72 -1.76
C LEU E 76 14.18 -36.33 -2.73
N LEU E 77 13.01 -36.95 -2.56
CA LEU E 77 11.87 -36.59 -3.38
C LEU E 77 11.23 -35.30 -2.87
N PRO E 78 10.75 -34.45 -3.76
CA PRO E 78 10.05 -33.23 -3.32
C PRO E 78 8.82 -33.58 -2.50
N PRO E 79 8.30 -32.63 -1.73
CA PRO E 79 7.07 -32.89 -0.97
C PRO E 79 5.94 -33.30 -1.91
N GLN E 80 5.09 -34.22 -1.42
CA GLN E 80 4.12 -34.87 -2.29
C GLN E 80 3.04 -33.90 -2.75
N GLU E 81 2.60 -33.00 -1.87
CA GLU E 81 1.58 -32.03 -2.24
C GLU E 81 2.09 -31.10 -3.34
N ILE E 82 3.30 -30.59 -3.17
CA ILE E 82 3.91 -29.71 -4.18
C ILE E 82 4.03 -30.45 -5.50
N LEU E 83 4.50 -31.69 -5.47
CA LEU E 83 4.70 -32.45 -6.70
C LEU E 83 3.38 -32.68 -7.42
N ASP E 84 2.35 -33.09 -6.68
CA ASP E 84 1.05 -33.32 -7.29
C ASP E 84 0.49 -32.04 -7.90
N ALA E 85 0.57 -30.92 -7.16
CA ALA E 85 0.04 -29.66 -7.65
C ALA E 85 0.78 -29.22 -8.91
N VAL E 86 2.11 -29.36 -8.93
CA VAL E 86 2.87 -28.89 -10.08
C VAL E 86 2.63 -29.78 -11.28
N CYS E 87 2.51 -31.09 -11.08
CA CYS E 87 2.23 -31.96 -12.21
C CYS E 87 0.86 -31.67 -12.79
N ASP E 88 -0.14 -31.43 -11.94
CA ASP E 88 -1.46 -31.04 -12.43
C ASP E 88 -1.40 -29.72 -13.19
N ALA E 89 -0.65 -28.75 -12.67
CA ALA E 89 -0.53 -27.47 -13.35
C ALA E 89 0.10 -27.62 -14.74
N ILE E 90 1.18 -28.41 -14.82
CA ILE E 90 1.85 -28.62 -16.10
C ILE E 90 0.92 -29.31 -17.09
N GLU E 91 0.24 -30.36 -16.63
CA GLU E 91 -0.68 -31.07 -17.50
C GLU E 91 -1.81 -30.17 -17.99
N ASN E 92 -2.32 -29.32 -17.10
CA ASN E 92 -3.40 -28.43 -17.50
C ASN E 92 -2.92 -27.39 -18.50
N ARG E 93 -1.72 -26.86 -18.30
CA ARG E 93 -1.18 -25.92 -19.27
C ARG E 93 -0.98 -26.59 -20.63
N LEU E 94 -0.47 -27.82 -20.64
CA LEU E 94 -0.28 -28.50 -21.92
C LEU E 94 -1.62 -28.80 -22.58
N GLU E 95 -2.65 -29.14 -21.80
CA GLU E 95 -3.97 -29.32 -22.38
C GLU E 95 -4.46 -28.02 -23.00
N ASN E 96 -4.28 -26.89 -22.31
CA ASN E 96 -4.71 -25.61 -22.84
C ASN E 96 -3.91 -25.19 -24.06
N THR E 97 -2.68 -25.70 -24.22
CA THR E 97 -1.78 -25.27 -25.27
C THR E 97 -1.67 -26.25 -26.43
N LEU E 98 -1.70 -27.55 -26.16
CA LEU E 98 -1.42 -28.54 -27.19
C LEU E 98 -2.64 -28.80 -28.06
N GLU E 99 -2.40 -28.91 -29.35
CA GLU E 99 -3.44 -29.27 -30.31
C GLU E 99 -3.58 -30.79 -30.35
N PRO E 100 -4.78 -31.33 -30.19
CA PRO E 100 -4.95 -32.78 -30.25
C PRO E 100 -4.47 -33.33 -31.59
N GLN E 101 -3.83 -34.50 -31.53
CA GLN E 101 -3.23 -35.11 -32.70
C GLN E 101 -3.87 -36.47 -32.96
N LYS E 102 -3.70 -36.93 -34.18
CA LYS E 102 -4.20 -38.25 -34.55
C LYS E 102 -3.13 -39.30 -34.27
N PRO E 103 -3.53 -40.52 -33.95
CA PRO E 103 -2.53 -41.56 -33.62
C PRO E 103 -1.59 -41.80 -34.80
N TRP E 104 -0.38 -42.22 -34.47
CA TRP E 104 0.65 -42.42 -35.48
C TRP E 104 0.55 -43.84 -36.05
N THR E 105 0.74 -43.94 -37.36
CA THR E 105 0.76 -45.22 -38.03
C THR E 105 2.14 -45.86 -37.91
N PHE E 106 2.21 -47.14 -38.23
CA PHE E 106 3.50 -47.82 -38.29
C PHE E 106 4.40 -47.17 -39.31
N LYS E 107 3.83 -46.76 -40.45
CA LYS E 107 4.62 -46.12 -41.51
C LYS E 107 5.18 -44.79 -41.05
N LYS E 108 4.38 -43.97 -40.37
CA LYS E 108 4.86 -42.68 -39.91
C LYS E 108 5.93 -42.84 -38.84
N ALA E 109 5.74 -43.80 -37.92
CA ALA E 109 6.73 -44.05 -36.89
C ALA E 109 8.04 -44.55 -37.49
N CYS E 110 7.94 -45.37 -38.54
CA CYS E 110 9.16 -45.87 -39.19
C CYS E 110 9.86 -44.77 -39.97
N GLU E 111 9.11 -43.83 -40.54
CA GLU E 111 9.75 -42.74 -41.28
C GLU E 111 10.26 -41.63 -40.37
N SER E 112 9.89 -41.64 -39.10
CA SER E 112 10.39 -40.61 -38.17
C SER E 112 11.80 -40.88 -37.70
N LEU E 113 12.29 -42.12 -37.84
CA LEU E 113 13.57 -42.48 -37.27
C LEU E 113 14.71 -42.04 -38.18
N ASP E 114 15.87 -41.77 -37.57
CA ASP E 114 17.08 -41.49 -38.31
C ASP E 114 17.67 -42.82 -38.79
N LYS E 115 17.87 -42.94 -40.10
CA LYS E 115 18.38 -44.18 -40.66
C LYS E 115 19.90 -44.25 -40.66
N ASN E 116 20.58 -43.25 -40.11
CA ASN E 116 22.03 -43.23 -40.07
C ASN E 116 22.59 -43.62 -38.70
N THR E 117 21.75 -44.18 -37.83
CA THR E 117 22.16 -44.62 -36.52
C THR E 117 21.96 -46.13 -36.42
N SER E 118 22.56 -46.73 -35.39
CA SER E 118 22.51 -48.17 -35.23
C SER E 118 21.11 -48.63 -34.85
N SER E 119 20.77 -49.84 -35.30
CA SER E 119 19.49 -50.42 -34.93
C SER E 119 19.47 -50.93 -33.50
N GLY E 120 20.62 -50.93 -32.83
CA GLY E 120 20.69 -51.45 -31.49
C GLY E 120 20.53 -52.96 -31.46
N TYR E 121 20.21 -53.45 -30.26
CA TYR E 121 20.00 -54.88 -30.07
C TYR E 121 18.92 -55.38 -31.02
N PRO E 122 19.09 -56.57 -31.62
CA PRO E 122 20.27 -57.43 -31.46
C PRO E 122 21.24 -57.38 -32.62
N TYR E 123 21.01 -56.51 -33.61
CA TYR E 123 21.76 -56.56 -34.85
C TYR E 123 22.85 -55.50 -34.97
N HIS E 124 22.69 -54.36 -34.30
CA HIS E 124 23.69 -53.29 -34.34
C HIS E 124 24.02 -52.92 -35.79
N LYS E 125 22.98 -52.84 -36.60
CA LYS E 125 23.08 -52.55 -38.02
C LYS E 125 22.58 -51.15 -38.29
N GLN E 126 23.21 -50.46 -39.23
CA GLN E 126 22.72 -49.14 -39.61
C GLN E 126 21.34 -49.30 -40.23
N LYS E 127 20.35 -48.62 -39.65
CA LYS E 127 18.97 -48.74 -40.08
C LYS E 127 18.82 -48.67 -41.60
N SER E 128 19.54 -47.74 -42.24
CA SER E 128 19.43 -47.57 -43.68
C SER E 128 19.80 -48.82 -44.46
N LYS E 129 20.45 -49.80 -43.82
CA LYS E 129 20.84 -51.02 -44.51
C LYS E 129 19.64 -51.92 -44.76
N ASP E 130 18.54 -51.73 -44.05
CA ASP E 130 17.32 -52.50 -44.28
C ASP E 130 16.12 -51.58 -44.53
N TRP E 131 16.38 -50.43 -45.15
CA TRP E 131 15.36 -49.42 -45.39
C TRP E 131 15.08 -49.33 -46.88
N THR E 132 13.80 -49.34 -47.25
CA THR E 132 13.37 -49.28 -48.63
C THR E 132 12.90 -47.91 -49.07
N GLY E 133 12.77 -46.96 -48.15
CA GLY E 133 12.15 -45.70 -48.42
C GLY E 133 10.69 -45.63 -48.03
N SER E 134 10.06 -46.76 -47.75
CA SER E 134 8.67 -46.83 -47.31
C SER E 134 8.52 -47.57 -45.99
N ALA E 135 9.13 -48.74 -45.86
CA ALA E 135 9.04 -49.51 -44.63
C ALA E 135 10.34 -50.30 -44.45
N PHE E 136 10.40 -51.05 -43.35
CA PHE E 136 11.55 -51.88 -43.04
C PHE E 136 11.39 -53.28 -43.61
N ILE E 137 12.52 -53.88 -43.99
CA ILE E 137 12.55 -55.24 -44.52
C ILE E 137 13.69 -56.00 -43.85
N GLY E 138 13.74 -57.30 -44.11
CA GLY E 138 14.82 -58.12 -43.61
C GLY E 138 14.74 -58.31 -42.11
N ASP E 139 15.93 -58.40 -41.49
CA ASP E 139 16.01 -58.56 -40.05
C ASP E 139 15.34 -57.40 -39.33
N LEU E 140 15.73 -56.17 -39.70
CA LEU E 140 15.11 -54.99 -39.13
C LEU E 140 13.62 -54.95 -39.43
N GLY E 141 13.20 -55.47 -40.57
CA GLY E 141 11.79 -55.51 -40.88
C GLY E 141 11.01 -56.43 -39.95
N ASP E 142 11.55 -57.63 -39.70
CA ASP E 142 10.91 -58.54 -38.76
C ASP E 142 10.89 -57.95 -37.35
N GLN E 143 11.98 -57.32 -36.94
CA GLN E 143 12.03 -56.68 -35.64
C GLN E 143 10.95 -55.60 -35.54
N ALA E 144 10.83 -54.78 -36.57
CA ALA E 144 9.83 -53.72 -36.59
C ALA E 144 8.42 -54.28 -36.53
N THR E 145 8.15 -55.34 -37.30
CA THR E 145 6.82 -55.90 -37.33
C THR E 145 6.44 -56.52 -35.98
N HIS E 146 7.39 -57.21 -35.34
CA HIS E 146 7.11 -57.76 -34.01
C HIS E 146 6.85 -56.66 -33.00
N ALA E 147 7.68 -55.62 -33.01
CA ALA E 147 7.46 -54.50 -32.10
C ALA E 147 6.09 -53.86 -32.32
N ASN E 148 5.70 -53.69 -33.59
CA ASN E 148 4.42 -53.07 -33.89
C ASN E 148 3.26 -53.94 -33.43
N ASN E 149 3.34 -55.25 -33.68
CA ASN E 149 2.28 -56.15 -33.25
C ASN E 149 2.16 -56.16 -31.73
N MET E 150 3.29 -56.14 -31.03
CA MET E 150 3.23 -56.06 -29.57
C MET E 150 2.68 -54.72 -29.10
N TYR E 151 2.95 -53.65 -29.84
CA TYR E 151 2.36 -52.35 -29.52
C TYR E 151 0.84 -52.40 -29.63
N GLU E 152 0.33 -52.87 -30.77
CA GLU E 152 -1.11 -52.92 -31.00
C GLU E 152 -1.80 -53.82 -29.98
N MET E 153 -1.12 -54.88 -29.53
CA MET E 153 -1.72 -55.80 -28.58
C MET E 153 -1.70 -55.26 -27.15
N GLY E 154 -1.03 -54.15 -26.91
CA GLY E 154 -0.92 -53.65 -25.55
C GLY E 154 -0.10 -54.55 -24.66
N LYS E 155 0.83 -55.31 -25.24
CA LYS E 155 1.69 -56.20 -24.49
C LYS E 155 3.05 -55.57 -24.26
N SER E 156 3.65 -55.91 -23.12
CA SER E 156 4.92 -55.32 -22.70
C SER E 156 6.10 -56.04 -23.34
N MET E 157 7.15 -55.27 -23.62
CA MET E 157 8.44 -55.78 -24.05
C MET E 157 9.52 -55.07 -23.25
N ARG E 158 10.56 -55.79 -22.88
CA ARG E 158 11.59 -55.09 -22.12
C ARG E 158 12.65 -54.53 -23.05
N PRO E 159 12.96 -53.24 -22.97
CA PRO E 159 13.99 -52.67 -23.84
C PRO E 159 15.38 -53.07 -23.42
N ILE E 160 16.26 -53.20 -24.42
CA ILE E 160 17.67 -53.49 -24.21
C ILE E 160 18.47 -52.34 -24.78
N TYR E 161 19.11 -51.57 -23.90
CA TYR E 161 19.92 -50.43 -24.31
C TYR E 161 21.35 -50.86 -24.54
N THR E 162 22.03 -50.13 -25.43
CA THR E 162 23.41 -50.39 -25.79
C THR E 162 24.27 -49.19 -25.40
N ALA E 163 25.32 -49.44 -24.64
CA ALA E 163 26.18 -48.37 -24.15
C ALA E 163 27.21 -48.01 -25.21
N ALA E 164 27.55 -46.73 -25.27
CA ALA E 164 28.59 -46.27 -26.18
C ALA E 164 29.24 -45.02 -25.61
N LEU E 165 30.29 -44.56 -26.28
CA LEU E 165 30.99 -43.35 -25.88
C LEU E 165 30.87 -42.31 -27.00
N LYS E 166 30.73 -41.05 -26.61
CA LYS E 166 30.41 -39.99 -27.55
C LYS E 166 31.67 -39.41 -28.19
N ASP E 167 31.69 -39.40 -29.51
CA ASP E 167 32.77 -38.77 -30.26
C ASP E 167 32.45 -37.28 -30.41
N GLU E 168 33.30 -36.44 -29.83
CA GLU E 168 33.07 -35.00 -29.84
C GLU E 168 34.38 -34.31 -29.48
N LEU E 169 34.42 -33.00 -29.72
CA LEU E 169 35.57 -32.20 -29.34
C LEU E 169 35.51 -31.88 -27.85
N VAL E 170 36.59 -32.19 -27.15
CA VAL E 170 36.69 -31.96 -25.72
C VAL E 170 37.94 -31.13 -25.45
N LYS E 171 37.94 -30.47 -24.29
CA LYS E 171 39.10 -29.70 -23.88
C LYS E 171 40.30 -30.64 -23.69
N PRO E 172 41.52 -30.15 -24.00
CA PRO E 172 42.68 -31.06 -24.01
C PRO E 172 42.91 -31.78 -22.69
N ASP E 173 42.46 -31.21 -21.57
CA ASP E 173 42.61 -31.88 -20.29
C ASP E 173 41.90 -33.23 -20.29
N LYS E 174 40.84 -33.37 -21.10
CA LYS E 174 40.12 -34.63 -21.19
C LYS E 174 40.79 -35.63 -22.13
N ILE E 175 41.97 -35.31 -22.65
CA ILE E 175 42.73 -36.20 -23.52
C ILE E 175 44.13 -36.44 -22.98
N TYR E 176 44.86 -35.38 -22.70
CA TYR E 176 46.23 -35.47 -22.20
C TYR E 176 46.30 -35.46 -20.69
N GLY E 177 45.22 -35.12 -20.01
CA GLY E 177 45.15 -35.26 -18.56
C GLY E 177 44.26 -36.40 -18.14
N LYS E 178 43.33 -36.13 -17.23
CA LYS E 178 42.35 -37.13 -16.81
C LYS E 178 41.39 -37.41 -17.96
N ILE E 179 41.45 -38.61 -18.52
CA ILE E 179 40.70 -38.94 -19.72
C ILE E 179 39.24 -39.20 -19.37
N LYS E 180 38.34 -38.52 -20.08
CA LYS E 180 36.90 -38.69 -19.91
C LYS E 180 36.24 -38.70 -21.28
N LYS E 181 35.20 -39.51 -21.42
CA LYS E 181 34.45 -39.59 -22.66
C LYS E 181 32.99 -39.82 -22.31
N ARG E 182 32.10 -39.01 -22.88
CA ARG E 182 30.72 -38.99 -22.42
C ARG E 182 29.98 -40.27 -22.79
N LEU E 183 29.12 -40.71 -21.89
CA LEU E 183 28.38 -41.96 -22.06
C LEU E 183 27.10 -41.71 -22.85
N LEU E 184 26.88 -42.51 -23.89
CA LEU E 184 25.69 -42.45 -24.71
C LEU E 184 24.89 -43.73 -24.56
N TRP E 185 23.56 -43.58 -24.52
CA TRP E 185 22.62 -44.69 -24.49
C TRP E 185 21.98 -44.80 -25.87
N GLY E 186 22.19 -45.92 -26.53
CA GLY E 186 21.47 -46.24 -27.75
C GLY E 186 20.33 -47.19 -27.44
N SER E 187 19.25 -47.07 -28.19
CA SER E 187 18.09 -47.91 -27.98
C SER E 187 17.94 -48.87 -29.15
N ASP E 188 17.15 -49.91 -28.93
CA ASP E 188 16.92 -50.93 -29.94
C ASP E 188 15.74 -50.54 -30.81
N LEU E 189 15.77 -51.00 -32.06
CA LEU E 189 14.80 -50.56 -33.05
C LEU E 189 13.37 -50.82 -32.60
N GLY E 190 13.14 -51.94 -31.92
CA GLY E 190 11.80 -52.24 -31.45
C GLY E 190 11.31 -51.20 -30.46
N THR E 191 12.15 -50.85 -29.49
CA THR E 191 11.79 -49.83 -28.52
C THR E 191 11.68 -48.47 -29.18
N MET E 192 12.53 -48.18 -30.16
CA MET E 192 12.41 -46.94 -30.93
C MET E 192 11.03 -46.82 -31.56
N ILE E 193 10.59 -47.88 -32.24
CA ILE E 193 9.30 -47.84 -32.92
C ILE E 193 8.16 -47.75 -31.93
N ARG E 194 8.25 -48.51 -30.83
CA ARG E 194 7.19 -48.45 -29.81
C ARG E 194 7.06 -47.04 -29.25
N ALA E 195 8.18 -46.44 -28.85
CA ALA E 195 8.15 -45.09 -28.30
C ALA E 195 7.69 -44.09 -29.35
N ALA E 196 8.07 -44.30 -30.61
CA ALA E 196 7.63 -43.41 -31.68
C ALA E 196 6.12 -43.45 -31.81
N ARG E 197 5.56 -44.64 -32.07
CA ARG E 197 4.10 -44.75 -32.18
C ARG E 197 3.40 -44.20 -30.96
N ALA E 198 4.01 -44.32 -29.78
CA ALA E 198 3.33 -43.88 -28.57
C ALA E 198 3.33 -42.36 -28.45
N PHE E 199 4.50 -41.73 -28.56
CA PHE E 199 4.65 -40.32 -28.19
C PHE E 199 5.01 -39.40 -29.36
N GLY E 200 4.91 -39.85 -30.61
CA GLY E 200 5.11 -38.98 -31.73
C GLY E 200 4.11 -37.85 -31.83
N PRO E 201 2.82 -38.16 -31.69
CA PRO E 201 1.82 -37.08 -31.66
C PRO E 201 2.11 -36.04 -30.60
N PHE E 202 2.41 -36.48 -29.37
CA PHE E 202 2.67 -35.55 -28.29
C PHE E 202 3.90 -34.70 -28.58
N CYS E 203 4.98 -35.33 -29.03
CA CYS E 203 6.21 -34.58 -29.27
C CYS E 203 6.05 -33.59 -30.42
N ASP E 204 5.33 -33.98 -31.47
CA ASP E 204 5.11 -33.06 -32.58
C ASP E 204 4.21 -31.90 -32.17
N ALA E 205 3.13 -32.18 -31.45
CA ALA E 205 2.26 -31.11 -30.97
C ALA E 205 3.00 -30.17 -30.03
N LEU E 206 3.93 -30.71 -29.25
CA LEU E 206 4.77 -29.87 -28.40
C LEU E 206 5.74 -29.05 -29.22
N LYS E 207 6.23 -29.59 -30.34
CA LYS E 207 7.15 -28.85 -31.19
C LYS E 207 6.45 -27.71 -31.91
N GLU E 208 5.18 -27.89 -32.29
CA GLU E 208 4.45 -26.80 -32.92
C GLU E 208 4.27 -25.61 -31.99
N THR E 209 4.32 -25.81 -30.69
CA THR E 209 4.20 -24.74 -29.71
C THR E 209 5.51 -24.55 -28.94
N CYS E 210 6.63 -24.71 -29.64
CA CYS E 210 7.94 -24.54 -29.03
C CYS E 210 8.17 -23.11 -28.58
N ILE E 211 7.31 -22.18 -28.98
CA ILE E 211 7.45 -20.78 -28.62
C ILE E 211 6.67 -20.44 -27.36
N PHE E 212 5.48 -21.00 -27.21
CA PHE E 212 4.61 -20.68 -26.09
C PHE E 212 4.81 -21.57 -24.86
N ASN E 213 5.61 -22.62 -24.98
CA ASN E 213 5.83 -23.54 -23.88
C ASN E 213 7.32 -23.72 -23.61
N PRO E 214 7.71 -23.89 -22.35
CA PRO E 214 9.13 -23.90 -22.00
C PRO E 214 9.93 -25.05 -22.59
N ILE E 215 9.28 -26.12 -23.04
CA ILE E 215 10.01 -27.22 -23.65
C ILE E 215 10.37 -26.81 -25.07
N ARG E 216 11.58 -26.26 -25.23
CA ARG E 216 12.01 -25.64 -26.47
C ARG E 216 12.53 -26.64 -27.49
N VAL E 217 12.15 -27.91 -27.39
CA VAL E 217 12.73 -28.93 -28.25
C VAL E 217 12.17 -28.76 -29.66
N GLY E 218 13.05 -28.52 -30.63
CA GLY E 218 12.68 -28.37 -32.01
C GLY E 218 12.71 -26.96 -32.56
N MET E 219 12.99 -25.97 -31.71
CA MET E 219 12.98 -24.58 -32.17
C MET E 219 14.19 -24.30 -33.06
N SER E 220 14.07 -23.24 -33.84
CA SER E 220 15.15 -22.74 -34.70
C SER E 220 15.65 -21.43 -34.11
N MET E 221 16.95 -21.40 -33.77
CA MET E 221 17.49 -20.23 -33.07
C MET E 221 17.35 -18.96 -33.89
N ASN E 222 17.62 -19.04 -35.20
CA ASN E 222 17.66 -17.82 -36.00
C ASN E 222 16.26 -17.28 -36.27
N GLU E 223 15.26 -18.15 -36.34
CA GLU E 223 13.90 -17.70 -36.61
C GLU E 223 13.12 -17.50 -35.32
N ASP E 224 13.09 -18.51 -34.45
CA ASP E 224 12.26 -18.47 -33.26
C ASP E 224 12.98 -17.98 -32.01
N GLY E 225 14.31 -17.86 -32.04
CA GLY E 225 15.08 -17.39 -30.90
C GLY E 225 14.68 -16.03 -30.37
N PRO E 226 14.70 -15.00 -31.24
CA PRO E 226 14.40 -13.63 -30.76
C PRO E 226 13.09 -13.52 -30.00
N PHE E 227 12.06 -14.27 -30.41
CA PHE E 227 10.80 -14.23 -29.68
C PHE E 227 10.96 -14.84 -28.28
N ILE E 228 11.63 -15.99 -28.20
CA ILE E 228 11.87 -16.63 -26.90
C ILE E 228 12.61 -15.69 -25.98
N PHE E 229 13.62 -15.00 -26.50
CA PHE E 229 14.45 -14.16 -25.66
C PHE E 229 13.74 -12.85 -25.30
N ALA E 230 12.88 -12.33 -26.17
CA ALA E 230 12.07 -11.18 -25.78
C ALA E 230 11.10 -11.55 -24.66
N ARG E 231 10.48 -12.74 -24.78
CA ARG E 231 9.59 -13.21 -23.73
C ARG E 231 10.34 -13.35 -22.42
N HIS E 232 11.55 -13.90 -22.45
CA HIS E 232 12.37 -13.97 -21.26
C HIS E 232 12.66 -12.60 -20.70
N ALA E 233 13.08 -11.67 -21.56
CA ALA E 233 13.47 -10.34 -21.14
C ALA E 233 12.30 -9.51 -20.63
N ASN E 234 11.06 -9.97 -20.81
CA ASN E 234 9.93 -9.28 -20.18
C ASN E 234 9.99 -9.36 -18.66
N PHE E 235 10.94 -10.09 -18.09
CA PHE E 235 10.93 -10.40 -16.68
C PHE E 235 12.16 -9.82 -15.99
N ARG E 236 12.10 -9.78 -14.66
CA ARG E 236 13.08 -9.03 -13.87
C ARG E 236 14.37 -9.80 -13.66
N TYR E 237 14.30 -11.04 -13.19
CA TYR E 237 15.46 -11.81 -12.82
C TYR E 237 15.65 -12.99 -13.77
N HIS E 238 16.92 -13.34 -14.00
CA HIS E 238 17.26 -14.41 -14.93
C HIS E 238 18.38 -15.26 -14.34
N MET E 239 18.32 -16.57 -14.58
CA MET E 239 19.32 -17.47 -14.05
C MET E 239 19.45 -18.70 -14.94
N ASP E 240 20.59 -19.37 -14.79
CA ASP E 240 20.87 -20.64 -15.45
C ASP E 240 21.68 -21.48 -14.48
N ALA E 241 21.11 -22.60 -14.03
CA ALA E 241 21.76 -23.40 -13.00
C ALA E 241 22.97 -24.15 -13.53
N ASP E 242 22.96 -24.55 -14.80
CA ASP E 242 24.06 -25.28 -15.44
C ASP E 242 24.44 -26.51 -14.61
N TYR E 243 23.58 -27.51 -14.69
CA TYR E 243 23.75 -28.70 -13.87
C TYR E 243 24.89 -29.57 -14.39
N THR E 244 25.56 -30.25 -13.47
CA THR E 244 26.60 -31.22 -13.78
C THR E 244 26.06 -32.61 -13.50
N ARG E 245 26.24 -33.52 -14.46
CA ARG E 245 25.64 -34.85 -14.43
C ARG E 245 24.14 -34.75 -14.20
N TRP E 246 23.46 -34.22 -15.22
CA TRP E 246 22.01 -34.10 -15.13
C TRP E 246 21.33 -35.45 -15.25
N ASP E 247 21.78 -36.27 -16.19
CA ASP E 247 21.09 -37.53 -16.47
C ASP E 247 21.40 -38.58 -15.42
N SER E 248 22.63 -38.58 -14.89
CA SER E 248 23.00 -39.56 -13.88
C SER E 248 22.28 -39.32 -12.56
N THR E 249 21.86 -38.08 -12.30
CA THR E 249 21.32 -37.69 -11.01
C THR E 249 19.80 -37.72 -10.98
N GLN E 250 19.15 -38.07 -12.08
CA GLN E 250 17.70 -38.05 -12.12
C GLN E 250 17.12 -39.22 -11.33
N GLN E 251 15.92 -39.02 -10.80
CA GLN E 251 15.20 -40.05 -10.08
C GLN E 251 14.07 -40.58 -10.95
N ARG E 252 13.90 -41.90 -10.95
CA ARG E 252 12.88 -42.52 -11.79
C ARG E 252 11.47 -42.11 -11.40
N ALA E 253 11.25 -41.66 -10.17
CA ALA E 253 9.90 -41.22 -9.78
C ALA E 253 9.52 -39.94 -10.50
N ILE E 254 10.43 -38.99 -10.59
CA ILE E 254 10.16 -37.75 -11.32
C ILE E 254 9.93 -38.05 -12.79
N LEU E 255 10.75 -38.94 -13.36
CA LEU E 255 10.56 -39.35 -14.74
C LEU E 255 9.24 -40.07 -14.92
N LYS E 256 8.76 -40.77 -13.89
CA LYS E 256 7.47 -41.43 -13.98
C LYS E 256 6.34 -40.41 -13.98
N ARG E 257 6.47 -39.34 -13.19
CA ARG E 257 5.48 -38.27 -13.24
C ARG E 257 5.46 -37.62 -14.62
N ALA E 258 6.64 -37.32 -15.15
CA ALA E 258 6.73 -36.76 -16.50
C ALA E 258 6.12 -37.69 -17.53
N GLY E 259 6.37 -39.00 -17.42
CA GLY E 259 5.79 -39.95 -18.33
C GLY E 259 4.29 -40.07 -18.18
N ASP E 260 3.77 -39.92 -16.97
CA ASP E 260 2.33 -39.88 -16.77
C ASP E 260 1.73 -38.70 -17.51
N ILE E 261 2.38 -37.54 -17.42
CA ILE E 261 1.93 -36.37 -18.18
C ILE E 261 1.94 -36.67 -19.67
N MET E 262 3.06 -37.22 -20.17
CA MET E 262 3.20 -37.49 -21.60
C MET E 262 2.16 -38.49 -22.09
N VAL E 263 1.83 -39.48 -21.27
CA VAL E 263 0.84 -40.48 -21.66
C VAL E 263 -0.55 -39.89 -21.66
N ARG E 264 -0.89 -39.14 -20.61
CA ARG E 264 -2.25 -38.60 -20.48
C ARG E 264 -2.62 -37.68 -21.62
N LEU E 265 -1.63 -37.10 -22.30
CA LEU E 265 -1.85 -36.20 -23.42
C LEU E 265 -1.72 -36.90 -24.77
N SER E 266 -1.54 -38.19 -24.78
CA SER E 266 -1.36 -38.89 -26.04
C SER E 266 -2.69 -39.43 -26.56
N PRO E 267 -2.84 -39.55 -27.88
CA PRO E 267 -4.12 -40.00 -28.43
C PRO E 267 -4.43 -41.47 -28.14
N GLU E 268 -3.42 -42.28 -27.84
CA GLU E 268 -3.59 -43.68 -27.49
C GLU E 268 -3.01 -43.88 -26.09
N PRO E 269 -3.75 -43.48 -25.05
CA PRO E 269 -3.17 -43.48 -23.70
C PRO E 269 -2.89 -44.86 -23.16
N ASP E 270 -3.71 -45.85 -23.51
CA ASP E 270 -3.51 -47.19 -22.96
C ASP E 270 -2.25 -47.83 -23.51
N LEU E 271 -1.98 -47.65 -24.81
CA LEU E 271 -0.77 -48.18 -25.41
C LEU E 271 0.47 -47.42 -24.94
N ALA E 272 0.36 -46.10 -24.84
CA ALA E 272 1.48 -45.30 -24.36
C ALA E 272 1.79 -45.60 -22.90
N ARG E 273 0.79 -45.98 -22.11
CA ARG E 273 1.05 -46.38 -20.73
C ARG E 273 1.96 -47.62 -20.69
N VAL E 274 1.65 -48.62 -21.52
CA VAL E 274 2.48 -49.82 -21.57
C VAL E 274 3.89 -49.46 -22.03
N VAL E 275 4.00 -48.62 -23.07
CA VAL E 275 5.32 -48.31 -23.58
C VAL E 275 6.15 -47.53 -22.56
N MET E 276 5.51 -46.60 -21.84
CA MET E 276 6.24 -45.85 -20.82
C MET E 276 6.62 -46.73 -19.64
N ASP E 277 5.72 -47.63 -19.23
CA ASP E 277 6.07 -48.57 -18.16
C ASP E 277 7.26 -49.43 -18.56
N ASP E 278 7.35 -49.79 -19.85
CA ASP E 278 8.52 -50.53 -20.31
C ASP E 278 9.78 -49.66 -20.33
N LEU E 279 9.62 -48.38 -20.68
CA LEU E 279 10.77 -47.49 -20.79
C LEU E 279 11.37 -47.17 -19.43
N LEU E 280 10.52 -46.93 -18.44
CA LEU E 280 10.95 -46.45 -17.13
C LEU E 280 11.22 -47.58 -16.14
N ALA E 281 10.97 -48.83 -16.52
CA ALA E 281 11.34 -49.97 -15.69
C ALA E 281 12.86 -50.04 -15.59
N PRO E 282 13.38 -50.82 -14.63
CA PRO E 282 14.84 -51.01 -14.56
C PRO E 282 15.45 -51.39 -15.91
N SER E 283 16.40 -50.59 -16.37
CA SER E 283 16.86 -50.66 -17.74
C SER E 283 17.99 -51.66 -17.90
N LEU E 284 18.03 -52.29 -19.06
CA LEU E 284 19.04 -53.29 -19.39
C LEU E 284 20.06 -52.64 -20.30
N LEU E 285 21.21 -52.29 -19.76
CA LEU E 285 22.26 -51.63 -20.52
C LEU E 285 23.34 -52.63 -20.89
N ASP E 286 23.68 -52.67 -22.18
CA ASP E 286 24.67 -53.61 -22.70
C ASP E 286 26.01 -52.90 -22.82
N VAL E 287 26.93 -53.23 -21.90
CA VAL E 287 28.23 -52.59 -21.85
C VAL E 287 29.29 -53.37 -22.60
N GLY E 288 28.90 -54.38 -23.37
CA GLY E 288 29.86 -55.14 -24.15
C GLY E 288 30.19 -56.48 -23.54
N ASP E 289 30.66 -56.48 -22.30
CA ASP E 289 30.93 -57.73 -21.61
C ASP E 289 29.65 -58.33 -21.04
N TYR E 290 28.88 -57.53 -20.32
CA TYR E 290 27.66 -57.98 -19.68
C TYR E 290 26.50 -57.06 -20.04
N LYS E 291 25.30 -57.54 -19.79
CA LYS E 291 24.09 -56.72 -19.75
C LYS E 291 23.77 -56.48 -18.29
N ILE E 292 23.88 -55.23 -17.86
CA ILE E 292 23.71 -54.85 -16.47
C ILE E 292 22.36 -54.15 -16.29
N VAL E 293 21.94 -54.04 -15.04
CA VAL E 293 20.65 -53.47 -14.67
C VAL E 293 20.89 -52.10 -14.06
N VAL E 294 20.41 -51.06 -14.74
CA VAL E 294 20.47 -49.69 -14.24
C VAL E 294 19.08 -49.35 -13.72
N GLU E 295 18.95 -49.22 -12.40
CA GLU E 295 17.65 -49.02 -11.79
C GLU E 295 17.24 -47.56 -11.73
N GLU E 296 18.20 -46.63 -11.68
CA GLU E 296 17.93 -45.21 -11.59
C GLU E 296 18.65 -44.50 -12.72
N GLY E 297 18.52 -43.17 -12.74
CA GLY E 297 19.08 -42.39 -13.81
C GLY E 297 18.12 -42.24 -14.98
N LEU E 298 18.61 -41.62 -16.04
CA LEU E 298 17.82 -41.39 -17.23
C LEU E 298 18.31 -42.25 -18.38
N PRO E 299 17.47 -43.12 -18.94
CA PRO E 299 17.86 -43.86 -20.15
C PRO E 299 17.77 -43.01 -21.40
N SER E 300 18.89 -42.42 -21.82
CA SER E 300 18.88 -41.38 -22.86
C SER E 300 19.05 -41.97 -24.25
N GLY E 301 18.24 -42.98 -24.57
CA GLY E 301 18.36 -43.63 -25.87
C GLY E 301 17.15 -43.47 -26.76
N CYS E 302 15.98 -43.31 -26.15
CA CYS E 302 14.74 -43.30 -26.91
C CYS E 302 14.56 -41.98 -27.64
N PRO E 303 13.74 -41.98 -28.71
CA PRO E 303 13.55 -40.74 -29.46
C PRO E 303 12.84 -39.65 -28.67
N CYS E 304 11.95 -40.03 -27.76
CA CYS E 304 11.21 -39.07 -26.94
C CYS E 304 11.96 -38.68 -25.68
N THR E 305 13.19 -39.18 -25.50
CA THR E 305 13.90 -38.96 -24.25
C THR E 305 14.17 -37.47 -24.00
N THR E 306 14.28 -36.68 -25.07
CA THR E 306 14.55 -35.25 -24.90
C THR E 306 13.34 -34.54 -24.29
N GLN E 307 12.15 -34.81 -24.82
CA GLN E 307 10.94 -34.23 -24.25
C GLN E 307 10.72 -34.69 -22.82
N LEU E 308 10.90 -35.98 -22.55
CA LEU E 308 10.75 -36.51 -21.20
C LEU E 308 11.71 -35.83 -20.23
N ASN E 309 12.99 -35.78 -20.58
CA ASN E 309 13.98 -35.10 -19.74
C ASN E 309 13.61 -33.64 -19.51
N SER E 310 13.17 -32.94 -20.56
CA SER E 310 12.79 -31.54 -20.41
C SER E 310 11.61 -31.38 -19.47
N LEU E 311 10.63 -32.27 -19.58
CA LEU E 311 9.48 -32.23 -18.69
C LEU E 311 9.90 -32.47 -17.25
N ALA E 312 10.81 -33.42 -17.02
CA ALA E 312 11.33 -33.64 -15.67
C ALA E 312 12.03 -32.40 -15.15
N HIS E 313 12.83 -31.76 -16.00
CA HIS E 313 13.49 -30.51 -15.63
C HIS E 313 12.47 -29.46 -15.22
N TRP E 314 11.40 -29.33 -16.01
CA TRP E 314 10.33 -28.40 -15.69
C TRP E 314 9.74 -28.71 -14.32
N ILE E 315 9.40 -29.98 -14.09
CA ILE E 315 8.82 -30.40 -12.81
C ILE E 315 9.73 -30.00 -11.67
N LEU E 316 11.00 -30.37 -11.76
CA LEU E 316 11.95 -30.11 -10.67
C LEU E 316 12.10 -28.61 -10.41
N THR E 317 12.27 -27.82 -11.48
CA THR E 317 12.43 -26.38 -11.32
C THR E 317 11.21 -25.77 -10.63
N LEU E 318 10.01 -26.08 -11.15
CA LEU E 318 8.79 -25.54 -10.55
C LEU E 318 8.64 -25.99 -9.11
N CYS E 319 8.96 -27.25 -8.82
CA CYS E 319 8.87 -27.75 -7.46
C CYS E 319 9.77 -26.96 -6.53
N ALA E 320 11.03 -26.73 -6.94
CA ALA E 320 11.94 -25.97 -6.11
C ALA E 320 11.42 -24.55 -5.88
N MET E 321 10.93 -23.90 -6.93
CA MET E 321 10.45 -22.53 -6.79
C MET E 321 9.24 -22.47 -5.88
N VAL E 322 8.35 -23.46 -5.97
CA VAL E 322 7.17 -23.47 -5.12
C VAL E 322 7.55 -23.83 -3.68
N GLU E 323 8.59 -24.62 -3.50
CA GLU E 323 9.04 -24.97 -2.16
C GLU E 323 9.71 -23.79 -1.48
N VAL E 324 10.30 -22.90 -2.26
CA VAL E 324 10.91 -21.72 -1.66
C VAL E 324 9.87 -20.63 -1.43
N THR E 325 9.04 -20.34 -2.44
CA THR E 325 8.09 -19.25 -2.37
C THR E 325 6.76 -19.63 -1.73
N ARG E 326 6.37 -20.91 -1.76
CA ARG E 326 5.09 -21.37 -1.21
C ARG E 326 3.89 -20.73 -1.88
N VAL E 327 4.06 -20.19 -3.08
CA VAL E 327 2.94 -19.69 -3.85
C VAL E 327 2.58 -20.77 -4.88
N ASP E 328 1.35 -20.69 -5.38
CA ASP E 328 0.84 -21.75 -6.23
C ASP E 328 1.65 -21.86 -7.53
N PRO E 329 1.78 -23.07 -8.08
CA PRO E 329 2.63 -23.23 -9.27
C PRO E 329 2.13 -22.48 -10.49
N ASP E 330 0.82 -22.39 -10.68
CA ASP E 330 0.31 -21.60 -11.80
C ASP E 330 0.62 -20.11 -11.61
N ILE E 331 0.62 -19.64 -10.36
CA ILE E 331 1.00 -18.25 -10.10
C ILE E 331 2.44 -18.02 -10.52
N VAL E 332 3.33 -18.96 -10.17
CA VAL E 332 4.70 -18.90 -10.65
C VAL E 332 4.71 -18.89 -12.18
N MET E 333 3.87 -19.73 -12.79
CA MET E 333 3.95 -19.94 -14.22
C MET E 333 3.47 -18.74 -15.01
N GLN E 334 2.57 -17.94 -14.45
CA GLN E 334 2.21 -16.67 -15.06
C GLN E 334 3.15 -15.54 -14.67
N GLU E 335 3.92 -15.72 -13.60
CA GLU E 335 4.93 -14.75 -13.20
C GLU E 335 6.34 -15.18 -13.60
N SER E 336 6.49 -16.17 -14.48
CA SER E 336 7.81 -16.64 -14.86
C SER E 336 7.77 -17.11 -16.31
N GLU E 337 8.96 -17.20 -16.89
CA GLU E 337 9.15 -17.73 -18.23
C GLU E 337 10.33 -18.69 -18.20
N PHE E 338 10.09 -19.93 -18.59
CA PHE E 338 11.11 -20.96 -18.59
C PHE E 338 11.49 -21.32 -20.02
N SER E 339 12.73 -21.80 -20.18
CA SER E 339 13.19 -22.37 -21.44
C SER E 339 13.98 -23.61 -21.08
N PHE E 340 13.53 -24.75 -21.57
CA PHE E 340 14.12 -26.04 -21.21
C PHE E 340 14.42 -26.84 -22.47
N TYR E 341 15.66 -27.32 -22.57
CA TYR E 341 16.10 -28.22 -23.62
C TYR E 341 16.94 -29.31 -22.94
N GLY E 342 16.26 -30.31 -22.40
CA GLY E 342 16.93 -31.36 -21.67
C GLY E 342 17.56 -30.85 -20.39
N ASP E 343 18.89 -30.95 -20.30
CA ASP E 343 19.62 -30.44 -19.16
C ASP E 343 19.84 -28.94 -19.22
N ASP E 344 19.56 -28.30 -20.36
CA ASP E 344 19.81 -26.88 -20.52
C ASP E 344 18.57 -26.09 -20.13
N GLU E 345 18.79 -24.98 -19.40
CA GLU E 345 17.67 -24.18 -18.92
C GLU E 345 18.02 -22.70 -18.93
N VAL E 346 16.98 -21.88 -19.06
CA VAL E 346 17.01 -20.45 -18.76
C VAL E 346 15.73 -20.13 -18.00
N VAL E 347 15.86 -19.58 -16.79
CA VAL E 347 14.72 -19.32 -15.92
C VAL E 347 14.64 -17.83 -15.67
N SER E 348 13.54 -17.21 -16.09
CA SER E 348 13.27 -15.80 -15.82
C SER E 348 12.06 -15.69 -14.93
N THR E 349 12.14 -14.86 -13.90
CA THR E 349 11.06 -14.74 -12.94
C THR E 349 11.08 -13.36 -12.29
N ASN E 350 9.90 -12.92 -11.86
CA ASN E 350 9.76 -11.69 -11.09
C ASN E 350 9.75 -11.92 -9.58
N LEU E 351 9.64 -13.17 -9.15
CA LEU E 351 9.61 -13.46 -7.72
C LEU E 351 10.97 -13.24 -7.09
N GLU E 352 10.97 -12.66 -5.89
CA GLU E 352 12.19 -12.55 -5.09
C GLU E 352 12.53 -13.94 -4.55
N LEU E 353 13.50 -14.59 -5.17
CA LEU E 353 13.84 -15.97 -4.86
C LEU E 353 15.06 -16.02 -3.97
N ASP E 354 14.92 -16.67 -2.82
CA ASP E 354 16.06 -16.89 -1.94
C ASP E 354 16.96 -17.93 -2.59
N MET E 355 18.01 -17.46 -3.25
CA MET E 355 18.87 -18.35 -4.02
C MET E 355 19.57 -19.38 -3.12
N VAL E 356 19.78 -19.03 -1.86
CA VAL E 356 20.34 -19.98 -0.90
C VAL E 356 19.43 -21.19 -0.77
N LYS E 357 18.17 -20.95 -0.37
CA LYS E 357 17.23 -22.05 -0.20
C LYS E 357 16.88 -22.71 -1.52
N TYR E 358 16.90 -21.95 -2.62
CA TYR E 358 16.66 -22.54 -3.93
C TYR E 358 17.73 -23.56 -4.26
N THR E 359 19.00 -23.18 -4.09
CA THR E 359 20.10 -24.11 -4.32
C THR E 359 20.05 -25.28 -3.35
N MET E 360 19.65 -25.03 -2.10
CA MET E 360 19.53 -26.11 -1.13
C MET E 360 18.49 -27.13 -1.56
N ALA E 361 17.34 -26.66 -2.02
CA ALA E 361 16.30 -27.58 -2.49
C ALA E 361 16.73 -28.30 -3.76
N LEU E 362 17.48 -27.63 -4.64
CA LEU E 362 17.98 -28.28 -5.83
C LEU E 362 18.95 -29.41 -5.48
N ARG E 363 19.89 -29.13 -4.59
CA ARG E 363 20.85 -30.16 -4.20
C ARG E 363 20.17 -31.28 -3.42
N ARG E 364 19.11 -30.96 -2.68
CA ARG E 364 18.34 -31.97 -1.98
C ARG E 364 17.67 -32.93 -2.95
N TYR E 365 17.31 -32.46 -4.15
CA TYR E 365 16.66 -33.30 -5.14
C TYR E 365 17.65 -34.21 -5.87
N GLY E 366 18.93 -34.14 -5.54
CA GLY E 366 19.96 -34.91 -6.20
C GLY E 366 20.68 -34.19 -7.32
N LEU E 367 20.24 -33.00 -7.70
CA LEU E 367 20.87 -32.28 -8.79
C LEU E 367 22.17 -31.65 -8.32
N LEU E 368 22.98 -31.23 -9.28
CA LEU E 368 24.33 -30.71 -9.03
C LEU E 368 24.52 -29.39 -9.77
N PRO E 369 23.86 -28.32 -9.33
CA PRO E 369 24.03 -27.02 -9.98
C PRO E 369 25.38 -26.41 -9.64
N THR E 370 25.96 -25.73 -10.63
CA THR E 370 27.29 -25.16 -10.52
C THR E 370 27.25 -23.67 -10.82
N ARG E 371 28.00 -22.90 -10.03
CA ARG E 371 28.15 -21.48 -10.27
C ARG E 371 29.02 -21.23 -11.50
N ALA E 372 28.96 -20.00 -12.01
CA ALA E 372 29.77 -19.64 -13.17
C ALA E 372 31.26 -19.64 -12.83
N ASP E 373 31.60 -19.23 -11.60
CA ASP E 373 32.99 -19.28 -11.16
C ASP E 373 33.41 -20.67 -10.69
N LYS E 374 32.52 -21.65 -10.80
CA LYS E 374 32.78 -23.06 -10.45
C LYS E 374 33.19 -23.23 -9.00
N GLU E 375 32.84 -22.27 -8.15
CA GLU E 375 33.06 -22.36 -6.71
C GLU E 375 31.74 -22.73 -6.04
N GLU E 376 31.85 -23.34 -4.86
CA GLU E 376 30.64 -23.73 -4.16
C GLU E 376 29.95 -22.50 -3.57
N GLY E 377 28.66 -22.63 -3.32
CA GLY E 377 27.86 -21.54 -2.81
C GLY E 377 26.53 -21.46 -3.54
N PRO E 378 25.76 -20.41 -3.28
CA PRO E 378 24.44 -20.30 -3.87
C PRO E 378 24.50 -19.93 -5.35
N LEU E 379 23.38 -20.14 -6.02
CA LEU E 379 23.28 -19.83 -7.44
C LEU E 379 23.28 -18.32 -7.67
N GLU E 380 23.69 -17.94 -8.87
CA GLU E 380 23.73 -16.53 -9.24
C GLU E 380 22.41 -16.13 -9.88
N ARG E 381 21.92 -14.96 -9.52
CA ARG E 381 20.74 -14.37 -10.13
C ARG E 381 21.10 -13.00 -10.68
N ARG E 382 20.75 -12.77 -11.94
CA ARG E 382 21.10 -11.52 -12.59
C ARG E 382 19.83 -10.76 -12.96
N GLN E 383 19.98 -9.45 -13.12
CA GLN E 383 18.87 -8.57 -13.47
C GLN E 383 18.78 -8.32 -14.95
N THR E 384 19.62 -8.96 -15.76
CA THR E 384 19.58 -8.84 -17.21
C THR E 384 19.76 -10.21 -17.84
N LEU E 385 19.12 -10.39 -18.99
CA LEU E 385 19.24 -11.65 -19.73
C LEU E 385 20.58 -11.75 -20.46
N GLN E 386 21.32 -10.66 -20.55
CA GLN E 386 22.58 -10.65 -21.30
C GLN E 386 23.62 -11.53 -20.62
N GLY E 387 24.28 -12.37 -21.40
CA GLY E 387 25.31 -13.25 -20.90
C GLY E 387 24.87 -14.68 -20.69
N ILE E 388 23.57 -14.92 -20.53
CA ILE E 388 23.06 -16.26 -20.30
C ILE E 388 23.31 -17.12 -21.54
N SER E 389 23.54 -18.41 -21.31
CA SER E 389 23.86 -19.36 -22.38
C SER E 389 22.71 -20.34 -22.56
N PHE E 390 22.36 -20.59 -23.81
CA PHE E 390 21.32 -21.56 -24.12
C PHE E 390 21.59 -22.16 -25.49
N LEU E 391 21.63 -23.49 -25.56
CA LEU E 391 21.93 -24.21 -26.79
C LEU E 391 23.26 -23.76 -27.39
N ARG E 392 24.29 -23.72 -26.55
CA ARG E 392 25.64 -23.32 -26.92
C ARG E 392 25.70 -21.92 -27.52
N ARG E 393 24.66 -21.13 -27.34
CA ARG E 393 24.62 -19.76 -27.81
C ARG E 393 24.62 -18.79 -26.64
N ALA E 394 25.12 -17.58 -26.87
CA ALA E 394 25.04 -16.50 -25.90
C ALA E 394 23.88 -15.59 -26.27
N ILE E 395 23.14 -15.15 -25.26
CA ILE E 395 21.98 -14.29 -25.46
C ILE E 395 22.46 -12.84 -25.54
N VAL E 396 22.22 -12.19 -26.67
CA VAL E 396 22.63 -10.81 -26.89
C VAL E 396 21.40 -10.04 -27.33
N GLY E 397 21.42 -8.73 -27.11
CA GLY E 397 20.31 -7.88 -27.50
C GLY E 397 20.81 -6.54 -27.98
N ASP E 398 20.11 -5.99 -28.97
CA ASP E 398 20.48 -4.68 -29.51
C ASP E 398 19.21 -3.96 -29.93
N GLN E 399 19.37 -2.87 -30.69
CA GLN E 399 18.24 -2.06 -31.13
C GLN E 399 17.28 -2.83 -32.01
N PHE E 400 17.71 -3.94 -32.59
CA PHE E 400 16.83 -4.73 -33.43
C PHE E 400 16.11 -5.82 -32.67
N GLY E 401 16.55 -6.14 -31.45
CA GLY E 401 15.95 -7.18 -30.67
C GLY E 401 16.99 -8.11 -30.09
N TRP E 402 16.52 -9.21 -29.54
CA TRP E 402 17.38 -10.23 -28.96
C TRP E 402 17.72 -11.30 -29.99
N TYR E 403 18.81 -12.01 -29.73
CA TYR E 403 19.25 -13.09 -30.61
C TYR E 403 20.25 -13.96 -29.86
N GLY E 404 20.48 -15.14 -30.40
CA GLY E 404 21.49 -16.06 -29.90
C GLY E 404 22.68 -16.09 -30.85
N ARG E 405 23.86 -15.88 -30.28
CA ARG E 405 25.10 -15.77 -31.05
C ARG E 405 26.07 -16.85 -30.65
N LEU E 406 26.62 -17.55 -31.62
CA LEU E 406 27.62 -18.57 -31.35
C LEU E 406 28.91 -17.93 -30.84
N ASP E 407 29.52 -18.55 -29.85
CA ASP E 407 30.74 -18.01 -29.27
C ASP E 407 31.87 -18.02 -30.30
N ARG E 408 32.93 -17.26 -29.99
CA ARG E 408 34.04 -17.14 -30.93
C ARG E 408 34.88 -18.42 -30.94
N ALA E 409 35.08 -19.02 -29.76
CA ALA E 409 35.84 -20.26 -29.68
C ALA E 409 35.20 -21.36 -30.51
N SER E 410 33.87 -21.48 -30.44
CA SER E 410 33.18 -22.51 -31.22
C SER E 410 33.34 -22.27 -32.71
N ILE E 411 33.37 -21.01 -33.12
CA ILE E 411 33.59 -20.69 -34.52
C ILE E 411 34.99 -21.12 -34.95
N ASP E 412 36.00 -20.76 -34.14
CA ASP E 412 37.36 -21.19 -34.44
C ASP E 412 37.45 -22.72 -34.50
N ARG E 413 36.73 -23.41 -33.62
CA ARG E 413 36.76 -24.87 -33.62
C ARG E 413 36.16 -25.43 -34.90
N GLN E 414 35.01 -24.92 -35.31
CA GLN E 414 34.41 -25.39 -36.56
C GLN E 414 35.24 -24.99 -37.78
N LEU E 415 36.05 -23.93 -37.66
CA LEU E 415 36.98 -23.61 -38.73
C LEU E 415 38.17 -24.57 -38.76
N LEU E 416 38.53 -25.14 -37.60
CA LEU E 416 39.64 -26.06 -37.52
C LEU E 416 39.26 -27.50 -37.82
N TRP E 417 38.02 -27.89 -37.55
CA TRP E 417 37.60 -29.28 -37.62
C TRP E 417 36.38 -29.40 -38.53
N THR E 418 36.39 -30.42 -39.39
CA THR E 418 35.24 -30.72 -40.23
C THR E 418 34.85 -32.19 -40.08
N LYS E 419 33.57 -32.47 -40.25
CA LYS E 419 33.07 -33.84 -40.08
C LYS E 419 33.25 -34.63 -41.37
N GLY E 420 33.59 -35.91 -41.22
CA GLY E 420 33.75 -36.80 -42.34
C GLY E 420 33.64 -38.25 -41.92
N PRO E 421 34.12 -39.16 -42.76
CA PRO E 421 34.12 -40.58 -42.39
C PRO E 421 35.05 -40.86 -41.23
N ASN E 422 34.82 -42.01 -40.59
CA ASN E 422 35.56 -42.36 -39.39
C ASN E 422 36.99 -42.79 -39.75
N HIS E 423 37.96 -42.24 -39.04
CA HIS E 423 39.37 -42.53 -39.25
C HIS E 423 40.07 -42.62 -37.90
N GLN E 424 41.36 -42.91 -37.92
CA GLN E 424 42.12 -43.17 -36.71
C GLN E 424 43.00 -42.00 -36.28
N ASN E 425 43.55 -41.24 -37.21
CA ASN E 425 44.44 -40.14 -36.88
C ASN E 425 43.71 -38.82 -37.07
N PRO E 426 43.29 -38.14 -36.01
CA PRO E 426 42.48 -36.92 -36.16
C PRO E 426 43.17 -35.79 -36.90
N PHE E 427 44.49 -35.86 -37.11
CA PHE E 427 45.22 -34.78 -37.74
C PHE E 427 45.40 -34.98 -39.24
N GLU E 428 44.76 -36.00 -39.80
CA GLU E 428 44.72 -36.17 -41.25
C GLU E 428 43.85 -35.09 -41.88
N THR E 429 44.31 -34.55 -43.01
CA THR E 429 43.56 -33.56 -43.75
C THR E 429 42.56 -34.23 -44.67
N LEU E 430 41.33 -33.72 -44.67
CA LEU E 430 40.25 -34.29 -45.49
C LEU E 430 40.30 -33.72 -46.91
N PRO E 431 40.52 -34.56 -47.93
CA PRO E 431 40.54 -34.05 -49.31
C PRO E 431 39.17 -33.80 -49.91
N GLY E 432 38.09 -34.11 -49.18
CA GLY E 432 36.76 -34.17 -49.76
C GLY E 432 36.13 -32.86 -50.19
N HIS E 433 34.98 -32.54 -49.60
CA HIS E 433 34.21 -31.37 -49.97
C HIS E 433 34.97 -30.08 -49.68
N ARG E 436 32.69 -28.92 -47.05
CA ARG E 436 31.68 -28.18 -46.30
C ARG E 436 31.31 -26.88 -47.01
N PRO E 437 30.50 -26.98 -48.07
CA PRO E 437 30.07 -25.77 -48.79
C PRO E 437 28.86 -25.12 -48.15
N SER E 438 28.09 -25.89 -47.40
CA SER E 438 26.91 -25.40 -46.71
C SER E 438 27.20 -25.01 -45.26
N GLN E 439 27.96 -25.84 -44.54
CA GLN E 439 28.34 -25.51 -43.18
C GLN E 439 29.18 -24.23 -43.13
N LEU E 440 29.97 -23.98 -44.18
CA LEU E 440 30.86 -22.82 -44.19
C LEU E 440 30.07 -21.51 -44.28
N MET E 441 28.98 -21.50 -45.05
CA MET E 441 28.16 -20.29 -45.12
C MET E 441 27.46 -20.02 -43.78
N ALA E 442 27.01 -21.09 -43.11
CA ALA E 442 26.44 -20.92 -41.78
C ALA E 442 27.47 -20.38 -40.80
N LEU E 443 28.71 -20.86 -40.90
CA LEU E 443 29.78 -20.32 -40.08
C LEU E 443 30.03 -18.85 -40.37
N LEU E 444 29.98 -18.48 -41.66
CA LEU E 444 30.11 -17.07 -42.03
C LEU E 444 29.01 -16.24 -41.41
N GLY E 445 27.77 -16.75 -41.43
CA GLY E 445 26.67 -16.03 -40.81
C GLY E 445 26.87 -15.87 -39.32
N GLU E 446 27.23 -16.96 -38.64
CA GLU E 446 27.45 -16.89 -37.20
C GLU E 446 28.60 -15.96 -36.84
N ALA E 447 29.58 -15.83 -37.73
CA ALA E 447 30.68 -14.90 -37.49
C ALA E 447 30.31 -13.46 -37.77
N ALA E 448 29.34 -13.24 -38.67
CA ALA E 448 28.91 -11.88 -38.98
C ALA E 448 28.38 -11.16 -37.75
N MET E 449 27.76 -11.88 -36.81
CA MET E 449 27.18 -11.26 -35.63
C MET E 449 28.22 -10.76 -34.63
N HIS E 450 29.52 -10.89 -34.93
CA HIS E 450 30.58 -10.43 -34.04
C HIS E 450 31.21 -9.13 -34.48
N GLY E 451 30.79 -8.57 -35.61
CA GLY E 451 31.35 -7.34 -36.13
C GLY E 451 32.11 -7.55 -37.43
N GLU E 452 32.41 -6.42 -38.07
CA GLU E 452 33.04 -6.46 -39.38
C GLU E 452 34.48 -6.93 -39.30
N LYS E 453 35.16 -6.70 -38.18
CA LYS E 453 36.53 -7.17 -38.02
C LYS E 453 36.60 -8.69 -37.97
N TYR E 454 35.86 -9.29 -37.02
CA TYR E 454 35.84 -10.74 -36.93
C TYR E 454 35.30 -11.36 -38.21
N TYR E 455 34.34 -10.69 -38.86
CA TYR E 455 33.84 -11.20 -40.14
C TYR E 455 34.94 -11.18 -41.19
N ARG E 456 35.79 -10.14 -41.17
CA ARG E 456 36.89 -10.09 -42.13
C ARG E 456 37.88 -11.22 -41.87
N THR E 457 38.19 -11.47 -40.59
CA THR E 457 39.09 -12.58 -40.25
C THR E 457 38.53 -13.91 -40.73
N VAL E 458 37.27 -14.20 -40.37
CA VAL E 458 36.66 -15.46 -40.76
C VAL E 458 36.55 -15.57 -42.27
N ALA E 459 36.29 -14.45 -42.95
CA ALA E 459 36.19 -14.47 -44.39
C ALA E 459 37.55 -14.75 -45.03
N SER E 460 38.61 -14.19 -44.46
CA SER E 460 39.96 -14.52 -44.94
C SER E 460 40.24 -16.00 -44.78
N ARG E 461 39.90 -16.57 -43.62
CA ARG E 461 40.15 -18.00 -43.42
C ARG E 461 39.32 -18.85 -44.38
N VAL E 462 38.07 -18.47 -44.61
CA VAL E 462 37.21 -19.24 -45.52
C VAL E 462 37.73 -19.16 -46.95
N SER E 463 38.14 -17.97 -47.38
CA SER E 463 38.69 -17.82 -48.72
C SER E 463 39.98 -18.63 -48.87
N LYS E 464 40.83 -18.60 -47.85
CA LYS E 464 42.06 -19.38 -47.91
C LYS E 464 41.77 -20.88 -47.98
N GLU E 465 40.79 -21.35 -47.20
CA GLU E 465 40.49 -22.77 -47.16
C GLU E 465 39.83 -23.23 -48.46
N ALA E 466 39.00 -22.39 -49.09
CA ALA E 466 38.37 -22.79 -50.33
C ALA E 466 39.23 -22.50 -51.55
N ALA E 467 40.28 -21.69 -51.41
CA ALA E 467 41.21 -21.46 -52.51
C ALA E 467 42.39 -22.43 -52.50
N GLN E 468 42.48 -23.29 -51.48
CA GLN E 468 43.44 -24.37 -51.47
C GLN E 468 42.84 -25.72 -51.83
N SER E 469 41.53 -25.78 -52.03
CA SER E 469 40.85 -27.04 -52.34
C SER E 469 39.83 -26.76 -53.43
N GLY E 470 38.94 -27.73 -53.64
CA GLY E 470 37.85 -27.75 -54.61
C GLY E 470 37.53 -26.50 -55.41
N ILE E 471 36.34 -25.96 -55.20
CA ILE E 471 35.84 -24.81 -55.95
C ILE E 471 35.97 -23.56 -55.06
N GLU E 472 34.96 -22.71 -54.97
CA GLU E 472 35.02 -21.50 -54.15
C GLU E 472 33.60 -20.98 -53.97
N MET E 473 33.48 -19.81 -53.34
CA MET E 473 32.20 -19.16 -53.14
C MET E 473 32.45 -17.68 -52.89
N VAL E 474 31.45 -16.86 -53.22
CA VAL E 474 31.54 -15.42 -53.06
C VAL E 474 31.24 -15.06 -51.62
N VAL E 475 32.21 -14.47 -50.94
CA VAL E 475 32.09 -14.02 -49.56
C VAL E 475 31.29 -12.71 -49.53
N PRO E 476 30.02 -12.74 -49.12
CA PRO E 476 29.17 -11.56 -49.29
C PRO E 476 29.64 -10.40 -48.41
N ARG E 477 29.02 -9.25 -48.64
CA ARG E 477 29.23 -8.10 -47.77
C ARG E 477 28.73 -8.40 -46.36
N HIS E 478 29.37 -7.77 -45.38
CA HIS E 478 28.98 -7.96 -43.99
C HIS E 478 27.50 -7.63 -43.79
N ARG E 479 27.06 -6.48 -44.34
CA ARG E 479 25.70 -6.03 -44.07
C ARG E 479 24.67 -6.97 -44.67
N SER E 480 24.95 -7.51 -45.85
CA SER E 480 23.99 -8.40 -46.50
C SER E 480 23.81 -9.69 -45.71
N VAL E 481 24.91 -10.35 -45.36
CA VAL E 481 24.79 -11.60 -44.61
C VAL E 481 24.26 -11.35 -43.21
N LEU E 482 24.59 -10.21 -42.60
CA LEU E 482 24.05 -9.88 -41.29
C LEU E 482 22.53 -9.75 -41.36
N ARG E 483 22.04 -9.01 -42.35
CA ARG E 483 20.60 -8.88 -42.57
C ARG E 483 19.98 -10.24 -42.86
N TRP E 484 20.69 -11.10 -43.57
CA TRP E 484 20.16 -12.41 -43.94
C TRP E 484 20.00 -13.31 -42.72
N VAL E 485 20.97 -13.31 -41.81
CA VAL E 485 20.88 -14.18 -40.65
C VAL E 485 20.00 -13.58 -39.55
N ARG E 486 19.93 -12.25 -39.46
CA ARG E 486 19.11 -11.65 -38.40
C ARG E 486 17.63 -11.64 -38.80
N PHE E 487 17.33 -11.16 -40.00
CA PHE E 487 15.96 -11.00 -40.48
C PHE E 487 15.77 -11.94 -41.65
N GLY E 488 14.83 -12.89 -41.50
CA GLY E 488 14.55 -13.87 -42.53
C GLY E 488 14.39 -13.30 -43.92
N THR E 489 14.98 -13.98 -44.90
CA THR E 489 14.94 -13.52 -46.29
C THR E 489 14.63 -14.67 -47.24
N PRO F 5 -15.43 82.12 11.41
CA PRO F 5 -15.88 81.28 10.28
C PRO F 5 -16.80 80.15 10.71
N SER F 6 -17.99 80.11 10.11
CA SER F 6 -18.98 79.08 10.41
C SER F 6 -19.40 78.41 9.12
N GLY F 7 -20.06 77.27 9.28
CA GLY F 7 -20.59 76.52 8.15
C GLY F 7 -20.57 75.04 8.46
N THR F 8 -20.68 74.24 7.40
CA THR F 8 -20.71 72.79 7.52
C THR F 8 -19.95 72.20 6.34
N TYR F 9 -18.84 71.52 6.61
CA TYR F 9 -18.02 70.90 5.59
C TYR F 9 -18.19 69.39 5.69
N ALA F 10 -18.68 68.78 4.60
CA ALA F 10 -18.88 67.33 4.52
C ALA F 10 -19.77 66.82 5.65
N GLY F 11 -20.73 67.63 6.10
CA GLY F 11 -21.61 67.26 7.18
C GLY F 11 -21.05 67.47 8.56
N LEU F 12 -19.84 67.99 8.68
CA LEU F 12 -19.19 68.18 9.96
C LEU F 12 -18.98 69.66 10.24
N PRO F 13 -19.18 70.11 11.47
CA PRO F 13 -19.06 71.53 11.78
C PRO F 13 -17.68 72.07 11.45
N ILE F 14 -17.62 73.37 11.16
CA ILE F 14 -16.39 74.06 10.84
C ILE F 14 -15.97 74.89 12.06
N ALA F 15 -14.69 74.84 12.38
CA ALA F 15 -14.14 75.56 13.52
C ALA F 15 -13.25 76.73 13.14
N ASP F 16 -12.41 76.57 12.14
CA ASP F 16 -11.48 77.65 11.78
C ASP F 16 -11.04 77.44 10.33
N TYR F 17 -10.05 78.21 9.90
CA TYR F 17 -9.50 78.11 8.56
C TYR F 17 -8.32 77.15 8.53
N GLY F 18 -8.07 76.57 7.35
CA GLY F 18 -7.11 75.50 7.22
C GLY F 18 -5.71 75.99 6.88
N ASP F 19 -4.74 75.51 7.64
CA ASP F 19 -3.32 75.77 7.39
C ASP F 19 -2.62 74.58 6.76
N ALA F 20 -3.35 73.53 6.40
CA ALA F 20 -2.75 72.33 5.88
C ALA F 20 -2.27 72.55 4.44
N PRO F 21 -1.28 71.80 3.99
CA PRO F 21 -0.78 71.94 2.62
C PRO F 21 -1.70 71.22 1.65
N PRO F 22 -1.49 71.40 0.34
CA PRO F 22 -2.31 70.66 -0.63
C PRO F 22 -2.09 69.17 -0.51
N LEU F 23 -3.10 68.41 -0.93
CA LEU F 23 -3.00 66.96 -0.87
C LEU F 23 -1.97 66.45 -1.86
N SER F 24 -1.29 65.38 -1.48
CA SER F 24 -0.21 64.85 -2.31
C SER F 24 -0.76 64.26 -3.59
N THR F 25 -0.08 64.58 -4.69
CA THR F 25 -0.40 64.06 -6.02
C THR F 25 0.68 63.13 -6.54
N LYS F 26 1.53 62.63 -5.66
CA LYS F 26 2.66 61.79 -6.02
C LYS F 26 2.51 60.44 -5.34
N THR F 27 3.24 59.46 -5.86
CA THR F 27 3.23 58.12 -5.29
C THR F 27 4.66 57.63 -5.09
N MET F 28 4.83 56.73 -4.13
CA MET F 28 6.13 56.16 -3.82
C MET F 28 6.39 54.86 -4.58
N PHE F 29 5.45 54.41 -5.40
CA PHE F 29 5.51 53.11 -6.04
C PHE F 29 6.01 53.23 -7.47
N TRP F 30 7.00 52.40 -7.81
CA TRP F 30 7.61 52.36 -9.13
C TRP F 30 7.42 50.96 -9.70
N ARG F 31 7.36 50.88 -11.03
CA ARG F 31 7.28 49.59 -11.69
C ARG F 31 8.67 48.95 -11.77
N THR F 32 8.69 47.62 -11.82
CA THR F 32 9.94 46.88 -11.83
C THR F 32 10.42 46.51 -13.22
N SER F 33 9.54 46.54 -14.22
CA SER F 33 9.90 46.24 -15.60
C SER F 33 8.98 47.03 -16.51
N PRO F 34 9.49 47.51 -17.66
CA PRO F 34 8.63 48.31 -18.56
C PRO F 34 7.55 47.51 -19.27
N GLU F 35 7.45 46.20 -19.03
CA GLU F 35 6.43 45.40 -19.69
C GLU F 35 5.03 45.78 -19.21
N LYS F 36 4.04 45.44 -20.02
CA LYS F 36 2.66 45.72 -19.68
C LYS F 36 2.23 44.93 -18.45
N LEU F 37 1.44 45.57 -17.59
CA LEU F 37 0.93 44.90 -16.42
C LEU F 37 -0.05 43.79 -16.81
N PRO F 38 -0.09 42.70 -16.05
CA PRO F 38 -1.13 41.70 -16.28
C PRO F 38 -2.50 42.28 -16.02
N PRO F 39 -3.53 41.78 -16.69
CA PRO F 39 -4.88 42.28 -16.44
C PRO F 39 -5.35 41.94 -15.04
N GLY F 40 -6.03 42.89 -14.41
CA GLY F 40 -6.48 42.71 -13.04
C GLY F 40 -5.43 42.96 -11.99
N ALA F 41 -4.26 43.46 -12.37
CA ALA F 41 -3.20 43.72 -11.40
C ALA F 41 -3.48 45.00 -10.63
N TRP F 42 -2.79 45.15 -9.50
CA TRP F 42 -3.00 46.29 -8.62
C TRP F 42 -2.10 47.45 -9.02
N GLU F 43 -2.59 48.66 -8.78
CA GLU F 43 -1.90 49.89 -9.15
C GLU F 43 -1.99 50.87 -8.00
N PRO F 44 -1.11 51.87 -7.96
CA PRO F 44 -1.20 52.88 -6.91
C PRO F 44 -2.51 53.64 -6.99
N ALA F 45 -2.96 54.11 -5.83
CA ALA F 45 -4.27 54.76 -5.72
C ALA F 45 -4.32 56.03 -6.57
N TYR F 46 -5.54 56.54 -6.70
CA TYR F 46 -5.78 57.73 -7.52
C TYR F 46 -4.91 58.89 -7.03
N LEU F 47 -4.37 59.65 -7.98
CA LEU F 47 -3.37 60.67 -7.68
C LEU F 47 -3.86 62.09 -7.94
N GLY F 48 -5.13 62.26 -8.30
CA GLY F 48 -5.68 63.57 -8.48
C GLY F 48 -5.96 63.90 -9.94
N SER F 49 -6.12 65.20 -10.20
CA SER F 49 -6.40 65.66 -11.55
C SER F 49 -5.20 65.46 -12.48
N LYS F 50 -3.99 65.40 -11.94
CA LYS F 50 -2.80 65.19 -12.76
C LYS F 50 -2.59 63.74 -13.14
N ASP F 51 -3.34 62.81 -12.56
CA ASP F 51 -3.19 61.40 -12.88
C ASP F 51 -3.64 61.16 -14.32
N GLU F 52 -2.72 60.66 -15.14
CA GLU F 52 -3.03 60.40 -16.55
C GLU F 52 -3.73 59.06 -16.76
N ARG F 53 -3.96 58.29 -15.70
CA ARG F 53 -4.61 56.99 -15.87
C ARG F 53 -6.11 57.15 -16.08
N VAL F 54 -6.75 58.03 -15.31
CA VAL F 54 -8.19 58.27 -15.40
C VAL F 54 -8.46 59.75 -15.22
N ASP F 55 -9.63 60.16 -15.68
CA ASP F 55 -10.17 61.49 -15.38
C ASP F 55 -11.16 61.34 -14.24
N GLY F 56 -10.76 61.75 -13.04
CA GLY F 56 -11.57 61.59 -11.87
C GLY F 56 -11.86 62.90 -11.18
N PRO F 57 -12.44 62.83 -9.99
CA PRO F 57 -12.76 64.03 -9.24
C PRO F 57 -11.50 64.65 -8.63
N SER F 58 -11.69 65.76 -7.94
CA SER F 58 -10.63 66.32 -7.13
C SER F 58 -10.40 65.47 -5.90
N LEU F 59 -9.17 65.50 -5.38
CA LEU F 59 -8.87 64.78 -4.15
C LEU F 59 -9.71 65.31 -2.98
N GLN F 60 -10.09 66.60 -3.02
CA GLN F 60 -11.00 67.14 -2.03
C GLN F 60 -12.31 66.37 -2.00
N GLN F 61 -12.81 65.99 -3.17
CA GLN F 61 -14.07 65.26 -3.22
C GLN F 61 -13.93 63.86 -2.62
N VAL F 62 -12.80 63.21 -2.88
CA VAL F 62 -12.55 61.90 -2.29
C VAL F 62 -12.44 62.02 -0.77
N MET F 63 -11.81 63.10 -0.28
CA MET F 63 -11.72 63.30 1.16
C MET F 63 -13.09 63.55 1.77
N ARG F 64 -13.96 64.29 1.07
CA ARG F 64 -15.34 64.44 1.54
C ARG F 64 -16.04 63.09 1.61
N ASP F 65 -15.83 62.24 0.59
CA ASP F 65 -16.43 60.91 0.59
C ASP F 65 -15.94 60.09 1.76
N GLN F 66 -14.67 60.25 2.14
CA GLN F 66 -14.12 59.50 3.27
C GLN F 66 -14.51 60.10 4.61
N LEU F 67 -14.84 61.39 4.64
CA LEU F 67 -15.25 62.06 5.87
C LEU F 67 -16.74 61.92 6.14
N LYS F 68 -17.52 61.50 5.15
CA LYS F 68 -18.95 61.31 5.38
C LYS F 68 -19.27 60.32 6.50
N PRO F 69 -18.58 59.19 6.65
CA PRO F 69 -18.95 58.26 7.73
C PRO F 69 -18.81 58.82 9.13
N TYR F 70 -17.93 59.80 9.35
CA TYR F 70 -17.74 60.31 10.71
C TYR F 70 -18.94 61.11 11.20
N SER F 71 -19.84 61.50 10.30
CA SER F 71 -21.06 62.22 10.64
C SER F 71 -22.24 61.28 10.84
N GLU F 72 -22.07 59.98 10.59
CA GLU F 72 -23.17 59.06 10.58
C GLU F 72 -23.63 58.79 12.02
N PRO F 73 -24.91 58.50 12.23
CA PRO F 73 -25.38 58.20 13.59
C PRO F 73 -24.66 56.99 14.16
N ARG F 74 -24.32 57.09 15.45
CA ARG F 74 -23.63 56.01 16.12
C ARG F 74 -24.59 54.88 16.47
N GLY F 75 -24.01 53.75 16.88
CA GLY F 75 -24.78 52.62 17.36
C GLY F 75 -25.11 52.76 18.83
N LEU F 76 -25.58 51.64 19.40
CA LEU F 76 -25.95 51.61 20.81
C LEU F 76 -24.74 51.24 21.66
N LEU F 77 -24.71 51.79 22.85
CA LEU F 77 -23.66 51.43 23.79
C LEU F 77 -24.01 50.09 24.44
N PRO F 78 -23.03 49.23 24.71
CA PRO F 78 -23.30 47.96 25.39
C PRO F 78 -23.93 48.21 26.75
N PRO F 79 -24.57 47.19 27.33
CA PRO F 79 -25.14 47.36 28.67
C PRO F 79 -24.10 47.79 29.69
N GLN F 80 -24.54 48.66 30.61
CA GLN F 80 -23.59 49.32 31.50
C GLN F 80 -22.93 48.34 32.45
N GLU F 81 -23.70 47.37 32.97
CA GLU F 81 -23.13 46.37 33.86
C GLU F 81 -22.10 45.52 33.13
N ILE F 82 -22.43 45.05 31.94
CA ILE F 82 -21.50 44.26 31.14
C ILE F 82 -20.24 45.06 30.84
N LEU F 83 -20.42 46.32 30.43
CA LEU F 83 -19.27 47.16 30.09
C LEU F 83 -18.37 47.37 31.30
N ASP F 84 -18.96 47.69 32.45
CA ASP F 84 -18.18 47.87 33.66
C ASP F 84 -17.42 46.59 34.03
N ALA F 85 -18.10 45.45 33.96
CA ALA F 85 -17.46 44.19 34.32
C ALA F 85 -16.30 43.87 33.40
N VAL F 86 -16.48 44.06 32.10
CA VAL F 86 -15.41 43.69 31.17
C VAL F 86 -14.25 44.66 31.27
N CYS F 87 -14.53 45.96 31.47
CA CYS F 87 -13.44 46.91 31.63
C CYS F 87 -12.65 46.62 32.91
N ASP F 88 -13.35 46.30 34.00
CA ASP F 88 -12.66 45.93 35.23
C ASP F 88 -11.82 44.67 35.03
N ALA F 89 -12.36 43.68 34.31
CA ALA F 89 -11.61 42.45 34.06
C ALA F 89 -10.35 42.73 33.25
N ILE F 90 -10.46 43.53 32.20
CA ILE F 90 -9.30 43.84 31.37
C ILE F 90 -8.25 44.60 32.19
N GLU F 91 -8.69 45.59 32.96
CA GLU F 91 -7.76 46.35 33.78
C GLU F 91 -7.07 45.45 34.79
N ASN F 92 -7.81 44.50 35.37
CA ASN F 92 -7.23 43.61 36.36
C ASN F 92 -6.20 42.68 35.73
N ARG F 93 -6.50 42.17 34.53
CA ARG F 93 -5.52 41.34 33.84
C ARG F 93 -4.26 42.13 33.50
N LEU F 94 -4.42 43.37 33.05
CA LEU F 94 -3.26 44.19 32.74
C LEU F 94 -2.45 44.52 33.99
N GLU F 95 -3.14 44.72 35.13
CA GLU F 95 -2.43 44.91 36.39
C GLU F 95 -1.63 43.66 36.74
N ASN F 96 -2.24 42.48 36.57
CA ASN F 96 -1.57 41.23 36.89
C ASN F 96 -0.41 40.93 35.95
N THR F 97 -0.42 41.48 34.73
CA THR F 97 0.59 41.14 33.74
C THR F 97 1.65 42.21 33.56
N LEU F 98 1.30 43.49 33.65
CA LEU F 98 2.23 44.56 33.32
C LEU F 98 3.17 44.87 34.47
N GLU F 99 4.44 45.03 34.14
CA GLU F 99 5.44 45.48 35.10
C GLU F 99 5.46 47.00 35.11
N PRO F 100 5.34 47.63 36.28
CA PRO F 100 5.37 49.10 36.33
C PRO F 100 6.65 49.65 35.72
N GLN F 101 6.52 50.78 35.03
CA GLN F 101 7.62 51.39 34.32
C GLN F 101 7.92 52.76 34.89
N LYS F 102 9.08 53.25 34.62
CA LYS F 102 9.47 54.57 35.05
C LYS F 102 9.06 55.60 34.01
N PRO F 103 8.75 56.83 34.44
CA PRO F 103 8.26 57.84 33.50
C PRO F 103 9.28 58.14 32.41
N TRP F 104 8.77 58.57 31.26
CA TRP F 104 9.60 58.84 30.10
C TRP F 104 10.12 60.28 30.16
N THR F 105 11.37 60.47 29.78
CA THR F 105 11.95 61.79 29.75
C THR F 105 11.54 62.52 28.46
N PHE F 106 11.76 63.83 28.46
CA PHE F 106 11.52 64.61 27.25
C PHE F 106 12.43 64.15 26.12
N LYS F 107 13.69 63.84 26.44
CA LYS F 107 14.61 63.38 25.41
C LYS F 107 14.17 62.01 24.87
N LYS F 108 13.73 61.12 25.75
CA LYS F 108 13.26 59.81 25.30
C LYS F 108 12.02 59.94 24.43
N ALA F 109 11.12 60.85 24.80
CA ALA F 109 9.93 61.09 23.99
C ALA F 109 10.30 61.67 22.63
N CYS F 110 11.32 62.53 22.59
CA CYS F 110 11.75 63.10 21.32
C CYS F 110 12.46 62.07 20.46
N GLU F 111 13.19 61.13 21.07
CA GLU F 111 13.89 60.10 20.32
C GLU F 111 12.99 58.93 19.94
N SER F 112 11.79 58.85 20.50
CA SER F 112 10.88 57.77 20.16
C SER F 112 10.19 57.99 18.82
N LEU F 113 10.18 59.22 18.31
CA LEU F 113 9.42 59.54 17.12
C LEU F 113 10.21 59.15 15.87
N ASP F 114 9.47 58.84 14.82
CA ASP F 114 10.08 58.62 13.51
C ASP F 114 10.37 59.98 12.90
N LYS F 115 11.63 60.21 12.55
CA LYS F 115 12.04 61.49 12.00
C LYS F 115 11.85 61.59 10.50
N ASN F 116 11.29 60.56 9.87
CA ASN F 116 11.07 60.56 8.42
C ASN F 116 9.63 60.86 8.06
N THR F 117 8.83 61.32 9.01
CA THR F 117 7.45 61.69 8.78
C THR F 117 7.26 63.17 9.06
N SER F 118 6.12 63.70 8.62
CA SER F 118 5.87 65.13 8.74
C SER F 118 5.62 65.52 10.20
N SER F 119 6.05 66.73 10.55
CA SER F 119 5.82 67.26 11.88
C SER F 119 4.38 67.72 12.10
N GLY F 120 3.57 67.74 11.04
CA GLY F 120 2.21 68.22 11.17
C GLY F 120 2.13 69.71 11.47
N TYR F 121 0.98 70.10 11.97
CA TYR F 121 0.73 71.49 12.32
C TYR F 121 1.80 72.00 13.29
N PRO F 122 2.26 73.25 13.15
CA PRO F 122 1.86 74.19 12.10
C PRO F 122 2.88 74.35 10.97
N TYR F 123 4.00 73.64 11.04
CA TYR F 123 5.09 73.84 10.10
C TYR F 123 5.11 72.83 8.96
N HIS F 124 4.57 71.64 9.18
CA HIS F 124 4.46 70.60 8.14
C HIS F 124 5.81 70.30 7.47
N LYS F 125 6.87 70.26 8.27
CA LYS F 125 8.20 69.95 7.79
C LYS F 125 8.61 68.58 8.30
N GLN F 126 9.38 67.86 7.50
CA GLN F 126 9.86 66.55 7.93
C GLN F 126 10.74 66.71 9.16
N LYS F 127 10.38 66.00 10.23
CA LYS F 127 11.04 66.08 11.53
C LYS F 127 12.56 66.07 11.42
N SER F 128 13.10 65.21 10.55
CA SER F 128 14.56 65.11 10.41
C SER F 128 15.20 66.41 9.99
N LYS F 129 14.41 67.38 9.49
CA LYS F 129 14.99 68.65 9.07
C LYS F 129 15.39 69.52 10.26
N ASP F 130 14.86 69.24 11.45
CA ASP F 130 15.24 69.99 12.64
C ASP F 130 15.73 69.08 13.76
N TRP F 131 16.38 67.98 13.40
CA TRP F 131 16.86 67.00 14.35
C TRP F 131 18.38 67.03 14.38
N THR F 132 18.96 67.07 15.58
CA THR F 132 20.40 67.14 15.77
C THR F 132 21.04 65.81 16.11
N GLY F 133 20.23 64.77 16.36
CA GLY F 133 20.72 63.53 16.89
C GLY F 133 20.56 63.39 18.39
N SER F 134 20.29 64.49 19.09
CA SER F 134 20.06 64.48 20.53
C SER F 134 18.71 65.09 20.90
N ALA F 135 18.39 66.27 20.37
CA ALA F 135 17.14 66.93 20.67
C ALA F 135 16.71 67.74 19.46
N PHE F 136 15.56 68.39 19.59
CA PHE F 136 15.00 69.24 18.54
C PHE F 136 15.49 70.67 18.68
N ILE F 137 15.64 71.34 17.54
CA ILE F 137 16.02 72.75 17.50
C ILE F 137 15.10 73.46 16.50
N GLY F 138 15.21 74.78 16.48
CA GLY F 138 14.45 75.57 15.54
C GLY F 138 12.96 75.59 15.84
N ASP F 139 12.16 75.65 14.78
CA ASP F 139 10.72 75.67 14.91
C ASP F 139 10.20 74.45 15.65
N LEU F 140 10.59 73.26 15.20
CA LEU F 140 10.20 72.03 15.87
C LEU F 140 10.71 71.99 17.30
N GLY F 141 11.88 72.58 17.56
CA GLY F 141 12.39 72.62 18.92
C GLY F 141 11.52 73.45 19.84
N ASP F 142 11.12 74.64 19.38
CA ASP F 142 10.23 75.48 20.16
C ASP F 142 8.88 74.79 20.37
N GLN F 143 8.36 74.15 19.32
CA GLN F 143 7.10 73.43 19.44
C GLN F 143 7.20 72.34 20.50
N ALA F 144 8.27 71.54 20.46
CA ALA F 144 8.45 70.47 21.43
C ALA F 144 8.59 71.02 22.83
N THR F 145 9.35 72.11 22.99
CA THR F 145 9.56 72.67 24.33
C THR F 145 8.27 73.23 24.90
N HIS F 146 7.46 73.90 24.08
CA HIS F 146 6.18 74.41 24.53
C HIS F 146 5.25 73.26 24.94
N ALA F 147 5.18 72.23 24.10
CA ALA F 147 4.38 71.05 24.44
C ALA F 147 4.84 70.43 25.75
N ASN F 148 6.15 70.33 25.95
CA ASN F 148 6.68 69.71 27.16
C ASN F 148 6.33 70.54 28.39
N ASN F 149 6.49 71.86 28.29
CA ASN F 149 6.15 72.72 29.42
C ASN F 149 4.67 72.65 29.75
N MET F 150 3.82 72.60 28.73
CA MET F 150 2.39 72.46 28.99
C MET F 150 2.06 71.08 29.58
N TYR F 151 2.80 70.05 29.18
CA TYR F 151 2.60 68.72 29.76
C TYR F 151 2.96 68.73 31.24
N GLU F 152 4.16 69.21 31.57
CA GLU F 152 4.61 69.21 32.96
C GLU F 152 3.72 70.06 33.85
N MET F 153 3.17 71.14 33.31
CA MET F 153 2.31 72.02 34.10
C MET F 153 0.89 71.48 34.24
N GLY F 154 0.55 70.38 33.58
CA GLY F 154 -0.80 69.87 33.63
C GLY F 154 -1.81 70.76 32.96
N LYS F 155 -1.38 71.55 31.98
CA LYS F 155 -2.25 72.44 31.24
C LYS F 155 -2.66 71.80 29.93
N SER F 156 -3.87 72.12 29.49
CA SER F 156 -4.43 71.51 28.29
C SER F 156 -3.93 72.21 27.04
N MET F 157 -3.80 71.42 25.98
CA MET F 157 -3.52 71.92 24.64
C MET F 157 -4.50 71.27 23.69
N ARG F 158 -4.95 72.04 22.70
CA ARG F 158 -5.92 71.51 21.75
C ARG F 158 -5.17 70.88 20.58
N PRO F 159 -5.39 69.61 20.28
CA PRO F 159 -4.68 69.00 19.16
C PRO F 159 -5.23 69.48 17.83
N ILE F 160 -4.33 69.58 16.86
CA ILE F 160 -4.70 69.94 15.49
C ILE F 160 -4.29 68.79 14.59
N TYR F 161 -5.27 68.04 14.10
CA TYR F 161 -4.99 66.94 13.20
C TYR F 161 -5.01 67.41 11.76
N THR F 162 -4.22 66.74 10.93
CA THR F 162 -4.11 67.06 9.52
C THR F 162 -4.58 65.86 8.70
N ALA F 163 -5.51 66.09 7.80
CA ALA F 163 -6.06 65.01 7.00
C ALA F 163 -5.15 64.76 5.80
N ALA F 164 -5.07 63.50 5.39
CA ALA F 164 -4.31 63.14 4.21
C ALA F 164 -4.90 61.89 3.60
N LEU F 165 -4.38 61.52 2.44
CA LEU F 165 -4.83 60.33 1.74
C LEU F 165 -3.68 59.34 1.63
N LYS F 166 -3.99 58.06 1.77
CA LYS F 166 -2.96 57.04 1.89
C LYS F 166 -2.55 56.54 0.51
N ASP F 167 -1.25 56.60 0.24
CA ASP F 167 -0.70 56.06 -0.99
C ASP F 167 -0.42 54.57 -0.79
N GLU F 168 -1.10 53.73 -1.55
CA GLU F 168 -0.96 52.30 -1.41
C GLU F 168 -1.51 51.63 -2.67
N LEU F 169 -1.17 50.35 -2.83
CA LEU F 169 -1.68 49.59 -3.95
C LEU F 169 -3.10 49.15 -3.68
N VAL F 170 -4.00 49.47 -4.60
CA VAL F 170 -5.41 49.12 -4.47
C VAL F 170 -5.85 48.38 -5.72
N LYS F 171 -6.94 47.62 -5.58
CA LYS F 171 -7.50 46.91 -6.71
C LYS F 171 -8.00 47.92 -7.74
N PRO F 172 -7.90 47.59 -9.03
CA PRO F 172 -8.23 48.58 -10.08
C PRO F 172 -9.65 49.13 -9.96
N ASP F 173 -10.57 48.39 -9.34
CA ASP F 173 -11.92 48.89 -9.14
C ASP F 173 -11.90 50.19 -8.34
N LYS F 174 -10.92 50.37 -7.47
CA LYS F 174 -10.81 51.59 -6.68
C LYS F 174 -10.16 52.73 -7.43
N ILE F 175 -9.86 52.55 -8.72
CA ILE F 175 -9.28 53.59 -9.56
C ILE F 175 -10.11 53.85 -10.80
N TYR F 176 -10.44 52.79 -11.54
CA TYR F 176 -11.19 52.90 -12.78
C TYR F 176 -12.69 52.77 -12.58
N GLY F 177 -13.13 52.32 -11.41
CA GLY F 177 -14.53 52.32 -11.07
C GLY F 177 -14.83 53.38 -10.03
N LYS F 178 -15.52 53.00 -8.96
CA LYS F 178 -15.79 53.93 -7.86
C LYS F 178 -14.47 54.25 -7.17
N ILE F 179 -14.01 55.48 -7.30
CA ILE F 179 -12.71 55.88 -6.81
C ILE F 179 -12.77 56.06 -5.30
N LYS F 180 -11.86 55.42 -4.58
CA LYS F 180 -11.76 55.52 -3.14
C LYS F 180 -10.30 55.61 -2.74
N LYS F 181 -10.01 56.39 -1.70
CA LYS F 181 -8.65 56.54 -1.21
C LYS F 181 -8.71 56.68 0.30
N ARG F 182 -7.91 55.90 1.01
CA ARG F 182 -8.08 55.78 2.45
C ARG F 182 -7.63 57.05 3.17
N LEU F 183 -8.36 57.40 4.23
CA LEU F 183 -8.11 58.63 4.98
C LEU F 183 -7.09 58.38 6.08
N LEU F 184 -6.08 59.24 6.16
CA LEU F 184 -5.06 59.18 7.18
C LEU F 184 -5.13 60.42 8.06
N TRP F 185 -4.91 60.21 9.36
CA TRP F 185 -4.83 61.28 10.35
C TRP F 185 -3.38 61.47 10.74
N GLY F 186 -2.83 62.64 10.47
CA GLY F 186 -1.54 63.04 10.98
C GLY F 186 -1.72 63.93 12.18
N SER F 187 -0.80 63.84 13.12
CA SER F 187 -0.88 64.62 14.34
C SER F 187 0.24 65.66 14.37
N ASP F 188 0.07 66.65 15.24
CA ASP F 188 1.03 67.73 15.36
C ASP F 188 2.11 67.36 16.37
N LEU F 189 3.31 67.91 16.17
CA LEU F 189 4.47 67.51 16.96
C LEU F 189 4.21 67.69 18.45
N GLY F 190 3.48 68.73 18.84
CA GLY F 190 3.19 68.92 20.25
C GLY F 190 2.39 67.77 20.83
N THR F 191 1.34 67.37 20.12
CA THR F 191 0.53 66.25 20.58
C THR F 191 1.31 64.94 20.52
N MET F 192 2.15 64.79 19.50
CA MET F 192 3.03 63.61 19.43
C MET F 192 3.91 63.52 20.66
N ILE F 193 4.54 64.63 21.02
CA ILE F 193 5.46 64.65 22.15
C ILE F 193 4.71 64.40 23.45
N ARG F 194 3.56 65.03 23.62
CA ARG F 194 2.78 64.82 24.84
C ARG F 194 2.35 63.37 24.97
N ALA F 195 1.79 62.80 23.90
CA ALA F 195 1.32 61.42 23.96
C ALA F 195 2.48 60.45 24.19
N ALA F 196 3.64 60.72 23.58
CA ALA F 196 4.80 59.87 23.83
C ALA F 196 5.21 59.93 25.30
N ARG F 197 5.50 61.13 25.79
CA ARG F 197 5.88 61.30 27.18
C ARG F 197 4.87 60.69 28.14
N ALA F 198 3.59 60.72 27.78
CA ALA F 198 2.55 60.22 28.68
C ALA F 198 2.46 58.70 28.67
N PHE F 199 2.37 58.09 27.48
CA PHE F 199 2.00 56.69 27.35
C PHE F 199 3.12 55.81 26.82
N GLY F 200 4.36 56.30 26.79
CA GLY F 200 5.48 55.46 26.45
C GLY F 200 5.68 54.32 27.43
N PRO F 201 5.63 54.61 28.74
CA PRO F 201 5.69 53.50 29.71
C PRO F 201 4.63 52.45 29.51
N PHE F 202 3.36 52.86 29.34
CA PHE F 202 2.28 51.90 29.18
C PHE F 202 2.47 51.06 27.91
N CYS F 203 2.77 51.73 26.79
CA CYS F 203 2.92 51.01 25.53
C CYS F 203 4.13 50.08 25.56
N ASP F 204 5.22 50.52 26.19
CA ASP F 204 6.41 49.68 26.28
C ASP F 204 6.17 48.47 27.16
N ALA F 205 5.54 48.67 28.32
CA ALA F 205 5.22 47.55 29.19
C ALA F 205 4.26 46.59 28.51
N LEU F 206 3.34 47.11 27.71
CA LEU F 206 2.44 46.25 26.94
C LEU F 206 3.20 45.48 25.86
N LYS F 207 4.23 46.10 25.28
CA LYS F 207 5.03 45.43 24.27
C LYS F 207 5.87 44.31 24.89
N GLU F 208 6.33 44.51 26.13
CA GLU F 208 7.11 43.49 26.81
C GLU F 208 6.32 42.20 27.02
N THR F 209 4.99 42.29 27.05
CA THR F 209 4.12 41.13 27.22
C THR F 209 3.28 40.89 25.97
N CYS F 210 3.89 41.07 24.79
CA CYS F 210 3.18 40.89 23.53
C CYS F 210 2.69 39.48 23.31
N ILE F 211 3.15 38.52 24.13
CA ILE F 211 2.72 37.13 24.00
C ILE F 211 1.55 36.82 24.92
N PHE F 212 1.55 37.38 26.13
CA PHE F 212 0.56 37.05 27.15
C PHE F 212 -0.69 37.91 27.08
N ASN F 213 -0.73 38.95 26.25
CA ASN F 213 -1.89 39.81 26.18
C ASN F 213 -2.38 39.97 24.75
N PRO F 214 -3.69 40.08 24.56
CA PRO F 214 -4.24 40.09 23.19
C PRO F 214 -3.84 41.29 22.36
N ILE F 215 -3.37 42.37 22.98
CA ILE F 215 -2.93 43.54 22.22
C ILE F 215 -1.56 43.20 21.63
N ARG F 216 -1.55 42.70 20.40
CA ARG F 216 -0.36 42.16 19.78
C ARG F 216 0.51 43.23 19.14
N VAL F 217 0.40 44.49 19.57
CA VAL F 217 1.12 45.58 18.93
C VAL F 217 2.59 45.49 19.29
N GLY F 218 3.44 45.35 18.28
CA GLY F 218 4.87 45.24 18.46
C GLY F 218 5.44 43.87 18.23
N MET F 219 4.60 42.88 17.95
CA MET F 219 5.08 41.52 17.76
C MET F 219 5.86 41.39 16.45
N SER F 220 6.68 40.36 16.37
CA SER F 220 7.44 40.03 15.17
C SER F 220 6.87 38.75 14.56
N MET F 221 6.39 38.85 13.33
CA MET F 221 5.72 37.73 12.69
C MET F 221 6.63 36.52 12.58
N ASN F 222 7.90 36.75 12.27
CA ASN F 222 8.82 35.64 12.05
C ASN F 222 9.29 35.01 13.36
N GLU F 223 9.42 35.81 14.42
CA GLU F 223 9.88 35.34 15.72
C GLU F 223 8.75 35.00 16.68
N ASP F 224 7.83 35.94 16.91
CA ASP F 224 6.80 35.78 17.93
C ASP F 224 5.50 35.21 17.39
N GLY F 225 5.33 35.15 16.07
CA GLY F 225 4.13 34.63 15.47
C GLY F 225 3.75 33.21 15.87
N PRO F 226 4.66 32.25 15.68
CA PRO F 226 4.33 30.85 15.98
C PRO F 226 3.79 30.58 17.38
N PHE F 227 4.31 31.27 18.40
CA PHE F 227 3.81 31.07 19.76
C PHE F 227 2.38 31.55 19.88
N ILE F 228 2.11 32.76 19.40
CA ILE F 228 0.76 33.33 19.45
C ILE F 228 -0.21 32.42 18.71
N PHE F 229 0.20 31.90 17.56
CA PHE F 229 -0.72 31.09 16.77
C PHE F 229 -0.92 29.71 17.39
N ALA F 230 0.11 29.16 18.05
CA ALA F 230 -0.08 27.90 18.77
C ALA F 230 -1.06 28.08 19.92
N ARG F 231 -0.92 29.20 20.65
CA ARG F 231 -1.86 29.48 21.73
C ARG F 231 -3.27 29.60 21.19
N HIS F 232 -3.44 30.28 20.05
CA HIS F 232 -4.75 30.35 19.43
C HIS F 232 -5.26 28.94 19.10
N ALA F 233 -4.40 28.12 18.49
CA ALA F 233 -4.77 26.78 18.07
C ALA F 233 -5.05 25.84 19.23
N ASN F 234 -4.73 26.23 20.46
CA ASN F 234 -5.13 25.44 21.62
C ASN F 234 -6.64 25.33 21.78
N PHE F 235 -7.40 26.04 20.94
CA PHE F 235 -8.83 26.20 21.15
C PHE F 235 -9.63 25.59 20.00
N ARG F 236 -10.93 25.41 20.26
CA ARG F 236 -11.77 24.65 19.35
C ARG F 236 -12.23 25.48 18.16
N TYR F 237 -12.76 26.68 18.41
CA TYR F 237 -13.33 27.50 17.36
C TYR F 237 -12.48 28.74 17.13
N HIS F 238 -12.45 29.20 15.88
CA HIS F 238 -11.64 30.34 15.47
C HIS F 238 -12.46 31.20 14.53
N MET F 239 -12.29 32.52 14.64
CA MET F 239 -13.05 33.43 13.80
C MET F 239 -12.27 34.73 13.61
N ASP F 240 -12.67 35.45 12.56
CA ASP F 240 -12.16 36.78 12.24
C ASP F 240 -13.32 37.57 11.67
N ALA F 241 -13.73 38.63 12.38
CA ALA F 241 -14.92 39.37 11.98
C ALA F 241 -14.70 40.18 10.71
N ASP F 242 -13.48 40.65 10.48
CA ASP F 242 -13.13 41.44 9.30
C ASP F 242 -14.07 42.65 9.17
N TYR F 243 -13.85 43.61 10.05
CA TYR F 243 -14.70 44.78 10.11
C TYR F 243 -14.41 45.73 8.94
N THR F 244 -15.44 46.41 8.48
CA THR F 244 -15.33 47.41 7.44
C THR F 244 -15.54 48.79 8.06
N ARG F 245 -14.63 49.72 7.77
CA ARG F 245 -14.61 51.05 8.36
C ARG F 245 -14.67 50.97 9.89
N TRP F 246 -13.56 50.50 10.45
CA TRP F 246 -13.47 50.35 11.90
C TRP F 246 -13.35 51.70 12.59
N ASP F 247 -12.52 52.60 12.05
CA ASP F 247 -12.23 53.84 12.75
C ASP F 247 -13.39 54.82 12.69
N SER F 248 -14.12 54.85 11.57
CA SER F 248 -15.25 55.75 11.44
C SER F 248 -16.41 55.35 12.35
N THR F 249 -16.50 54.07 12.71
CA THR F 249 -17.64 53.53 13.43
C THR F 249 -17.44 53.47 14.94
N GLN F 250 -16.29 53.91 15.44
CA GLN F 250 -16.02 53.82 16.87
C GLN F 250 -16.78 54.89 17.63
N GLN F 251 -17.09 54.59 18.88
CA GLN F 251 -17.78 55.52 19.78
C GLN F 251 -16.79 56.07 20.79
N ARG F 252 -16.87 57.38 21.02
CA ARG F 252 -15.93 58.03 21.92
C ARG F 252 -16.07 57.56 23.36
N ALA F 253 -17.23 57.02 23.75
CA ALA F 253 -17.38 56.52 25.12
C ALA F 253 -16.54 55.27 25.34
N ILE F 254 -16.53 54.35 24.38
CA ILE F 254 -15.69 53.16 24.48
C ILE F 254 -14.23 53.56 24.51
N LEU F 255 -13.85 54.51 23.65
CA LEU F 255 -12.48 55.00 23.66
C LEU F 255 -12.16 55.69 24.97
N LYS F 256 -13.15 56.30 25.62
CA LYS F 256 -12.92 56.90 26.93
C LYS F 256 -12.66 55.83 27.99
N ARG F 257 -13.38 54.72 27.91
CA ARG F 257 -13.09 53.61 28.82
C ARG F 257 -11.68 53.08 28.61
N ALA F 258 -11.31 52.88 27.34
CA ALA F 258 -9.95 52.42 27.04
C ALA F 258 -8.90 53.40 27.55
N GLY F 259 -9.14 54.70 27.36
CA GLY F 259 -8.20 55.70 27.84
C GLY F 259 -8.14 55.78 29.35
N ASP F 260 -9.27 55.56 30.03
CA ASP F 260 -9.24 55.46 31.48
C ASP F 260 -8.37 54.30 31.94
N ILE F 261 -8.50 53.16 31.25
CA ILE F 261 -7.61 52.03 31.54
C ILE F 261 -6.16 52.43 31.35
N MET F 262 -5.86 53.07 30.21
CA MET F 262 -4.48 53.46 29.92
C MET F 262 -3.95 54.45 30.94
N VAL F 263 -4.80 55.34 31.45
CA VAL F 263 -4.37 56.33 32.43
C VAL F 263 -4.10 55.68 33.78
N ARG F 264 -5.02 54.83 34.24
CA ARG F 264 -4.88 54.24 35.57
C ARG F 264 -3.62 53.39 35.71
N LEU F 265 -3.09 52.88 34.60
CA LEU F 265 -1.90 52.05 34.62
C LEU F 265 -0.63 52.82 34.26
N SER F 266 -0.71 54.12 34.10
CA SER F 266 0.47 54.87 33.73
C SER F 266 1.17 55.43 34.96
N PRO F 267 2.49 55.63 34.89
CA PRO F 267 3.23 56.10 36.08
C PRO F 267 2.92 57.54 36.45
N GLU F 268 2.41 58.35 35.52
CA GLU F 268 2.04 59.74 35.77
C GLU F 268 0.56 59.89 35.44
N PRO F 269 -0.32 59.47 36.36
CA PRO F 269 -1.75 59.38 35.99
C PRO F 269 -2.42 60.72 35.76
N ASP F 270 -2.03 61.78 36.48
CA ASP F 270 -2.71 63.06 36.30
C ASP F 270 -2.31 63.69 34.96
N LEU F 271 -1.04 63.60 34.59
CA LEU F 271 -0.61 64.18 33.32
C LEU F 271 -1.19 63.39 32.15
N ALA F 272 -1.21 62.07 32.26
CA ALA F 272 -1.84 61.27 31.22
C ALA F 272 -3.34 61.50 31.19
N ARG F 273 -3.94 61.82 32.34
CA ARG F 273 -5.36 62.18 32.36
C ARG F 273 -5.61 63.43 31.53
N VAL F 274 -4.77 64.46 31.72
CA VAL F 274 -4.92 65.69 30.94
C VAL F 274 -4.72 65.40 29.45
N VAL F 275 -3.70 64.61 29.11
CA VAL F 275 -3.42 64.35 27.71
C VAL F 275 -4.55 63.53 27.07
N MET F 276 -5.10 62.57 27.80
CA MET F 276 -6.19 61.78 27.26
C MET F 276 -7.46 62.61 27.11
N ASP F 277 -7.75 63.47 28.09
CA ASP F 277 -8.88 64.38 27.94
C ASP F 277 -8.73 65.27 26.73
N ASP F 278 -7.50 65.70 26.42
CA ASP F 278 -7.29 66.49 25.21
C ASP F 278 -7.44 65.63 23.95
N LEU F 279 -6.99 64.38 24.00
CA LEU F 279 -7.04 63.53 22.81
C LEU F 279 -8.46 63.11 22.47
N LEU F 280 -9.26 62.79 23.47
CA LEU F 280 -10.60 62.24 23.25
C LEU F 280 -11.66 63.32 23.15
N ALA F 281 -11.31 64.57 23.37
CA ALA F 281 -12.24 65.67 23.15
C ALA F 281 -12.56 65.78 21.67
N PRO F 282 -13.63 66.51 21.30
CA PRO F 282 -13.91 66.75 19.88
C PRO F 282 -12.70 67.26 19.12
N SER F 283 -12.31 66.54 18.07
CA SER F 283 -11.03 66.73 17.42
C SER F 283 -11.12 67.75 16.30
N LEU F 284 -10.02 68.47 16.09
CA LEU F 284 -9.92 69.48 15.06
C LEU F 284 -9.11 68.91 13.89
N LEU F 285 -9.80 68.56 12.81
CA LEU F 285 -9.16 67.98 11.64
C LEU F 285 -9.01 69.04 10.56
N ASP F 286 -7.78 69.16 10.04
CA ASP F 286 -7.44 70.18 9.05
C ASP F 286 -7.51 69.54 7.65
N VAL F 287 -8.57 69.87 6.91
CA VAL F 287 -8.79 69.30 5.59
C VAL F 287 -8.25 70.20 4.48
N GLY F 288 -7.48 71.23 4.82
CA GLY F 288 -6.90 72.10 3.82
C GLY F 288 -7.60 73.43 3.68
N ASP F 289 -8.90 73.40 3.38
CA ASP F 289 -9.67 74.63 3.29
C ASP F 289 -10.08 75.13 4.67
N TYR F 290 -10.65 74.24 5.48
CA TYR F 290 -11.10 74.58 6.82
C TYR F 290 -10.52 73.60 7.82
N LYS F 291 -10.57 73.99 9.09
CA LYS F 291 -10.36 73.10 10.22
C LYS F 291 -11.74 72.80 10.80
N ILE F 292 -12.16 71.54 10.69
CA ILE F 292 -13.50 71.11 11.06
C ILE F 292 -13.44 70.34 12.37
N VAL F 293 -14.62 70.15 12.97
CA VAL F 293 -14.76 69.49 14.27
C VAL F 293 -15.35 68.11 14.04
N VAL F 294 -14.56 67.08 14.34
CA VAL F 294 -15.00 65.69 14.27
C VAL F 294 -15.25 65.25 15.70
N GLU F 295 -16.53 65.02 16.03
CA GLU F 295 -16.91 64.69 17.39
C GLU F 295 -16.82 63.21 17.71
N GLU F 296 -16.97 62.35 16.71
CA GLU F 296 -16.96 60.91 16.90
C GLU F 296 -15.89 60.27 16.02
N GLY F 297 -15.81 58.94 16.08
CA GLY F 297 -14.77 58.22 15.38
C GLY F 297 -13.50 58.10 16.19
N LEU F 298 -12.48 57.54 15.55
CA LEU F 298 -11.19 57.34 16.18
C LEU F 298 -10.17 58.29 15.59
N PRO F 299 -9.54 59.16 16.38
CA PRO F 299 -8.44 59.97 15.86
C PRO F 299 -7.15 59.18 15.76
N SER F 300 -6.87 58.61 14.58
CA SER F 300 -5.80 57.64 14.41
C SER F 300 -4.48 58.30 14.02
N GLY F 301 -4.08 59.34 14.77
CA GLY F 301 -2.87 60.04 14.44
C GLY F 301 -1.77 59.92 15.46
N CYS F 302 -2.13 59.69 16.72
CA CYS F 302 -1.14 59.69 17.78
C CYS F 302 -0.34 58.41 17.76
N PRO F 303 0.87 58.41 18.33
CA PRO F 303 1.71 57.20 18.26
C PRO F 303 1.14 56.04 19.05
N CYS F 304 0.49 56.29 20.18
CA CYS F 304 -0.07 55.22 20.99
C CYS F 304 -1.50 54.86 20.59
N THR F 305 -2.04 55.51 19.56
CA THR F 305 -3.45 55.32 19.24
C THR F 305 -3.76 53.87 18.91
N THR F 306 -2.78 53.15 18.36
CA THR F 306 -3.03 51.77 17.99
C THR F 306 -3.34 50.95 19.24
N GLN F 307 -2.54 51.14 20.29
CA GLN F 307 -2.84 50.44 21.54
C GLN F 307 -4.23 50.83 22.01
N LEU F 308 -4.53 52.12 21.99
CA LEU F 308 -5.86 52.57 22.38
C LEU F 308 -6.90 51.87 21.54
N ASN F 309 -6.75 51.94 20.22
CA ASN F 309 -7.71 51.28 19.35
C ASN F 309 -7.83 49.81 19.71
N SER F 310 -6.68 49.14 19.89
CA SER F 310 -6.72 47.72 20.19
C SER F 310 -7.46 47.48 21.50
N LEU F 311 -7.20 48.33 22.49
CA LEU F 311 -7.88 48.17 23.76
C LEU F 311 -9.38 48.31 23.59
N ALA F 312 -9.80 49.33 22.82
CA ALA F 312 -11.23 49.47 22.57
C ALA F 312 -11.77 48.25 21.87
N HIS F 313 -11.04 47.75 20.87
CA HIS F 313 -11.46 46.55 20.17
C HIS F 313 -11.66 45.41 21.15
N TRP F 314 -10.69 45.24 22.06
CA TRP F 314 -10.79 44.19 23.06
C TRP F 314 -12.10 44.31 23.80
N ILE F 315 -12.38 45.50 24.32
CA ILE F 315 -13.59 45.71 25.10
C ILE F 315 -14.80 45.23 24.30
N LEU F 316 -14.91 45.71 23.06
CA LEU F 316 -16.10 45.40 22.28
C LEU F 316 -16.28 43.90 22.15
N THR F 317 -15.20 43.20 21.81
CA THR F 317 -15.31 41.75 21.64
C THR F 317 -15.84 41.12 22.92
N LEU F 318 -15.21 41.43 24.05
CA LEU F 318 -15.65 40.82 25.30
C LEU F 318 -17.12 41.13 25.54
N CYS F 319 -17.52 42.38 25.30
CA CYS F 319 -18.91 42.74 25.55
C CYS F 319 -19.83 41.83 24.76
N ALA F 320 -19.55 41.67 23.47
CA ALA F 320 -20.42 40.84 22.65
C ALA F 320 -20.46 39.42 23.22
N MET F 321 -19.29 38.87 23.53
CA MET F 321 -19.28 37.50 24.03
C MET F 321 -20.01 37.41 25.36
N VAL F 322 -19.81 38.40 26.22
CA VAL F 322 -20.47 38.35 27.52
C VAL F 322 -21.96 38.58 27.34
N GLU F 323 -22.33 39.33 26.31
CA GLU F 323 -23.75 39.51 26.05
C GLU F 323 -24.37 38.26 25.45
N VAL F 324 -23.57 37.46 24.74
CA VAL F 324 -24.12 36.25 24.14
C VAL F 324 -24.12 35.10 25.12
N THR F 325 -22.99 34.88 25.80
CA THR F 325 -22.86 33.74 26.69
C THR F 325 -23.41 33.99 28.08
N ARG F 326 -23.49 35.25 28.51
CA ARG F 326 -23.99 35.64 29.83
C ARG F 326 -23.13 35.05 30.94
N VAL F 327 -21.92 34.61 30.63
CA VAL F 327 -20.96 34.16 31.61
C VAL F 327 -19.95 35.27 31.84
N ASP F 328 -19.25 35.20 32.98
CA ASP F 328 -18.37 36.28 33.39
C ASP F 328 -17.23 36.49 32.39
N PRO F 329 -16.77 37.73 32.24
CA PRO F 329 -15.74 38.00 31.21
C PRO F 329 -14.42 37.30 31.46
N ASP F 330 -14.01 37.16 32.72
CA ASP F 330 -12.76 36.46 33.02
C ASP F 330 -12.85 34.99 32.64
N ILE F 331 -14.03 34.39 32.80
CA ILE F 331 -14.23 33.01 32.37
C ILE F 331 -14.09 32.91 30.85
N VAL F 332 -14.69 33.86 30.12
CA VAL F 332 -14.51 33.92 28.67
C VAL F 332 -13.04 34.02 28.32
N MET F 333 -12.32 34.87 29.05
CA MET F 333 -10.95 35.21 28.71
C MET F 333 -9.97 34.09 29.04
N GLN F 334 -10.29 33.22 30.00
CA GLN F 334 -9.48 32.04 30.25
C GLN F 334 -9.88 30.88 29.34
N GLU F 335 -11.05 30.94 28.73
CA GLU F 335 -11.48 29.97 27.74
C GLU F 335 -11.29 30.46 26.31
N SER F 336 -10.53 31.54 26.13
CA SER F 336 -10.33 32.12 24.81
C SER F 336 -8.94 32.72 24.72
N GLU F 337 -8.53 32.95 23.47
CA GLU F 337 -7.28 33.62 23.15
C GLU F 337 -7.58 34.65 22.06
N PHE F 338 -7.28 35.91 22.34
CA PHE F 338 -7.52 36.98 21.41
C PHE F 338 -6.22 37.50 20.84
N SER F 339 -6.29 38.05 19.63
CA SER F 339 -5.17 38.75 19.02
C SER F 339 -5.72 39.99 18.37
N PHE F 340 -5.27 41.17 18.80
CA PHE F 340 -5.78 42.43 18.33
C PHE F 340 -4.63 43.32 17.90
N TYR F 341 -4.73 43.88 16.68
CA TYR F 341 -3.82 44.88 16.17
C TYR F 341 -4.70 45.94 15.51
N GLY F 342 -5.21 46.86 16.32
CA GLY F 342 -6.12 47.87 15.82
C GLY F 342 -7.42 47.28 15.34
N ASP F 343 -7.69 47.44 14.05
CA ASP F 343 -8.89 46.87 13.45
C ASP F 343 -8.73 45.40 13.11
N ASP F 344 -7.52 44.84 13.17
CA ASP F 344 -7.32 43.45 12.81
C ASP F 344 -7.46 42.56 14.05
N GLU F 345 -8.16 41.44 13.89
CA GLU F 345 -8.40 40.57 15.03
C GLU F 345 -8.38 39.11 14.61
N VAL F 346 -8.04 38.26 15.56
CA VAL F 346 -8.27 36.82 15.50
C VAL F 346 -8.81 36.39 16.86
N VAL F 347 -9.97 35.75 16.88
CA VAL F 347 -10.62 35.35 18.12
C VAL F 347 -10.73 33.83 18.13
N SER F 348 -10.08 33.18 19.09
CA SER F 348 -10.16 31.74 19.28
C SER F 348 -10.82 31.47 20.62
N THR F 349 -11.76 30.54 20.66
CA THR F 349 -12.48 30.28 21.90
C THR F 349 -12.99 28.84 21.91
N ASN F 350 -13.18 28.34 23.13
CA ASN F 350 -13.79 27.04 23.36
C ASN F 350 -15.29 27.15 23.62
N LEU F 351 -15.80 28.35 23.84
CA LEU F 351 -17.21 28.53 24.12
C LEU F 351 -18.04 28.30 22.86
N GLU F 352 -19.16 27.61 23.02
CA GLU F 352 -20.13 27.48 21.93
C GLU F 352 -20.84 28.80 21.75
N LEU F 353 -20.44 29.55 20.73
CA LEU F 353 -20.91 30.91 20.51
C LEU F 353 -22.00 30.94 19.45
N ASP F 354 -23.16 31.48 19.82
CA ASP F 354 -24.24 31.70 18.86
C ASP F 354 -23.83 32.86 17.96
N MET F 355 -23.30 32.53 16.78
CA MET F 355 -22.76 33.56 15.89
C MET F 355 -23.84 34.52 15.40
N VAL F 356 -25.10 34.06 15.36
CA VAL F 356 -26.19 34.95 14.98
C VAL F 356 -26.28 36.12 15.96
N LYS F 357 -26.45 35.82 17.24
CA LYS F 357 -26.56 36.87 18.25
C LYS F 357 -25.25 37.62 18.40
N TYR F 358 -24.11 36.96 18.16
CA TYR F 358 -22.83 37.65 18.21
C TYR F 358 -22.78 38.76 17.16
N THR F 359 -23.11 38.41 15.91
CA THR F 359 -23.14 39.41 14.85
C THR F 359 -24.19 40.47 15.13
N MET F 360 -25.32 40.06 15.72
CA MET F 360 -26.38 41.02 16.04
C MET F 360 -25.87 42.06 17.04
N ALA F 361 -25.18 41.61 18.09
CA ALA F 361 -24.66 42.54 19.08
C ALA F 361 -23.56 43.43 18.49
N LEU F 362 -22.74 42.87 17.61
CA LEU F 362 -21.70 43.68 16.97
C LEU F 362 -22.32 44.77 16.13
N ARG F 363 -23.31 44.43 15.31
CA ARG F 363 -23.97 45.45 14.48
C ARG F 363 -24.76 46.42 15.34
N ARG F 364 -25.28 45.97 16.48
CA ARG F 364 -25.95 46.87 17.42
C ARG F 364 -24.97 47.87 18.00
N TYR F 365 -23.71 47.48 18.16
CA TYR F 365 -22.71 48.40 18.69
C TYR F 365 -22.21 49.40 17.65
N GLY F 366 -22.73 49.35 16.43
CA GLY F 366 -22.30 50.22 15.36
C GLY F 366 -21.23 49.63 14.46
N LEU F 367 -20.68 48.48 14.81
CA LEU F 367 -19.64 47.86 14.01
C LEU F 367 -20.25 47.21 12.77
N LEU F 368 -19.37 46.86 11.82
CA LEU F 368 -19.77 46.34 10.51
C LEU F 368 -19.00 45.07 10.21
N PRO F 369 -19.29 43.97 10.90
CA PRO F 369 -18.60 42.71 10.61
C PRO F 369 -19.06 42.14 9.28
N THR F 370 -18.12 41.58 8.53
CA THR F 370 -18.39 41.10 7.19
C THR F 370 -17.94 39.64 7.06
N ARG F 371 -18.76 38.84 6.38
CA ARG F 371 -18.37 37.48 6.07
C ARG F 371 -17.34 37.48 4.93
N ALA F 372 -16.65 36.34 4.79
CA ALA F 372 -15.66 36.22 3.73
C ALA F 372 -16.29 36.20 2.35
N ASP F 373 -17.48 35.60 2.21
CA ASP F 373 -18.18 35.60 0.93
C ASP F 373 -18.94 36.89 0.67
N LYS F 374 -18.82 37.88 1.55
CA LYS F 374 -19.45 39.19 1.40
C LYS F 374 -20.97 39.10 1.35
N GLU F 375 -21.54 38.04 1.89
CA GLU F 375 -22.99 37.89 1.97
C GLU F 375 -23.47 38.27 3.37
N GLU F 376 -24.71 38.74 3.44
CA GLU F 376 -25.27 39.11 4.73
C GLU F 376 -25.61 37.86 5.54
N GLY F 377 -25.63 38.02 6.86
CA GLY F 377 -25.90 36.92 7.74
C GLY F 377 -24.92 36.89 8.89
N PRO F 378 -24.98 35.83 9.70
CA PRO F 378 -24.09 35.76 10.86
C PRO F 378 -22.68 35.41 10.44
N LEU F 379 -21.76 35.67 11.37
CA LEU F 379 -20.35 35.39 11.10
C LEU F 379 -20.09 33.88 11.11
N GLU F 380 -19.05 33.48 10.39
CA GLU F 380 -18.67 32.09 10.33
C GLU F 380 -17.62 31.80 11.39
N ARG F 381 -17.73 30.63 12.02
CA ARG F 381 -16.72 30.13 12.95
C ARG F 381 -16.24 28.79 12.44
N ARG F 382 -14.93 28.63 12.39
CA ARG F 382 -14.33 27.42 11.85
C ARG F 382 -13.57 26.70 12.96
N GLN F 383 -13.38 25.40 12.77
CA GLN F 383 -12.73 24.56 13.77
C GLN F 383 -11.23 24.43 13.53
N THR F 384 -10.68 25.16 12.57
CA THR F 384 -9.25 25.15 12.33
C THR F 384 -8.77 26.58 12.12
N LEU F 385 -7.55 26.86 12.59
CA LEU F 385 -6.94 28.16 12.41
C LEU F 385 -6.38 28.37 11.01
N GLN F 386 -6.30 27.31 10.22
CA GLN F 386 -5.70 27.39 8.90
C GLN F 386 -6.56 28.25 7.98
N GLY F 387 -5.92 29.20 7.28
CA GLY F 387 -6.59 30.06 6.35
C GLY F 387 -6.91 31.44 6.88
N ILE F 388 -6.99 31.60 8.20
CA ILE F 388 -7.33 32.90 8.78
C ILE F 388 -6.20 33.89 8.51
N SER F 389 -6.57 35.17 8.38
CA SER F 389 -5.64 36.22 8.04
C SER F 389 -5.40 37.13 9.25
N PHE F 390 -4.14 37.47 9.48
CA PHE F 390 -3.76 38.37 10.56
C PHE F 390 -2.50 39.10 10.17
N LEU F 391 -2.53 40.43 10.27
CA LEU F 391 -1.41 41.28 9.89
C LEU F 391 -0.98 41.01 8.44
N ARG F 392 -1.97 41.01 7.54
CA ARG F 392 -1.79 40.81 6.11
C ARG F 392 -1.11 39.49 5.76
N ARG F 393 -0.99 38.57 6.72
CA ARG F 393 -0.43 37.26 6.49
C ARG F 393 -1.51 36.20 6.69
N ALA F 394 -1.30 35.05 6.07
CA ALA F 394 -2.17 33.90 6.25
C ALA F 394 -1.55 32.96 7.27
N ILE F 395 -2.39 32.43 8.16
CA ILE F 395 -1.95 31.54 9.22
C ILE F 395 -1.91 30.11 8.68
N VAL F 396 -0.73 29.51 8.68
CA VAL F 396 -0.50 28.17 8.17
C VAL F 396 0.17 27.35 9.26
N GLY F 397 0.01 26.05 9.19
CA GLY F 397 0.61 25.16 10.17
C GLY F 397 1.08 23.88 9.52
N ASP F 398 2.16 23.33 10.06
CA ASP F 398 2.71 22.09 9.55
C ASP F 398 3.30 21.31 10.72
N GLN F 399 4.07 20.25 10.38
CA GLN F 399 4.64 19.39 11.40
C GLN F 399 5.62 20.11 12.30
N PHE F 400 6.12 21.27 11.86
CA PHE F 400 7.06 22.04 12.67
C PHE F 400 6.37 23.07 13.54
N GLY F 401 5.10 23.37 13.27
CA GLY F 401 4.39 24.37 14.05
C GLY F 401 3.66 25.33 13.15
N TRP F 402 3.14 26.39 13.75
CA TRP F 402 2.40 27.42 13.04
C TRP F 402 3.32 28.56 12.62
N TYR F 403 2.86 29.30 11.62
CA TYR F 403 3.58 30.47 11.11
C TYR F 403 2.63 31.30 10.25
N GLY F 404 3.03 32.54 10.01
CA GLY F 404 2.30 33.42 9.11
C GLY F 404 3.08 33.63 7.82
N ARG F 405 2.44 33.35 6.70
CA ARG F 405 3.06 33.46 5.39
C ARG F 405 2.27 34.40 4.49
N LEU F 406 2.98 35.29 3.81
CA LEU F 406 2.34 36.20 2.87
C LEU F 406 1.76 35.42 1.69
N ASP F 407 0.55 35.79 1.28
CA ASP F 407 -0.11 35.10 0.19
C ASP F 407 0.65 35.29 -1.12
N ARG F 408 0.28 34.48 -2.12
CA ARG F 408 1.00 34.47 -3.39
C ARG F 408 0.72 35.75 -4.18
N ALA F 409 -0.50 36.26 -4.13
CA ALA F 409 -0.82 37.49 -4.85
C ALA F 409 0.06 38.64 -4.38
N SER F 410 0.26 38.76 -3.07
CA SER F 410 1.13 39.81 -2.55
C SER F 410 2.57 39.59 -3.00
N ILE F 411 2.99 38.35 -3.16
CA ILE F 411 4.33 38.07 -3.64
C ILE F 411 4.49 38.61 -5.06
N ASP F 412 3.55 38.26 -5.94
CA ASP F 412 3.57 38.80 -7.29
C ASP F 412 3.52 40.33 -7.28
N ARG F 413 2.76 40.88 -6.34
CA ARG F 413 2.61 42.33 -6.26
C ARG F 413 3.94 43.00 -5.91
N GLN F 414 4.64 42.50 -4.91
CA GLN F 414 5.93 43.07 -4.56
C GLN F 414 6.99 42.78 -5.63
N LEU F 415 6.79 41.75 -6.45
CA LEU F 415 7.67 41.59 -7.61
C LEU F 415 7.36 42.63 -8.68
N LEU F 416 6.12 43.11 -8.74
CA LEU F 416 5.75 44.09 -9.75
C LEU F 416 6.04 45.53 -9.33
N TRP F 417 6.01 45.81 -8.03
CA TRP F 417 6.10 47.18 -7.52
C TRP F 417 7.21 47.29 -6.49
N THR F 418 7.98 48.37 -6.58
CA THR F 418 9.02 48.66 -5.61
C THR F 418 8.83 50.08 -5.07
N LYS F 419 9.25 50.30 -3.83
CA LYS F 419 9.11 51.61 -3.21
C LYS F 419 10.28 52.50 -3.58
N GLY F 420 10.00 53.78 -3.79
CA GLY F 420 11.02 54.75 -4.10
C GLY F 420 10.60 56.17 -3.82
N PRO F 421 11.31 57.13 -4.39
CA PRO F 421 10.93 58.54 -4.21
C PRO F 421 9.61 58.85 -4.90
N ASN F 422 9.00 59.96 -4.50
CA ASN F 422 7.69 60.33 -4.98
C ASN F 422 7.78 60.85 -6.41
N HIS F 423 6.94 60.33 -7.29
CA HIS F 423 6.90 60.72 -8.69
C HIS F 423 5.45 60.81 -9.15
N GLN F 424 5.26 61.17 -10.42
CA GLN F 424 3.94 61.45 -10.96
C GLN F 424 3.37 60.31 -11.80
N ASN F 425 4.21 59.58 -12.52
CA ASN F 425 3.73 58.51 -13.40
C ASN F 425 4.01 57.17 -12.76
N PRO F 426 3.00 56.48 -12.22
CA PRO F 426 3.25 55.22 -11.50
C PRO F 426 3.88 54.13 -12.35
N PHE F 427 3.89 54.28 -13.67
CA PHE F 427 4.43 53.25 -14.55
C PHE F 427 5.88 53.52 -14.93
N GLU F 428 6.51 54.54 -14.35
CA GLU F 428 7.93 54.76 -14.54
C GLU F 428 8.74 53.66 -13.86
N THR F 429 9.75 53.16 -14.54
CA THR F 429 10.64 52.14 -13.99
C THR F 429 11.74 52.81 -13.19
N LEU F 430 12.00 52.28 -11.99
CA LEU F 430 13.03 52.85 -11.12
C LEU F 430 14.41 52.35 -11.54
N PRO F 431 15.31 53.23 -11.99
CA PRO F 431 16.65 52.78 -12.39
C PRO F 431 17.61 52.56 -11.23
N GLY F 432 17.28 53.02 -10.03
CA GLY F 432 18.24 53.10 -8.95
C GLY F 432 18.63 51.81 -8.25
N HIS F 433 18.70 50.71 -9.00
CA HIS F 433 19.16 49.42 -8.48
C HIS F 433 18.57 49.05 -7.13
N ARG F 436 17.55 47.23 -4.77
CA ARG F 436 16.46 46.66 -3.96
C ARG F 436 16.62 45.18 -3.55
N PRO F 437 17.86 44.71 -3.30
CA PRO F 437 18.05 43.26 -3.11
C PRO F 437 17.49 42.75 -1.80
N SER F 438 17.31 43.60 -0.79
CA SER F 438 16.74 43.15 0.47
C SER F 438 15.28 42.73 0.28
N GLN F 439 14.52 43.52 -0.47
CA GLN F 439 13.15 43.13 -0.79
C GLN F 439 13.13 41.81 -1.56
N LEU F 440 14.11 41.61 -2.45
CA LEU F 440 14.17 40.37 -3.20
C LEU F 440 14.46 39.18 -2.28
N MET F 441 15.32 39.37 -1.28
CA MET F 441 15.60 38.27 -0.35
C MET F 441 14.40 37.96 0.53
N ALA F 442 13.69 38.99 0.99
CA ALA F 442 12.47 38.77 1.76
C ALA F 442 11.41 38.06 0.92
N LEU F 443 11.28 38.46 -0.33
CA LEU F 443 10.36 37.80 -1.24
C LEU F 443 10.75 36.34 -1.47
N LEU F 444 12.05 36.09 -1.58
CA LEU F 444 12.53 34.72 -1.73
C LEU F 444 12.14 33.86 -0.53
N GLY F 445 12.31 34.40 0.68
CA GLY F 445 11.89 33.65 1.86
C GLY F 445 10.39 33.40 1.90
N GLU F 446 9.61 34.46 1.64
CA GLU F 446 8.16 34.31 1.67
C GLU F 446 7.68 33.33 0.61
N ALA F 447 8.39 33.24 -0.52
CA ALA F 447 8.02 32.25 -1.53
C ALA F 447 8.51 30.86 -1.16
N ALA F 448 9.62 30.78 -0.42
CA ALA F 448 10.08 29.49 0.07
C ALA F 448 9.05 28.87 0.99
N MET F 449 8.34 29.71 1.74
CA MET F 449 7.31 29.16 2.63
C MET F 449 6.11 28.60 1.88
N HIS F 450 6.09 28.66 0.54
CA HIS F 450 4.98 28.14 -0.25
C HIS F 450 5.30 26.84 -0.96
N GLY F 451 6.53 26.32 -0.87
CA GLY F 451 6.91 25.11 -1.55
C GLY F 451 7.94 25.36 -2.64
N GLU F 452 8.51 24.25 -3.12
CA GLU F 452 9.61 24.33 -4.08
C GLU F 452 9.16 24.79 -5.46
N LYS F 453 7.90 24.54 -5.83
CA LYS F 453 7.40 24.98 -7.13
C LYS F 453 7.34 26.50 -7.22
N TYR F 454 6.58 27.12 -6.31
CA TYR F 454 6.49 28.58 -6.30
C TYR F 454 7.85 29.22 -6.04
N TYR F 455 8.69 28.57 -5.24
CA TYR F 455 10.03 29.09 -5.02
C TYR F 455 10.84 29.07 -6.30
N ARG F 456 10.68 28.02 -7.11
CA ARG F 456 11.39 27.94 -8.38
C ARG F 456 10.91 29.04 -9.32
N THR F 457 9.60 29.26 -9.39
CA THR F 457 9.06 30.33 -10.22
C THR F 457 9.59 31.69 -9.78
N VAL F 458 9.46 31.99 -8.48
CA VAL F 458 9.91 33.28 -7.96
C VAL F 458 11.42 33.44 -8.16
N ALA F 459 12.17 32.35 -8.02
CA ALA F 459 13.61 32.45 -8.22
C ALA F 459 13.95 32.76 -9.66
N SER F 460 13.21 32.17 -10.60
CA SER F 460 13.39 32.51 -12.01
C SER F 460 13.14 34.00 -12.23
N ARG F 461 12.04 34.51 -11.69
CA ARG F 461 11.73 35.93 -11.87
C ARG F 461 12.78 36.82 -11.22
N VAL F 462 13.27 36.43 -10.04
CA VAL F 462 14.28 37.22 -9.35
C VAL F 462 15.57 37.24 -10.13
N SER F 463 15.96 36.08 -10.69
CA SER F 463 17.17 36.04 -11.50
C SER F 463 17.03 36.91 -12.74
N LYS F 464 15.86 36.86 -13.39
CA LYS F 464 15.64 37.70 -14.57
C LYS F 464 15.65 39.18 -14.22
N GLU F 465 15.18 39.54 -13.03
CA GLU F 465 15.12 40.95 -12.65
C GLU F 465 16.48 41.46 -12.19
N ALA F 466 17.28 40.60 -11.56
CA ALA F 466 18.59 41.00 -11.06
C ALA F 466 19.67 40.95 -12.12
N ALA F 467 19.38 40.38 -13.28
CA ALA F 467 20.33 40.36 -14.38
C ALA F 467 20.27 41.59 -15.27
N GLN F 468 19.35 42.52 -15.01
CA GLN F 468 19.37 43.81 -15.69
C GLN F 468 19.97 44.91 -14.83
N SER F 469 20.30 44.63 -13.57
CA SER F 469 20.85 45.62 -12.67
C SER F 469 21.97 44.94 -11.87
N GLY F 470 22.39 45.62 -10.79
CA GLY F 470 23.42 45.16 -9.87
C GLY F 470 23.96 43.74 -9.96
N MET F 473 24.93 38.80 -5.70
CA MET F 473 24.07 38.00 -4.84
C MET F 473 23.62 36.72 -5.55
N VAL F 474 23.33 35.69 -4.77
CA VAL F 474 22.97 34.39 -5.30
C VAL F 474 21.62 33.97 -4.74
N VAL F 475 21.05 32.93 -5.34
CA VAL F 475 19.79 32.34 -4.90
C VAL F 475 20.13 31.12 -4.05
N PRO F 476 19.73 31.08 -2.78
CA PRO F 476 20.03 29.91 -1.95
C PRO F 476 19.19 28.71 -2.36
N ARG F 477 19.54 27.57 -1.79
CA ARG F 477 18.67 26.40 -1.89
C ARG F 477 17.36 26.64 -1.16
N HIS F 478 16.30 25.99 -1.64
CA HIS F 478 15.00 26.09 -0.99
C HIS F 478 15.10 25.75 0.48
N ARG F 479 15.78 24.64 0.78
CA ARG F 479 15.82 24.14 2.16
C ARG F 479 16.57 25.11 3.07
N SER F 480 17.63 25.72 2.56
CA SER F 480 18.44 26.63 3.37
C SER F 480 17.65 27.88 3.73
N VAL F 481 17.07 28.54 2.72
CA VAL F 481 16.30 29.76 3.00
C VAL F 481 15.05 29.43 3.79
N LEU F 482 14.47 28.25 3.58
CA LEU F 482 13.30 27.84 4.36
C LEU F 482 13.65 27.72 5.83
N ARG F 483 14.72 27.00 6.16
CA ARG F 483 15.15 26.93 7.55
C ARG F 483 15.54 28.30 8.09
N TRP F 484 16.13 29.14 7.25
CA TRP F 484 16.55 30.47 7.69
C TRP F 484 15.36 31.33 8.08
N VAL F 485 14.28 31.27 7.31
CA VAL F 485 13.12 32.09 7.60
C VAL F 485 12.24 31.46 8.68
N ARG F 486 12.25 30.14 8.78
CA ARG F 486 11.39 29.47 9.76
C ARG F 486 12.00 29.46 11.16
N PHE F 487 13.26 29.06 11.30
CA PHE F 487 13.83 28.85 12.61
C PHE F 487 14.96 29.81 12.98
N GLY F 488 15.29 30.75 12.09
CA GLY F 488 16.26 31.81 12.31
C GLY F 488 17.40 31.61 13.29
N THR F 489 18.62 31.41 12.80
CA THR F 489 19.77 31.37 13.69
C THR F 489 20.06 32.75 14.29
N UNK G 1 -19.33 21.25 45.18
CA UNK G 1 -19.65 19.88 44.78
C UNK G 1 -18.58 19.34 43.83
N UNK G 2 -18.27 18.05 43.99
CA UNK G 2 -17.26 17.37 43.18
C UNK G 2 -15.88 18.01 43.32
N UNK G 3 -14.91 17.53 42.54
CA UNK G 3 -13.54 18.01 42.59
C UNK G 3 -13.37 19.44 42.09
N UNK G 4 -14.44 20.10 41.65
CA UNK G 4 -14.36 21.47 41.15
C UNK G 4 -14.28 22.50 42.27
N UNK G 5 -13.55 22.20 43.34
CA UNK G 5 -13.46 23.11 44.48
C UNK G 5 -12.37 24.15 44.32
N UNK G 6 -11.27 23.82 43.63
CA UNK G 6 -10.22 24.80 43.39
C UNK G 6 -10.74 25.95 42.55
N UNK G 7 -11.57 25.66 41.54
CA UNK G 7 -12.18 26.72 40.75
C UNK G 7 -13.13 27.56 41.60
N UNK G 8 -13.85 26.93 42.53
CA UNK G 8 -14.70 27.68 43.45
C UNK G 8 -13.88 28.63 44.31
N UNK G 9 -12.74 28.15 44.82
CA UNK G 9 -11.87 29.01 45.62
C UNK G 9 -11.35 30.17 44.78
N UNK G 10 -10.92 29.89 43.55
CA UNK G 10 -10.42 30.95 42.68
C UNK G 10 -11.50 31.98 42.39
N UNK G 11 -12.73 31.52 42.13
CA UNK G 11 -13.83 32.44 41.85
C UNK G 11 -14.17 33.28 43.06
N UNK G 12 -14.17 32.68 44.26
CA UNK G 12 -14.45 33.44 45.46
C UNK G 12 -13.34 34.45 45.76
N UNK G 13 -12.09 34.10 45.44
CA UNK G 13 -11.00 35.05 45.54
C UNK G 13 -11.20 36.23 44.59
N UNK G 14 -11.56 35.93 43.34
CA UNK G 14 -11.76 36.98 42.34
C UNK G 14 -13.01 37.80 42.59
N UNK G 15 -13.95 37.28 43.37
CA UNK G 15 -15.18 38.02 43.70
C UNK G 15 -15.10 38.64 45.09
N UNK G 16 -15.00 37.81 46.12
CA UNK G 16 -14.92 38.30 47.49
C UNK G 16 -15.27 37.27 48.55
N UNK G 19 -19.47 32.56 47.29
CA UNK G 19 -20.42 33.51 46.74
C UNK G 19 -21.72 32.82 46.37
N UNK G 20 -22.38 32.24 47.36
CA UNK G 20 -23.58 31.41 47.18
C UNK G 20 -23.30 30.22 46.29
N UNK G 21 -23.25 29.02 46.87
CA UNK G 21 -22.92 27.83 46.10
C UNK G 21 -23.93 27.58 44.98
N UNK G 22 -25.18 28.00 45.17
CA UNK G 22 -26.17 27.86 44.11
C UNK G 22 -25.84 28.78 42.93
N UNK G 23 -25.43 30.02 43.20
CA UNK G 23 -25.10 30.93 42.12
C UNK G 23 -23.83 30.50 41.40
N UNK G 24 -22.81 30.04 42.15
CA UNK G 24 -21.61 29.52 41.53
C UNK G 24 -21.91 28.28 40.70
N UNK G 25 -22.83 27.43 41.18
CA UNK G 25 -23.20 26.24 40.44
C UNK G 25 -23.95 26.59 39.16
N UNK G 26 -24.82 27.60 39.21
CA UNK G 26 -25.51 28.04 38.01
C UNK G 26 -24.54 28.64 37.00
N UNK G 27 -23.55 29.39 37.48
CA UNK G 27 -22.56 29.95 36.56
C UNK G 27 -21.71 28.85 35.93
N UNK G 28 -21.33 27.84 36.72
CA UNK G 28 -20.56 26.74 36.15
C UNK G 28 -21.42 25.89 35.23
N UNK G 29 -22.74 25.82 35.48
CA UNK G 29 -23.63 25.12 34.56
C UNK G 29 -23.72 25.84 33.23
N UNK G 30 -23.78 27.18 33.27
CA UNK G 30 -23.80 27.95 32.03
C UNK G 30 -22.49 27.78 31.27
N UNK G 31 -21.36 27.78 31.99
CA UNK G 31 -20.08 27.54 31.33
C UNK G 31 -20.01 26.14 30.74
N UNK G 32 -20.52 25.14 31.46
CA UNK G 32 -20.53 23.77 30.94
C UNK G 32 -21.44 23.64 29.73
N UNK G 33 -22.52 24.42 29.68
CA UNK G 33 -23.40 24.41 28.52
C UNK G 33 -22.83 25.21 27.36
N UNK G 34 -21.85 26.08 27.63
CA UNK G 34 -21.19 26.83 26.56
C UNK G 34 -19.84 26.25 26.18
N UNK G 35 -19.10 25.70 27.13
CA UNK G 35 -17.79 25.11 26.86
C UNK G 35 -17.86 23.59 26.86
N UNK H 1 36.68 4.48 -18.12
CA UNK H 1 35.53 3.76 -18.65
C UNK H 1 35.94 2.41 -19.21
N UNK H 2 35.10 1.40 -19.00
CA UNK H 2 35.36 0.04 -19.47
C UNK H 2 34.04 -0.65 -19.75
N UNK H 3 34.12 -1.94 -20.08
CA UNK H 3 32.95 -2.77 -20.41
C UNK H 3 32.12 -2.19 -21.55
N UNK H 4 31.58 -0.99 -21.35
CA UNK H 4 30.75 -0.33 -22.35
C UNK H 4 31.57 0.27 -23.48
N UNK H 5 32.61 -0.45 -23.91
CA UNK H 5 33.48 0.06 -24.97
C UNK H 5 32.94 -0.25 -26.35
N UNK H 6 32.22 -1.36 -26.50
CA UNK H 6 31.62 -1.69 -27.78
C UNK H 6 30.61 -0.63 -28.22
N UNK H 7 29.84 -0.09 -27.26
CA UNK H 7 28.93 1.00 -27.59
C UNK H 7 29.68 2.24 -28.03
N UNK H 8 30.83 2.52 -27.41
CA UNK H 8 31.66 3.63 -27.84
C UNK H 8 32.15 3.43 -29.26
N UNK H 9 32.60 2.22 -29.58
CA UNK H 9 33.05 1.93 -30.94
C UNK H 9 31.91 2.10 -31.94
N UNK H 10 30.72 1.59 -31.60
CA UNK H 10 29.58 1.71 -32.50
C UNK H 10 29.21 3.17 -32.71
N UNK H 11 29.21 3.97 -31.65
CA UNK H 11 28.86 5.38 -31.78
C UNK H 11 29.89 6.13 -32.61
N UNK H 12 31.18 5.83 -32.41
CA UNK H 12 32.21 6.48 -33.22
C UNK H 12 32.13 6.06 -34.68
N UNK H 13 31.73 4.82 -34.95
CA UNK H 13 31.50 4.39 -36.33
C UNK H 13 30.33 5.16 -36.94
N UNK H 14 29.22 5.24 -36.22
CA UNK H 14 28.04 5.94 -36.73
C UNK H 14 28.21 7.45 -36.77
N UNK H 15 29.14 7.99 -35.98
CA UNK H 15 29.40 9.42 -36.00
C UNK H 15 30.66 9.73 -36.80
N UNK H 19 34.55 13.19 -31.87
CA UNK H 19 33.75 12.25 -31.11
C UNK H 19 34.54 11.66 -29.96
N UNK H 20 34.99 12.52 -29.06
CA UNK H 20 35.88 12.10 -27.99
C UNK H 20 35.11 11.41 -26.86
N UNK H 21 35.83 10.66 -26.05
CA UNK H 21 35.22 9.91 -24.95
C UNK H 21 34.55 10.84 -23.94
N UNK H 22 35.07 12.05 -23.77
CA UNK H 22 34.44 13.01 -22.87
C UNK H 22 33.08 13.45 -23.38
N UNK H 23 32.96 13.68 -24.69
CA UNK H 23 31.68 14.08 -25.24
C UNK H 23 30.67 12.94 -25.17
N UNK H 24 31.13 11.71 -25.44
CA UNK H 24 30.25 10.55 -25.30
C UNK H 24 29.80 10.38 -23.85
N UNK H 25 30.69 10.64 -22.90
CA UNK H 25 30.31 10.51 -21.49
C UNK H 25 29.33 11.60 -21.08
N UNK H 26 29.52 12.82 -21.57
CA UNK H 26 28.57 13.89 -21.29
C UNK H 26 27.20 13.59 -21.88
N UNK H 27 27.18 13.01 -23.09
CA UNK H 27 25.91 12.62 -23.69
C UNK H 27 25.26 11.47 -22.94
N UNK H 28 26.06 10.50 -22.51
CA UNK H 28 25.55 9.35 -21.77
C UNK H 28 25.07 9.71 -20.37
N UNK H 29 25.55 10.81 -19.80
CA UNK H 29 25.07 11.21 -18.49
C UNK H 29 23.58 11.55 -18.52
N UNK H 30 23.12 12.19 -19.60
CA UNK H 30 21.69 12.49 -19.73
C UNK H 30 20.88 11.20 -19.82
N UNK H 31 21.36 10.21 -20.58
CA UNK H 31 20.68 8.93 -20.66
C UNK H 31 20.66 8.23 -19.29
N UNK H 32 21.77 8.31 -18.55
CA UNK H 32 21.82 7.70 -17.23
C UNK H 32 20.86 8.37 -16.27
N UNK H 33 20.63 9.67 -16.45
CA UNK H 33 19.63 10.36 -15.66
C UNK H 33 18.22 10.10 -16.16
N UNK H 34 18.07 9.62 -17.39
CA UNK H 34 16.77 9.28 -17.94
C UNK H 34 16.49 7.78 -17.93
N UNK H 35 17.52 6.95 -18.10
CA UNK H 35 17.33 5.50 -18.08
C UNK H 35 17.84 4.91 -16.76
#